data_7VND
#
_entry.id   7VND
#
_cell.length_a   1.00
_cell.length_b   1.00
_cell.length_c   1.00
_cell.angle_alpha   90.00
_cell.angle_beta   90.00
_cell.angle_gamma   90.00
#
_symmetry.space_group_name_H-M   'P 1'
#
loop_
_entity.id
_entity.type
_entity.pdbx_description
1 polymer 'Spike glycoprotein'
2 polymer n3113
3 branched 2-acetamido-2-deoxy-beta-D-glucopyranose-(1-4)-2-acetamido-2-deoxy-beta-D-glucopyranose
4 non-polymer 2-acetamido-2-deoxy-beta-D-glucopyranose
#
loop_
_entity_poly.entity_id
_entity_poly.type
_entity_poly.pdbx_seq_one_letter_code
_entity_poly.pdbx_strand_id
1 'polypeptide(L)'
;QCVNLTTRTQLPPAYTNSFTRGVYYPDKVFRSSVLHSTQDLFLPFFSNVTWFHAIHVSGTNGTKRFDNPVLPFNDGVYFA
STEKSNIIRGWIFGTTLDSKTQSLLIVNNATNVVIKVCEFQFCNDPFLGVYYHKNNKSWMESEFRVYSSANNCTFEYVSQ
PFLMDLEGKQGNFKNLREFVFKNIDGYFKIYSKHTPINLVRDLPQGFSALEPLVDLPIGINITRFQTLLALHRSYLTPGD
SSSGWTAGAAAYYVGYLQPRTFLLKYNENGTITDAVDCALDPLSETKCTLKSFTVEKGIYQTSNFRVQPTESIVRFPNIT
NLCPFGEVFNATRFASVYAWNRKRISNCVADYSVLYNSASFSTFKCYGVSPTKLNDLCFTNVYADSFVIRGDEVRQIAPG
QTGKIADYNYKLPDDFTGCVIAWNSNNLDSKVGGNYNYLYRLFRKSNLKPFERDISTEIYQAGSTPCNGVEGFNCYFPLQ
SYGFQPTNGVGYQPYRVVVLSFELLHAPATVCGPKKSTNLVKNKCVNFNFNGLTGTGVLTESNKKFLPFQQFGRDIADTT
DAVRDPQTLEILDITPCSFGGVSVITPGTNTSNQVAVLYQDVNCTEVPVAIHADQLTPTWRVYSTGSNVFQTRAGCLIGA
EHVNNSYECDIPIGAGICASYQTQTNSPGSASSVASQSIIAYTMSLGAENSVAYSNNSIAIPTNFTISVTTEILPVSMTK
TSVDCTMYICGDSTECSNLLLQYGSFCTQLNRALTGIAVEQDKNTQEVFAQVKQIYKTPPIKDFGGFNFSQILPDPSKPS
KRSFIEDLLFNKVTLADAGFIKQYGDCLGDIAARDLICAQKFNGLTVLPPLLTDEMIAQYTSALLAGTITSGWTFGAGAA
LQIPFAMQMAYRFNGIGVTQNVLYENQKLIANQFNSAIGKIQDSLSSTASALGKLQDVVNQNAQALNTLVKQLSSNFGAI
SSVLNDILSRLDPPEAEVQIDRLITGRLQSLQTYVTQQLIRAAEIRASANLAATKMSECVLGQSKRVDFCGKGYHLMSFP
QSAPHGVVFLHVTYVPAQEKNFTTAPAICHDGKAHFPREGVFVSNGTHWFVTQRNFYEPQIITTDNTFVSGNCDVVIGIV
NNTVYDPLQPELDSFKEELDKYFKNHTSPDVDLGDISGINASVVNIQKEIDRLNEVAKNLNESLIDLQELGKYEQGSGYI
PEAPRDGQAYVRKDGEWVFLSTFLSG
;
B,A,C
2 'polypeptide(L)'
;EVQLVESGGGLVQPGGSLRLSCAASDFSFYDYEMSWVRQAPGKALEWIGSMYHSGRTYINPSLKSLVTISRDNSKNTLYL
QMNSLRAEDTAMYYCVSNWASGSTGDYWGQGTLVTVSS
;
V,D
#
# COMPACT_ATOMS: atom_id res chain seq x y z
N GLN A 1 32.15 62.94 -18.85
CA GLN A 1 31.26 61.86 -18.45
C GLN A 1 30.08 62.41 -17.65
N CYS A 2 29.10 61.54 -17.41
CA CYS A 2 27.88 61.88 -16.65
C CYS A 2 27.14 63.05 -17.29
N VAL A 3 26.67 62.81 -18.51
CA VAL A 3 26.02 63.81 -19.35
C VAL A 3 24.68 63.25 -19.82
N ASN A 4 23.68 64.14 -19.91
CA ASN A 4 22.29 63.73 -20.05
C ASN A 4 21.70 64.26 -21.35
N LEU A 5 20.91 63.41 -22.01
CA LEU A 5 20.09 63.82 -23.16
C LEU A 5 18.95 62.81 -23.30
N THR A 6 17.73 63.22 -22.93
CA THR A 6 16.58 62.33 -22.91
C THR A 6 15.57 62.59 -24.01
N THR A 7 15.41 63.84 -24.46
CA THR A 7 14.52 64.22 -25.54
C THR A 7 13.06 63.88 -25.25
N ARG A 8 12.23 63.76 -26.30
CA ARG A 8 10.78 63.80 -26.10
C ARG A 8 10.02 62.59 -26.65
N THR A 9 10.38 62.10 -27.85
CA THR A 9 9.46 61.25 -28.62
C THR A 9 9.00 60.03 -27.83
N GLN A 10 7.71 59.76 -27.89
CA GLN A 10 7.10 58.58 -27.29
C GLN A 10 6.11 57.94 -28.26
N LEU A 11 6.55 57.75 -29.50
CA LEU A 11 5.68 57.16 -30.51
C LEU A 11 5.24 55.77 -30.08
N PRO A 12 3.97 55.40 -30.31
CA PRO A 12 3.48 54.14 -29.76
C PRO A 12 4.08 52.96 -30.49
N PRO A 13 4.24 51.82 -29.82
CA PRO A 13 4.79 50.63 -30.47
C PRO A 13 3.68 49.86 -31.17
N ALA A 14 3.86 49.63 -32.47
CA ALA A 14 2.88 48.88 -33.26
C ALA A 14 3.00 47.42 -32.88
N TYR A 15 2.15 46.99 -31.94
CA TYR A 15 2.26 45.65 -31.36
C TYR A 15 2.27 44.57 -32.43
N THR A 16 3.31 43.74 -32.42
CA THR A 16 3.45 42.62 -33.33
C THR A 16 3.48 41.32 -32.53
N ASN A 17 3.41 40.21 -33.25
CA ASN A 17 3.39 38.88 -32.64
C ASN A 17 4.53 38.04 -33.20
N SER A 18 5.16 37.25 -32.33
CA SER A 18 6.17 36.30 -32.73
C SER A 18 5.48 34.96 -33.02
N PHE A 19 5.77 34.38 -34.19
CA PHE A 19 5.05 33.19 -34.61
C PHE A 19 5.50 31.96 -33.83
N THR A 20 6.75 31.56 -34.01
CA THR A 20 7.37 30.48 -33.23
C THR A 20 8.76 30.96 -32.82
N ARG A 21 8.82 31.68 -31.70
CA ARG A 21 10.07 32.22 -31.21
C ARG A 21 10.06 32.17 -29.69
N GLY A 22 11.20 31.79 -29.11
CA GLY A 22 11.29 31.68 -27.67
C GLY A 22 11.35 30.25 -27.19
N VAL A 23 11.81 29.35 -28.05
CA VAL A 23 11.98 27.94 -27.72
C VAL A 23 13.44 27.72 -27.34
N TYR A 24 13.66 27.12 -26.18
CA TYR A 24 14.98 27.04 -25.58
C TYR A 24 15.26 25.63 -25.08
N TYR A 25 16.52 25.38 -24.75
CA TYR A 25 16.94 24.12 -24.13
C TYR A 25 17.00 24.32 -22.63
N PRO A 26 15.96 23.97 -21.88
CA PRO A 26 15.98 24.21 -20.44
C PRO A 26 16.66 23.09 -19.66
N ASP A 27 17.79 22.62 -20.18
CA ASP A 27 18.58 21.57 -19.56
C ASP A 27 19.83 21.36 -20.42
N LYS A 28 20.74 20.53 -19.92
CA LYS A 28 21.93 20.11 -20.65
C LYS A 28 21.88 18.62 -20.99
N VAL A 29 20.67 18.08 -21.15
CA VAL A 29 20.46 16.65 -21.35
C VAL A 29 20.23 16.39 -22.83
N PHE A 30 21.00 15.46 -23.39
CA PHE A 30 20.82 15.05 -24.77
C PHE A 30 19.59 14.16 -24.88
N ARG A 31 18.79 14.37 -25.94
CA ARG A 31 17.59 13.61 -26.17
C ARG A 31 17.41 13.45 -27.68
N SER A 32 17.16 12.22 -28.12
CA SER A 32 17.04 11.91 -29.54
C SER A 32 15.70 11.23 -29.81
N SER A 33 14.94 11.81 -30.74
CA SER A 33 13.70 11.21 -31.23
C SER A 33 12.71 10.94 -30.10
N VAL A 34 12.64 11.86 -29.14
CA VAL A 34 11.70 11.78 -28.03
C VAL A 34 11.03 13.13 -27.87
N LEU A 35 9.70 13.10 -27.71
CA LEU A 35 8.91 14.32 -27.50
C LEU A 35 8.74 14.52 -26.01
N HIS A 36 9.56 15.40 -25.43
CA HIS A 36 9.57 15.64 -24.00
C HIS A 36 8.74 16.87 -23.68
N SER A 37 7.92 16.78 -22.64
CA SER A 37 7.06 17.86 -22.20
C SER A 37 7.66 18.52 -20.96
N THR A 38 7.75 19.85 -20.98
CA THR A 38 8.33 20.60 -19.89
C THR A 38 7.36 21.68 -19.43
N GLN A 39 7.42 21.99 -18.14
CA GLN A 39 6.63 23.06 -17.54
C GLN A 39 7.66 24.06 -17.03
N ASP A 40 8.08 24.97 -17.91
CA ASP A 40 9.11 25.95 -17.57
C ASP A 40 8.67 27.35 -18.00
N LEU A 41 9.54 28.34 -17.74
CA LEU A 41 9.27 29.71 -18.15
C LEU A 41 9.54 29.85 -19.65
N PHE A 42 8.50 30.15 -20.42
CA PHE A 42 8.61 30.28 -21.87
C PHE A 42 7.82 31.50 -22.33
N LEU A 43 7.98 31.81 -23.62
CA LEU A 43 7.22 32.87 -24.26
C LEU A 43 6.07 32.26 -25.04
N PRO A 44 4.82 32.57 -24.72
CA PRO A 44 3.69 31.96 -25.43
C PRO A 44 3.74 32.24 -26.91
N PHE A 45 3.34 31.25 -27.71
CA PHE A 45 3.26 31.43 -29.15
C PHE A 45 2.17 32.43 -29.50
N PHE A 46 2.46 33.26 -30.51
CA PHE A 46 1.51 34.27 -30.99
C PHE A 46 1.08 35.21 -29.86
N SER A 47 2.06 35.94 -29.33
CA SER A 47 1.83 36.89 -28.26
C SER A 47 2.41 38.25 -28.64
N ASN A 48 1.90 39.29 -28.00
CA ASN A 48 2.32 40.66 -28.30
C ASN A 48 3.75 40.88 -27.81
N VAL A 49 4.70 40.82 -28.72
CA VAL A 49 6.05 41.30 -28.45
C VAL A 49 6.10 42.80 -28.70
N THR A 50 6.55 43.55 -27.70
CA THR A 50 6.54 45.01 -27.78
C THR A 50 7.45 45.47 -28.90
N TRP A 51 6.86 45.94 -29.99
CA TRP A 51 7.61 46.40 -31.17
C TRP A 51 8.16 47.80 -30.87
N PHE A 52 9.20 47.81 -30.03
CA PHE A 52 9.83 49.06 -29.68
C PHE A 52 10.67 49.60 -30.84
N HIS A 53 10.70 50.92 -30.93
CA HIS A 53 11.58 51.62 -31.85
C HIS A 53 12.60 52.41 -31.04
N ALA A 54 13.87 52.27 -31.39
CA ALA A 54 14.93 53.02 -30.72
C ALA A 54 14.96 54.45 -31.27
N ILE A 55 16.07 55.15 -31.03
CA ILE A 55 16.18 56.57 -31.36
C ILE A 55 15.64 56.82 -32.76
N HIS A 56 14.66 57.73 -32.85
CA HIS A 56 13.88 57.91 -34.07
C HIS A 56 14.62 58.84 -35.02
N VAL A 57 15.19 58.28 -36.08
CA VAL A 57 15.66 59.06 -37.21
C VAL A 57 14.59 58.92 -38.29
N SER A 58 13.58 59.78 -38.23
CA SER A 58 12.57 59.88 -39.29
C SER A 58 13.06 60.94 -40.26
N GLY A 59 13.46 60.52 -41.46
CA GLY A 59 14.25 61.43 -42.26
C GLY A 59 13.47 62.39 -43.12
N THR A 60 13.22 63.56 -42.57
CA THR A 60 12.94 64.80 -43.27
C THR A 60 13.82 65.94 -42.75
N ASN A 61 14.03 66.02 -41.44
CA ASN A 61 15.03 66.91 -40.85
C ASN A 61 15.35 66.38 -39.45
N GLY A 62 16.46 65.64 -39.34
CA GLY A 62 17.01 65.19 -38.06
C GLY A 62 16.03 64.69 -37.02
N THR A 63 16.02 65.36 -35.86
CA THR A 63 15.13 65.04 -34.73
C THR A 63 15.36 63.61 -34.22
N LYS A 64 16.58 63.38 -33.74
CA LYS A 64 16.94 62.13 -33.08
C LYS A 64 16.55 62.22 -31.61
N ARG A 65 15.63 61.33 -31.18
CA ARG A 65 15.13 61.35 -29.82
C ARG A 65 15.06 59.93 -29.28
N PHE A 66 15.25 59.79 -27.96
CA PHE A 66 15.58 58.52 -27.34
C PHE A 66 14.34 57.81 -26.81
N ASP A 67 14.32 56.49 -26.95
CA ASP A 67 13.20 55.63 -26.55
C ASP A 67 13.71 54.41 -25.77
N ASN A 68 14.54 54.65 -24.75
CA ASN A 68 15.07 53.57 -23.91
C ASN A 68 14.74 53.86 -22.44
N PRO A 69 13.50 53.63 -22.03
CA PRO A 69 13.12 53.91 -20.64
C PRO A 69 13.32 52.72 -19.72
N VAL A 70 12.93 52.88 -18.45
CA VAL A 70 12.95 51.80 -17.47
C VAL A 70 11.57 51.18 -17.41
N LEU A 71 11.50 49.86 -17.57
CA LEU A 71 10.26 49.11 -17.66
C LEU A 71 10.16 48.13 -16.49
N PRO A 72 8.95 47.66 -16.17
CA PRO A 72 8.82 46.59 -15.17
C PRO A 72 9.00 45.21 -15.78
N PHE A 73 9.99 44.46 -15.29
CA PHE A 73 10.35 43.17 -15.85
C PHE A 73 10.07 42.07 -14.84
N ASN A 74 9.14 41.17 -15.17
CA ASN A 74 8.68 40.17 -14.23
C ASN A 74 9.64 38.99 -14.12
N ASP A 75 9.83 38.25 -15.20
CA ASP A 75 10.60 37.01 -15.14
C ASP A 75 11.73 36.98 -16.16
N GLY A 76 11.49 37.52 -17.35
CA GLY A 76 12.50 37.47 -18.40
C GLY A 76 12.02 38.24 -19.61
N VAL A 77 12.90 38.33 -20.60
CA VAL A 77 12.65 39.10 -21.82
C VAL A 77 13.14 38.32 -23.01
N TYR A 78 12.34 38.30 -24.08
CA TYR A 78 12.80 37.84 -25.39
C TYR A 78 13.25 39.07 -26.15
N PHE A 79 14.55 39.23 -26.33
CA PHE A 79 15.14 40.42 -26.92
C PHE A 79 15.73 40.06 -28.28
N ALA A 80 15.32 40.79 -29.31
CA ALA A 80 15.84 40.58 -30.65
C ALA A 80 16.03 41.94 -31.33
N SER A 81 17.00 41.99 -32.25
CA SER A 81 17.36 43.25 -32.89
C SER A 81 18.13 42.95 -34.17
N THR A 82 17.95 43.82 -35.18
CA THR A 82 18.73 43.68 -36.40
C THR A 82 20.11 44.31 -36.24
N GLU A 83 20.15 45.62 -36.08
CA GLU A 83 21.40 46.37 -35.87
C GLU A 83 22.48 45.95 -36.86
N LYS A 84 22.21 46.19 -38.14
CA LYS A 84 23.22 45.94 -39.17
C LYS A 84 24.49 46.73 -38.88
N SER A 85 24.36 47.92 -38.31
CA SER A 85 25.47 48.62 -37.69
C SER A 85 25.52 48.26 -36.21
N ASN A 86 26.74 48.12 -35.68
CA ASN A 86 26.93 47.66 -34.31
C ASN A 86 26.53 48.78 -33.36
N ILE A 87 25.26 48.79 -32.96
CA ILE A 87 24.71 49.85 -32.13
C ILE A 87 24.53 49.41 -30.68
N ILE A 88 23.90 48.25 -30.47
CA ILE A 88 23.64 47.80 -29.11
C ILE A 88 24.95 47.39 -28.44
N ARG A 89 25.21 47.96 -27.26
CA ARG A 89 26.46 47.74 -26.54
C ARG A 89 26.33 46.93 -25.27
N GLY A 90 25.20 47.01 -24.57
CA GLY A 90 25.07 46.26 -23.34
C GLY A 90 23.76 46.53 -22.63
N TRP A 91 23.68 46.04 -21.40
CA TRP A 91 22.46 46.09 -20.61
C TRP A 91 22.77 46.62 -19.21
N ILE A 92 21.75 47.22 -18.59
CA ILE A 92 21.89 47.92 -17.31
C ILE A 92 21.05 47.24 -16.24
N PHE A 93 20.99 45.91 -16.27
CA PHE A 93 20.29 45.12 -15.26
C PHE A 93 20.46 45.68 -13.86
N GLY A 94 19.35 45.80 -13.14
CA GLY A 94 19.39 46.30 -11.78
C GLY A 94 18.05 46.14 -11.10
N THR A 95 17.97 46.70 -9.88
CA THR A 95 16.76 46.64 -9.08
C THR A 95 16.12 48.02 -8.93
N THR A 96 16.88 49.01 -8.45
CA THR A 96 16.41 50.38 -8.38
C THR A 96 17.17 51.32 -9.31
N LEU A 97 18.27 50.86 -9.92
CA LEU A 97 19.09 51.67 -10.82
C LEU A 97 19.56 52.97 -10.16
N ASP A 98 19.89 52.88 -8.88
CA ASP A 98 20.49 53.96 -8.12
C ASP A 98 21.60 53.38 -7.26
N SER A 99 22.09 54.16 -6.31
CA SER A 99 23.08 53.67 -5.37
C SER A 99 22.42 52.76 -4.34
N LYS A 100 23.24 52.22 -3.43
CA LYS A 100 22.79 51.40 -2.31
C LYS A 100 22.31 50.03 -2.78
N THR A 101 22.25 49.82 -4.10
CA THR A 101 21.75 48.58 -4.67
C THR A 101 22.75 48.02 -5.67
N GLN A 102 22.84 46.69 -5.70
CA GLN A 102 23.69 45.99 -6.65
C GLN A 102 23.09 46.04 -8.05
N SER A 103 23.96 46.04 -9.05
CA SER A 103 23.53 46.10 -10.44
C SER A 103 24.42 45.20 -11.29
N LEU A 104 23.87 44.75 -12.42
CA LEU A 104 24.59 43.90 -13.36
C LEU A 104 24.83 44.65 -14.66
N LEU A 105 26.04 44.54 -15.20
CA LEU A 105 26.42 45.17 -16.45
C LEU A 105 26.91 44.13 -17.45
N ILE A 106 26.36 44.20 -18.66
CA ILE A 106 26.87 43.47 -19.82
C ILE A 106 27.44 44.49 -20.79
N VAL A 107 28.60 44.19 -21.37
CA VAL A 107 29.27 45.07 -22.31
C VAL A 107 29.68 44.26 -23.52
N ASN A 108 29.61 44.86 -24.71
CA ASN A 108 30.11 44.17 -25.90
C ASN A 108 31.63 44.23 -25.96
N ASN A 109 32.19 45.43 -26.14
CA ASN A 109 33.64 45.60 -26.24
C ASN A 109 34.26 44.55 -27.13
N ALA A 110 34.01 44.60 -28.44
CA ALA A 110 34.20 43.41 -29.26
C ALA A 110 35.67 43.07 -29.43
N THR A 111 36.35 42.90 -28.31
CA THR A 111 37.59 42.19 -28.05
C THR A 111 37.46 41.23 -26.89
N ASN A 112 36.69 41.60 -25.87
CA ASN A 112 36.39 40.72 -24.74
C ASN A 112 35.13 41.24 -24.04
N VAL A 113 34.05 40.44 -24.09
CA VAL A 113 32.81 40.81 -23.43
C VAL A 113 33.02 40.80 -21.92
N VAL A 114 32.59 41.89 -21.27
CA VAL A 114 32.77 42.07 -19.83
C VAL A 114 31.41 42.00 -19.16
N ILE A 115 31.25 41.05 -18.25
CA ILE A 115 30.07 40.94 -17.41
C ILE A 115 30.49 41.45 -16.03
N LYS A 116 30.22 42.72 -15.76
CA LYS A 116 30.68 43.38 -14.55
C LYS A 116 29.51 43.66 -13.62
N VAL A 117 29.72 43.44 -12.32
CA VAL A 117 28.72 43.73 -11.30
C VAL A 117 29.39 44.52 -10.19
N CYS A 118 28.93 45.74 -9.98
CA CYS A 118 29.47 46.60 -8.93
C CYS A 118 28.39 47.57 -8.47
N GLU A 119 28.46 47.95 -7.20
CA GLU A 119 27.52 48.91 -6.62
C GLU A 119 27.92 50.31 -7.09
N PHE A 120 27.55 50.64 -8.33
CA PHE A 120 27.92 51.91 -8.91
C PHE A 120 27.03 53.03 -8.36
N GLN A 121 27.35 54.26 -8.78
CA GLN A 121 26.74 55.49 -8.27
C GLN A 121 26.19 56.32 -9.43
N PHE A 122 25.36 55.68 -10.25
CA PHE A 122 24.88 56.22 -11.53
C PHE A 122 24.53 57.70 -11.44
N CYS A 123 24.89 58.45 -12.48
CA CYS A 123 24.53 59.85 -12.59
C CYS A 123 23.10 59.98 -13.12
N ASN A 124 22.73 61.19 -13.54
CA ASN A 124 21.33 61.49 -13.81
C ASN A 124 20.76 60.63 -14.94
N ASP A 125 21.25 60.81 -16.15
CA ASP A 125 20.70 60.12 -17.31
C ASP A 125 21.79 59.30 -18.00
N PRO A 126 21.65 57.99 -18.07
CA PRO A 126 22.71 57.16 -18.67
C PRO A 126 22.52 56.94 -20.17
N PHE A 127 23.56 57.20 -20.96
CA PHE A 127 23.52 57.01 -22.40
C PHE A 127 24.91 56.62 -22.88
N LEU A 128 25.15 56.73 -24.19
CA LEU A 128 26.42 56.36 -24.79
C LEU A 128 26.91 57.47 -25.71
N GLY A 129 28.07 57.26 -26.30
CA GLY A 129 28.68 58.26 -27.17
C GLY A 129 30.12 57.92 -27.45
N VAL A 130 30.72 58.69 -28.35
CA VAL A 130 32.10 58.48 -28.79
C VAL A 130 32.81 59.84 -28.84
N TYR A 131 33.97 59.92 -28.19
CA TYR A 131 34.80 61.11 -28.21
C TYR A 131 36.24 60.76 -28.56
N TYR A 132 37.03 61.81 -28.80
CA TYR A 132 38.43 61.68 -29.14
C TYR A 132 39.25 61.24 -27.92
N HIS A 133 40.46 60.76 -28.19
CA HIS A 133 41.43 60.46 -27.14
C HIS A 133 42.75 61.18 -27.31
N LYS A 134 43.05 61.68 -28.51
CA LYS A 134 44.27 62.42 -28.84
C LYS A 134 45.53 61.58 -28.69
N ASN A 135 45.40 60.29 -28.40
CA ASN A 135 46.55 59.41 -28.28
C ASN A 135 46.08 57.96 -28.46
N ASN A 136 47.02 57.11 -28.88
CA ASN A 136 46.85 55.67 -29.05
C ASN A 136 45.88 55.31 -30.17
N LYS A 137 45.30 56.29 -30.87
CA LYS A 137 44.34 56.05 -31.94
C LYS A 137 43.19 55.17 -31.46
N SER A 138 42.48 55.67 -30.46
CA SER A 138 41.37 54.96 -29.85
C SER A 138 40.19 55.90 -29.69
N TRP A 139 39.01 55.32 -29.43
CA TRP A 139 37.80 56.09 -29.23
C TRP A 139 37.14 55.65 -27.92
N MET A 140 36.31 56.54 -27.37
CA MET A 140 35.81 56.41 -26.01
C MET A 140 34.34 56.06 -26.04
N GLU A 141 34.01 54.84 -25.61
CA GLU A 141 32.63 54.40 -25.41
C GLU A 141 32.40 54.08 -23.94
N SER A 142 32.95 54.90 -23.07
CA SER A 142 32.91 54.63 -21.64
C SER A 142 31.47 54.59 -21.13
N GLU A 143 31.15 53.55 -20.38
CA GLU A 143 29.88 53.44 -19.69
C GLU A 143 29.96 54.00 -18.27
N PHE A 144 31.07 54.67 -17.92
CA PHE A 144 31.13 55.38 -16.65
C PHE A 144 30.19 56.56 -16.61
N ARG A 145 29.73 57.05 -17.76
CA ARG A 145 28.62 57.99 -17.78
C ARG A 145 27.32 57.30 -17.35
N VAL A 146 27.26 55.98 -17.51
CA VAL A 146 26.21 55.20 -16.86
C VAL A 146 26.63 54.80 -15.45
N TYR A 147 27.92 54.49 -15.26
CA TYR A 147 28.45 53.88 -14.05
C TYR A 147 29.53 54.79 -13.47
N SER A 148 29.12 55.77 -12.66
CA SER A 148 30.03 56.85 -12.26
C SER A 148 31.23 56.30 -11.49
N SER A 149 30.99 55.52 -10.44
CA SER A 149 32.07 55.01 -9.62
C SER A 149 31.58 53.82 -8.81
N ALA A 150 32.44 52.80 -8.71
CA ALA A 150 32.12 51.55 -8.02
C ALA A 150 32.78 51.51 -6.65
N ASN A 151 32.14 50.79 -5.73
CA ASN A 151 32.69 50.59 -4.41
C ASN A 151 32.10 49.33 -3.79
N ASN A 152 32.90 48.70 -2.92
CA ASN A 152 32.46 47.55 -2.12
C ASN A 152 31.97 46.39 -2.98
N CYS A 153 32.61 46.16 -4.12
CA CYS A 153 32.22 45.06 -5.00
C CYS A 153 33.45 44.51 -5.70
N THR A 154 33.49 43.19 -5.86
CA THR A 154 34.59 42.49 -6.51
C THR A 154 34.04 41.39 -7.44
N PHE A 155 33.03 41.73 -8.23
CA PHE A 155 32.40 40.79 -9.15
C PHE A 155 32.72 41.20 -10.58
N GLU A 156 33.49 40.36 -11.28
CA GLU A 156 33.86 40.63 -12.66
C GLU A 156 33.96 39.31 -13.43
N TYR A 157 33.48 39.32 -14.67
CA TYR A 157 33.53 38.14 -15.53
C TYR A 157 33.76 38.60 -16.97
N VAL A 158 34.94 38.30 -17.51
CA VAL A 158 35.30 38.61 -18.88
C VAL A 158 35.66 37.30 -19.57
N SER A 159 35.05 37.05 -20.73
CA SER A 159 35.20 35.76 -21.40
C SER A 159 35.31 35.99 -22.90
N GLN A 160 35.29 34.87 -23.64
CA GLN A 160 35.33 34.90 -25.08
C GLN A 160 34.07 35.58 -25.60
N PRO A 161 34.18 36.69 -26.34
CA PRO A 161 32.97 37.42 -26.76
C PRO A 161 32.01 36.55 -27.55
N PHE A 162 30.74 36.62 -27.16
CA PHE A 162 29.69 35.89 -27.85
C PHE A 162 28.93 36.76 -28.84
N LEU A 163 28.95 38.08 -28.66
CA LEU A 163 28.25 39.00 -29.54
C LEU A 163 29.20 39.60 -30.58
N MET A 164 29.82 38.73 -31.36
CA MET A 164 30.70 39.17 -32.43
C MET A 164 29.93 39.89 -33.52
N ASP A 165 30.69 40.41 -34.48
CA ASP A 165 30.14 40.90 -35.74
C ASP A 165 30.15 39.78 -36.78
N LEU A 166 29.53 38.67 -36.42
CA LEU A 166 29.58 37.43 -37.18
C LEU A 166 28.79 37.50 -38.49
N GLU A 167 28.33 38.69 -38.89
CA GLU A 167 27.71 38.85 -40.20
C GLU A 167 28.72 38.46 -41.27
N GLY A 168 29.80 39.23 -41.37
CA GLY A 168 30.91 38.93 -42.26
C GLY A 168 30.56 38.84 -43.73
N LYS A 169 29.30 39.09 -44.07
CA LYS A 169 28.84 38.96 -45.45
C LYS A 169 28.01 40.14 -45.93
N GLN A 170 27.69 41.10 -45.06
CA GLN A 170 27.05 42.36 -45.44
C GLN A 170 25.69 42.11 -46.10
N GLY A 171 24.79 41.47 -45.35
CA GLY A 171 23.43 41.27 -45.80
C GLY A 171 22.95 39.86 -45.53
N ASN A 172 21.63 39.70 -45.52
CA ASN A 172 20.90 38.43 -45.38
C ASN A 172 21.12 37.77 -44.02
N PHE A 173 21.88 38.37 -43.12
CA PHE A 173 22.05 37.85 -41.76
C PHE A 173 21.42 38.77 -40.72
N LYS A 174 21.82 40.04 -40.70
CA LYS A 174 21.29 41.07 -39.81
C LYS A 174 21.43 40.72 -38.33
N ASN A 175 22.22 39.70 -38.00
CA ASN A 175 22.57 39.33 -36.64
C ASN A 175 21.38 39.45 -35.68
N LEU A 176 20.32 38.71 -35.99
CA LEU A 176 19.16 38.73 -35.12
C LEU A 176 19.46 37.98 -33.83
N ARG A 177 20.14 38.64 -32.91
CA ARG A 177 20.57 38.03 -31.66
C ARG A 177 19.37 37.99 -30.71
N GLU A 178 18.91 36.78 -30.40
CA GLU A 178 17.74 36.56 -29.56
C GLU A 178 18.19 36.08 -28.18
N PHE A 179 17.63 36.68 -27.13
CA PHE A 179 18.09 36.44 -25.77
C PHE A 179 16.92 36.16 -24.84
N VAL A 180 17.21 35.43 -23.77
CA VAL A 180 16.39 35.41 -22.55
C VAL A 180 17.33 35.53 -21.36
N PHE A 181 17.06 36.52 -20.51
CA PHE A 181 17.76 36.69 -19.24
C PHE A 181 16.76 36.38 -18.13
N LYS A 182 17.00 35.30 -17.40
CA LYS A 182 16.08 34.82 -16.39
C LYS A 182 16.82 34.55 -15.09
N ASN A 183 16.15 34.85 -13.98
CA ASN A 183 16.72 34.71 -12.64
C ASN A 183 16.04 33.54 -11.94
N ILE A 184 16.84 32.57 -11.51
CA ILE A 184 16.33 31.37 -10.83
C ILE A 184 17.11 31.17 -9.54
N ASP A 185 16.41 31.23 -8.42
CA ASP A 185 16.94 30.85 -7.11
C ASP A 185 18.28 31.53 -6.82
N GLY A 186 18.33 32.83 -7.13
CA GLY A 186 19.57 33.57 -6.96
C GLY A 186 20.66 33.10 -7.89
N TYR A 187 20.31 32.81 -9.14
CA TYR A 187 21.28 32.43 -10.17
C TYR A 187 20.78 32.97 -11.49
N PHE A 188 21.72 33.36 -12.35
CA PHE A 188 21.40 34.05 -13.60
C PHE A 188 21.69 33.13 -14.78
N LYS A 189 20.73 33.04 -15.71
CA LYS A 189 20.84 32.21 -16.89
C LYS A 189 20.67 33.08 -18.13
N ILE A 190 21.53 32.84 -19.13
CA ILE A 190 21.47 33.57 -20.40
C ILE A 190 21.56 32.56 -21.53
N TYR A 191 20.66 32.67 -22.51
CA TYR A 191 20.64 31.82 -23.68
C TYR A 191 20.56 32.70 -24.92
N SER A 192 21.30 32.32 -25.97
CA SER A 192 21.27 33.13 -27.19
C SER A 192 21.91 32.35 -28.34
N LYS A 193 21.61 32.81 -29.56
CA LYS A 193 22.25 32.35 -30.78
C LYS A 193 21.92 33.33 -31.89
N HIS A 194 22.60 33.19 -33.03
CA HIS A 194 22.42 34.10 -34.15
C HIS A 194 21.57 33.46 -35.23
N THR A 195 20.64 34.24 -35.79
CA THR A 195 19.73 33.76 -36.82
C THR A 195 19.77 34.70 -38.01
N PRO A 196 20.08 34.20 -39.21
CA PRO A 196 20.04 35.07 -40.40
C PRO A 196 18.65 35.17 -40.99
N ILE A 197 18.14 36.40 -41.14
CA ILE A 197 16.76 36.62 -41.55
C ILE A 197 16.71 37.83 -42.47
N ASN A 198 15.88 37.74 -43.52
CA ASN A 198 15.80 38.74 -44.58
C ASN A 198 14.68 39.75 -44.38
N LEU A 199 13.72 39.49 -43.49
CA LEU A 199 12.56 40.36 -43.39
C LEU A 199 12.94 41.75 -42.90
N VAL A 200 12.24 42.76 -43.40
CA VAL A 200 12.52 44.14 -43.03
C VAL A 200 12.08 44.42 -41.60
N ARG A 201 10.82 44.16 -41.30
CA ARG A 201 10.25 44.35 -39.98
C ARG A 201 9.58 43.07 -39.51
N ASP A 202 9.04 43.12 -38.28
CA ASP A 202 8.35 41.99 -37.66
C ASP A 202 9.27 40.78 -37.51
N LEU A 203 8.69 39.59 -37.39
CA LEU A 203 9.45 38.36 -37.22
C LEU A 203 8.91 37.29 -38.15
N PRO A 204 9.76 36.36 -38.58
CA PRO A 204 9.33 35.35 -39.57
C PRO A 204 8.64 34.15 -38.94
N GLN A 205 8.33 33.17 -39.78
CA GLN A 205 7.68 31.93 -39.37
C GLN A 205 8.67 30.83 -39.00
N GLY A 206 9.97 31.08 -39.17
CA GLY A 206 10.95 30.04 -38.97
C GLY A 206 11.07 29.61 -37.52
N PHE A 207 11.51 28.37 -37.35
CA PHE A 207 11.76 27.78 -36.04
C PHE A 207 13.26 27.62 -35.85
N SER A 208 13.76 28.04 -34.68
CA SER A 208 15.18 27.97 -34.39
C SER A 208 15.35 27.87 -32.88
N ALA A 209 15.72 26.67 -32.41
CA ALA A 209 15.96 26.48 -30.98
C ALA A 209 17.17 27.30 -30.55
N LEU A 210 17.05 27.93 -29.38
CA LEU A 210 18.01 28.91 -28.91
C LEU A 210 18.86 28.31 -27.80
N GLU A 211 20.15 28.15 -28.08
CA GLU A 211 21.08 27.49 -27.19
C GLU A 211 21.58 28.41 -26.08
N PRO A 212 22.07 27.85 -24.98
CA PRO A 212 22.72 28.68 -23.96
C PRO A 212 24.17 28.96 -24.29
N LEU A 213 24.69 30.06 -23.76
CA LEU A 213 26.09 30.40 -23.92
C LEU A 213 26.78 30.87 -22.66
N VAL A 214 26.06 31.24 -21.59
CA VAL A 214 26.70 31.61 -20.34
C VAL A 214 25.67 31.51 -19.22
N ASP A 215 26.12 31.05 -18.05
CA ASP A 215 25.34 31.04 -16.83
C ASP A 215 26.11 31.84 -15.77
N LEU A 216 25.43 32.78 -15.12
CA LEU A 216 26.10 33.70 -14.21
C LEU A 216 25.78 33.36 -12.77
N PRO A 217 26.75 32.88 -11.98
CA PRO A 217 26.53 32.58 -10.54
C PRO A 217 26.75 33.78 -9.61
N ILE A 218 25.77 34.67 -9.56
CA ILE A 218 25.89 35.86 -8.71
C ILE A 218 24.74 35.92 -7.72
N GLY A 219 23.51 36.01 -8.22
CA GLY A 219 22.35 36.05 -7.35
C GLY A 219 21.81 37.44 -7.06
N ILE A 220 21.51 38.21 -8.11
CA ILE A 220 20.87 39.51 -7.98
C ILE A 220 19.41 39.34 -8.40
N ASN A 221 18.49 39.78 -7.55
CA ASN A 221 17.06 39.77 -7.86
C ASN A 221 16.78 40.97 -8.76
N ILE A 222 17.15 40.85 -10.03
CA ILE A 222 17.12 41.97 -10.97
C ILE A 222 15.66 42.28 -11.32
N THR A 223 15.30 43.55 -11.28
CA THR A 223 13.94 43.99 -11.58
C THR A 223 13.86 44.94 -12.77
N ARG A 224 14.70 45.97 -12.82
CA ARG A 224 14.66 46.97 -13.86
C ARG A 224 15.83 46.77 -14.82
N PHE A 225 15.57 46.90 -16.11
CA PHE A 225 16.58 46.73 -17.15
C PHE A 225 16.88 48.10 -17.77
N GLN A 226 17.77 48.09 -18.76
CA GLN A 226 17.96 49.19 -19.69
C GLN A 226 18.93 48.75 -20.77
N THR A 227 18.66 49.19 -22.00
CA THR A 227 19.50 48.86 -23.14
C THR A 227 20.49 49.99 -23.42
N LEU A 228 21.53 49.65 -24.19
CA LEU A 228 22.57 50.59 -24.58
C LEU A 228 22.66 50.64 -26.10
N LEU A 229 22.84 51.84 -26.64
CA LEU A 229 22.91 52.05 -28.08
C LEU A 229 24.13 52.91 -28.41
N ALA A 230 24.92 52.45 -29.37
CA ALA A 230 26.14 53.17 -29.74
C ALA A 230 25.79 54.54 -30.31
N LEU A 231 26.58 55.55 -29.94
CA LEU A 231 26.35 56.92 -30.37
C LEU A 231 27.69 57.58 -30.68
N HIS A 232 27.64 58.63 -31.48
CA HIS A 232 28.85 59.29 -31.96
C HIS A 232 28.74 60.80 -31.81
N ARG A 233 29.90 61.45 -31.70
CA ARG A 233 29.94 62.89 -31.51
C ARG A 233 29.58 63.63 -32.79
N SER A 234 28.82 64.72 -32.64
CA SER A 234 28.55 65.60 -33.76
C SER A 234 29.76 66.49 -34.04
N TYR A 235 30.14 66.57 -35.30
CA TYR A 235 31.29 67.35 -35.74
C TYR A 235 30.80 68.57 -36.51
N LEU A 236 31.76 69.32 -37.06
CA LEU A 236 31.45 70.57 -37.75
C LEU A 236 30.73 70.32 -39.06
N THR A 237 29.51 69.79 -38.99
CA THR A 237 28.67 69.54 -40.15
C THR A 237 27.33 70.24 -39.94
N PRO A 238 26.98 71.23 -40.76
CA PRO A 238 25.72 71.98 -40.57
C PRO A 238 24.52 71.27 -41.17
N SER A 243 26.81 71.61 -26.41
CA SER A 243 27.67 70.50 -26.80
C SER A 243 26.88 69.40 -27.48
N GLY A 244 27.26 69.06 -28.71
CA GLY A 244 26.58 68.01 -29.44
C GLY A 244 26.90 66.64 -28.87
N TRP A 245 25.90 65.76 -28.89
CA TRP A 245 26.05 64.44 -28.30
C TRP A 245 25.13 63.46 -29.04
N THR A 246 25.46 62.17 -28.91
CA THR A 246 24.50 61.08 -29.06
C THR A 246 23.82 61.08 -30.43
N ALA A 247 24.62 60.80 -31.46
CA ALA A 247 24.11 60.58 -32.81
C ALA A 247 24.05 59.09 -33.09
N GLY A 248 22.84 58.58 -33.37
CA GLY A 248 22.68 57.17 -33.66
C GLY A 248 21.23 56.78 -33.72
N ALA A 249 21.00 55.53 -34.12
CA ALA A 249 19.66 54.97 -34.22
C ALA A 249 19.76 53.46 -34.16
N ALA A 250 18.61 52.81 -33.89
CA ALA A 250 18.57 51.37 -33.72
C ALA A 250 17.12 50.90 -33.79
N ALA A 251 16.90 49.62 -33.48
CA ALA A 251 15.56 49.03 -33.39
C ALA A 251 15.67 47.75 -32.57
N TYR A 252 14.97 47.69 -31.45
CA TYR A 252 15.12 46.56 -30.53
C TYR A 252 13.75 46.13 -30.01
N TYR A 253 13.71 44.89 -29.51
CA TYR A 253 12.49 44.24 -29.06
C TYR A 253 12.54 44.00 -27.56
N VAL A 254 11.36 43.90 -26.96
CA VAL A 254 11.22 43.53 -25.54
C VAL A 254 10.06 42.55 -25.42
N GLY A 255 10.30 41.44 -24.72
CA GLY A 255 9.27 40.46 -24.45
C GLY A 255 9.17 40.16 -22.97
N TYR A 256 8.27 39.23 -22.65
CA TYR A 256 8.04 38.84 -21.26
C TYR A 256 7.59 37.39 -21.21
N LEU A 257 8.31 36.58 -20.44
CA LEU A 257 8.01 35.17 -20.31
C LEU A 257 6.80 34.96 -19.40
N GLN A 258 6.12 33.84 -19.60
CA GLN A 258 4.98 33.44 -18.78
C GLN A 258 5.10 31.96 -18.45
N PRO A 259 4.80 31.57 -17.20
CA PRO A 259 4.79 30.14 -16.85
C PRO A 259 3.85 29.35 -17.74
N ARG A 260 4.40 28.42 -18.53
CA ARG A 260 3.60 27.69 -19.50
C ARG A 260 4.08 26.24 -19.55
N THR A 261 3.26 25.39 -20.17
CA THR A 261 3.61 24.01 -20.44
C THR A 261 3.92 23.86 -21.93
N PHE A 262 5.09 23.30 -22.24
CA PHE A 262 5.58 23.22 -23.60
C PHE A 262 5.97 21.78 -23.92
N LEU A 263 5.63 21.34 -25.13
CA LEU A 263 6.04 20.05 -25.66
C LEU A 263 7.04 20.29 -26.78
N LEU A 264 8.17 19.60 -26.72
CA LEU A 264 9.31 19.88 -27.60
C LEU A 264 9.71 18.61 -28.35
N LYS A 265 9.88 18.75 -29.66
CA LYS A 265 10.39 17.66 -30.47
C LYS A 265 11.92 17.68 -30.48
N TYR A 266 12.52 16.50 -30.61
CA TYR A 266 13.97 16.36 -30.62
C TYR A 266 14.38 15.59 -31.87
N ASN A 267 15.36 16.12 -32.59
CA ASN A 267 15.91 15.45 -33.75
C ASN A 267 16.78 14.27 -33.32
N GLU A 268 17.17 13.45 -34.31
CA GLU A 268 18.08 12.36 -34.04
C GLU A 268 19.47 12.83 -33.65
N ASN A 269 19.80 14.09 -33.90
CA ASN A 269 21.04 14.70 -33.43
C ASN A 269 20.86 15.53 -32.17
N GLY A 270 19.66 15.52 -31.59
CA GLY A 270 19.39 16.25 -30.36
C GLY A 270 18.97 17.68 -30.54
N THR A 271 18.80 18.16 -31.77
CA THR A 271 18.40 19.53 -32.03
C THR A 271 16.88 19.64 -32.06
N ILE A 272 16.34 20.61 -31.31
CA ILE A 272 14.90 20.82 -31.29
C ILE A 272 14.45 21.37 -32.63
N THR A 273 13.54 20.66 -33.29
CA THR A 273 13.03 21.06 -34.60
C THR A 273 11.67 21.74 -34.52
N ASP A 274 10.76 21.19 -33.73
CA ASP A 274 9.41 21.73 -33.58
C ASP A 274 9.07 21.86 -32.10
N ALA A 275 8.01 22.62 -31.82
CA ALA A 275 7.51 22.77 -30.46
C ALA A 275 6.04 23.14 -30.53
N VAL A 276 5.31 22.82 -29.47
CA VAL A 276 3.87 23.06 -29.39
C VAL A 276 3.55 23.67 -28.02
N ASP A 277 2.77 24.74 -28.03
CA ASP A 277 2.26 25.32 -26.79
C ASP A 277 1.04 24.52 -26.35
N CYS A 278 1.05 24.07 -25.09
CA CYS A 278 0.00 23.21 -24.56
C CYS A 278 -1.14 23.99 -23.92
N ALA A 279 -1.27 25.29 -24.22
CA ALA A 279 -2.33 26.09 -23.66
C ALA A 279 -2.98 27.05 -24.65
N LEU A 280 -2.59 27.02 -25.93
CA LEU A 280 -3.16 27.96 -26.90
C LEU A 280 -4.50 27.48 -27.44
N ASP A 281 -4.50 26.34 -28.12
CA ASP A 281 -5.67 25.89 -28.84
C ASP A 281 -6.13 24.53 -28.33
N PRO A 282 -7.42 24.22 -28.46
CA PRO A 282 -7.87 22.85 -28.17
C PRO A 282 -7.17 21.81 -29.03
N LEU A 283 -6.88 22.14 -30.29
CA LEU A 283 -6.13 21.23 -31.13
C LEU A 283 -4.73 21.00 -30.58
N SER A 284 -4.06 22.06 -30.14
CA SER A 284 -2.73 21.91 -29.54
C SER A 284 -2.81 21.14 -28.23
N GLU A 285 -3.89 21.34 -27.46
CA GLU A 285 -4.07 20.57 -26.24
C GLU A 285 -4.26 19.09 -26.53
N THR A 286 -4.89 18.76 -27.65
CA THR A 286 -5.03 17.36 -28.05
C THR A 286 -3.67 16.73 -28.36
N LYS A 287 -2.78 17.48 -29.01
CA LYS A 287 -1.45 16.97 -29.33
C LYS A 287 -0.67 16.67 -28.05
N CYS A 288 -0.76 17.56 -27.05
CA CYS A 288 0.02 17.37 -25.83
C CYS A 288 -0.45 16.14 -25.05
N THR A 289 -1.77 15.92 -24.97
CA THR A 289 -2.29 14.77 -24.23
C THR A 289 -1.86 13.46 -24.90
N LEU A 290 -1.93 13.40 -26.23
CA LEU A 290 -1.54 12.19 -26.95
C LEU A 290 -0.03 12.08 -27.14
N LYS A 291 0.72 13.14 -26.84
CA LYS A 291 2.18 13.15 -27.01
C LYS A 291 2.58 12.81 -28.44
N SER A 292 1.90 13.45 -29.39
CA SER A 292 2.20 13.26 -30.80
C SER A 292 1.91 14.55 -31.55
N PHE A 293 2.61 14.74 -32.67
CA PHE A 293 2.41 15.91 -33.50
C PHE A 293 1.34 15.72 -34.56
N THR A 294 0.85 14.49 -34.73
CA THR A 294 -0.26 14.20 -35.65
C THR A 294 -1.27 13.36 -34.90
N VAL A 295 -2.51 13.83 -34.84
CA VAL A 295 -3.58 13.14 -34.14
C VAL A 295 -4.56 12.57 -35.17
N GLU A 296 -4.94 11.32 -34.98
CA GLU A 296 -5.91 10.68 -35.85
C GLU A 296 -7.33 11.15 -35.49
N LYS A 297 -8.24 10.94 -36.42
CA LYS A 297 -9.61 11.41 -36.23
C LYS A 297 -10.28 10.69 -35.07
N GLY A 298 -11.17 11.39 -34.39
CA GLY A 298 -11.88 10.86 -33.25
C GLY A 298 -12.22 11.97 -32.27
N ILE A 299 -12.53 11.57 -31.04
CA ILE A 299 -12.88 12.48 -29.98
C ILE A 299 -12.07 12.13 -28.74
N TYR A 300 -11.40 13.13 -28.17
CA TYR A 300 -10.50 12.93 -27.04
C TYR A 300 -10.87 13.85 -25.89
N GLN A 301 -10.85 13.31 -24.67
CA GLN A 301 -11.10 14.08 -23.46
C GLN A 301 -9.79 14.73 -23.03
N THR A 302 -9.67 16.04 -23.27
CA THR A 302 -8.41 16.73 -23.00
C THR A 302 -8.28 17.11 -21.53
N SER A 303 -9.19 17.96 -21.04
CA SER A 303 -9.09 18.46 -19.67
C SER A 303 -10.50 18.81 -19.18
N ASN A 304 -10.56 19.49 -18.04
CA ASN A 304 -11.80 19.92 -17.44
C ASN A 304 -11.85 21.44 -17.38
N PHE A 305 -13.00 22.00 -17.78
CA PHE A 305 -13.20 23.44 -17.72
C PHE A 305 -14.36 23.76 -16.79
N ARG A 306 -14.10 24.61 -15.80
CA ARG A 306 -15.09 25.07 -14.85
C ARG A 306 -15.03 26.59 -14.76
N VAL A 307 -16.19 27.20 -14.51
CA VAL A 307 -16.24 28.65 -14.37
C VAL A 307 -15.90 29.01 -12.92
N GLN A 308 -14.96 29.93 -12.75
CA GLN A 308 -14.38 30.27 -11.46
C GLN A 308 -15.26 31.26 -10.69
N PRO A 309 -15.13 31.30 -9.37
CA PRO A 309 -15.89 32.29 -8.58
C PRO A 309 -15.46 33.71 -8.89
N THR A 310 -16.36 34.65 -8.61
CA THR A 310 -16.19 36.04 -9.01
C THR A 310 -15.78 36.97 -7.88
N GLU A 311 -16.35 36.83 -6.68
CA GLU A 311 -16.17 37.80 -5.62
C GLU A 311 -15.95 37.06 -4.30
N SER A 312 -16.04 37.80 -3.20
CA SER A 312 -15.89 37.25 -1.85
C SER A 312 -17.04 37.74 -0.97
N ILE A 313 -17.55 36.84 -0.14
CA ILE A 313 -18.64 37.14 0.79
C ILE A 313 -18.24 36.68 2.18
N VAL A 314 -18.41 37.56 3.16
CA VAL A 314 -18.13 37.26 4.56
C VAL A 314 -19.39 37.61 5.37
N ARG A 315 -19.81 36.67 6.21
CA ARG A 315 -21.02 36.84 7.02
C ARG A 315 -20.71 36.55 8.48
N PHE A 316 -21.03 37.52 9.34
CA PHE A 316 -20.81 37.43 10.78
C PHE A 316 -22.02 38.00 11.49
N PRO A 317 -22.33 37.53 12.70
CA PRO A 317 -23.55 37.98 13.39
C PRO A 317 -23.39 39.38 13.97
N ASN A 318 -24.53 39.94 14.38
CA ASN A 318 -24.60 41.29 14.94
C ASN A 318 -24.08 41.28 16.38
N ILE A 319 -22.77 41.13 16.51
CA ILE A 319 -22.09 41.28 17.80
C ILE A 319 -20.89 42.18 17.57
N THR A 320 -20.86 43.32 18.27
CA THR A 320 -19.82 44.32 18.09
C THR A 320 -19.50 44.98 19.42
N ASN A 321 -18.32 45.61 19.47
CA ASN A 321 -17.88 46.41 20.61
C ASN A 321 -17.85 45.59 21.90
N LEU A 322 -17.14 44.46 21.83
CA LEU A 322 -16.95 43.60 22.99
C LEU A 322 -15.56 42.99 22.94
N CYS A 323 -14.88 43.01 24.07
CA CYS A 323 -13.53 42.44 24.19
C CYS A 323 -13.32 41.96 25.62
N PRO A 324 -13.81 40.75 25.95
CA PRO A 324 -13.70 40.22 27.31
C PRO A 324 -12.35 39.54 27.58
N PHE A 325 -11.27 40.19 27.20
CA PHE A 325 -9.93 39.73 27.48
C PHE A 325 -9.24 40.72 28.43
N GLY A 326 -8.52 40.18 29.41
CA GLY A 326 -7.95 40.95 30.50
C GLY A 326 -8.51 40.57 31.85
N GLU A 327 -9.80 40.26 31.93
CA GLU A 327 -10.37 39.73 33.16
C GLU A 327 -9.84 38.34 33.49
N VAL A 328 -9.43 37.58 32.47
CA VAL A 328 -8.81 36.29 32.69
C VAL A 328 -7.29 36.34 32.62
N PHE A 329 -6.72 37.32 31.92
CA PHE A 329 -5.27 37.44 31.81
C PHE A 329 -4.68 38.33 32.91
N ASN A 330 -5.31 39.48 33.17
CA ASN A 330 -4.80 40.46 34.13
C ASN A 330 -5.65 40.49 35.41
N ALA A 331 -6.17 39.35 35.83
CA ALA A 331 -6.91 39.29 37.09
C ALA A 331 -5.95 39.42 38.26
N THR A 332 -6.51 39.84 39.41
CA THR A 332 -5.67 40.06 40.59
C THR A 332 -5.01 38.77 41.05
N ARG A 333 -5.79 37.71 41.24
CA ARG A 333 -5.30 36.43 41.71
C ARG A 333 -5.92 35.32 40.88
N PHE A 334 -5.17 34.23 40.69
CA PHE A 334 -5.68 33.04 40.05
C PHE A 334 -5.89 31.93 41.06
N ALA A 335 -6.78 31.01 40.73
CA ALA A 335 -7.13 29.91 41.63
C ALA A 335 -5.99 28.91 41.72
N SER A 336 -6.14 27.97 42.64
CA SER A 336 -5.12 26.95 42.86
C SER A 336 -5.07 25.96 41.71
N VAL A 337 -3.98 25.19 41.66
CA VAL A 337 -3.76 24.27 40.55
C VAL A 337 -4.82 23.18 40.53
N TYR A 338 -5.12 22.60 41.69
CA TYR A 338 -6.10 21.52 41.76
C TYR A 338 -7.54 22.01 41.69
N ALA A 339 -7.76 23.31 41.82
CA ALA A 339 -9.10 23.91 41.83
C ALA A 339 -9.16 25.08 40.85
N TRP A 340 -8.69 24.84 39.63
CA TRP A 340 -8.65 25.89 38.63
C TRP A 340 -10.05 26.42 38.33
N ASN A 341 -10.15 27.73 38.14
CA ASN A 341 -11.42 28.37 37.84
C ASN A 341 -11.64 28.39 36.33
N ARG A 342 -12.77 27.85 35.90
CA ARG A 342 -13.11 27.75 34.48
C ARG A 342 -14.13 28.82 34.15
N LYS A 343 -13.68 29.91 33.54
CA LYS A 343 -14.55 31.03 33.19
C LYS A 343 -14.99 30.87 31.74
N ARG A 344 -16.25 30.50 31.54
CA ARG A 344 -16.79 30.35 30.19
C ARG A 344 -16.92 31.71 29.52
N ILE A 345 -16.62 31.75 28.22
CA ILE A 345 -16.69 32.97 27.42
C ILE A 345 -17.62 32.71 26.25
N SER A 346 -18.60 33.59 26.06
CA SER A 346 -19.57 33.45 24.99
C SER A 346 -20.24 34.80 24.74
N ASN A 347 -21.15 34.81 23.76
CA ASN A 347 -21.95 35.98 23.39
C ASN A 347 -21.12 37.26 23.35
N CYS A 348 -20.00 37.20 22.62
CA CYS A 348 -19.06 38.30 22.59
C CYS A 348 -18.21 38.21 21.34
N VAL A 349 -17.32 39.18 21.18
CA VAL A 349 -16.32 39.20 20.12
C VAL A 349 -14.95 39.08 20.78
N ALA A 350 -14.10 38.20 20.25
CA ALA A 350 -12.76 38.00 20.77
C ALA A 350 -11.75 38.31 19.67
N ASP A 351 -10.69 39.01 20.05
CA ASP A 351 -9.61 39.38 19.13
C ASP A 351 -8.35 38.62 19.50
N TYR A 352 -7.77 37.92 18.53
CA TYR A 352 -6.54 37.17 18.74
C TYR A 352 -5.38 37.66 17.89
N SER A 353 -5.60 38.62 17.01
CA SER A 353 -4.50 39.15 16.20
C SER A 353 -3.46 39.84 17.08
N VAL A 354 -3.92 40.64 18.04
CA VAL A 354 -3.01 41.36 18.93
C VAL A 354 -2.66 40.57 20.18
N LEU A 355 -3.23 39.38 20.35
CA LEU A 355 -2.93 38.58 21.54
C LEU A 355 -1.45 38.22 21.60
N TYR A 356 -0.87 37.80 20.47
CA TYR A 356 0.57 37.53 20.43
C TYR A 356 1.36 38.83 20.50
N ASN A 357 0.83 39.91 19.95
CA ASN A 357 1.51 41.21 19.94
C ASN A 357 1.20 42.04 21.18
N SER A 358 0.41 41.52 22.12
CA SER A 358 0.05 42.28 23.31
C SER A 358 1.26 42.49 24.22
N ALA A 359 1.86 41.38 24.68
CA ALA A 359 2.98 41.45 25.60
C ALA A 359 3.90 40.25 25.32
N SER A 360 4.82 40.00 26.25
CA SER A 360 5.79 38.93 26.11
C SER A 360 5.28 37.70 26.83
N PHE A 361 5.08 36.61 26.09
CA PHE A 361 4.64 35.34 26.64
C PHE A 361 5.71 34.29 26.41
N SER A 362 6.08 33.58 27.47
CA SER A 362 7.15 32.59 27.38
C SER A 362 6.75 31.44 26.46
N THR A 363 5.51 30.97 26.56
CA THR A 363 5.04 29.85 25.76
C THR A 363 3.67 30.19 25.18
N PHE A 364 3.57 30.19 23.86
CA PHE A 364 2.31 30.41 23.15
C PHE A 364 2.17 29.28 22.14
N LYS A 365 1.58 28.17 22.59
CA LYS A 365 1.45 26.96 21.79
C LYS A 365 -0.02 26.67 21.56
N CYS A 366 -0.38 26.33 20.32
CA CYS A 366 -1.75 26.03 19.94
C CYS A 366 -1.81 24.63 19.32
N TYR A 367 -2.85 23.89 19.69
CA TYR A 367 -3.05 22.52 19.21
C TYR A 367 -4.32 22.47 18.37
N GLY A 368 -4.16 22.16 17.08
CA GLY A 368 -5.27 21.99 16.18
C GLY A 368 -5.70 23.25 15.43
N VAL A 369 -5.32 24.43 15.91
CA VAL A 369 -5.65 25.69 15.26
C VAL A 369 -4.37 26.50 15.13
N SER A 370 -4.14 27.06 13.95
CA SER A 370 -3.00 27.95 13.76
C SER A 370 -3.32 29.31 14.36
N PRO A 371 -2.43 29.88 15.20
CA PRO A 371 -2.75 31.15 15.85
C PRO A 371 -2.97 32.30 14.87
N THR A 372 -2.28 32.28 13.73
CA THR A 372 -2.45 33.35 12.75
C THR A 372 -3.85 33.37 12.16
N LYS A 373 -4.48 32.20 11.99
CA LYS A 373 -5.79 32.09 11.38
C LYS A 373 -6.93 32.14 12.39
N LEU A 374 -6.66 32.59 13.61
CA LEU A 374 -7.70 32.72 14.62
C LEU A 374 -8.58 33.95 14.41
N ASN A 375 -8.25 34.80 13.43
CA ASN A 375 -8.97 36.05 13.23
C ASN A 375 -10.23 35.89 12.38
N ASP A 376 -10.45 34.72 11.78
CA ASP A 376 -11.61 34.52 10.91
C ASP A 376 -12.28 33.19 11.21
N LEU A 377 -12.42 32.87 12.50
CA LEU A 377 -13.09 31.65 12.92
C LEU A 377 -14.19 31.99 13.92
N CYS A 378 -15.24 31.17 13.93
CA CYS A 378 -16.35 31.31 14.85
C CYS A 378 -16.48 30.06 15.70
N PHE A 379 -16.65 30.24 17.01
CA PHE A 379 -16.75 29.15 17.95
C PHE A 379 -18.06 29.26 18.72
N THR A 380 -18.66 28.11 19.02
CA THR A 380 -19.89 28.12 19.81
C THR A 380 -19.64 28.65 21.22
N ASN A 381 -18.64 28.09 21.90
CA ASN A 381 -18.26 28.51 23.24
C ASN A 381 -16.76 28.42 23.39
N VAL A 382 -16.21 29.28 24.26
CA VAL A 382 -14.79 29.30 24.55
C VAL A 382 -14.60 29.23 26.06
N TYR A 383 -13.67 28.38 26.50
CA TYR A 383 -13.38 28.21 27.91
C TYR A 383 -12.00 28.76 28.23
N ALA A 384 -11.79 29.12 29.50
CA ALA A 384 -10.53 29.68 29.96
C ALA A 384 -10.25 29.17 31.37
N ASP A 385 -9.08 28.56 31.55
CA ASP A 385 -8.66 28.02 32.83
C ASP A 385 -7.39 28.73 33.28
N SER A 386 -7.35 29.17 34.54
CA SER A 386 -6.25 29.95 35.06
C SER A 386 -5.69 29.32 36.33
N PHE A 387 -4.37 29.34 36.44
CA PHE A 387 -3.64 28.82 37.60
C PHE A 387 -2.19 29.25 37.46
N VAL A 388 -1.37 28.89 38.45
CA VAL A 388 0.04 29.23 38.47
C VAL A 388 0.85 27.96 38.61
N ILE A 389 1.81 27.77 37.70
CA ILE A 389 2.68 26.60 37.69
C ILE A 389 4.09 27.04 37.35
N ARG A 390 5.07 26.39 37.97
CA ARG A 390 6.47 26.73 37.75
C ARG A 390 6.86 26.52 36.28
N GLY A 391 7.97 27.16 35.89
CA GLY A 391 8.34 27.19 34.49
C GLY A 391 8.71 25.83 33.93
N ASP A 392 9.47 25.03 34.69
CA ASP A 392 9.89 23.73 34.20
C ASP A 392 8.71 22.79 33.99
N GLU A 393 7.59 23.03 34.65
CA GLU A 393 6.39 22.21 34.50
C GLU A 393 5.40 22.78 33.49
N VAL A 394 5.73 23.90 32.84
CA VAL A 394 4.88 24.43 31.78
C VAL A 394 4.82 23.45 30.62
N ARG A 395 5.92 22.72 30.38
CA ARG A 395 5.94 21.68 29.36
C ARG A 395 4.87 20.63 29.60
N GLN A 396 4.49 20.39 30.85
CA GLN A 396 3.53 19.36 31.21
C GLN A 396 2.12 19.64 30.70
N ILE A 397 1.84 20.86 30.25
CA ILE A 397 0.50 21.22 29.79
C ILE A 397 0.47 20.97 28.29
N ALA A 398 0.04 19.77 27.92
CA ALA A 398 -0.13 19.35 26.54
C ALA A 398 -0.94 18.06 26.51
N PRO A 399 -1.68 17.79 25.43
CA PRO A 399 -2.50 16.57 25.38
C PRO A 399 -1.65 15.32 25.32
N GLY A 400 -2.05 14.31 26.08
CA GLY A 400 -1.43 12.99 26.04
C GLY A 400 -0.22 12.81 26.91
N GLN A 401 0.25 13.84 27.59
CA GLN A 401 1.48 13.74 28.37
C GLN A 401 1.21 13.02 29.70
N THR A 402 2.28 12.81 30.46
CA THR A 402 2.19 12.13 31.74
C THR A 402 3.20 12.75 32.70
N GLY A 403 2.76 13.04 33.91
CA GLY A 403 3.62 13.68 34.88
C GLY A 403 2.86 14.05 36.14
N LYS A 404 3.55 14.77 37.02
CA LYS A 404 3.00 15.08 38.34
C LYS A 404 1.79 15.99 38.30
N ILE A 405 1.52 16.65 37.17
CA ILE A 405 0.36 17.52 37.01
C ILE A 405 -0.74 16.86 36.19
N ALA A 406 -0.41 16.41 34.99
CA ALA A 406 -1.43 15.84 34.11
C ALA A 406 -2.07 14.59 34.69
N ASP A 407 -1.34 13.86 35.54
CA ASP A 407 -1.89 12.64 36.13
C ASP A 407 -2.89 12.93 37.25
N TYR A 408 -2.66 13.99 38.03
CA TYR A 408 -3.44 14.23 39.25
C TYR A 408 -4.09 15.59 39.33
N ASN A 409 -3.63 16.59 38.58
CA ASN A 409 -4.21 17.93 38.67
C ASN A 409 -5.32 18.13 37.65
N TYR A 410 -5.00 17.96 36.37
CA TYR A 410 -6.00 17.97 35.31
C TYR A 410 -5.35 17.43 34.04
N LYS A 411 -6.14 16.73 33.23
CA LYS A 411 -5.65 16.10 32.01
C LYS A 411 -6.28 16.76 30.79
N LEU A 412 -5.44 17.19 29.85
CA LEU A 412 -5.95 17.64 28.58
C LEU A 412 -6.34 16.44 27.70
N PRO A 413 -7.50 16.48 27.06
CA PRO A 413 -7.92 15.35 26.24
C PRO A 413 -7.07 15.25 24.98
N ASP A 414 -7.04 14.04 24.41
CA ASP A 414 -6.24 13.81 23.20
C ASP A 414 -6.77 14.61 22.03
N ASP A 415 -8.09 14.81 21.95
CA ASP A 415 -8.70 15.58 20.87
C ASP A 415 -8.86 17.06 21.22
N PHE A 416 -8.05 17.55 22.16
CA PHE A 416 -8.16 18.93 22.60
C PHE A 416 -7.76 19.89 21.48
N THR A 417 -8.52 20.96 21.32
CA THR A 417 -8.22 22.02 20.38
C THR A 417 -8.26 23.36 21.13
N GLY A 418 -7.29 24.22 20.84
CA GLY A 418 -7.18 25.49 21.51
C GLY A 418 -5.74 25.95 21.54
N CYS A 419 -5.42 26.71 22.60
CA CYS A 419 -4.08 27.26 22.77
C CYS A 419 -3.73 27.29 24.25
N VAL A 420 -2.43 27.30 24.52
CA VAL A 420 -1.89 27.39 25.87
C VAL A 420 -0.97 28.60 25.92
N ILE A 421 -1.14 29.41 26.98
CA ILE A 421 -0.40 30.65 27.13
C ILE A 421 0.23 30.68 28.52
N ALA A 422 1.52 31.03 28.59
CA ALA A 422 2.22 31.20 29.84
C ALA A 422 3.20 32.36 29.72
N TRP A 423 3.52 33.00 30.84
CA TRP A 423 4.43 34.12 30.84
C TRP A 423 5.08 34.25 32.22
N ASN A 424 5.99 35.21 32.34
CA ASN A 424 6.77 35.39 33.55
C ASN A 424 5.99 36.18 34.60
N SER A 425 6.02 35.69 35.84
CA SER A 425 5.40 36.38 36.97
C SER A 425 6.30 36.34 38.20
N ASN A 426 7.62 36.39 38.00
CA ASN A 426 8.54 36.29 39.12
C ASN A 426 8.40 37.46 40.08
N ASN A 427 8.26 38.67 39.54
CA ASN A 427 8.20 39.86 40.38
C ASN A 427 6.92 39.96 41.20
N LEU A 428 5.88 39.19 40.85
CA LEU A 428 4.60 39.29 41.53
C LEU A 428 4.24 38.05 42.33
N ASP A 429 4.47 36.85 41.78
CA ASP A 429 4.08 35.62 42.44
C ASP A 429 5.19 34.99 43.27
N SER A 430 6.37 35.60 43.31
CA SER A 430 7.49 35.11 44.10
C SER A 430 7.89 36.17 45.12
N LYS A 431 8.09 35.75 46.36
CA LYS A 431 8.46 36.64 47.45
C LYS A 431 9.72 36.12 48.13
N VAL A 432 10.49 37.04 48.71
CA VAL A 432 11.72 36.66 49.39
C VAL A 432 11.39 35.78 50.58
N GLY A 433 11.80 34.52 50.51
CA GLY A 433 11.55 33.55 51.57
C GLY A 433 10.79 32.32 51.13
N GLY A 434 10.00 32.41 50.07
CA GLY A 434 9.23 31.28 49.60
C GLY A 434 7.74 31.45 49.80
N ASN A 435 6.96 31.22 48.75
CA ASN A 435 5.51 31.37 48.79
C ASN A 435 4.88 29.97 48.82
N TYR A 436 4.01 29.75 49.81
CA TYR A 436 3.33 28.47 49.99
C TYR A 436 1.83 28.58 49.72
N ASN A 437 1.43 29.59 48.94
CA ASN A 437 0.01 29.89 48.77
C ASN A 437 -0.72 28.86 47.90
N TYR A 438 -0.01 28.15 47.02
CA TYR A 438 -0.65 27.29 46.04
C TYR A 438 -0.21 25.85 46.26
N LEU A 439 -1.18 24.95 46.39
CA LEU A 439 -0.98 23.55 46.72
C LEU A 439 -1.02 22.70 45.45
N TYR A 440 -0.61 21.43 45.60
CA TYR A 440 -0.83 20.46 44.53
C TYR A 440 -0.95 19.08 45.17
N ARG A 441 -1.31 18.10 44.35
CA ARG A 441 -1.55 16.76 44.84
C ARG A 441 -0.28 15.91 44.79
N LEU A 442 -0.21 14.96 45.72
CA LEU A 442 0.97 14.11 45.91
C LEU A 442 0.72 12.68 45.44
N PHE A 443 -0.39 12.07 45.87
CA PHE A 443 -0.91 10.86 45.25
C PHE A 443 -2.42 10.94 45.19
N ARG A 444 -3.00 10.09 44.35
CA ARG A 444 -4.44 9.99 44.17
C ARG A 444 -4.84 8.52 44.16
N LYS A 445 -6.15 8.28 44.09
CA LYS A 445 -6.64 6.91 43.94
C LYS A 445 -6.37 6.36 42.55
N SER A 446 -6.43 7.21 41.53
CA SER A 446 -6.18 6.83 40.15
C SER A 446 -5.91 8.13 39.37
N ASN A 447 -5.89 8.02 38.04
CA ASN A 447 -5.73 9.19 37.20
C ASN A 447 -7.03 9.98 37.13
N LEU A 448 -7.01 11.06 36.34
CA LEU A 448 -8.18 11.89 36.13
C LEU A 448 -8.68 11.76 34.70
N LYS A 449 -10.00 11.75 34.54
CA LYS A 449 -10.60 11.92 33.23
C LYS A 449 -10.33 13.34 32.74
N PRO A 450 -10.31 13.55 31.42
CA PRO A 450 -9.95 14.88 30.90
C PRO A 450 -10.89 15.97 31.39
N PHE A 451 -10.30 17.12 31.72
CA PHE A 451 -10.99 18.32 32.18
C PHE A 451 -11.71 18.14 33.50
N GLU A 452 -11.46 17.05 34.22
CA GLU A 452 -12.09 16.86 35.52
C GLU A 452 -11.38 17.67 36.59
N ARG A 453 -12.16 18.08 37.60
CA ARG A 453 -11.67 18.86 38.72
C ARG A 453 -11.88 18.09 40.01
N ASP A 454 -10.89 18.12 40.89
CA ASP A 454 -10.97 17.46 42.18
C ASP A 454 -10.87 18.50 43.30
N ILE A 455 -11.65 18.30 44.35
CA ILE A 455 -11.71 19.26 45.45
C ILE A 455 -11.50 18.51 46.77
N SER A 456 -11.48 17.18 46.69
CA SER A 456 -11.36 16.36 47.90
C SER A 456 -10.05 16.64 48.62
N THR A 457 -10.14 16.82 49.94
CA THR A 457 -8.98 17.08 50.78
C THR A 457 -8.74 15.98 51.81
N GLU A 458 -9.44 14.85 51.69
CA GLU A 458 -9.28 13.76 52.65
C GLU A 458 -7.90 13.12 52.48
N ILE A 459 -7.34 12.67 53.61
CA ILE A 459 -5.98 12.13 53.61
C ILE A 459 -6.03 10.68 53.12
N TYR A 460 -5.34 10.42 52.01
CA TYR A 460 -5.25 9.08 51.47
C TYR A 460 -4.31 8.22 52.31
N GLN A 461 -4.64 6.93 52.41
CA GLN A 461 -3.81 6.00 53.15
C GLN A 461 -2.55 5.66 52.37
N ALA A 462 -1.51 6.48 52.52
CA ALA A 462 -0.27 6.27 51.79
C ALA A 462 0.56 5.10 52.32
N GLY A 463 0.18 4.54 53.47
CA GLY A 463 0.92 3.42 54.02
C GLY A 463 0.35 2.08 53.59
N SER A 464 0.21 1.16 54.54
CA SER A 464 -0.33 -0.16 54.24
C SER A 464 -1.46 -0.54 55.17
N THR A 465 -1.41 -0.07 56.40
CA THR A 465 -2.43 -0.41 57.38
C THR A 465 -3.66 0.48 57.18
N PRO A 466 -4.87 -0.10 57.25
CA PRO A 466 -6.08 0.73 57.18
C PRO A 466 -6.29 1.55 58.44
N CYS A 467 -6.01 2.85 58.35
CA CYS A 467 -6.07 3.74 59.51
C CYS A 467 -7.42 4.40 59.69
N ASN A 468 -8.36 4.20 58.76
CA ASN A 468 -9.69 4.82 58.83
C ASN A 468 -9.60 6.34 58.91
N GLY A 469 -8.73 6.93 58.09
CA GLY A 469 -8.65 8.36 57.95
C GLY A 469 -8.18 9.15 59.16
N VAL A 470 -7.11 8.70 59.80
CA VAL A 470 -6.48 9.43 60.90
C VAL A 470 -5.13 9.94 60.43
N GLU A 471 -4.86 11.23 60.69
CA GLU A 471 -3.62 11.83 60.26
C GLU A 471 -2.44 11.28 61.05
N GLY A 472 -1.29 11.18 60.39
CA GLY A 472 -0.08 10.69 61.02
C GLY A 472 0.80 9.93 60.06
N PHE A 473 1.53 8.94 60.56
CA PHE A 473 2.34 8.09 59.69
C PHE A 473 1.45 7.13 58.91
N ASN A 474 1.94 6.71 57.74
CA ASN A 474 1.24 5.82 56.82
C ASN A 474 -0.04 6.46 56.28
N CYS A 475 -0.23 7.76 56.55
CA CYS A 475 -1.35 8.53 56.03
C CYS A 475 -0.85 9.96 55.86
N TYR A 476 -0.39 10.28 54.65
CA TYR A 476 0.22 11.57 54.37
C TYR A 476 -0.78 12.50 53.69
N PHE A 477 -0.77 13.76 54.11
CA PHE A 477 -1.70 14.74 53.56
C PHE A 477 -1.42 14.94 52.08
N PRO A 478 -2.43 14.85 51.22
CA PRO A 478 -2.16 14.77 49.78
C PRO A 478 -1.98 16.13 49.11
N LEU A 479 -1.80 17.19 49.88
CA LEU A 479 -1.58 18.52 49.33
C LEU A 479 -0.33 19.13 49.95
N GLN A 480 0.65 19.44 49.10
CA GLN A 480 1.84 20.18 49.50
C GLN A 480 2.07 21.31 48.50
N SER A 481 2.57 22.44 48.99
CA SER A 481 2.58 23.68 48.24
C SER A 481 3.88 23.86 47.46
N TYR A 482 3.90 24.91 46.63
CA TYR A 482 5.07 25.29 45.85
C TYR A 482 6.09 26.00 46.74
N GLY A 483 7.20 26.41 46.12
CA GLY A 483 8.15 27.32 46.74
C GLY A 483 8.56 28.40 45.76
N PHE A 484 8.28 29.66 46.09
CA PHE A 484 8.54 30.78 45.20
C PHE A 484 9.56 31.73 45.83
N GLN A 485 10.83 31.58 45.44
CA GLN A 485 11.83 32.57 45.78
C GLN A 485 12.18 33.40 44.55
N PRO A 486 12.43 34.70 44.71
CA PRO A 486 12.70 35.55 43.55
C PRO A 486 14.14 35.52 43.07
N THR A 487 15.03 34.80 43.77
CA THR A 487 16.43 34.68 43.40
C THR A 487 16.85 33.22 43.36
N ASN A 488 16.03 32.39 42.71
CA ASN A 488 16.30 30.97 42.59
C ASN A 488 16.30 30.53 41.14
N GLY A 489 16.33 29.21 40.91
CA GLY A 489 16.38 28.71 39.55
C GLY A 489 15.14 29.06 38.74
N VAL A 490 15.33 29.11 37.43
CA VAL A 490 14.25 29.46 36.52
C VAL A 490 13.14 28.40 36.59
N GLY A 491 13.53 27.13 36.76
CA GLY A 491 12.54 26.07 36.83
C GLY A 491 11.58 26.22 37.99
N TYR A 492 12.04 26.82 39.09
CA TYR A 492 11.19 27.05 40.25
C TYR A 492 10.47 28.39 40.23
N GLN A 493 10.76 29.25 39.25
CA GLN A 493 10.10 30.53 39.17
C GLN A 493 8.61 30.36 38.86
N PRO A 494 7.76 31.24 39.39
CA PRO A 494 6.32 31.11 39.12
C PRO A 494 5.96 31.68 37.76
N TYR A 495 5.25 30.88 36.96
CA TYR A 495 4.78 31.29 35.66
C TYR A 495 3.26 31.32 35.65
N ARG A 496 2.70 32.25 34.89
CA ARG A 496 1.28 32.56 34.94
C ARG A 496 0.62 31.95 33.71
N VAL A 497 -0.21 30.94 33.91
CA VAL A 497 -0.67 30.05 32.84
C VAL A 497 -2.17 30.21 32.65
N VAL A 498 -2.60 30.35 31.41
CA VAL A 498 -4.01 30.34 31.03
C VAL A 498 -4.17 29.42 29.82
N VAL A 499 -5.21 28.59 29.84
CA VAL A 499 -5.48 27.60 28.79
C VAL A 499 -6.83 27.90 28.17
N LEU A 500 -6.86 28.05 26.85
CA LEU A 500 -8.08 28.33 26.11
C LEU A 500 -8.46 27.11 25.28
N SER A 501 -9.73 26.72 25.36
CA SER A 501 -10.26 25.60 24.60
C SER A 501 -11.49 26.06 23.83
N PHE A 502 -11.55 25.73 22.54
CA PHE A 502 -12.62 26.18 21.67
C PHE A 502 -13.60 25.03 21.41
N GLU A 503 -14.88 25.31 21.55
CA GLU A 503 -15.93 24.34 21.24
C GLU A 503 -16.36 24.51 19.78
N LEU A 504 -16.06 23.51 18.96
CA LEU A 504 -16.39 23.52 17.54
C LEU A 504 -17.58 22.62 17.24
N LEU A 505 -18.54 22.57 18.15
CA LEU A 505 -19.73 21.75 17.97
C LEU A 505 -20.65 22.38 16.93
N HIS A 506 -21.78 21.73 16.68
CA HIS A 506 -22.78 22.22 15.73
C HIS A 506 -23.82 23.01 16.50
N ALA A 507 -23.72 24.33 16.46
CA ALA A 507 -24.60 25.22 17.18
C ALA A 507 -24.45 26.62 16.61
N PRO A 508 -25.41 27.52 16.86
CA PRO A 508 -25.23 28.92 16.44
C PRO A 508 -23.96 29.51 17.05
N ALA A 509 -23.24 30.27 16.25
CA ALA A 509 -21.95 30.81 16.66
C ALA A 509 -22.14 32.06 17.50
N THR A 510 -21.48 32.09 18.66
CA THR A 510 -21.50 33.25 19.55
C THR A 510 -20.19 34.02 19.52
N VAL A 511 -19.07 33.35 19.77
CA VAL A 511 -17.76 33.99 19.71
C VAL A 511 -17.27 33.95 18.27
N CYS A 512 -16.84 35.11 17.76
CA CYS A 512 -16.38 35.22 16.39
C CYS A 512 -15.27 36.26 16.31
N GLY A 513 -14.46 36.14 15.26
CA GLY A 513 -13.32 37.03 15.09
C GLY A 513 -13.72 38.38 14.54
N PRO A 514 -12.72 39.25 14.40
CA PRO A 514 -12.95 40.63 13.92
C PRO A 514 -12.93 40.72 12.39
N LYS A 515 -14.07 40.38 11.78
CA LYS A 515 -14.24 40.44 10.34
C LYS A 515 -15.46 41.28 10.00
N LYS A 516 -15.46 41.85 8.79
CA LYS A 516 -16.51 42.75 8.34
C LYS A 516 -17.47 42.00 7.42
N SER A 517 -18.75 42.02 7.77
CA SER A 517 -19.76 41.35 6.98
C SER A 517 -20.15 42.20 5.77
N THR A 518 -20.31 41.54 4.62
CA THR A 518 -20.67 42.19 3.38
C THR A 518 -21.97 41.61 2.83
N ASN A 519 -22.75 42.47 2.18
CA ASN A 519 -24.00 42.02 1.56
C ASN A 519 -23.71 41.03 0.44
N LEU A 520 -24.64 40.10 0.24
CA LEU A 520 -24.43 38.97 -0.66
C LEU A 520 -25.03 39.25 -2.04
N VAL A 521 -24.69 38.37 -2.98
CA VAL A 521 -25.25 38.37 -4.32
C VAL A 521 -25.75 36.96 -4.62
N LYS A 522 -26.66 36.87 -5.58
CA LYS A 522 -27.33 35.62 -5.90
C LYS A 522 -27.09 35.23 -7.35
N ASN A 523 -27.19 33.92 -7.59
CA ASN A 523 -27.01 33.31 -8.91
C ASN A 523 -25.61 33.51 -9.47
N LYS A 524 -24.64 33.78 -8.60
CA LYS A 524 -23.23 33.86 -8.97
C LYS A 524 -22.42 33.28 -7.82
N CYS A 525 -21.63 32.24 -8.11
CA CYS A 525 -20.91 31.55 -7.05
C CYS A 525 -19.79 32.42 -6.49
N VAL A 526 -19.71 32.47 -5.16
CA VAL A 526 -18.82 33.36 -4.44
C VAL A 526 -18.16 32.56 -3.32
N ASN A 527 -16.99 33.01 -2.89
CA ASN A 527 -16.27 32.40 -1.78
C ASN A 527 -16.92 32.82 -0.46
N PHE A 528 -18.09 32.23 -0.20
CA PHE A 528 -18.85 32.60 0.99
C PHE A 528 -18.17 32.09 2.25
N ASN A 529 -18.40 32.81 3.35
CA ASN A 529 -17.77 32.53 4.63
C ASN A 529 -18.79 32.62 5.76
N PHE A 530 -19.93 31.95 5.60
CA PHE A 530 -20.98 32.00 6.62
C PHE A 530 -20.48 31.40 7.94
N ASN A 531 -20.18 32.26 8.92
CA ASN A 531 -19.74 31.84 10.25
C ASN A 531 -18.53 30.92 10.17
N GLY A 532 -17.76 31.01 9.09
CA GLY A 532 -16.60 30.17 8.88
C GLY A 532 -16.83 28.99 7.96
N LEU A 533 -18.01 28.87 7.37
CA LEU A 533 -18.32 27.77 6.45
C LEU A 533 -17.75 28.14 5.09
N THR A 534 -16.46 27.86 4.89
CA THR A 534 -15.80 28.17 3.64
C THR A 534 -16.32 27.27 2.52
N GLY A 535 -16.55 27.86 1.36
CA GLY A 535 -17.02 27.08 0.22
C GLY A 535 -17.08 27.93 -1.03
N THR A 536 -17.72 27.37 -2.04
CA THR A 536 -17.88 28.06 -3.33
C THR A 536 -19.11 27.49 -4.03
N GLY A 537 -20.07 28.35 -4.32
CA GLY A 537 -21.29 27.95 -4.99
C GLY A 537 -22.30 29.07 -5.08
N VAL A 538 -23.23 28.98 -6.03
CA VAL A 538 -24.22 30.04 -6.18
C VAL A 538 -25.22 29.96 -5.04
N LEU A 539 -25.82 31.10 -4.72
CA LEU A 539 -26.78 31.20 -3.63
C LEU A 539 -28.12 31.63 -4.19
N THR A 540 -29.16 30.85 -3.89
CA THR A 540 -30.51 31.14 -4.34
C THR A 540 -31.47 31.01 -3.17
N GLU A 541 -32.67 31.56 -3.34
CA GLU A 541 -33.71 31.40 -2.33
C GLU A 541 -34.15 29.94 -2.27
N SER A 542 -34.35 29.46 -1.05
CA SER A 542 -34.68 28.05 -0.82
C SER A 542 -36.18 27.90 -0.64
N ASN A 543 -36.81 27.14 -1.54
CA ASN A 543 -38.24 26.89 -1.44
C ASN A 543 -38.57 25.84 -0.38
N LYS A 544 -37.60 25.01 0.00
CA LYS A 544 -37.85 23.95 0.96
C LYS A 544 -38.10 24.54 2.35
N LYS A 545 -39.09 23.98 3.05
CA LYS A 545 -39.52 24.52 4.33
C LYS A 545 -38.63 24.04 5.46
N PHE A 546 -38.22 24.95 6.32
CA PHE A 546 -37.31 24.69 7.42
C PHE A 546 -37.99 24.90 8.77
N LEU A 547 -37.21 24.74 9.83
CA LEU A 547 -37.64 24.89 11.21
C LEU A 547 -36.65 25.78 11.96
N PRO A 548 -37.12 26.51 12.98
CA PRO A 548 -36.29 27.60 13.51
C PRO A 548 -35.25 27.22 14.54
N PHE A 549 -35.28 25.99 15.08
CA PHE A 549 -34.35 25.68 16.17
C PHE A 549 -32.93 25.39 15.70
N GLN A 550 -32.71 25.27 14.39
CA GLN A 550 -31.38 25.00 13.86
C GLN A 550 -31.32 25.35 12.37
N GLN A 551 -30.08 25.51 11.88
CA GLN A 551 -29.80 26.33 10.69
C GLN A 551 -29.28 25.54 9.50
N PHE A 552 -28.23 24.74 9.65
CA PHE A 552 -27.61 24.13 8.49
C PHE A 552 -28.44 22.97 7.96
N GLY A 553 -28.15 22.58 6.72
CA GLY A 553 -28.83 21.46 6.10
C GLY A 553 -27.94 20.76 5.11
N ARG A 554 -28.10 19.43 5.05
CA ARG A 554 -27.31 18.60 4.14
C ARG A 554 -28.05 17.31 3.91
N ASP A 555 -27.66 16.61 2.84
CA ASP A 555 -28.31 15.37 2.44
C ASP A 555 -27.39 14.16 2.57
N ILE A 556 -26.25 14.16 1.87
CA ILE A 556 -25.38 12.99 1.79
C ILE A 556 -23.93 13.46 1.72
N ALA A 557 -23.06 12.78 2.48
CA ALA A 557 -21.60 12.96 2.39
C ALA A 557 -21.18 14.38 2.73
N ASP A 558 -21.77 14.94 3.79
CA ASP A 558 -21.40 16.25 4.32
C ASP A 558 -21.48 17.35 3.27
N THR A 559 -22.45 17.26 2.37
CA THR A 559 -22.66 18.27 1.32
C THR A 559 -23.75 19.21 1.78
N THR A 560 -23.36 20.39 2.25
CA THR A 560 -24.32 21.36 2.77
C THR A 560 -25.06 22.02 1.61
N ASP A 561 -26.34 21.67 1.45
CA ASP A 561 -27.16 22.23 0.40
C ASP A 561 -27.70 23.62 0.74
N ALA A 562 -28.14 23.82 1.98
CA ALA A 562 -28.73 25.07 2.41
C ALA A 562 -27.95 25.64 3.59
N VAL A 563 -28.11 26.95 3.80
CA VAL A 563 -27.46 27.65 4.90
C VAL A 563 -28.35 28.81 5.32
N ARG A 564 -28.28 29.16 6.61
CA ARG A 564 -29.09 30.23 7.17
C ARG A 564 -28.25 31.49 7.32
N ASP A 565 -28.72 32.58 6.74
CA ASP A 565 -28.01 33.85 6.85
C ASP A 565 -28.01 34.31 8.31
N PRO A 566 -26.85 34.59 8.89
CA PRO A 566 -26.82 35.04 10.29
C PRO A 566 -27.55 36.35 10.54
N GLN A 567 -27.19 37.39 9.79
CA GLN A 567 -27.74 38.71 10.07
C GLN A 567 -29.21 38.81 9.64
N THR A 568 -29.53 38.35 8.45
CA THR A 568 -30.87 38.54 7.90
C THR A 568 -31.82 37.39 8.22
N LEU A 569 -31.33 36.29 8.80
CA LEU A 569 -32.15 35.15 9.19
C LEU A 569 -32.88 34.55 7.98
N GLU A 570 -32.29 34.70 6.79
CA GLU A 570 -32.87 34.17 5.56
C GLU A 570 -32.16 32.89 5.18
N ILE A 571 -32.93 31.90 4.72
CA ILE A 571 -32.41 30.60 4.34
C ILE A 571 -32.11 30.60 2.84
N LEU A 572 -30.89 30.22 2.49
CA LEU A 572 -30.41 30.22 1.12
C LEU A 572 -30.14 28.79 0.66
N ASP A 573 -29.60 28.65 -0.55
CA ASP A 573 -29.21 27.38 -1.11
C ASP A 573 -27.77 27.46 -1.59
N ILE A 574 -27.13 26.29 -1.72
CA ILE A 574 -25.75 26.21 -2.15
C ILE A 574 -25.64 25.15 -3.23
N THR A 575 -25.31 25.56 -4.45
CA THR A 575 -25.00 24.66 -5.55
C THR A 575 -23.82 25.29 -6.27
N PRO A 576 -22.74 24.54 -6.51
CA PRO A 576 -21.55 25.12 -7.14
C PRO A 576 -21.79 25.42 -8.61
N CYS A 577 -21.03 26.40 -9.10
CA CYS A 577 -21.00 26.64 -10.54
C CYS A 577 -20.53 25.38 -11.27
N SER A 578 -21.21 25.10 -12.39
CA SER A 578 -21.08 23.79 -13.02
C SER A 578 -19.68 23.59 -13.60
N PHE A 579 -19.15 22.40 -13.38
CA PHE A 579 -17.92 21.91 -14.01
C PHE A 579 -18.29 20.87 -15.06
N GLY A 580 -17.27 20.25 -15.63
CA GLY A 580 -17.51 19.21 -16.61
C GLY A 580 -16.32 19.05 -17.54
N GLY A 581 -16.22 17.84 -18.10
CA GLY A 581 -15.14 17.55 -19.02
C GLY A 581 -15.31 18.27 -20.34
N VAL A 582 -14.21 18.33 -21.08
CA VAL A 582 -14.18 18.94 -22.40
C VAL A 582 -13.60 17.93 -23.38
N SER A 583 -14.31 17.71 -24.49
CA SER A 583 -13.90 16.76 -25.51
C SER A 583 -13.65 17.50 -26.82
N VAL A 584 -12.54 17.19 -27.46
CA VAL A 584 -12.13 17.84 -28.70
C VAL A 584 -12.32 16.85 -29.84
N ILE A 585 -13.14 17.23 -30.82
CA ILE A 585 -13.42 16.40 -31.99
C ILE A 585 -12.58 16.91 -33.14
N THR A 586 -11.76 16.04 -33.71
CA THR A 586 -10.89 16.41 -34.82
C THR A 586 -11.00 15.38 -35.94
N PRO A 587 -10.91 15.82 -37.18
CA PRO A 587 -10.89 14.88 -38.32
C PRO A 587 -9.51 14.41 -38.74
N GLY A 588 -8.49 14.62 -37.92
CA GLY A 588 -7.13 14.27 -38.29
C GLY A 588 -6.33 15.47 -38.75
N THR A 589 -5.08 15.55 -38.29
CA THR A 589 -4.24 16.70 -38.66
C THR A 589 -3.97 16.74 -40.17
N ASN A 590 -3.81 15.57 -40.80
CA ASN A 590 -3.51 15.54 -42.22
C ASN A 590 -4.61 16.17 -43.05
N THR A 591 -5.88 15.87 -42.72
CA THR A 591 -6.99 16.41 -43.50
C THR A 591 -7.10 17.93 -43.31
N SER A 592 -7.12 18.38 -42.06
CA SER A 592 -7.24 19.81 -41.76
C SER A 592 -6.94 20.02 -40.29
N ASN A 593 -6.55 21.25 -39.96
CA ASN A 593 -6.30 21.64 -38.58
C ASN A 593 -7.51 22.37 -38.02
N GLN A 594 -8.62 21.62 -37.91
CA GLN A 594 -9.87 22.12 -37.40
C GLN A 594 -10.36 21.22 -36.27
N VAL A 595 -11.08 21.81 -35.32
CA VAL A 595 -11.59 21.09 -34.16
C VAL A 595 -13.00 21.58 -33.84
N ALA A 596 -13.79 20.68 -33.26
CA ALA A 596 -15.15 20.98 -32.83
C ALA A 596 -15.23 20.66 -31.34
N VAL A 597 -15.00 21.68 -30.50
CA VAL A 597 -14.96 21.47 -29.06
C VAL A 597 -16.35 21.16 -28.54
N LEU A 598 -16.45 20.14 -27.70
CA LEU A 598 -17.71 19.75 -27.06
C LEU A 598 -17.55 19.88 -25.56
N TYR A 599 -18.48 20.59 -24.93
CA TYR A 599 -18.51 20.74 -23.48
C TYR A 599 -19.54 19.76 -22.92
N GLN A 600 -19.09 18.88 -22.03
CA GLN A 600 -19.88 17.72 -21.63
C GLN A 600 -20.96 18.12 -20.64
N ASP A 601 -22.22 18.04 -21.08
CA ASP A 601 -23.39 18.21 -20.21
C ASP A 601 -23.39 19.57 -19.52
N VAL A 602 -23.49 20.61 -20.34
CA VAL A 602 -23.62 21.98 -19.85
C VAL A 602 -24.78 22.64 -20.59
N ASN A 603 -25.41 23.61 -19.95
CA ASN A 603 -26.56 24.29 -20.54
C ASN A 603 -26.17 25.27 -21.64
N CYS A 604 -24.88 25.55 -21.79
CA CYS A 604 -24.32 26.35 -22.88
C CYS A 604 -24.64 27.83 -22.73
N THR A 605 -25.44 28.18 -21.74
CA THR A 605 -25.69 29.57 -21.39
C THR A 605 -24.76 30.08 -20.30
N GLU A 606 -23.80 29.24 -19.87
CA GLU A 606 -22.90 29.57 -18.78
C GLU A 606 -21.45 29.24 -19.14
N VAL A 607 -21.12 29.27 -20.42
CA VAL A 607 -19.76 29.00 -20.87
C VAL A 607 -19.20 30.20 -21.61
N ASN A 628 -20.81 27.87 -34.90
CA ASN A 628 -22.22 27.47 -34.88
C ASN A 628 -22.54 26.76 -33.57
N VAL A 629 -23.15 27.50 -32.64
CA VAL A 629 -23.51 26.94 -31.34
C VAL A 629 -24.63 25.93 -31.52
N PHE A 630 -24.57 24.83 -30.76
CA PHE A 630 -25.58 23.79 -30.81
C PHE A 630 -25.63 23.06 -29.48
N GLN A 631 -26.83 22.70 -29.04
CA GLN A 631 -27.04 22.03 -27.77
C GLN A 631 -27.55 20.61 -28.02
N THR A 632 -26.85 19.63 -27.47
CA THR A 632 -27.19 18.22 -27.63
C THR A 632 -27.59 17.62 -26.29
N ARG A 633 -27.94 16.34 -26.32
CA ARG A 633 -28.22 15.62 -25.07
C ARG A 633 -26.92 15.32 -24.32
N ALA A 634 -25.83 15.08 -25.04
CA ALA A 634 -24.55 14.82 -24.38
C ALA A 634 -23.94 16.10 -23.85
N GLY A 635 -24.14 17.23 -24.53
CA GLY A 635 -23.58 18.49 -24.11
C GLY A 635 -23.86 19.61 -25.10
N CYS A 636 -22.85 20.44 -25.36
CA CYS A 636 -22.98 21.52 -26.32
C CYS A 636 -21.81 21.49 -27.29
N LEU A 637 -22.09 21.73 -28.56
CA LEU A 637 -21.09 21.73 -29.62
C LEU A 637 -20.73 23.17 -30.00
N ILE A 638 -19.46 23.36 -30.37
CA ILE A 638 -18.97 24.64 -30.86
C ILE A 638 -18.08 24.34 -32.05
N GLY A 639 -18.60 24.59 -33.26
CA GLY A 639 -17.87 24.33 -34.48
C GLY A 639 -18.57 23.40 -35.46
N ALA A 640 -19.72 22.84 -35.12
CA ALA A 640 -20.44 21.92 -35.99
C ALA A 640 -21.81 22.47 -36.31
N GLU A 641 -22.21 22.35 -37.57
CA GLU A 641 -23.51 22.82 -38.04
C GLU A 641 -24.45 21.63 -38.22
N HIS A 642 -25.63 21.74 -37.62
CA HIS A 642 -26.62 20.67 -37.73
C HIS A 642 -27.10 20.53 -39.17
N VAL A 643 -27.26 19.28 -39.61
CA VAL A 643 -27.68 18.98 -40.97
C VAL A 643 -28.86 18.03 -40.92
N ASN A 644 -29.83 18.22 -41.84
CA ASN A 644 -31.04 17.42 -41.82
C ASN A 644 -30.77 15.98 -42.25
N ASN A 645 -29.99 15.79 -43.31
CA ASN A 645 -29.72 14.46 -43.82
C ASN A 645 -28.95 13.62 -42.81
N SER A 646 -29.15 12.32 -42.88
CA SER A 646 -28.55 11.38 -41.93
C SER A 646 -27.55 10.50 -42.67
N TYR A 647 -26.31 10.47 -42.15
CA TYR A 647 -25.24 9.66 -42.69
C TYR A 647 -24.82 8.61 -41.67
N GLU A 648 -24.03 7.65 -42.12
CA GLU A 648 -23.47 6.65 -41.22
C GLU A 648 -22.47 7.31 -40.28
N CYS A 649 -22.41 6.82 -39.04
CA CYS A 649 -21.60 7.46 -38.01
C CYS A 649 -20.11 7.39 -38.35
N ASP A 650 -19.43 8.52 -38.16
CA ASP A 650 -17.98 8.61 -38.31
C ASP A 650 -17.28 8.87 -36.98
N ILE A 651 -17.68 9.92 -36.27
CA ILE A 651 -17.16 10.19 -34.94
C ILE A 651 -18.34 10.19 -33.96
N PRO A 652 -18.41 9.23 -33.04
CA PRO A 652 -19.59 9.12 -32.17
C PRO A 652 -19.57 10.16 -31.06
N ILE A 653 -20.40 11.19 -31.20
CA ILE A 653 -20.51 12.20 -30.17
C ILE A 653 -21.21 11.64 -28.94
N GLY A 654 -22.31 10.92 -29.15
CA GLY A 654 -23.09 10.38 -28.06
C GLY A 654 -24.54 10.78 -28.17
N ALA A 655 -25.42 9.96 -27.56
CA ALA A 655 -26.87 10.21 -27.55
C ALA A 655 -27.43 10.26 -28.97
N GLY A 656 -26.93 9.40 -29.84
CA GLY A 656 -27.46 9.31 -31.19
C GLY A 656 -27.08 10.45 -32.10
N ILE A 657 -25.88 11.01 -31.93
CA ILE A 657 -25.40 12.10 -32.76
C ILE A 657 -23.94 11.80 -33.13
N CYS A 658 -23.59 12.04 -34.39
CA CYS A 658 -22.24 11.80 -34.88
C CYS A 658 -21.79 12.97 -35.73
N ALA A 659 -20.48 13.13 -35.85
CA ALA A 659 -19.88 14.25 -36.56
C ALA A 659 -18.87 13.74 -37.58
N SER A 660 -18.63 14.56 -38.61
CA SER A 660 -17.71 14.21 -39.67
C SER A 660 -17.27 15.49 -40.38
N TYR A 661 -16.22 15.37 -41.18
CA TYR A 661 -15.63 16.48 -41.91
C TYR A 661 -15.94 16.32 -43.39
N GLN A 662 -16.86 17.15 -43.89
CA GLN A 662 -17.21 17.17 -45.32
C GLN A 662 -18.11 18.35 -45.65
N GLN A 677 -19.66 23.80 -44.26
CA GLN A 677 -19.01 22.85 -45.16
C GLN A 677 -17.69 22.35 -44.58
N SER A 678 -17.53 22.48 -43.27
CA SER A 678 -16.31 22.05 -42.60
C SER A 678 -16.56 20.87 -41.66
N ILE A 679 -17.42 21.03 -40.67
CA ILE A 679 -17.74 19.96 -39.73
C ILE A 679 -19.25 19.93 -39.54
N ILE A 680 -19.86 18.76 -39.73
CA ILE A 680 -21.30 18.61 -39.65
C ILE A 680 -21.63 17.76 -38.43
N ALA A 681 -22.88 17.90 -37.96
CA ALA A 681 -23.37 17.14 -36.82
C ALA A 681 -24.78 16.67 -37.15
N TYR A 682 -24.96 15.35 -37.24
CA TYR A 682 -26.22 14.78 -37.70
C TYR A 682 -26.61 13.63 -36.80
N THR A 683 -27.92 13.34 -36.77
CA THR A 683 -28.42 12.12 -36.16
C THR A 683 -28.21 10.98 -37.15
N MET A 684 -27.37 10.02 -36.77
CA MET A 684 -26.91 9.01 -37.71
C MET A 684 -28.08 8.15 -38.20
N SER A 685 -27.97 7.70 -39.45
CA SER A 685 -28.93 6.76 -40.02
C SER A 685 -28.49 5.33 -39.70
N LEU A 686 -29.47 4.45 -39.59
CA LEU A 686 -29.22 3.07 -39.20
C LEU A 686 -28.94 2.15 -40.38
N GLY A 687 -28.96 2.66 -41.61
CA GLY A 687 -28.64 1.89 -42.78
C GLY A 687 -29.60 2.17 -43.91
N ALA A 688 -29.35 1.48 -45.03
CA ALA A 688 -30.20 1.62 -46.21
C ALA A 688 -31.55 0.96 -45.97
N GLU A 689 -32.58 1.77 -45.79
CA GLU A 689 -33.92 1.26 -45.54
C GLU A 689 -34.49 0.63 -46.81
N ASN A 690 -35.03 -0.57 -46.68
CA ASN A 690 -35.66 -1.24 -47.80
C ASN A 690 -36.71 -2.21 -47.27
N SER A 691 -37.64 -2.58 -48.15
CA SER A 691 -38.67 -3.56 -47.81
C SER A 691 -39.15 -4.19 -49.11
N VAL A 692 -38.67 -5.40 -49.40
CA VAL A 692 -39.09 -6.09 -50.61
C VAL A 692 -40.54 -6.56 -50.47
N ALA A 693 -41.13 -6.97 -51.59
CA ALA A 693 -42.52 -7.39 -51.59
C ALA A 693 -42.67 -8.74 -50.90
N TYR A 694 -43.85 -8.97 -50.32
CA TYR A 694 -44.16 -10.21 -49.65
C TYR A 694 -45.63 -10.54 -49.88
N SER A 695 -45.89 -11.62 -50.59
CA SER A 695 -47.26 -12.11 -50.81
C SER A 695 -47.34 -13.57 -50.42
N ASN A 696 -48.54 -13.98 -50.00
CA ASN A 696 -48.73 -15.31 -49.42
C ASN A 696 -48.61 -16.44 -50.43
N ASN A 697 -48.31 -16.16 -51.71
CA ASN A 697 -48.16 -17.22 -52.69
C ASN A 697 -46.99 -16.96 -53.64
N SER A 698 -45.95 -16.28 -53.17
CA SER A 698 -44.78 -16.00 -54.00
C SER A 698 -43.51 -16.25 -53.20
N ILE A 699 -42.51 -16.83 -53.87
CA ILE A 699 -41.21 -17.10 -53.28
C ILE A 699 -40.12 -16.59 -54.21
N ALA A 700 -38.94 -16.37 -53.64
CA ALA A 700 -37.77 -15.93 -54.39
C ALA A 700 -36.66 -16.93 -54.19
N ILE A 701 -36.14 -17.48 -55.28
CA ILE A 701 -35.11 -18.51 -55.23
C ILE A 701 -33.88 -18.03 -55.98
N PRO A 702 -32.68 -18.12 -55.41
CA PRO A 702 -31.50 -17.66 -56.12
C PRO A 702 -31.19 -18.54 -57.32
N THR A 703 -30.57 -17.93 -58.32
CA THR A 703 -30.23 -18.62 -59.56
C THR A 703 -28.73 -18.84 -59.71
N ASN A 704 -27.91 -18.31 -58.80
CA ASN A 704 -26.47 -18.34 -58.99
C ASN A 704 -25.85 -18.00 -57.64
N PHE A 705 -24.51 -18.00 -57.58
CA PHE A 705 -23.84 -17.81 -56.31
C PHE A 705 -22.50 -17.11 -56.52
N THR A 706 -21.98 -16.55 -55.44
CA THR A 706 -20.66 -15.94 -55.41
C THR A 706 -19.94 -16.41 -54.15
N ILE A 707 -18.82 -17.10 -54.32
CA ILE A 707 -18.02 -17.58 -53.20
C ILE A 707 -17.12 -16.46 -52.71
N SER A 708 -17.16 -16.19 -51.41
CA SER A 708 -16.41 -15.10 -50.80
C SER A 708 -15.53 -15.63 -49.69
N VAL A 709 -14.37 -14.99 -49.52
CA VAL A 709 -13.42 -15.32 -48.46
C VAL A 709 -13.29 -14.11 -47.56
N THR A 710 -13.54 -14.30 -46.26
CA THR A 710 -13.50 -13.23 -45.28
C THR A 710 -12.50 -13.58 -44.19
N THR A 711 -11.73 -12.59 -43.75
CA THR A 711 -10.73 -12.79 -42.71
C THR A 711 -11.36 -12.63 -41.33
N GLU A 712 -10.62 -13.08 -40.32
CA GLU A 712 -11.04 -12.95 -38.94
C GLU A 712 -9.81 -13.09 -38.05
N ILE A 713 -9.61 -12.12 -37.16
CA ILE A 713 -8.39 -12.00 -36.37
C ILE A 713 -8.74 -12.17 -34.90
N LEU A 714 -7.93 -12.98 -34.20
CA LEU A 714 -8.13 -13.24 -32.78
C LEU A 714 -6.79 -13.27 -32.07
N PRO A 715 -6.61 -12.52 -30.99
CA PRO A 715 -5.39 -12.62 -30.21
C PRO A 715 -5.36 -13.89 -29.38
N VAL A 716 -4.15 -14.39 -29.12
CA VAL A 716 -4.02 -15.68 -28.46
C VAL A 716 -3.14 -15.57 -27.22
N SER A 717 -2.20 -14.63 -27.21
CA SER A 717 -1.22 -14.58 -26.13
C SER A 717 -0.71 -13.16 -25.96
N MET A 718 -0.08 -12.91 -24.81
CA MET A 718 0.59 -11.66 -24.48
C MET A 718 2.09 -11.91 -24.38
N THR A 719 2.81 -10.89 -23.92
CA THR A 719 4.22 -11.04 -23.57
C THR A 719 4.34 -11.54 -22.14
N LYS A 720 5.30 -12.44 -21.92
CA LYS A 720 5.45 -13.08 -20.61
C LYS A 720 6.47 -12.34 -19.77
N THR A 721 6.08 -11.15 -19.33
CA THR A 721 6.92 -10.37 -18.42
C THR A 721 6.90 -11.00 -17.03
N SER A 722 7.96 -10.74 -16.27
CA SER A 722 8.09 -11.27 -14.92
C SER A 722 8.92 -10.28 -14.11
N VAL A 723 8.28 -9.57 -13.20
CA VAL A 723 8.92 -8.53 -12.41
C VAL A 723 9.13 -9.06 -11.00
N ASP A 724 10.39 -9.11 -10.57
CA ASP A 724 10.69 -9.49 -9.19
C ASP A 724 10.38 -8.33 -8.26
N CYS A 725 9.65 -8.62 -7.19
CA CYS A 725 9.16 -7.56 -6.31
C CYS A 725 10.29 -6.92 -5.49
N THR A 726 11.31 -7.71 -5.12
CA THR A 726 12.33 -7.20 -4.22
C THR A 726 13.19 -6.12 -4.88
N MET A 727 13.66 -6.37 -6.11
CA MET A 727 14.57 -5.44 -6.75
C MET A 727 13.87 -4.15 -7.14
N TYR A 728 12.62 -4.23 -7.58
CA TYR A 728 11.91 -3.03 -8.01
C TYR A 728 11.72 -2.04 -6.86
N ILE A 729 11.32 -2.55 -5.68
CA ILE A 729 11.02 -1.67 -4.56
C ILE A 729 12.30 -1.11 -3.96
N CYS A 730 13.29 -1.97 -3.71
CA CYS A 730 14.51 -1.56 -3.01
C CYS A 730 15.56 -1.02 -3.97
N GLY A 731 16.00 -1.85 -4.91
CA GLY A 731 17.00 -1.41 -5.87
C GLY A 731 18.39 -1.24 -5.29
N ASP A 732 19.03 -2.34 -4.92
CA ASP A 732 20.42 -2.36 -4.45
C ASP A 732 20.58 -1.53 -3.18
N SER A 733 19.90 -1.96 -2.13
CA SER A 733 20.00 -1.30 -0.82
C SER A 733 19.74 -2.34 0.26
N THR A 734 20.80 -2.81 0.91
CA THR A 734 20.66 -3.82 1.95
C THR A 734 19.85 -3.31 3.13
N GLU A 735 20.14 -2.07 3.57
CA GLU A 735 19.42 -1.51 4.70
C GLU A 735 17.98 -1.12 4.37
N CYS A 736 17.61 -1.15 3.09
CA CYS A 736 16.22 -0.94 2.70
C CYS A 736 15.46 -2.25 2.58
N SER A 737 16.12 -3.33 2.15
CA SER A 737 15.45 -4.62 2.03
C SER A 737 15.02 -5.16 3.38
N ASN A 738 15.68 -4.74 4.46
CA ASN A 738 15.31 -5.22 5.78
C ASN A 738 13.90 -4.81 6.16
N LEU A 739 13.48 -3.61 5.73
CA LEU A 739 12.11 -3.17 6.00
C LEU A 739 11.11 -3.99 5.20
N LEU A 740 11.47 -4.41 3.99
CA LEU A 740 10.54 -5.11 3.12
C LEU A 740 10.18 -6.49 3.67
N LEU A 741 11.05 -7.08 4.49
CA LEU A 741 10.74 -8.37 5.10
C LEU A 741 9.69 -8.27 6.20
N GLN A 742 9.38 -7.06 6.67
CA GLN A 742 8.37 -6.89 7.70
C GLN A 742 6.95 -6.86 7.14
N TYR A 743 6.80 -6.89 5.81
CA TYR A 743 5.48 -6.86 5.18
C TYR A 743 4.96 -8.26 4.88
N GLY A 744 5.34 -9.26 5.67
CA GLY A 744 4.86 -10.60 5.43
C GLY A 744 5.33 -11.13 4.09
N SER A 745 4.40 -11.61 3.29
CA SER A 745 4.69 -12.19 1.99
C SER A 745 4.08 -11.36 0.86
N PHE A 746 4.16 -10.03 0.99
CA PHE A 746 3.65 -9.16 -0.06
C PHE A 746 4.49 -9.17 -1.32
N CYS A 747 5.70 -9.74 -1.27
CA CYS A 747 6.57 -9.82 -2.43
C CYS A 747 6.58 -11.19 -3.08
N THR A 748 6.30 -12.25 -2.32
CA THR A 748 6.25 -13.58 -2.90
C THR A 748 4.98 -13.76 -3.74
N GLN A 749 3.92 -13.02 -3.41
CA GLN A 749 2.66 -13.17 -4.15
C GLN A 749 2.71 -12.46 -5.49
N LEU A 750 3.37 -11.30 -5.56
CA LEU A 750 3.46 -10.58 -6.82
C LEU A 750 4.41 -11.26 -7.80
N ASN A 751 5.19 -12.23 -7.35
CA ASN A 751 5.97 -13.06 -8.25
C ASN A 751 5.21 -14.33 -8.64
N ARG A 752 4.48 -14.92 -7.68
CA ARG A 752 3.65 -16.07 -7.98
C ARG A 752 2.53 -15.72 -8.95
N ALA A 753 1.89 -14.57 -8.76
CA ALA A 753 0.79 -14.18 -9.63
C ALA A 753 1.27 -13.92 -11.05
N LEU A 754 2.38 -13.19 -11.20
CA LEU A 754 2.90 -12.92 -12.54
C LEU A 754 3.40 -14.17 -13.22
N THR A 755 3.90 -15.14 -12.45
CA THR A 755 4.32 -16.41 -13.03
C THR A 755 3.12 -17.19 -13.55
N GLY A 756 2.00 -17.14 -12.82
CA GLY A 756 0.82 -17.85 -13.26
C GLY A 756 0.27 -17.37 -14.59
N ILE A 757 0.43 -16.08 -14.88
CA ILE A 757 -0.04 -15.52 -16.15
C ILE A 757 1.12 -15.48 -17.14
N ALA A 758 2.16 -16.25 -16.84
CA ALA A 758 3.26 -16.49 -17.78
C ALA A 758 3.30 -17.92 -18.27
N VAL A 759 3.01 -18.88 -17.40
CA VAL A 759 2.81 -20.26 -17.83
C VAL A 759 1.55 -20.37 -18.69
N GLU A 760 0.52 -19.59 -18.34
CA GLU A 760 -0.76 -19.66 -19.04
C GLU A 760 -0.61 -19.26 -20.51
N GLN A 761 0.20 -18.24 -20.79
CA GLN A 761 0.36 -17.78 -22.16
C GLN A 761 0.93 -18.86 -23.07
N ASP A 762 1.75 -19.77 -22.52
CA ASP A 762 2.23 -20.90 -23.29
C ASP A 762 1.21 -22.02 -23.40
N LYS A 763 0.14 -21.98 -22.62
CA LYS A 763 -0.94 -22.95 -22.74
C LYS A 763 -1.99 -22.52 -23.75
N ASN A 764 -2.20 -21.22 -23.92
CA ASN A 764 -3.14 -20.73 -24.92
C ASN A 764 -2.68 -21.09 -26.32
N THR A 765 -1.39 -20.93 -26.61
CA THR A 765 -0.86 -21.28 -27.91
C THR A 765 -0.94 -22.79 -28.14
N GLN A 766 -0.69 -23.58 -27.09
CA GLN A 766 -0.76 -25.03 -27.21
C GLN A 766 -2.17 -25.49 -27.56
N GLU A 767 -3.18 -24.87 -26.93
CA GLU A 767 -4.56 -25.29 -27.18
C GLU A 767 -4.99 -24.96 -28.61
N VAL A 768 -4.58 -23.79 -29.12
CA VAL A 768 -5.07 -23.35 -30.42
C VAL A 768 -4.45 -24.16 -31.54
N PHE A 769 -3.12 -24.25 -31.58
CA PHE A 769 -2.43 -24.81 -32.73
C PHE A 769 -2.19 -26.30 -32.63
N ALA A 770 -1.77 -26.80 -31.45
CA ALA A 770 -1.41 -28.20 -31.29
C ALA A 770 -2.68 -29.05 -31.21
N GLN A 771 -3.34 -29.18 -32.36
CA GLN A 771 -4.55 -29.99 -32.47
C GLN A 771 -4.31 -31.33 -33.17
N VAL A 772 -3.27 -31.44 -33.99
CA VAL A 772 -2.93 -32.68 -34.67
C VAL A 772 -1.64 -33.22 -34.07
N LYS A 773 -1.64 -34.52 -33.76
CA LYS A 773 -0.45 -35.14 -33.21
C LYS A 773 0.66 -35.27 -34.25
N GLN A 774 0.29 -35.55 -35.49
CA GLN A 774 1.24 -35.80 -36.56
C GLN A 774 1.24 -34.66 -37.56
N ILE A 775 2.37 -34.47 -38.23
CA ILE A 775 2.59 -33.35 -39.14
C ILE A 775 2.40 -33.86 -40.56
N TYR A 776 1.29 -33.45 -41.19
CA TYR A 776 1.02 -33.83 -42.57
C TYR A 776 1.79 -32.94 -43.54
N LYS A 777 1.84 -33.37 -44.80
CA LYS A 777 2.56 -32.65 -45.84
C LYS A 777 1.83 -32.79 -47.16
N THR A 778 1.78 -31.68 -47.91
CA THR A 778 1.16 -31.70 -49.22
C THR A 778 2.05 -32.47 -50.22
N PRO A 779 1.46 -33.03 -51.26
CA PRO A 779 2.25 -33.71 -52.29
C PRO A 779 3.11 -32.73 -53.05
N PRO A 780 4.19 -33.19 -53.69
CA PRO A 780 5.04 -32.26 -54.44
C PRO A 780 4.30 -31.56 -55.57
N ILE A 781 3.68 -32.32 -56.46
CA ILE A 781 2.83 -31.74 -57.50
C ILE A 781 1.51 -31.29 -56.87
N LYS A 782 0.96 -30.21 -57.37
CA LYS A 782 -0.25 -29.60 -56.81
C LYS A 782 -1.31 -29.51 -57.90
N ASP A 783 -2.08 -30.59 -58.06
CA ASP A 783 -3.21 -30.64 -58.99
C ASP A 783 -4.47 -30.81 -58.15
N PHE A 784 -5.04 -29.67 -57.72
CA PHE A 784 -6.21 -29.67 -56.85
C PHE A 784 -7.49 -29.34 -57.60
N GLY A 785 -7.54 -29.63 -58.90
CA GLY A 785 -8.72 -29.39 -59.70
C GLY A 785 -8.89 -27.98 -60.20
N GLY A 786 -7.93 -27.10 -59.96
CA GLY A 786 -8.04 -25.73 -60.42
C GLY A 786 -7.83 -24.72 -59.31
N PHE A 787 -8.18 -25.09 -58.09
CA PHE A 787 -7.98 -24.21 -56.95
C PHE A 787 -6.49 -24.01 -56.71
N ASN A 788 -6.11 -22.77 -56.37
CA ASN A 788 -4.72 -22.41 -56.16
C ASN A 788 -4.52 -22.02 -54.70
N PHE A 789 -3.78 -22.84 -53.97
CA PHE A 789 -3.49 -22.61 -52.57
C PHE A 789 -2.09 -22.04 -52.34
N SER A 790 -1.44 -21.56 -53.40
CA SER A 790 -0.08 -21.04 -53.28
C SER A 790 -0.02 -19.84 -52.34
N GLN A 791 -1.11 -19.08 -52.23
CA GLN A 791 -1.13 -17.91 -51.37
C GLN A 791 -1.18 -18.28 -49.90
N ILE A 792 -1.48 -19.53 -49.57
CA ILE A 792 -1.55 -19.96 -48.18
C ILE A 792 -0.62 -21.12 -47.87
N LEU A 793 -0.13 -21.86 -48.87
CA LEU A 793 0.82 -22.92 -48.62
C LEU A 793 2.21 -22.34 -48.34
N PRO A 794 3.04 -23.04 -47.58
CA PRO A 794 4.36 -22.49 -47.21
C PRO A 794 5.24 -22.25 -48.43
N ASP A 795 6.08 -21.23 -48.32
CA ASP A 795 7.02 -20.90 -49.39
C ASP A 795 8.20 -21.85 -49.34
N PRO A 796 8.47 -22.62 -50.40
CA PRO A 796 9.58 -23.58 -50.36
C PRO A 796 10.95 -22.92 -50.20
N SER A 797 11.14 -21.70 -50.69
CA SER A 797 12.44 -21.02 -50.65
C SER A 797 12.23 -19.64 -50.04
N LYS A 798 12.27 -19.57 -48.71
CA LYS A 798 12.12 -18.33 -47.95
C LYS A 798 12.45 -18.60 -46.49
N PRO A 799 13.03 -17.64 -45.76
CA PRO A 799 13.27 -17.84 -44.34
C PRO A 799 11.97 -18.06 -43.57
N SER A 800 12.03 -18.95 -42.58
CA SER A 800 10.93 -19.28 -41.66
C SER A 800 9.85 -20.10 -42.36
N LYS A 801 9.97 -20.26 -43.68
CA LYS A 801 9.06 -21.09 -44.47
C LYS A 801 7.60 -20.72 -44.22
N ARG A 802 7.32 -19.43 -44.14
CA ARG A 802 5.95 -18.95 -43.99
C ARG A 802 5.33 -18.68 -45.35
N SER A 803 4.01 -18.77 -45.41
CA SER A 803 3.29 -18.54 -46.65
C SER A 803 3.37 -17.06 -47.04
N PHE A 804 2.89 -16.77 -48.26
CA PHE A 804 2.94 -15.41 -48.76
C PHE A 804 2.08 -14.47 -47.93
N ILE A 805 0.88 -14.91 -47.56
CA ILE A 805 0.02 -14.08 -46.73
C ILE A 805 0.59 -13.96 -45.32
N GLU A 806 1.15 -15.06 -44.79
CA GLU A 806 1.76 -15.01 -43.46
C GLU A 806 2.92 -14.03 -43.43
N ASP A 807 3.72 -13.98 -44.51
CA ASP A 807 4.81 -13.01 -44.58
C ASP A 807 4.28 -11.58 -44.51
N LEU A 808 3.18 -11.31 -45.20
CA LEU A 808 2.59 -9.97 -45.15
C LEU A 808 2.10 -9.63 -43.75
N LEU A 809 1.50 -10.60 -43.05
CA LEU A 809 0.92 -10.35 -41.74
C LEU A 809 1.94 -10.01 -40.67
N PHE A 810 3.23 -10.24 -40.92
CA PHE A 810 4.23 -10.01 -39.89
C PHE A 810 4.89 -8.64 -39.99
N ASN A 811 5.05 -8.11 -41.19
CA ASN A 811 5.62 -6.76 -41.35
C ASN A 811 4.63 -5.66 -40.97
N LYS A 812 3.36 -5.99 -40.80
CA LYS A 812 2.34 -5.01 -40.48
C LYS A 812 2.12 -4.82 -38.99
N VAL A 813 2.81 -5.60 -38.15
CA VAL A 813 2.66 -5.52 -36.69
C VAL A 813 4.02 -5.21 -36.08
N THR A 814 4.04 -4.23 -35.19
CA THR A 814 5.28 -3.82 -34.54
C THR A 814 5.42 -4.49 -33.17
N GLN A 840 12.59 -4.89 -22.80
CA GLN A 840 13.91 -4.45 -22.38
C GLN A 840 14.11 -4.63 -20.88
N LYS A 841 15.35 -4.51 -20.43
CA LYS A 841 15.71 -4.67 -19.02
C LYS A 841 16.14 -3.33 -18.45
N PHE A 842 15.40 -2.84 -17.46
CA PHE A 842 15.76 -1.62 -16.75
C PHE A 842 16.10 -1.91 -15.30
N ASN A 843 15.16 -2.47 -14.53
CA ASN A 843 15.48 -3.02 -13.21
C ASN A 843 14.40 -4.06 -12.88
N GLY A 844 14.72 -5.33 -13.10
CA GLY A 844 13.76 -6.39 -12.83
C GLY A 844 12.64 -6.52 -13.82
N LEU A 845 12.67 -5.77 -14.93
CA LEU A 845 11.62 -5.84 -15.95
C LEU A 845 11.95 -6.91 -16.99
N THR A 846 12.13 -8.13 -16.50
CA THR A 846 12.47 -9.24 -17.39
C THR A 846 11.30 -9.56 -18.31
N VAL A 847 11.64 -10.05 -19.50
CA VAL A 847 10.67 -10.47 -20.50
C VAL A 847 11.05 -11.88 -20.92
N LEU A 848 10.28 -12.87 -20.48
CA LEU A 848 10.58 -14.25 -20.82
C LEU A 848 10.29 -14.49 -22.30
N PRO A 849 10.97 -15.46 -22.92
CA PRO A 849 10.68 -15.80 -24.31
C PRO A 849 9.61 -16.87 -24.40
N PRO A 850 8.84 -16.90 -25.48
CA PRO A 850 7.81 -17.92 -25.60
C PRO A 850 8.40 -19.30 -25.76
N LEU A 851 7.67 -20.30 -25.26
CA LEU A 851 8.13 -21.69 -25.37
C LEU A 851 8.16 -22.13 -26.83
N LEU A 852 7.09 -21.82 -27.57
CA LEU A 852 7.00 -22.21 -28.97
C LEU A 852 7.61 -21.11 -29.83
N THR A 853 8.79 -21.40 -30.39
CA THR A 853 9.41 -20.43 -31.28
C THR A 853 8.57 -20.26 -32.54
N ASP A 854 8.73 -19.11 -33.18
CA ASP A 854 7.81 -18.70 -34.23
C ASP A 854 7.89 -19.63 -35.44
N GLU A 855 9.02 -20.29 -35.65
CA GLU A 855 9.14 -21.20 -36.79
C GLU A 855 8.43 -22.54 -36.57
N MET A 856 8.14 -22.89 -35.31
CA MET A 856 7.37 -24.09 -35.02
C MET A 856 5.89 -23.79 -34.78
N ILE A 857 5.48 -22.53 -34.89
CA ILE A 857 4.06 -22.20 -34.90
C ILE A 857 3.52 -22.19 -36.31
N ALA A 858 4.29 -21.65 -37.25
CA ALA A 858 3.92 -21.74 -38.66
C ALA A 858 3.95 -23.17 -39.17
N GLN A 859 4.66 -24.07 -38.50
CA GLN A 859 4.65 -25.47 -38.91
C GLN A 859 3.36 -26.17 -38.46
N TYR A 860 2.81 -25.80 -37.31
CA TYR A 860 1.48 -26.29 -36.95
C TYR A 860 0.44 -25.84 -37.96
N THR A 861 0.47 -24.57 -38.36
CA THR A 861 -0.46 -24.09 -39.38
C THR A 861 -0.21 -24.79 -40.71
N SER A 862 1.05 -24.98 -41.08
CA SER A 862 1.39 -25.71 -42.30
C SER A 862 1.16 -27.21 -42.17
N ALA A 863 0.59 -27.67 -41.07
CA ALA A 863 0.13 -29.04 -40.92
C ALA A 863 -1.38 -29.16 -40.88
N LEU A 864 -2.05 -28.23 -40.18
CA LEU A 864 -3.51 -28.17 -40.24
C LEU A 864 -3.98 -27.79 -41.63
N LEU A 865 -3.33 -26.80 -42.25
CA LEU A 865 -3.76 -26.35 -43.57
C LEU A 865 -3.36 -27.35 -44.65
N ALA A 866 -2.17 -27.95 -44.53
CA ALA A 866 -1.71 -28.90 -45.52
C ALA A 866 -2.44 -30.24 -45.45
N GLY A 867 -3.24 -30.46 -44.42
CA GLY A 867 -3.96 -31.71 -44.29
C GLY A 867 -5.42 -31.61 -44.67
N THR A 868 -6.05 -30.49 -44.34
CA THR A 868 -7.45 -30.28 -44.72
C THR A 868 -7.63 -30.16 -46.22
N ILE A 869 -6.56 -29.91 -46.97
CA ILE A 869 -6.64 -29.83 -48.42
C ILE A 869 -6.71 -31.24 -49.02
N THR A 870 -6.01 -32.20 -48.42
CA THR A 870 -5.90 -33.54 -48.98
C THR A 870 -6.88 -34.54 -48.36
N SER A 871 -7.40 -34.27 -47.18
CA SER A 871 -8.22 -35.28 -46.51
C SER A 871 -9.59 -34.77 -46.07
N GLY A 872 -9.70 -33.50 -45.71
CA GLY A 872 -10.98 -32.97 -45.27
C GLY A 872 -11.07 -32.79 -43.77
N TRP A 873 -12.13 -33.33 -43.16
CA TRP A 873 -12.32 -33.21 -41.71
C TRP A 873 -12.01 -34.50 -40.97
N THR A 874 -11.33 -35.45 -41.61
CA THR A 874 -11.11 -36.75 -40.99
C THR A 874 -10.08 -36.70 -39.86
N PHE A 875 -9.55 -35.52 -39.54
CA PHE A 875 -8.66 -35.39 -38.39
C PHE A 875 -9.39 -35.49 -37.06
N GLY A 876 -10.57 -34.87 -36.95
CA GLY A 876 -11.35 -34.92 -35.73
C GLY A 876 -11.92 -36.27 -35.39
N ALA A 877 -11.51 -37.34 -36.09
CA ALA A 877 -12.00 -38.67 -35.79
C ALA A 877 -10.88 -39.69 -35.67
N GLY A 878 -9.63 -39.28 -35.87
CA GLY A 878 -8.51 -40.21 -35.78
C GLY A 878 -7.71 -40.31 -37.05
N ALA A 879 -7.78 -41.47 -37.71
CA ALA A 879 -7.01 -41.70 -38.92
C ALA A 879 -7.43 -40.75 -40.03
N ALA A 880 -6.47 -40.37 -40.86
CA ALA A 880 -6.69 -39.45 -41.97
C ALA A 880 -6.95 -40.24 -43.24
N LEU A 881 -8.01 -39.89 -43.94
CA LEU A 881 -8.47 -40.63 -45.11
C LEU A 881 -8.32 -39.77 -46.37
N GLN A 882 -7.78 -40.36 -47.42
CA GLN A 882 -7.54 -39.64 -48.66
C GLN A 882 -8.85 -39.23 -49.32
N ILE A 883 -8.79 -38.15 -50.09
CA ILE A 883 -9.94 -37.65 -50.85
C ILE A 883 -9.44 -36.61 -51.86
N PRO A 884 -9.92 -36.66 -53.11
CA PRO A 884 -9.60 -35.58 -54.04
C PRO A 884 -10.31 -34.29 -53.64
N PHE A 885 -9.61 -33.17 -53.82
CA PHE A 885 -10.20 -31.89 -53.43
C PHE A 885 -11.39 -31.52 -54.31
N ALA A 886 -11.40 -31.95 -55.57
CA ALA A 886 -12.55 -31.71 -56.42
C ALA A 886 -13.80 -32.38 -55.87
N MET A 887 -13.63 -33.45 -55.09
CA MET A 887 -14.74 -34.13 -54.45
C MET A 887 -14.92 -33.73 -52.98
N GLN A 888 -14.02 -32.91 -52.44
CA GLN A 888 -14.23 -32.40 -51.09
C GLN A 888 -15.42 -31.46 -51.04
N MET A 889 -15.50 -30.51 -51.98
CA MET A 889 -16.60 -29.57 -52.01
C MET A 889 -17.93 -30.25 -52.27
N ALA A 890 -17.94 -31.44 -52.87
CA ALA A 890 -19.17 -32.18 -53.02
C ALA A 890 -19.74 -32.57 -51.67
N TYR A 891 -18.87 -32.95 -50.73
CA TYR A 891 -19.29 -33.14 -49.36
C TYR A 891 -19.77 -31.84 -48.74
N ARG A 892 -19.08 -30.73 -49.06
CA ARG A 892 -19.36 -29.47 -48.39
C ARG A 892 -20.64 -28.82 -48.89
N PHE A 893 -20.91 -28.90 -50.20
CA PHE A 893 -22.18 -28.37 -50.71
C PHE A 893 -23.36 -29.15 -50.18
N ASN A 894 -23.22 -30.47 -49.99
CA ASN A 894 -24.29 -31.24 -49.37
C ASN A 894 -24.56 -30.80 -47.94
N GLY A 895 -23.55 -30.26 -47.25
CA GLY A 895 -23.80 -29.73 -45.91
C GLY A 895 -24.72 -28.52 -45.93
N ILE A 896 -24.54 -27.64 -46.90
CA ILE A 896 -25.42 -26.49 -47.04
C ILE A 896 -26.83 -26.94 -47.43
N GLY A 897 -26.92 -27.94 -48.29
CA GLY A 897 -28.18 -28.38 -48.87
C GLY A 897 -28.18 -28.38 -50.39
N VAL A 898 -27.25 -27.66 -51.02
CA VAL A 898 -27.12 -27.69 -52.47
C VAL A 898 -26.57 -29.04 -52.90
N THR A 899 -27.20 -29.64 -53.92
CA THR A 899 -26.76 -30.94 -54.39
C THR A 899 -25.35 -30.86 -54.97
N GLN A 900 -24.67 -32.00 -54.98
CA GLN A 900 -23.28 -32.06 -55.39
C GLN A 900 -23.10 -31.90 -56.90
N ASN A 901 -24.17 -32.02 -57.69
CA ASN A 901 -24.04 -31.86 -59.13
C ASN A 901 -23.79 -30.43 -59.55
N VAL A 902 -23.93 -29.46 -58.65
CA VAL A 902 -23.70 -28.07 -59.00
C VAL A 902 -22.21 -27.82 -59.28
N LEU A 903 -21.33 -28.47 -58.52
CA LEU A 903 -19.90 -28.32 -58.74
C LEU A 903 -19.50 -28.74 -60.15
N TYR A 904 -19.70 -30.01 -60.48
CA TYR A 904 -19.13 -30.57 -61.69
C TYR A 904 -19.64 -29.87 -62.94
N GLU A 905 -20.78 -29.20 -62.87
CA GLU A 905 -21.24 -28.35 -63.96
C GLU A 905 -20.78 -26.90 -63.82
N ASN A 906 -20.23 -26.52 -62.67
CA ASN A 906 -19.73 -25.16 -62.44
C ASN A 906 -18.36 -25.18 -61.76
N GLN A 907 -17.57 -26.22 -62.00
CA GLN A 907 -16.31 -26.39 -61.27
C GLN A 907 -15.28 -25.34 -61.67
N LYS A 908 -15.11 -25.12 -62.97
CA LYS A 908 -14.13 -24.13 -63.43
C LYS A 908 -14.54 -22.73 -63.01
N LEU A 909 -15.84 -22.43 -63.05
CA LEU A 909 -16.31 -21.13 -62.61
C LEU A 909 -16.08 -20.93 -61.12
N ILE A 910 -16.30 -21.99 -60.33
CA ILE A 910 -16.08 -21.91 -58.88
C ILE A 910 -14.60 -21.72 -58.58
N ALA A 911 -13.74 -22.45 -59.29
CA ALA A 911 -12.31 -22.36 -59.03
C ALA A 911 -11.77 -20.96 -59.30
N ASN A 912 -12.26 -20.32 -60.37
CA ASN A 912 -11.84 -18.96 -60.66
C ASN A 912 -12.29 -17.99 -59.58
N GLN A 913 -13.52 -18.19 -59.07
CA GLN A 913 -13.99 -17.36 -57.97
C GLN A 913 -13.17 -17.60 -56.70
N PHE A 914 -12.82 -18.87 -56.44
CA PHE A 914 -12.04 -19.19 -55.24
C PHE A 914 -10.65 -18.54 -55.31
N ASN A 915 -9.97 -18.67 -56.44
CA ASN A 915 -8.63 -18.10 -56.56
C ASN A 915 -8.66 -16.57 -56.49
N SER A 916 -9.62 -15.95 -57.16
CA SER A 916 -9.69 -14.49 -57.17
C SER A 916 -9.99 -13.92 -55.80
N ALA A 917 -10.84 -14.62 -55.03
CA ALA A 917 -11.21 -14.12 -53.71
C ALA A 917 -10.01 -14.07 -52.77
N ILE A 918 -9.17 -15.10 -52.81
CA ILE A 918 -7.98 -15.13 -51.96
C ILE A 918 -6.98 -14.07 -52.41
N GLY A 919 -6.86 -13.85 -53.73
CA GLY A 919 -5.91 -12.87 -54.22
C GLY A 919 -6.18 -11.47 -53.74
N LYS A 920 -7.44 -11.16 -53.43
CA LYS A 920 -7.79 -9.84 -52.90
C LYS A 920 -7.70 -9.77 -51.38
N ILE A 921 -7.43 -10.89 -50.71
CA ILE A 921 -7.32 -10.87 -49.25
C ILE A 921 -6.09 -10.11 -48.82
N GLN A 922 -4.95 -10.39 -49.45
CA GLN A 922 -3.72 -9.69 -49.10
C GLN A 922 -3.83 -8.19 -49.39
N ASP A 923 -4.46 -7.84 -50.52
CA ASP A 923 -4.69 -6.44 -50.82
C ASP A 923 -5.61 -5.79 -49.78
N SER A 924 -6.62 -6.53 -49.33
CA SER A 924 -7.49 -6.02 -48.28
C SER A 924 -6.74 -5.82 -46.96
N LEU A 925 -5.57 -6.44 -46.81
CA LEU A 925 -4.70 -6.22 -45.67
C LEU A 925 -3.60 -5.21 -45.96
N SER A 926 -2.89 -5.38 -47.07
CA SER A 926 -1.76 -4.51 -47.38
C SER A 926 -2.22 -3.09 -47.71
N SER A 927 -3.22 -2.96 -48.59
CA SER A 927 -3.64 -1.63 -49.03
C SER A 927 -4.38 -0.89 -47.92
N THR A 928 -5.30 -1.56 -47.23
CA THR A 928 -6.07 -0.95 -46.16
C THR A 928 -5.30 -1.12 -44.85
N ALA A 929 -4.78 -0.01 -44.31
CA ALA A 929 -4.00 -0.06 -43.10
C ALA A 929 -4.90 -0.29 -41.88
N SER A 930 -4.25 -0.64 -40.76
CA SER A 930 -4.93 -0.86 -39.49
C SER A 930 -5.99 -1.97 -39.59
N ALA A 931 -5.69 -2.99 -40.40
CA ALA A 931 -6.56 -4.16 -40.46
C ALA A 931 -6.30 -5.15 -39.36
N LEU A 932 -5.18 -5.02 -38.65
CA LEU A 932 -4.81 -5.89 -37.54
C LEU A 932 -4.87 -5.14 -36.21
N GLY A 933 -5.92 -4.32 -36.03
CA GLY A 933 -6.04 -3.56 -34.82
C GLY A 933 -6.16 -4.41 -33.57
N LYS A 934 -6.77 -5.58 -33.68
CA LYS A 934 -6.93 -6.45 -32.53
C LYS A 934 -5.57 -6.91 -31.98
N LEU A 935 -4.66 -7.31 -32.87
CA LEU A 935 -3.35 -7.76 -32.43
C LEU A 935 -2.47 -6.59 -31.99
N GLN A 936 -2.53 -5.47 -32.73
CA GLN A 936 -1.67 -4.34 -32.41
C GLN A 936 -2.08 -3.68 -31.11
N ASP A 937 -3.37 -3.65 -30.81
CA ASP A 937 -3.83 -3.04 -29.56
C ASP A 937 -3.29 -3.79 -28.35
N VAL A 938 -3.29 -5.13 -28.41
CA VAL A 938 -2.82 -5.92 -27.27
C VAL A 938 -1.36 -5.61 -26.97
N VAL A 939 -0.56 -5.38 -28.00
CA VAL A 939 0.85 -5.02 -27.80
C VAL A 939 0.96 -3.69 -27.08
N ASN A 940 0.13 -2.71 -27.47
CA ASN A 940 0.24 -1.38 -26.88
C ASN A 940 -0.07 -1.38 -25.39
N GLN A 941 -1.14 -2.06 -24.98
CA GLN A 941 -1.52 -2.06 -23.57
C GLN A 941 -0.45 -2.72 -22.70
N ASN A 942 0.17 -3.78 -23.20
CA ASN A 942 1.27 -4.39 -22.47
C ASN A 942 2.44 -3.42 -22.34
N ALA A 943 2.73 -2.67 -23.40
CA ALA A 943 3.82 -1.71 -23.36
C ALA A 943 3.42 -0.39 -22.74
N GLN A 944 2.12 -0.15 -22.53
CA GLN A 944 1.67 1.08 -21.89
C GLN A 944 1.56 0.92 -20.38
N ALA A 945 1.04 -0.22 -19.90
CA ALA A 945 0.98 -0.48 -18.47
C ALA A 945 2.34 -0.82 -17.88
N LEU A 946 3.33 -1.10 -18.71
CA LEU A 946 4.68 -1.37 -18.23
C LEU A 946 5.54 -0.10 -18.24
N ASN A 947 5.36 0.76 -19.24
CA ASN A 947 6.03 2.05 -19.22
C ASN A 947 5.51 2.91 -18.07
N THR A 948 4.21 2.83 -17.78
CA THR A 948 3.66 3.55 -16.64
C THR A 948 4.26 3.05 -15.33
N LEU A 949 4.48 1.73 -15.23
CA LEU A 949 5.11 1.18 -14.04
C LEU A 949 6.53 1.72 -13.85
N VAL A 950 7.29 1.83 -14.94
CA VAL A 950 8.66 2.31 -14.85
C VAL A 950 8.70 3.74 -14.37
N LYS A 951 7.83 4.60 -14.92
CA LYS A 951 7.81 6.00 -14.53
C LYS A 951 7.38 6.22 -13.09
N GLN A 952 6.79 5.22 -12.44
CA GLN A 952 6.40 5.35 -11.05
C GLN A 952 7.60 5.34 -10.10
N LEU A 953 8.80 5.03 -10.60
CA LEU A 953 9.99 4.98 -9.77
C LEU A 953 10.55 6.37 -9.46
N SER A 954 10.09 7.40 -10.14
CA SER A 954 10.59 8.77 -9.95
C SER A 954 9.53 9.67 -9.33
N SER A 955 8.76 9.14 -8.39
CA SER A 955 7.73 9.89 -7.68
C SER A 955 8.03 9.89 -6.19
N ASN A 956 7.86 11.05 -5.56
CA ASN A 956 8.25 11.21 -4.17
C ASN A 956 7.38 10.37 -3.23
N PHE A 957 6.08 10.27 -3.54
CA PHE A 957 5.11 9.60 -2.67
C PHE A 957 5.08 10.25 -1.28
N GLY A 958 5.28 11.55 -1.23
CA GLY A 958 5.28 12.29 0.02
C GLY A 958 6.60 12.29 0.76
N ALA A 959 7.63 11.63 0.23
CA ALA A 959 8.94 11.62 0.87
C ALA A 959 9.72 12.87 0.50
N ILE A 960 11.00 12.91 0.86
CA ILE A 960 11.83 14.07 0.57
C ILE A 960 12.55 13.97 -0.77
N SER A 961 12.68 12.77 -1.33
CA SER A 961 13.36 12.59 -2.61
C SER A 961 12.83 11.34 -3.29
N SER A 962 12.92 11.34 -4.61
CA SER A 962 12.52 10.20 -5.42
C SER A 962 13.66 9.23 -5.67
N VAL A 963 14.86 9.53 -5.17
CA VAL A 963 16.02 8.66 -5.32
C VAL A 963 16.35 8.08 -3.95
N LEU A 964 16.32 6.76 -3.85
CA LEU A 964 16.54 6.10 -2.56
C LEU A 964 17.99 6.25 -2.11
N ASN A 965 18.93 6.36 -3.05
CA ASN A 965 20.34 6.41 -2.69
C ASN A 965 20.70 7.70 -1.97
N ASP A 966 20.03 8.80 -2.29
CA ASP A 966 20.33 10.10 -1.69
C ASP A 966 19.63 10.33 -0.36
N ILE A 967 18.72 9.44 0.04
CA ILE A 967 18.09 9.54 1.34
C ILE A 967 18.83 8.71 2.39
N LEU A 968 19.45 7.61 1.97
CA LEU A 968 20.15 6.74 2.92
C LEU A 968 21.33 7.47 3.56
N SER A 969 22.08 8.23 2.77
CA SER A 969 23.31 8.86 3.25
C SER A 969 23.10 10.27 3.79
N ARG A 970 22.18 11.04 3.20
CA ARG A 970 22.01 12.43 3.61
C ARG A 970 21.26 12.56 4.93
N LEU A 971 20.59 11.50 5.39
CA LEU A 971 19.80 11.56 6.62
C LEU A 971 20.21 10.42 7.54
N ASP A 972 20.03 10.66 8.84
CA ASP A 972 20.36 9.65 9.83
C ASP A 972 19.39 8.47 9.78
N PRO A 973 19.84 7.27 10.13
CA PRO A 973 18.96 6.08 10.09
C PRO A 973 17.74 6.21 10.98
N PRO A 974 17.82 6.84 12.17
CA PRO A 974 16.59 6.97 12.98
C PRO A 974 15.46 7.70 12.27
N GLU A 975 15.76 8.71 11.45
CA GLU A 975 14.72 9.42 10.72
C GLU A 975 14.63 9.02 9.25
N ALA A 976 15.56 8.19 8.76
CA ALA A 976 15.44 7.67 7.40
C ALA A 976 14.40 6.57 7.31
N GLU A 977 14.25 5.76 8.36
CA GLU A 977 13.30 4.65 8.33
C GLU A 977 11.86 5.12 8.24
N VAL A 978 11.55 6.33 8.71
CA VAL A 978 10.19 6.84 8.60
C VAL A 978 9.94 7.47 7.23
N GLN A 979 11.00 7.89 6.53
CA GLN A 979 10.86 8.44 5.19
C GLN A 979 11.01 7.39 4.11
N ILE A 980 11.82 6.35 4.36
CA ILE A 980 11.94 5.26 3.41
C ILE A 980 10.63 4.49 3.31
N ASP A 981 9.97 4.27 4.44
CA ASP A 981 8.72 3.51 4.43
C ASP A 981 7.65 4.20 3.61
N ARG A 982 7.76 5.52 3.42
CA ARG A 982 6.86 6.21 2.51
C ARG A 982 7.07 5.75 1.07
N LEU A 983 8.33 5.56 0.68
CA LEU A 983 8.62 5.03 -0.65
C LEU A 983 8.25 3.56 -0.77
N ILE A 984 8.49 2.78 0.29
CA ILE A 984 8.20 1.35 0.24
C ILE A 984 6.71 1.11 0.07
N THR A 985 5.89 1.79 0.87
CA THR A 985 4.45 1.64 0.73
C THR A 985 3.95 2.22 -0.59
N GLY A 986 4.54 3.33 -1.03
CA GLY A 986 4.13 3.91 -2.31
C GLY A 986 4.49 3.02 -3.48
N ARG A 987 5.70 2.46 -3.48
CA ARG A 987 6.11 1.61 -4.59
C ARG A 987 5.40 0.26 -4.55
N LEU A 988 5.27 -0.33 -3.37
CA LEU A 988 4.58 -1.62 -3.27
C LEU A 988 3.12 -1.50 -3.68
N GLN A 989 2.44 -0.44 -3.23
CA GLN A 989 1.05 -0.25 -3.63
C GLN A 989 0.94 0.09 -5.10
N SER A 990 1.98 0.68 -5.69
CA SER A 990 2.00 0.91 -7.13
C SER A 990 2.46 -0.31 -7.92
N LEU A 991 2.92 -1.36 -7.24
CA LEU A 991 3.24 -2.62 -7.88
C LEU A 991 2.09 -3.61 -7.83
N GLN A 992 1.31 -3.59 -6.75
CA GLN A 992 0.12 -4.42 -6.67
C GLN A 992 -0.93 -4.02 -7.70
N THR A 993 -0.92 -2.76 -8.14
CA THR A 993 -1.89 -2.31 -9.13
C THR A 993 -1.71 -3.05 -10.45
N TYR A 994 -0.56 -2.87 -11.10
CA TYR A 994 -0.38 -3.41 -12.43
C TYR A 994 -0.45 -4.93 -12.47
N VAL A 995 -0.18 -5.59 -11.34
CA VAL A 995 -0.40 -7.03 -11.29
C VAL A 995 -1.88 -7.36 -11.43
N THR A 996 -2.75 -6.53 -10.86
CA THR A 996 -4.19 -6.78 -10.91
C THR A 996 -4.73 -6.62 -12.33
N GLN A 997 -4.38 -5.52 -13.00
CA GLN A 997 -4.80 -5.35 -14.40
C GLN A 997 -4.19 -6.42 -15.29
N GLN A 998 -2.93 -6.80 -15.06
CA GLN A 998 -2.36 -7.91 -15.81
C GLN A 998 -3.13 -9.20 -15.53
N LEU A 999 -3.53 -9.41 -14.28
CA LEU A 999 -4.38 -10.56 -13.97
C LEU A 999 -5.74 -10.45 -14.64
N ILE A 1000 -6.33 -9.25 -14.64
CA ILE A 1000 -7.63 -9.05 -15.26
C ILE A 1000 -7.52 -9.14 -16.78
N ARG A 1001 -6.49 -8.51 -17.36
CA ARG A 1001 -6.33 -8.53 -18.81
C ARG A 1001 -5.97 -9.93 -19.31
N ALA A 1002 -5.35 -10.75 -18.46
CA ALA A 1002 -5.06 -12.13 -18.84
C ALA A 1002 -6.34 -12.91 -19.10
N ALA A 1003 -7.36 -12.70 -18.26
CA ALA A 1003 -8.63 -13.38 -18.46
C ALA A 1003 -9.31 -12.92 -19.76
N GLU A 1004 -9.05 -11.68 -20.18
CA GLU A 1004 -9.57 -11.22 -21.46
C GLU A 1004 -8.88 -11.88 -22.64
N ILE A 1005 -7.67 -12.43 -22.44
CA ILE A 1005 -6.98 -13.12 -23.51
C ILE A 1005 -7.36 -14.59 -23.55
N ARG A 1006 -7.44 -15.24 -22.38
CA ARG A 1006 -7.85 -16.64 -22.34
C ARG A 1006 -9.27 -16.81 -22.86
N ALA A 1007 -10.14 -15.85 -22.58
CA ALA A 1007 -11.49 -15.88 -23.16
C ALA A 1007 -11.43 -15.80 -24.67
N SER A 1008 -10.54 -14.96 -25.21
CA SER A 1008 -10.37 -14.87 -26.66
C SER A 1008 -9.46 -15.96 -27.20
N ALA A 1009 -8.71 -16.65 -26.35
CA ALA A 1009 -7.90 -17.79 -26.76
C ALA A 1009 -8.67 -19.10 -26.73
N ASN A 1010 -9.89 -19.09 -26.21
CA ASN A 1010 -10.76 -20.26 -26.28
C ASN A 1010 -11.71 -20.20 -27.46
N LEU A 1011 -12.00 -19.00 -27.97
CA LEU A 1011 -12.71 -18.89 -29.24
C LEU A 1011 -11.85 -19.41 -30.39
N ALA A 1012 -10.57 -19.05 -30.41
CA ALA A 1012 -9.67 -19.54 -31.45
C ALA A 1012 -9.52 -21.06 -31.36
N ALA A 1013 -9.38 -21.58 -30.14
CA ALA A 1013 -9.29 -23.03 -29.97
C ALA A 1013 -10.57 -23.75 -30.35
N THR A 1014 -11.71 -23.04 -30.30
CA THR A 1014 -12.99 -23.60 -30.73
C THR A 1014 -13.23 -23.42 -32.21
N LYS A 1015 -12.94 -22.22 -32.74
CA LYS A 1015 -13.07 -21.99 -34.18
C LYS A 1015 -12.10 -22.86 -34.97
N MET A 1016 -10.92 -23.16 -34.41
CA MET A 1016 -9.98 -24.03 -35.09
C MET A 1016 -10.52 -25.46 -35.18
N SER A 1017 -11.17 -25.93 -34.10
CA SER A 1017 -11.70 -27.28 -34.11
C SER A 1017 -12.96 -27.39 -34.95
N GLU A 1018 -13.94 -26.54 -34.67
CA GLU A 1018 -15.27 -26.72 -35.28
C GLU A 1018 -15.32 -26.26 -36.72
N CYS A 1019 -14.49 -25.29 -37.11
CA CYS A 1019 -14.56 -24.72 -38.45
C CYS A 1019 -13.41 -25.09 -39.36
N VAL A 1020 -12.20 -25.27 -38.84
CA VAL A 1020 -11.09 -25.71 -39.67
C VAL A 1020 -11.09 -27.22 -39.82
N LEU A 1021 -11.20 -27.95 -38.70
CA LEU A 1021 -11.22 -29.40 -38.70
C LEU A 1021 -12.60 -29.98 -39.00
N GLY A 1022 -13.51 -29.18 -39.53
CA GLY A 1022 -14.82 -29.69 -39.85
C GLY A 1022 -15.67 -28.61 -40.51
N GLN A 1023 -16.95 -28.89 -40.63
CA GLN A 1023 -17.92 -27.94 -41.16
C GLN A 1023 -18.97 -27.66 -40.10
N SER A 1024 -19.22 -26.38 -39.84
CA SER A 1024 -20.10 -25.95 -38.77
C SER A 1024 -21.40 -25.39 -39.36
N LYS A 1025 -22.52 -25.79 -38.78
CA LYS A 1025 -23.82 -25.27 -39.15
C LYS A 1025 -24.25 -24.10 -38.30
N ARG A 1026 -23.39 -23.62 -37.39
CA ARG A 1026 -23.72 -22.48 -36.56
C ARG A 1026 -23.69 -21.21 -37.41
N VAL A 1027 -24.80 -20.47 -37.42
CA VAL A 1027 -24.94 -19.33 -38.30
C VAL A 1027 -24.09 -18.18 -37.78
N ASP A 1028 -23.33 -17.54 -38.69
CA ASP A 1028 -22.49 -16.38 -38.42
C ASP A 1028 -21.37 -16.69 -37.43
N PHE A 1029 -21.10 -17.97 -37.14
CA PHE A 1029 -20.00 -18.31 -36.25
C PHE A 1029 -18.66 -18.19 -36.95
N CYS A 1030 -18.59 -18.57 -38.23
CA CYS A 1030 -17.36 -18.56 -39.01
C CYS A 1030 -17.58 -17.95 -40.38
N GLY A 1031 -18.19 -16.77 -40.40
CA GLY A 1031 -18.33 -15.98 -41.61
C GLY A 1031 -19.76 -15.53 -41.84
N LYS A 1032 -19.92 -14.70 -42.86
CA LYS A 1032 -21.21 -14.16 -43.27
C LYS A 1032 -21.66 -14.92 -44.51
N GLY A 1033 -22.38 -16.02 -44.30
CA GLY A 1033 -22.81 -16.85 -45.38
C GLY A 1033 -22.94 -18.29 -44.90
N TYR A 1034 -23.13 -19.19 -45.86
CA TYR A 1034 -23.15 -20.62 -45.57
C TYR A 1034 -21.73 -21.15 -45.58
N HIS A 1035 -21.30 -21.72 -44.46
CA HIS A 1035 -19.90 -22.11 -44.30
C HIS A 1035 -19.54 -23.25 -45.22
N LEU A 1036 -18.35 -23.17 -45.82
CA LEU A 1036 -17.78 -24.24 -46.63
C LEU A 1036 -16.53 -24.82 -45.99
N MET A 1037 -15.55 -23.98 -45.68
CA MET A 1037 -14.31 -24.36 -45.03
C MET A 1037 -13.55 -23.10 -44.67
N SER A 1038 -12.55 -23.26 -43.80
CA SER A 1038 -11.68 -22.18 -43.39
C SER A 1038 -10.25 -22.68 -43.28
N PHE A 1039 -9.30 -21.76 -43.40
CA PHE A 1039 -7.89 -22.08 -43.36
C PHE A 1039 -7.22 -21.27 -42.26
N PRO A 1040 -6.47 -21.90 -41.36
CA PRO A 1040 -5.79 -21.16 -40.30
C PRO A 1040 -4.41 -20.69 -40.73
N GLN A 1041 -4.10 -19.45 -40.36
CA GLN A 1041 -2.82 -18.85 -40.70
C GLN A 1041 -2.30 -18.07 -39.51
N SER A 1042 -1.01 -18.23 -39.23
CA SER A 1042 -0.43 -17.66 -38.02
C SER A 1042 -0.30 -16.14 -38.12
N ALA A 1043 -0.08 -15.53 -36.97
CA ALA A 1043 0.11 -14.08 -36.86
C ALA A 1043 0.85 -13.82 -35.55
N PRO A 1044 1.54 -12.68 -35.43
CA PRO A 1044 2.28 -12.40 -34.19
C PRO A 1044 1.34 -12.25 -33.00
N HIS A 1045 1.43 -13.21 -32.07
CA HIS A 1045 0.55 -13.25 -30.89
C HIS A 1045 -0.92 -13.27 -31.29
N GLY A 1046 -1.26 -14.17 -32.20
CA GLY A 1046 -2.63 -14.29 -32.64
C GLY A 1046 -2.74 -15.29 -33.78
N VAL A 1047 -3.95 -15.37 -34.33
CA VAL A 1047 -4.25 -16.27 -35.44
C VAL A 1047 -5.24 -15.60 -36.37
N VAL A 1048 -5.19 -15.95 -37.65
CA VAL A 1048 -6.05 -15.36 -38.67
C VAL A 1048 -6.75 -16.49 -39.41
N PHE A 1049 -8.08 -16.39 -39.52
CA PHE A 1049 -8.89 -17.38 -40.19
C PHE A 1049 -9.41 -16.82 -41.51
N LEU A 1050 -9.32 -17.60 -42.57
CA LEU A 1050 -9.84 -17.24 -43.89
C LEU A 1050 -11.07 -18.10 -44.15
N HIS A 1051 -12.23 -17.58 -43.74
CA HIS A 1051 -13.48 -18.32 -43.86
C HIS A 1051 -13.98 -18.27 -45.30
N VAL A 1052 -14.09 -19.44 -45.93
CA VAL A 1052 -14.66 -19.56 -47.27
C VAL A 1052 -16.13 -19.92 -47.10
N THR A 1053 -17.01 -19.07 -47.62
CA THR A 1053 -18.44 -19.22 -47.45
C THR A 1053 -19.11 -19.37 -48.82
N TYR A 1054 -20.44 -19.42 -48.80
CA TYR A 1054 -21.26 -19.58 -50.00
C TYR A 1054 -22.40 -18.57 -49.91
N VAL A 1055 -22.30 -17.50 -50.70
CA VAL A 1055 -23.27 -16.41 -50.68
C VAL A 1055 -24.16 -16.54 -51.90
N PRO A 1056 -25.46 -16.79 -51.76
CA PRO A 1056 -26.35 -16.80 -52.91
C PRO A 1056 -26.53 -15.40 -53.49
N ALA A 1057 -26.84 -15.36 -54.78
CA ALA A 1057 -26.99 -14.09 -55.48
C ALA A 1057 -27.88 -14.30 -56.70
N GLN A 1058 -28.37 -13.18 -57.24
CA GLN A 1058 -29.20 -13.17 -58.45
C GLN A 1058 -30.49 -13.98 -58.24
N GLU A 1059 -31.30 -13.51 -57.31
CA GLU A 1059 -32.57 -14.16 -57.03
C GLU A 1059 -33.57 -13.87 -58.14
N LYS A 1060 -34.64 -14.67 -58.18
CA LYS A 1060 -35.67 -14.53 -59.20
C LYS A 1060 -37.04 -14.71 -58.57
N ASN A 1061 -37.98 -13.85 -58.95
CA ASN A 1061 -39.34 -13.93 -58.45
C ASN A 1061 -40.01 -15.20 -58.95
N PHE A 1062 -40.85 -15.80 -58.12
CA PHE A 1062 -41.56 -17.02 -58.48
C PHE A 1062 -42.86 -17.11 -57.69
N THR A 1063 -43.78 -17.92 -58.21
CA THR A 1063 -45.05 -18.19 -57.58
C THR A 1063 -45.08 -19.65 -57.13
N THR A 1064 -45.43 -19.88 -55.87
CA THR A 1064 -45.31 -21.19 -55.25
C THR A 1064 -46.67 -21.66 -54.73
N ALA A 1065 -46.67 -22.86 -54.15
CA ALA A 1065 -47.87 -23.47 -53.59
C ALA A 1065 -47.44 -24.52 -52.58
N PRO A 1066 -48.17 -24.67 -51.47
CA PRO A 1066 -47.75 -25.68 -50.47
C PRO A 1066 -47.76 -27.10 -50.98
N ALA A 1067 -48.89 -27.56 -51.52
CA ALA A 1067 -49.00 -28.92 -52.02
C ALA A 1067 -49.75 -28.89 -53.35
N ILE A 1068 -49.93 -30.08 -53.94
CA ILE A 1068 -50.62 -30.22 -55.22
C ILE A 1068 -51.61 -31.38 -55.10
N CYS A 1069 -52.88 -31.10 -55.43
CA CYS A 1069 -53.93 -32.11 -55.43
C CYS A 1069 -53.96 -32.81 -56.78
N HIS A 1070 -53.60 -34.08 -56.81
CA HIS A 1070 -53.72 -34.92 -58.00
C HIS A 1070 -54.51 -36.16 -57.64
N ASP A 1071 -55.57 -36.42 -58.41
CA ASP A 1071 -56.49 -37.53 -58.15
C ASP A 1071 -57.10 -37.45 -56.75
N GLY A 1072 -57.29 -36.23 -56.26
CA GLY A 1072 -57.89 -36.01 -54.95
C GLY A 1072 -56.96 -36.15 -53.77
N LYS A 1073 -55.68 -36.44 -54.01
CA LYS A 1073 -54.72 -36.66 -52.93
C LYS A 1073 -53.64 -35.59 -52.97
N ALA A 1074 -53.25 -35.10 -51.80
CA ALA A 1074 -52.19 -34.11 -51.70
C ALA A 1074 -50.84 -34.73 -52.05
N HIS A 1075 -49.91 -33.88 -52.49
CA HIS A 1075 -48.57 -34.33 -52.89
C HIS A 1075 -47.57 -33.29 -52.42
N PHE A 1076 -47.00 -33.50 -51.24
CA PHE A 1076 -45.98 -32.60 -50.71
C PHE A 1076 -44.61 -32.98 -51.26
N PRO A 1077 -43.70 -32.01 -51.42
CA PRO A 1077 -42.40 -32.33 -52.01
C PRO A 1077 -41.47 -33.00 -51.02
N ARG A 1078 -40.75 -34.02 -51.50
CA ARG A 1078 -39.78 -34.70 -50.66
C ARG A 1078 -38.69 -33.74 -50.21
N GLU A 1079 -38.17 -32.94 -51.13
CA GLU A 1079 -37.21 -31.89 -50.79
C GLU A 1079 -37.20 -30.89 -51.95
N GLY A 1080 -37.63 -29.67 -51.67
CA GLY A 1080 -37.66 -28.63 -52.68
C GLY A 1080 -38.92 -27.81 -52.55
N VAL A 1081 -39.21 -27.03 -53.60
CA VAL A 1081 -40.32 -26.10 -53.62
C VAL A 1081 -41.13 -26.34 -54.88
N PHE A 1082 -42.45 -26.16 -54.79
CA PHE A 1082 -43.33 -26.22 -55.95
C PHE A 1082 -43.40 -24.82 -56.56
N VAL A 1083 -42.38 -24.50 -57.35
CA VAL A 1083 -42.29 -23.19 -57.99
C VAL A 1083 -43.05 -23.23 -59.31
N SER A 1084 -43.55 -22.06 -59.72
CA SER A 1084 -44.25 -21.93 -60.99
C SER A 1084 -43.79 -20.64 -61.67
N ASN A 1085 -43.35 -20.75 -62.92
CA ASN A 1085 -42.97 -19.58 -63.70
C ASN A 1085 -44.17 -18.75 -64.13
N GLY A 1086 -45.39 -19.25 -63.93
CA GLY A 1086 -46.58 -18.53 -64.32
C GLY A 1086 -47.63 -19.43 -64.95
N THR A 1087 -47.17 -20.47 -65.63
CA THR A 1087 -48.07 -21.43 -66.27
C THR A 1087 -47.77 -22.87 -65.89
N HIS A 1088 -46.49 -23.21 -65.71
CA HIS A 1088 -46.07 -24.58 -65.44
C HIS A 1088 -45.40 -24.67 -64.08
N TRP A 1089 -45.50 -25.85 -63.46
CA TRP A 1089 -45.04 -26.08 -62.10
C TRP A 1089 -43.83 -27.02 -62.11
N PHE A 1090 -42.82 -26.68 -61.32
CA PHE A 1090 -41.59 -27.44 -61.24
C PHE A 1090 -41.20 -27.65 -59.78
N VAL A 1091 -40.22 -28.52 -59.57
CA VAL A 1091 -39.65 -28.78 -58.25
C VAL A 1091 -38.16 -28.46 -58.32
N THR A 1092 -37.71 -27.56 -57.43
CA THR A 1092 -36.32 -27.16 -57.39
C THR A 1092 -35.85 -27.06 -55.94
N GLN A 1093 -34.55 -27.23 -55.75
CA GLN A 1093 -33.97 -27.14 -54.42
C GLN A 1093 -34.08 -25.71 -53.89
N ARG A 1094 -34.03 -25.59 -52.57
CA ARG A 1094 -34.35 -24.35 -51.89
C ARG A 1094 -33.22 -23.33 -51.90
N ASN A 1095 -32.02 -23.71 -52.34
CA ASN A 1095 -30.87 -22.81 -52.32
C ASN A 1095 -30.30 -22.53 -53.70
N PHE A 1096 -30.91 -23.06 -54.76
CA PHE A 1096 -30.40 -22.87 -56.11
C PHE A 1096 -31.51 -23.25 -57.09
N TYR A 1097 -31.71 -22.41 -58.10
CA TYR A 1097 -32.78 -22.65 -59.07
C TYR A 1097 -32.39 -23.81 -59.98
N GLU A 1098 -33.11 -24.91 -59.88
CA GLU A 1098 -32.88 -26.08 -60.74
C GLU A 1098 -34.21 -26.79 -60.94
N PRO A 1099 -34.98 -26.37 -61.94
CA PRO A 1099 -36.34 -26.87 -62.06
C PRO A 1099 -36.39 -28.28 -62.65
N GLN A 1100 -37.32 -29.08 -62.12
CA GLN A 1100 -37.54 -30.43 -62.59
C GLN A 1100 -39.03 -30.70 -62.65
N ILE A 1101 -39.44 -31.56 -63.59
CA ILE A 1101 -40.84 -31.90 -63.72
C ILE A 1101 -41.28 -32.70 -62.50
N ILE A 1102 -42.53 -32.50 -62.11
CA ILE A 1102 -43.08 -33.13 -60.90
C ILE A 1102 -43.44 -34.57 -61.22
N THR A 1103 -42.84 -35.51 -60.48
CA THR A 1103 -43.09 -36.93 -60.68
C THR A 1103 -43.46 -37.55 -59.34
N THR A 1104 -43.69 -38.87 -59.34
CA THR A 1104 -43.99 -39.58 -58.11
C THR A 1104 -42.74 -39.85 -57.28
N ASP A 1105 -41.56 -39.75 -57.88
CA ASP A 1105 -40.30 -39.92 -57.14
C ASP A 1105 -39.81 -38.63 -56.52
N ASN A 1106 -40.41 -37.50 -56.85
CA ASN A 1106 -40.06 -36.22 -56.25
C ASN A 1106 -40.98 -35.81 -55.11
N THR A 1107 -42.19 -36.36 -55.06
CA THR A 1107 -43.18 -36.00 -54.06
C THR A 1107 -43.68 -37.25 -53.35
N PHE A 1108 -44.20 -37.06 -52.14
CA PHE A 1108 -44.80 -38.13 -51.36
C PHE A 1108 -46.25 -37.77 -51.04
N VAL A 1109 -47.13 -38.75 -51.17
CA VAL A 1109 -48.56 -38.54 -51.01
C VAL A 1109 -48.94 -38.80 -49.56
N SER A 1110 -49.82 -37.95 -49.02
CA SER A 1110 -50.33 -38.13 -47.66
C SER A 1110 -51.65 -37.37 -47.54
N GLY A 1111 -52.72 -38.08 -47.25
CA GLY A 1111 -54.01 -37.45 -47.09
C GLY A 1111 -54.67 -37.07 -48.40
N ASN A 1112 -55.69 -36.23 -48.30
CA ASN A 1112 -56.44 -35.75 -49.46
C ASN A 1112 -56.44 -34.23 -49.48
N CYS A 1113 -56.68 -33.68 -50.66
CA CYS A 1113 -56.64 -32.22 -50.87
C CYS A 1113 -57.91 -31.56 -50.36
N ASP A 1114 -58.16 -31.75 -49.06
CA ASP A 1114 -59.32 -31.14 -48.40
C ASP A 1114 -58.96 -30.36 -47.15
N VAL A 1115 -57.76 -30.53 -46.59
CA VAL A 1115 -57.36 -29.83 -45.39
C VAL A 1115 -56.32 -28.75 -45.66
N VAL A 1116 -55.42 -28.95 -46.62
CA VAL A 1116 -54.38 -27.98 -46.90
C VAL A 1116 -55.00 -26.71 -47.47
N ILE A 1117 -54.62 -25.56 -46.90
CA ILE A 1117 -55.13 -24.26 -47.33
C ILE A 1117 -54.15 -23.70 -48.35
N GLY A 1118 -54.52 -23.77 -49.63
CA GLY A 1118 -53.69 -23.19 -50.67
C GLY A 1118 -53.19 -24.20 -51.68
N ILE A 1119 -53.74 -25.41 -51.65
CA ILE A 1119 -53.31 -26.44 -52.59
C ILE A 1119 -53.73 -26.07 -54.01
N VAL A 1120 -52.92 -26.49 -54.98
CA VAL A 1120 -53.10 -26.11 -56.38
C VAL A 1120 -53.19 -27.38 -57.22
N ASN A 1121 -54.23 -27.45 -58.06
CA ASN A 1121 -54.42 -28.62 -58.91
C ASN A 1121 -53.35 -28.69 -59.99
N ASN A 1122 -52.82 -29.88 -60.21
CA ASN A 1122 -51.85 -30.15 -61.27
C ASN A 1122 -51.71 -31.66 -61.42
N THR A 1123 -51.08 -32.07 -62.52
CA THR A 1123 -50.89 -33.48 -62.83
C THR A 1123 -49.48 -33.91 -62.46
N VAL A 1124 -49.36 -35.05 -61.78
CA VAL A 1124 -48.08 -35.58 -61.34
C VAL A 1124 -47.68 -36.70 -62.30
N TYR A 1125 -46.52 -36.54 -62.92
CA TYR A 1125 -46.04 -37.53 -63.89
C TYR A 1125 -45.70 -38.85 -63.20
N ASP A 1126 -46.09 -39.94 -63.84
CA ASP A 1126 -45.78 -41.28 -63.34
C ASP A 1126 -44.76 -41.94 -64.25
N PRO A 1127 -43.53 -42.20 -63.79
CA PRO A 1127 -42.51 -42.79 -64.65
C PRO A 1127 -42.66 -44.29 -64.88
N LEU A 1128 -43.78 -44.89 -64.49
CA LEU A 1128 -44.04 -46.30 -64.72
C LEU A 1128 -45.20 -46.57 -65.65
N GLN A 1129 -46.18 -45.67 -65.72
CA GLN A 1129 -47.34 -45.89 -66.59
C GLN A 1129 -46.98 -46.03 -68.06
N PRO A 1130 -46.20 -45.13 -68.68
CA PRO A 1130 -45.91 -45.30 -70.12
C PRO A 1130 -44.90 -46.40 -70.41
N GLU A 1131 -44.16 -46.87 -69.40
CA GLU A 1131 -43.19 -47.94 -69.62
C GLU A 1131 -43.87 -49.27 -69.94
N LEU A 1132 -45.15 -49.42 -69.59
CA LEU A 1132 -45.85 -50.68 -69.83
C LEU A 1132 -45.93 -51.01 -71.32
N ASP A 1133 -46.20 -50.01 -72.16
CA ASP A 1133 -46.31 -50.23 -73.59
C ASP A 1133 -44.95 -50.10 -74.27
N GLN B 1 50.86 -21.96 40.10
CA GLN B 1 49.50 -21.81 39.58
C GLN B 1 49.49 -21.45 38.11
N CYS B 2 48.60 -22.10 37.35
CA CYS B 2 48.38 -21.82 35.93
C CYS B 2 49.68 -21.99 35.13
N VAL B 3 50.14 -23.24 35.09
CA VAL B 3 51.35 -23.56 34.35
C VAL B 3 51.06 -23.47 32.85
N ASN B 4 51.89 -22.72 32.13
CA ASN B 4 51.74 -22.50 30.70
C ASN B 4 52.76 -23.37 29.97
N LEU B 5 52.29 -24.37 29.24
CA LEU B 5 53.19 -25.29 28.54
C LEU B 5 52.52 -25.77 27.26
N THR B 6 52.78 -25.08 26.15
CA THR B 6 52.60 -25.67 24.83
C THR B 6 53.93 -25.81 24.10
N THR B 7 54.61 -24.70 23.80
CA THR B 7 56.06 -24.60 23.69
C THR B 7 56.73 -25.61 22.76
N ARG B 8 55.97 -26.39 22.00
CA ARG B 8 56.69 -27.51 21.38
C ARG B 8 56.53 -27.61 19.87
N THR B 9 55.33 -27.42 19.33
CA THR B 9 55.06 -27.77 17.94
C THR B 9 54.21 -26.72 17.25
N GLN B 10 54.26 -26.76 15.91
CA GLN B 10 53.49 -25.86 15.05
C GLN B 10 52.85 -26.65 13.92
N LEU B 11 52.24 -27.78 14.25
CA LEU B 11 51.66 -28.65 13.24
C LEU B 11 50.48 -27.97 12.55
N PRO B 12 50.25 -28.26 11.27
CA PRO B 12 49.11 -27.68 10.56
C PRO B 12 47.82 -28.37 10.99
N PRO B 13 46.79 -27.61 11.36
CA PRO B 13 45.55 -28.22 11.85
C PRO B 13 44.85 -29.02 10.77
N ALA B 14 44.23 -30.11 11.19
CA ALA B 14 43.47 -30.96 10.28
C ALA B 14 42.11 -30.34 9.97
N TYR B 15 41.59 -30.65 8.79
CA TYR B 15 40.31 -30.14 8.32
C TYR B 15 39.40 -31.33 8.00
N THR B 16 38.51 -31.67 8.92
CA THR B 16 37.57 -32.76 8.73
C THR B 16 36.25 -32.24 8.17
N ASN B 17 35.58 -33.09 7.40
CA ASN B 17 34.33 -32.72 6.73
C ASN B 17 33.16 -33.10 7.63
N SER B 18 32.49 -32.09 8.20
CA SER B 18 31.31 -32.31 9.01
C SER B 18 30.12 -32.55 8.09
N PHE B 19 29.68 -33.81 8.00
CA PHE B 19 28.60 -34.16 7.09
C PHE B 19 27.31 -33.44 7.47
N THR B 20 26.76 -33.75 8.64
CA THR B 20 25.55 -33.09 9.15
C THR B 20 25.75 -32.96 10.66
N ARG B 21 26.28 -31.82 11.08
CA ARG B 21 26.60 -31.56 12.48
C ARG B 21 26.15 -30.17 12.86
N GLY B 22 25.43 -30.06 13.97
CA GLY B 22 25.10 -28.76 14.51
C GLY B 22 23.84 -28.11 14.00
N VAL B 23 22.71 -28.80 14.12
CA VAL B 23 21.39 -28.24 13.88
C VAL B 23 20.63 -28.26 15.20
N TYR B 24 20.04 -27.11 15.56
CA TYR B 24 19.57 -26.90 16.91
C TYR B 24 18.14 -26.41 16.90
N TYR B 25 17.60 -26.22 18.12
CA TYR B 25 16.25 -25.73 18.30
C TYR B 25 16.33 -24.24 18.59
N PRO B 26 16.17 -23.37 17.59
CA PRO B 26 16.31 -21.93 17.84
C PRO B 26 15.04 -21.32 18.39
N ASP B 27 14.41 -22.00 19.34
CA ASP B 27 13.13 -21.65 19.94
C ASP B 27 12.93 -22.56 21.14
N LYS B 28 11.77 -22.43 21.78
CA LYS B 28 11.32 -23.33 22.83
C LYS B 28 9.87 -23.71 22.59
N VAL B 29 9.55 -24.01 21.33
CA VAL B 29 8.19 -24.34 20.91
C VAL B 29 8.17 -25.78 20.42
N PHE B 30 7.04 -26.45 20.63
CA PHE B 30 6.84 -27.81 20.15
C PHE B 30 6.01 -27.79 18.88
N ARG B 31 6.56 -28.34 17.81
CA ARG B 31 5.90 -28.38 16.52
C ARG B 31 5.63 -29.83 16.12
N SER B 32 4.45 -30.05 15.54
CA SER B 32 4.05 -31.37 15.06
C SER B 32 4.74 -31.67 13.74
N SER B 33 4.25 -32.66 13.01
CA SER B 33 4.93 -33.08 11.79
C SER B 33 4.78 -32.01 10.71
N VAL B 34 5.54 -30.92 10.86
CA VAL B 34 5.51 -29.80 9.93
C VAL B 34 6.95 -29.46 9.56
N LEU B 35 7.08 -28.75 8.44
CA LEU B 35 8.38 -28.31 7.94
C LEU B 35 8.52 -26.81 8.19
N HIS B 36 9.55 -26.43 8.92
CA HIS B 36 9.76 -25.05 9.33
C HIS B 36 11.14 -24.58 8.89
N SER B 37 11.24 -23.29 8.60
CA SER B 37 12.48 -22.66 8.17
C SER B 37 12.85 -21.54 9.12
N THR B 38 14.14 -21.43 9.43
CA THR B 38 14.64 -20.42 10.35
C THR B 38 15.82 -19.69 9.73
N GLN B 39 16.02 -18.45 10.17
CA GLN B 39 17.16 -17.63 9.78
C GLN B 39 17.97 -17.37 11.05
N ASP B 40 18.92 -18.25 11.33
CA ASP B 40 19.67 -18.22 12.57
C ASP B 40 21.09 -18.69 12.28
N LEU B 41 22.00 -18.36 13.19
CA LEU B 41 23.40 -18.72 13.02
C LEU B 41 23.59 -20.22 13.25
N PHE B 42 24.08 -20.92 12.24
CA PHE B 42 24.34 -22.35 12.30
C PHE B 42 25.75 -22.63 11.77
N LEU B 43 26.12 -23.91 11.81
CA LEU B 43 27.36 -24.35 11.18
C LEU B 43 27.06 -24.77 9.74
N PRO B 44 27.72 -24.17 8.75
CA PRO B 44 27.44 -24.54 7.35
C PRO B 44 27.71 -26.02 7.10
N PHE B 45 26.84 -26.62 6.30
CA PHE B 45 26.99 -28.04 5.97
C PHE B 45 28.25 -28.27 5.16
N PHE B 46 28.89 -29.42 5.40
CA PHE B 46 30.09 -29.83 4.69
C PHE B 46 31.18 -28.75 4.75
N SER B 47 31.35 -28.16 5.94
CA SER B 47 32.40 -27.19 6.18
C SER B 47 33.56 -27.88 6.87
N ASN B 48 34.77 -27.64 6.36
CA ASN B 48 35.96 -28.29 6.89
C ASN B 48 36.40 -27.56 8.16
N VAL B 49 36.11 -28.14 9.31
CA VAL B 49 36.41 -27.53 10.58
C VAL B 49 37.86 -27.80 10.95
N THR B 50 38.46 -26.85 11.68
CA THR B 50 39.86 -26.95 12.09
C THR B 50 39.95 -27.92 13.26
N TRP B 51 40.35 -29.16 12.97
CA TRP B 51 40.56 -30.16 14.02
C TRP B 51 41.85 -29.79 14.74
N PHE B 52 41.71 -28.90 15.72
CA PHE B 52 42.87 -28.43 16.47
C PHE B 52 43.52 -29.60 17.19
N HIS B 53 44.85 -29.69 17.07
CA HIS B 53 45.59 -30.88 17.48
C HIS B 53 45.78 -30.86 18.99
N ALA B 54 44.95 -31.62 19.69
CA ALA B 54 45.09 -31.85 21.12
C ALA B 54 46.16 -32.90 21.37
N ILE B 55 46.18 -33.48 22.58
CA ILE B 55 47.19 -34.46 22.99
C ILE B 55 47.43 -35.46 21.87
N HIS B 56 48.70 -35.62 21.49
CA HIS B 56 49.08 -36.47 20.37
C HIS B 56 49.45 -37.87 20.85
N VAL B 57 49.32 -38.83 19.94
CA VAL B 57 49.70 -40.21 20.19
C VAL B 57 51.00 -40.47 19.43
N SER B 58 52.11 -40.51 20.16
CA SER B 58 53.42 -40.81 19.58
C SER B 58 54.22 -41.56 20.64
N GLY B 59 54.18 -42.88 20.56
CA GLY B 59 54.78 -43.69 21.60
C GLY B 59 56.20 -44.14 21.31
N THR B 60 57.17 -43.39 21.84
CA THR B 60 58.54 -43.86 21.95
C THR B 60 58.96 -43.94 23.41
N ASN B 61 58.89 -42.84 24.15
CA ASN B 61 58.94 -42.83 25.61
C ASN B 61 58.13 -41.61 26.06
N GLY B 62 56.84 -41.81 26.30
CA GLY B 62 55.96 -40.69 26.59
C GLY B 62 55.96 -39.68 25.45
N THR B 63 56.31 -38.44 25.79
CA THR B 63 56.48 -37.35 24.82
C THR B 63 55.20 -37.11 23.99
N LYS B 64 54.15 -36.71 24.70
CA LYS B 64 52.96 -36.17 24.08
C LYS B 64 52.90 -34.66 24.31
N ARG B 65 51.86 -34.02 23.79
CA ARG B 65 51.82 -32.57 23.70
C ARG B 65 50.52 -32.02 24.26
N PHE B 66 50.55 -30.73 24.57
CA PHE B 66 49.38 -29.96 25.00
C PHE B 66 49.40 -28.66 24.21
N ASP B 67 48.55 -28.55 23.19
CA ASP B 67 48.66 -27.50 22.19
C ASP B 67 47.34 -26.73 22.05
N ASN B 68 46.79 -26.28 23.18
CA ASN B 68 45.59 -25.46 23.15
C ASN B 68 45.94 -23.99 22.98
N PRO B 69 45.64 -23.36 21.84
CA PRO B 69 45.93 -21.93 21.67
C PRO B 69 44.77 -21.06 22.10
N VAL B 70 44.90 -19.75 21.91
CA VAL B 70 43.81 -18.81 22.14
C VAL B 70 43.05 -18.63 20.82
N LEU B 71 41.76 -18.94 20.84
CA LEU B 71 40.94 -18.87 19.65
C LEU B 71 39.97 -17.68 19.75
N PRO B 72 39.62 -17.07 18.61
CA PRO B 72 38.71 -15.92 18.65
C PRO B 72 37.25 -16.32 18.60
N PHE B 73 36.42 -15.55 19.30
CA PHE B 73 34.98 -15.76 19.34
C PHE B 73 34.33 -14.70 18.46
N ASN B 74 34.21 -15.00 17.17
CA ASN B 74 33.60 -14.08 16.24
C ASN B 74 32.08 -14.06 16.42
N ASP B 75 31.43 -15.21 16.22
CA ASP B 75 29.99 -15.33 16.41
C ASP B 75 29.58 -16.56 17.19
N GLY B 76 30.52 -17.43 17.53
CA GLY B 76 30.19 -18.63 18.29
C GLY B 76 31.28 -19.68 18.14
N VAL B 77 31.01 -20.84 18.73
CA VAL B 77 31.97 -21.93 18.79
C VAL B 77 31.22 -23.25 18.61
N TYR B 78 31.80 -24.15 17.82
CA TYR B 78 31.29 -25.52 17.66
C TYR B 78 32.33 -26.48 18.20
N PHE B 79 32.21 -26.77 19.50
CA PHE B 79 33.16 -27.67 20.16
C PHE B 79 32.65 -29.10 20.09
N ALA B 80 33.52 -30.02 19.68
CA ALA B 80 33.18 -31.43 19.60
C ALA B 80 34.39 -32.27 19.98
N SER B 81 34.12 -33.46 20.53
CA SER B 81 35.15 -34.38 20.97
C SER B 81 34.50 -35.72 21.29
N THR B 82 35.35 -36.73 21.49
CA THR B 82 34.89 -38.05 21.92
C THR B 82 35.09 -38.23 23.42
N GLU B 83 36.35 -38.20 23.87
CA GLU B 83 36.71 -38.10 25.28
C GLU B 83 36.01 -39.17 26.13
N LYS B 84 36.41 -40.42 25.88
CA LYS B 84 36.00 -41.50 26.77
C LYS B 84 36.29 -41.17 28.23
N SER B 85 37.46 -40.61 28.49
CA SER B 85 37.81 -40.06 29.80
C SER B 85 37.70 -38.54 29.72
N ASN B 86 37.15 -37.94 30.77
CA ASN B 86 36.87 -36.51 30.77
C ASN B 86 38.13 -35.69 30.92
N ILE B 87 38.97 -35.67 29.87
CA ILE B 87 40.16 -34.83 29.89
C ILE B 87 39.78 -33.36 29.71
N ILE B 88 38.58 -33.10 29.21
CA ILE B 88 38.10 -31.72 29.10
C ILE B 88 37.66 -31.24 30.48
N ARG B 89 38.14 -30.05 30.88
CA ARG B 89 37.78 -29.48 32.16
C ARG B 89 36.91 -28.23 32.07
N GLY B 90 36.87 -27.56 30.94
CA GLY B 90 35.97 -26.43 30.79
C GLY B 90 36.52 -25.41 29.82
N TRP B 91 35.95 -24.21 29.89
CA TRP B 91 36.32 -23.11 29.02
C TRP B 91 36.50 -21.84 29.85
N ILE B 92 37.28 -20.91 29.31
CA ILE B 92 37.72 -19.74 30.04
C ILE B 92 37.26 -18.49 29.28
N PHE B 93 36.07 -18.57 28.68
CA PHE B 93 35.51 -17.48 27.89
C PHE B 93 35.78 -16.12 28.52
N GLY B 94 36.20 -15.18 27.68
CA GLY B 94 36.50 -13.84 28.17
C GLY B 94 36.75 -12.89 27.03
N THR B 95 37.21 -11.69 27.40
CA THR B 95 37.55 -10.66 26.42
C THR B 95 39.05 -10.41 26.36
N THR B 96 39.68 -10.12 27.49
CA THR B 96 41.13 -9.96 27.55
C THR B 96 41.81 -11.05 28.36
N LEU B 97 41.05 -11.89 29.07
CA LEU B 97 41.60 -13.01 29.84
C LEU B 97 42.60 -12.53 30.90
N ASP B 98 42.45 -11.30 31.35
CA ASP B 98 43.36 -10.69 32.31
C ASP B 98 42.55 -9.74 33.19
N SER B 99 43.24 -8.84 33.89
CA SER B 99 42.59 -7.87 34.75
C SER B 99 41.77 -6.89 33.92
N LYS B 100 40.95 -6.10 34.63
CA LYS B 100 40.08 -5.05 34.10
C LYS B 100 38.90 -5.60 33.29
N THR B 101 38.79 -6.92 33.11
CA THR B 101 37.72 -7.50 32.30
C THR B 101 37.18 -8.75 32.98
N GLN B 102 35.86 -8.91 32.92
CA GLN B 102 35.21 -10.09 33.48
C GLN B 102 35.29 -11.25 32.49
N SER B 103 35.62 -12.43 33.01
CA SER B 103 35.82 -13.61 32.18
C SER B 103 35.04 -14.79 32.75
N LEU B 104 34.41 -15.56 31.86
CA LEU B 104 33.59 -16.70 32.26
C LEU B 104 34.48 -17.91 32.54
N LEU B 105 33.96 -18.82 33.36
CA LEU B 105 34.67 -20.02 33.75
C LEU B 105 33.70 -21.18 33.80
N ILE B 106 34.16 -22.37 33.39
CA ILE B 106 33.38 -23.60 33.46
C ILE B 106 34.28 -24.72 33.95
N VAL B 107 33.80 -25.51 34.90
CA VAL B 107 34.56 -26.64 35.43
C VAL B 107 33.63 -27.83 35.56
N ASN B 108 34.03 -28.97 34.98
CA ASN B 108 33.28 -30.20 35.15
C ASN B 108 33.64 -30.83 36.48
N ASN B 109 32.65 -31.46 37.12
CA ASN B 109 32.83 -32.02 38.44
C ASN B 109 31.87 -33.18 38.63
N ALA B 110 32.22 -34.07 39.56
CA ALA B 110 31.43 -35.28 39.74
C ALA B 110 30.04 -35.00 40.29
N THR B 111 29.83 -33.83 40.89
CA THR B 111 28.55 -33.50 41.51
C THR B 111 27.94 -32.20 41.04
N ASN B 112 28.70 -31.30 40.41
CA ASN B 112 28.19 -29.98 40.09
C ASN B 112 29.00 -29.40 38.94
N VAL B 113 28.61 -28.20 38.51
CA VAL B 113 29.33 -27.42 37.53
C VAL B 113 29.41 -25.97 38.03
N VAL B 114 30.58 -25.37 37.92
CA VAL B 114 30.81 -24.02 38.41
C VAL B 114 30.88 -23.07 37.22
N ILE B 115 30.03 -22.06 37.21
CA ILE B 115 30.05 -21.02 36.18
C ILE B 115 30.17 -19.69 36.93
N LYS B 116 31.40 -19.21 37.08
CA LYS B 116 31.68 -17.96 37.78
C LYS B 116 32.32 -17.00 36.79
N VAL B 117 31.51 -16.21 36.09
CA VAL B 117 32.04 -15.16 35.23
C VAL B 117 32.47 -14.00 36.11
N CYS B 118 33.77 -13.93 36.40
CA CYS B 118 34.30 -12.99 37.37
C CYS B 118 35.64 -12.46 36.89
N GLU B 119 36.17 -11.47 37.61
CA GLU B 119 37.47 -10.89 37.34
C GLU B 119 38.49 -11.61 38.23
N PHE B 120 39.11 -12.64 37.67
CA PHE B 120 40.06 -13.46 38.42
C PHE B 120 41.47 -12.89 38.28
N GLN B 121 42.46 -13.68 38.69
CA GLN B 121 43.86 -13.32 38.57
C GLN B 121 44.58 -14.40 37.77
N PHE B 122 44.01 -14.77 36.62
CA PHE B 122 44.55 -15.85 35.82
C PHE B 122 45.94 -15.52 35.28
N CYS B 123 46.75 -16.58 35.12
CA CYS B 123 47.88 -16.55 34.21
C CYS B 123 47.39 -17.06 32.85
N ASN B 124 48.33 -17.44 31.98
CA ASN B 124 47.96 -17.84 30.62
C ASN B 124 47.09 -19.10 30.62
N ASP B 125 47.65 -20.21 31.08
CA ASP B 125 46.98 -21.53 30.98
C ASP B 125 46.72 -22.12 32.36
N PRO B 126 45.51 -21.99 32.88
CA PRO B 126 45.18 -22.60 34.17
C PRO B 126 44.57 -24.00 34.01
N PHE B 127 44.68 -24.78 35.09
CA PHE B 127 44.16 -26.14 35.10
C PHE B 127 43.74 -26.51 36.52
N LEU B 128 42.96 -27.57 36.64
CA LEU B 128 42.45 -28.01 37.93
C LEU B 128 43.56 -28.62 38.78
N GLY B 129 43.53 -28.34 40.08
CA GLY B 129 44.50 -28.89 41.00
C GLY B 129 44.03 -30.22 41.57
N VAL B 130 44.95 -31.18 41.62
CA VAL B 130 44.65 -32.54 42.06
C VAL B 130 45.70 -32.91 43.11
N TYR B 131 45.36 -32.76 44.39
CA TYR B 131 46.29 -33.04 45.48
C TYR B 131 45.52 -33.57 46.68
N TYR B 132 46.27 -34.19 47.59
CA TYR B 132 45.74 -34.60 48.87
C TYR B 132 45.75 -33.44 49.87
N HIS B 133 45.22 -33.70 51.05
CA HIS B 133 45.31 -32.80 52.20
C HIS B 133 45.90 -33.52 53.40
N LYS B 134 46.89 -34.39 53.15
CA LYS B 134 47.40 -35.37 54.10
C LYS B 134 46.33 -36.34 54.58
N ASN B 135 45.18 -36.36 53.91
CA ASN B 135 44.05 -37.20 54.29
C ASN B 135 43.14 -37.35 53.07
N ASN B 136 41.92 -37.82 53.32
CA ASN B 136 40.82 -37.90 52.36
C ASN B 136 41.02 -39.01 51.33
N LYS B 137 42.22 -39.59 51.30
CA LYS B 137 42.54 -40.76 50.47
C LYS B 137 41.95 -40.71 49.07
N SER B 138 41.91 -39.52 48.46
CA SER B 138 41.29 -39.38 47.14
C SER B 138 41.93 -38.22 46.39
N TRP B 139 41.77 -38.22 45.07
CA TRP B 139 42.29 -37.17 44.20
C TRP B 139 41.12 -36.26 43.83
N MET B 140 41.17 -35.01 44.30
CA MET B 140 40.06 -34.09 44.15
C MET B 140 40.29 -33.14 42.97
N GLU B 141 39.39 -32.17 42.81
CA GLU B 141 39.41 -31.28 41.66
C GLU B 141 39.53 -29.82 42.10
N SER B 142 40.48 -29.53 42.99
CA SER B 142 40.65 -28.18 43.52
C SER B 142 41.00 -27.20 42.40
N GLU B 143 40.53 -25.96 42.55
CA GLU B 143 40.74 -24.91 41.56
C GLU B 143 41.91 -23.99 41.93
N PHE B 144 42.80 -24.43 42.82
CA PHE B 144 43.91 -23.59 43.23
C PHE B 144 44.83 -23.27 42.06
N ARG B 145 45.11 -24.26 41.21
CA ARG B 145 45.90 -23.99 40.02
C ARG B 145 45.10 -23.28 38.93
N VAL B 146 43.78 -23.17 39.09
CA VAL B 146 42.97 -22.44 38.12
C VAL B 146 43.10 -20.93 38.36
N TYR B 147 42.89 -20.49 39.59
CA TYR B 147 42.96 -19.08 39.90
C TYR B 147 43.25 -18.90 41.39
N SER B 148 43.35 -17.64 41.81
CA SER B 148 43.59 -17.29 43.20
C SER B 148 42.60 -16.28 43.75
N SER B 149 42.02 -15.43 42.92
CA SER B 149 41.09 -14.40 43.36
C SER B 149 39.86 -14.39 42.47
N ALA B 150 38.76 -13.89 43.04
CA ALA B 150 37.51 -13.74 42.29
C ALA B 150 36.66 -12.72 43.02
N ASN B 151 36.43 -11.56 42.41
CA ASN B 151 35.71 -10.49 43.07
C ASN B 151 35.26 -9.45 42.04
N ASN B 152 34.41 -8.53 42.50
CA ASN B 152 34.00 -7.35 41.74
C ASN B 152 33.19 -7.72 40.50
N CYS B 153 32.30 -8.70 40.63
CA CYS B 153 31.47 -9.12 39.50
C CYS B 153 30.09 -9.51 40.01
N THR B 154 29.20 -9.84 39.08
CA THR B 154 27.77 -9.92 39.34
C THR B 154 27.17 -11.25 38.89
N PHE B 155 27.86 -12.37 39.12
CA PHE B 155 27.27 -13.63 38.72
C PHE B 155 27.92 -14.78 39.48
N GLU B 156 27.12 -15.78 39.82
CA GLU B 156 27.57 -17.03 40.43
C GLU B 156 26.45 -18.05 40.29
N TYR B 157 26.80 -19.26 39.85
CA TYR B 157 25.78 -20.25 39.52
C TYR B 157 26.39 -21.65 39.54
N VAL B 158 25.81 -22.53 40.34
CA VAL B 158 26.24 -23.92 40.44
C VAL B 158 25.02 -24.82 40.30
N SER B 159 25.13 -25.85 39.46
CA SER B 159 23.99 -26.73 39.20
C SER B 159 24.52 -28.08 38.71
N GLN B 160 23.62 -28.87 38.12
CA GLN B 160 23.96 -30.19 37.61
C GLN B 160 25.01 -30.03 36.50
N PRO B 161 26.12 -30.77 36.54
CA PRO B 161 27.15 -30.60 35.51
C PRO B 161 26.70 -31.14 34.16
N PHE B 162 27.30 -30.59 33.11
CA PHE B 162 26.99 -30.96 31.74
C PHE B 162 27.79 -32.18 31.27
N LEU B 163 29.11 -32.11 31.36
CA LEU B 163 29.99 -33.18 30.87
C LEU B 163 29.89 -34.36 31.82
N MET B 164 29.16 -35.40 31.41
CA MET B 164 29.01 -36.62 32.20
C MET B 164 29.51 -37.82 31.41
N ASP B 165 30.28 -38.68 32.08
CA ASP B 165 30.67 -39.97 31.50
C ASP B 165 29.51 -40.94 31.68
N LEU B 166 28.53 -40.80 30.79
CA LEU B 166 27.28 -41.55 30.88
C LEU B 166 27.34 -42.89 30.16
N GLU B 167 28.49 -43.27 29.60
CA GLU B 167 28.59 -44.51 28.84
C GLU B 167 28.27 -45.72 29.71
N GLY B 168 29.16 -46.02 30.67
CA GLY B 168 28.99 -47.17 31.53
C GLY B 168 28.78 -48.47 30.78
N LYS B 169 29.34 -48.57 29.57
CA LYS B 169 29.02 -49.69 28.68
C LYS B 169 30.28 -50.30 28.07
N GLN B 170 31.42 -50.17 28.75
CA GLN B 170 32.67 -50.80 28.33
C GLN B 170 33.05 -50.44 26.90
N GLY B 171 32.92 -49.15 26.57
CA GLY B 171 33.27 -48.69 25.26
C GLY B 171 32.14 -48.88 24.25
N ASN B 172 32.51 -48.75 22.97
CA ASN B 172 31.62 -48.83 21.81
C ASN B 172 30.61 -47.69 21.76
N PHE B 173 30.66 -46.76 22.71
CA PHE B 173 29.81 -45.57 22.71
C PHE B 173 30.62 -44.29 22.65
N LYS B 174 31.67 -44.18 23.46
CA LYS B 174 32.68 -43.13 23.37
C LYS B 174 32.15 -41.75 23.73
N ASN B 175 30.84 -41.62 23.95
CA ASN B 175 30.22 -40.41 24.48
C ASN B 175 30.58 -39.18 23.64
N LEU B 176 30.05 -39.15 22.42
CA LEU B 176 30.18 -37.96 21.59
C LEU B 176 29.59 -36.75 22.30
N ARG B 177 30.37 -35.66 22.32
CA ARG B 177 29.95 -34.42 22.95
C ARG B 177 30.08 -33.29 21.95
N GLU B 178 29.01 -32.52 21.76
CA GLU B 178 29.01 -31.38 20.85
C GLU B 178 28.42 -30.18 21.58
N PHE B 179 29.15 -29.08 21.60
CA PHE B 179 28.75 -27.89 22.35
C PHE B 179 28.77 -26.67 21.45
N VAL B 180 27.79 -25.80 21.62
CA VAL B 180 27.70 -24.52 20.91
C VAL B 180 27.51 -23.40 21.92
N PHE B 181 28.29 -22.34 21.77
CA PHE B 181 28.23 -21.16 22.62
C PHE B 181 28.00 -19.93 21.75
N LYS B 182 27.14 -19.03 22.20
CA LYS B 182 26.88 -17.81 21.47
C LYS B 182 26.40 -16.73 22.42
N ASN B 183 26.65 -15.47 22.05
CA ASN B 183 26.28 -14.33 22.87
C ASN B 183 25.50 -13.34 22.02
N ILE B 184 24.21 -13.20 22.30
CA ILE B 184 23.35 -12.22 21.65
C ILE B 184 22.67 -11.41 22.75
N ASP B 185 22.64 -10.08 22.57
CA ASP B 185 22.00 -9.11 23.45
C ASP B 185 22.10 -9.48 24.93
N GLY B 186 23.30 -9.77 25.40
CA GLY B 186 23.52 -10.13 26.79
C GLY B 186 22.90 -11.44 27.22
N TYR B 187 23.04 -12.49 26.41
CA TYR B 187 22.51 -13.80 26.74
C TYR B 187 23.47 -14.87 26.22
N PHE B 188 23.98 -15.69 27.14
CA PHE B 188 24.90 -16.77 26.80
C PHE B 188 24.13 -18.09 26.79
N LYS B 189 24.17 -18.79 25.65
CA LYS B 189 23.38 -19.99 25.44
C LYS B 189 24.28 -21.17 25.11
N ILE B 190 23.97 -22.32 25.70
CA ILE B 190 24.74 -23.55 25.51
C ILE B 190 23.80 -24.65 25.07
N TYR B 191 24.17 -25.36 24.01
CA TYR B 191 23.40 -26.50 23.50
C TYR B 191 24.32 -27.71 23.40
N SER B 192 23.81 -28.88 23.81
CA SER B 192 24.63 -30.07 23.76
C SER B 192 23.75 -31.32 23.88
N LYS B 193 24.36 -32.46 23.56
CA LYS B 193 23.75 -33.77 23.62
C LYS B 193 24.86 -34.82 23.52
N HIS B 194 24.64 -35.96 24.16
CA HIS B 194 25.60 -37.06 24.18
C HIS B 194 25.06 -38.23 23.37
N THR B 195 25.86 -38.69 22.41
CA THR B 195 25.44 -39.74 21.48
C THR B 195 26.50 -40.80 21.37
N PRO B 196 26.11 -42.05 21.07
CA PRO B 196 27.08 -43.11 20.87
C PRO B 196 27.92 -42.88 19.62
N ILE B 197 29.11 -43.49 19.62
CA ILE B 197 30.06 -43.38 18.52
C ILE B 197 30.35 -44.78 18.01
N ASN B 198 30.27 -44.96 16.69
CA ASN B 198 30.66 -46.21 16.05
C ASN B 198 31.97 -46.10 15.26
N LEU B 199 32.38 -44.90 14.87
CA LEU B 199 33.61 -44.70 14.13
C LEU B 199 34.77 -44.46 15.09
N VAL B 200 35.92 -44.04 14.56
CA VAL B 200 37.12 -43.82 15.37
C VAL B 200 37.44 -42.33 15.50
N ARG B 201 37.69 -41.65 14.38
CA ARG B 201 38.09 -40.25 14.41
C ARG B 201 37.09 -39.33 13.72
N ASP B 202 36.71 -39.64 12.49
CA ASP B 202 35.81 -38.76 11.74
C ASP B 202 34.42 -38.74 12.37
N LEU B 203 33.76 -37.61 12.25
CA LEU B 203 32.39 -37.47 12.74
C LEU B 203 31.47 -38.40 11.97
N PRO B 204 30.50 -39.01 12.65
CA PRO B 204 29.60 -39.96 11.98
C PRO B 204 28.59 -39.21 11.11
N GLN B 205 27.80 -39.99 10.37
CA GLN B 205 26.77 -39.44 9.49
C GLN B 205 25.43 -39.32 10.18
N GLY B 206 25.40 -39.39 11.51
CA GLY B 206 24.16 -39.21 12.24
C GLY B 206 23.69 -37.77 12.23
N PHE B 207 22.50 -37.56 12.76
CA PHE B 207 21.85 -36.26 12.75
C PHE B 207 21.90 -35.67 14.16
N SER B 208 22.54 -34.51 14.30
CA SER B 208 22.81 -33.92 15.61
C SER B 208 21.80 -32.83 15.92
N ALA B 209 20.64 -33.24 16.40
CA ALA B 209 19.63 -32.32 16.91
C ALA B 209 19.80 -32.26 18.43
N LEU B 210 20.33 -31.15 18.94
CA LEU B 210 20.78 -31.05 20.31
C LEU B 210 19.99 -29.96 21.02
N GLU B 211 19.42 -30.29 22.19
CA GLU B 211 18.58 -29.37 22.94
C GLU B 211 19.42 -28.41 23.79
N PRO B 212 18.89 -27.23 24.11
CA PRO B 212 19.61 -26.29 24.97
C PRO B 212 19.72 -26.81 26.40
N LEU B 213 20.70 -26.25 27.13
CA LEU B 213 20.92 -26.60 28.52
C LEU B 213 20.71 -25.43 29.47
N VAL B 214 21.40 -24.31 29.27
CA VAL B 214 21.35 -23.18 30.19
C VAL B 214 21.35 -21.86 29.42
N ASP B 215 20.94 -20.80 30.11
CA ASP B 215 20.99 -19.45 29.59
C ASP B 215 21.58 -18.53 30.66
N LEU B 216 22.43 -17.61 30.24
CA LEU B 216 23.15 -16.73 31.16
C LEU B 216 22.90 -15.28 30.80
N PRO B 217 22.31 -14.48 31.69
CA PRO B 217 22.18 -13.03 31.45
C PRO B 217 23.38 -12.25 32.00
N ILE B 218 24.51 -12.37 31.32
CA ILE B 218 25.75 -11.77 31.78
C ILE B 218 25.91 -10.35 31.24
N GLY B 219 25.73 -10.15 29.94
CA GLY B 219 25.78 -8.83 29.35
C GLY B 219 27.15 -8.35 28.92
N ILE B 220 28.20 -9.12 29.17
CA ILE B 220 29.56 -8.70 28.84
C ILE B 220 30.05 -9.49 27.64
N ASN B 221 31.04 -8.93 26.94
CA ASN B 221 31.58 -9.56 25.75
C ASN B 221 32.22 -10.91 26.07
N ILE B 222 32.22 -11.78 25.05
CA ILE B 222 33.13 -12.90 24.96
C ILE B 222 33.74 -12.86 23.57
N THR B 223 35.06 -12.66 23.49
CA THR B 223 35.74 -12.53 22.21
C THR B 223 36.88 -13.51 22.01
N ARG B 224 37.51 -13.97 23.09
CA ARG B 224 38.54 -15.00 23.01
C ARG B 224 38.30 -16.02 24.11
N PHE B 225 38.76 -17.24 23.87
CA PHE B 225 38.53 -18.34 24.80
C PHE B 225 39.63 -19.37 24.63
N GLN B 226 39.54 -20.43 25.42
CA GLN B 226 40.50 -21.53 25.35
C GLN B 226 39.91 -22.73 26.07
N THR B 227 40.07 -23.91 25.48
CA THR B 227 39.60 -25.13 26.11
C THR B 227 40.55 -25.55 27.23
N LEU B 228 40.09 -26.48 28.05
CA LEU B 228 40.86 -26.98 29.19
C LEU B 228 41.21 -28.45 28.96
N LEU B 229 42.50 -28.75 28.96
CA LEU B 229 43.00 -30.12 28.88
C LEU B 229 43.47 -30.52 30.26
N ALA B 230 42.90 -31.61 30.80
CA ALA B 230 43.19 -32.02 32.16
C ALA B 230 44.64 -32.52 32.25
N LEU B 231 45.48 -31.75 32.93
CA LEU B 231 46.83 -32.23 33.26
C LEU B 231 46.73 -33.24 34.38
N HIS B 232 46.26 -34.45 34.03
CA HIS B 232 46.24 -35.55 34.97
C HIS B 232 47.68 -35.81 35.41
N ARG B 233 48.00 -35.45 36.64
CA ARG B 233 49.38 -35.47 37.09
C ARG B 233 49.91 -36.89 37.12
N SER B 234 51.06 -37.10 36.50
CA SER B 234 51.69 -38.41 36.48
C SER B 234 52.26 -38.73 37.87
N TYR B 235 52.68 -39.97 38.05
CA TYR B 235 53.19 -40.46 39.32
C TYR B 235 54.44 -41.28 39.02
N LEU B 236 54.87 -42.08 39.99
CA LEU B 236 56.07 -42.89 39.78
C LEU B 236 55.78 -44.05 38.84
N THR B 237 55.46 -43.73 37.59
CA THR B 237 55.19 -44.73 36.55
C THR B 237 55.95 -44.31 35.29
N PRO B 238 57.28 -44.39 35.29
CA PRO B 238 58.08 -43.96 34.14
C PRO B 238 58.30 -45.07 33.13
N SER B 243 61.20 -37.02 31.97
CA SER B 243 60.09 -36.09 31.89
C SER B 243 58.78 -36.83 31.67
N GLY B 244 58.23 -37.40 32.75
CA GLY B 244 56.99 -38.14 32.68
C GLY B 244 55.78 -37.25 32.81
N TRP B 245 55.17 -36.90 31.70
CA TRP B 245 54.01 -36.00 31.68
C TRP B 245 53.12 -36.37 30.50
N THR B 246 52.08 -35.58 30.28
CA THR B 246 51.19 -35.71 29.13
C THR B 246 50.58 -37.11 29.04
N ALA B 247 49.78 -37.44 30.05
CA ALA B 247 49.10 -38.73 30.12
C ALA B 247 47.68 -38.56 29.58
N GLY B 248 47.44 -39.07 28.38
CA GLY B 248 46.13 -39.00 27.77
C GLY B 248 46.24 -38.92 26.26
N ALA B 249 45.07 -38.81 25.63
CA ALA B 249 44.98 -38.69 24.17
C ALA B 249 43.67 -37.99 23.85
N ALA B 250 43.75 -36.70 23.50
CA ALA B 250 42.57 -35.87 23.28
C ALA B 250 42.50 -35.42 21.83
N ALA B 251 41.30 -34.99 21.43
CA ALA B 251 41.07 -34.46 20.10
C ALA B 251 39.88 -33.52 20.15
N TYR B 252 40.03 -32.31 19.62
CA TYR B 252 39.00 -31.29 19.67
C TYR B 252 38.67 -30.81 18.26
N TYR B 253 37.38 -30.59 18.02
CA TYR B 253 36.88 -30.03 16.77
C TYR B 253 36.30 -28.66 17.06
N VAL B 254 36.66 -27.67 16.26
CA VAL B 254 36.21 -26.30 16.45
C VAL B 254 35.60 -25.79 15.15
N GLY B 255 34.32 -25.45 15.21
CA GLY B 255 33.65 -24.84 14.07
C GLY B 255 33.09 -23.49 14.44
N TYR B 256 32.93 -22.64 13.43
CA TYR B 256 32.51 -21.26 13.62
C TYR B 256 31.14 -21.04 13.02
N LEU B 257 30.27 -20.34 13.75
CA LEU B 257 28.92 -20.09 13.29
C LEU B 257 28.90 -19.09 12.14
N GLN B 258 27.87 -19.20 11.32
CA GLN B 258 27.63 -18.31 10.20
C GLN B 258 26.14 -18.03 10.11
N PRO B 259 25.74 -16.76 9.90
CA PRO B 259 24.32 -16.44 9.78
C PRO B 259 23.77 -16.91 8.44
N ARG B 260 22.99 -18.00 8.48
CA ARG B 260 22.48 -18.61 7.26
C ARG B 260 20.99 -18.92 7.39
N THR B 261 20.45 -19.64 6.40
CA THR B 261 19.05 -20.03 6.40
C THR B 261 18.97 -21.55 6.37
N PHE B 262 18.10 -22.12 7.21
CA PHE B 262 17.96 -23.56 7.32
C PHE B 262 16.49 -23.94 7.21
N LEU B 263 16.24 -25.16 6.72
CA LEU B 263 14.91 -25.74 6.65
C LEU B 263 14.89 -26.95 7.58
N LEU B 264 14.10 -26.85 8.64
CA LEU B 264 14.07 -27.88 9.67
C LEU B 264 12.80 -28.71 9.54
N LYS B 265 12.96 -30.03 9.49
CA LYS B 265 11.83 -30.96 9.41
C LYS B 265 11.61 -31.57 10.78
N TYR B 266 10.41 -31.36 11.32
CA TYR B 266 10.08 -31.80 12.67
C TYR B 266 9.43 -33.17 12.65
N ASN B 267 9.80 -34.00 13.62
CA ASN B 267 9.20 -35.31 13.78
C ASN B 267 7.75 -35.18 14.25
N GLU B 268 7.02 -36.30 14.19
CA GLU B 268 5.67 -36.32 14.72
C GLU B 268 5.64 -36.10 16.23
N ASN B 269 6.76 -36.32 16.91
CA ASN B 269 6.86 -36.13 18.36
C ASN B 269 7.48 -34.80 18.75
N GLY B 270 7.84 -33.96 17.78
CA GLY B 270 8.40 -32.65 18.05
C GLY B 270 9.90 -32.53 17.90
N THR B 271 10.61 -33.64 17.81
CA THR B 271 12.05 -33.59 17.63
C THR B 271 12.41 -33.23 16.19
N ILE B 272 13.55 -32.56 16.04
CA ILE B 272 14.05 -32.22 14.71
C ILE B 272 14.71 -33.47 14.14
N THR B 273 14.21 -33.94 12.99
CA THR B 273 14.69 -35.20 12.41
C THR B 273 15.66 -34.96 11.25
N ASP B 274 15.32 -34.05 10.34
CA ASP B 274 16.16 -33.75 9.20
C ASP B 274 16.38 -32.25 9.08
N ALA B 275 17.28 -31.86 8.19
CA ALA B 275 17.56 -30.45 7.95
C ALA B 275 18.10 -30.29 6.53
N VAL B 276 17.81 -29.13 5.94
CA VAL B 276 18.26 -28.79 4.60
C VAL B 276 18.95 -27.44 4.65
N ASP B 277 20.18 -27.37 4.14
CA ASP B 277 20.98 -26.15 4.17
C ASP B 277 20.69 -25.35 2.91
N CYS B 278 19.89 -24.30 3.05
CA CYS B 278 19.64 -23.40 1.93
C CYS B 278 20.93 -22.65 1.58
N ALA B 279 21.04 -22.28 0.30
CA ALA B 279 22.18 -21.57 -0.27
C ALA B 279 23.46 -22.38 -0.26
N LEU B 280 23.38 -23.69 0.04
CA LEU B 280 24.55 -24.55 -0.04
C LEU B 280 24.82 -24.96 -1.50
N ASP B 281 23.87 -25.64 -2.11
CA ASP B 281 23.91 -26.03 -3.51
C ASP B 281 22.56 -25.76 -4.14
N PRO B 282 22.51 -25.61 -5.48
CA PRO B 282 21.23 -25.22 -6.11
C PRO B 282 20.09 -26.20 -5.87
N LEU B 283 20.39 -27.49 -5.71
CA LEU B 283 19.31 -28.46 -5.49
C LEU B 283 18.59 -28.19 -4.17
N SER B 284 19.34 -27.95 -3.10
CA SER B 284 18.71 -27.68 -1.81
C SER B 284 18.02 -26.33 -1.80
N GLU B 285 18.49 -25.39 -2.62
CA GLU B 285 17.81 -24.10 -2.72
C GLU B 285 16.41 -24.25 -3.28
N THR B 286 16.23 -25.18 -4.23
CA THR B 286 14.90 -25.46 -4.76
C THR B 286 13.97 -25.98 -3.66
N LYS B 287 14.48 -26.87 -2.82
CA LYS B 287 13.69 -27.34 -1.68
C LYS B 287 13.39 -26.20 -0.71
N CYS B 288 14.27 -25.19 -0.65
CA CYS B 288 14.10 -24.12 0.33
C CYS B 288 12.94 -23.21 -0.07
N THR B 289 12.79 -22.92 -1.36
CA THR B 289 11.68 -22.08 -1.81
C THR B 289 10.37 -22.87 -1.81
N LEU B 290 10.43 -24.15 -2.18
CA LEU B 290 9.23 -24.99 -2.18
C LEU B 290 8.77 -25.34 -0.77
N LYS B 291 9.64 -25.20 0.23
CA LYS B 291 9.34 -25.59 1.61
C LYS B 291 8.91 -27.04 1.69
N SER B 292 9.63 -27.90 0.97
CA SER B 292 9.38 -29.34 0.98
C SER B 292 10.70 -30.07 0.86
N PHE B 293 10.72 -31.32 1.31
CA PHE B 293 11.93 -32.14 1.25
C PHE B 293 12.00 -32.99 -0.01
N THR B 294 10.88 -33.20 -0.69
CA THR B 294 10.85 -33.88 -1.98
C THR B 294 10.33 -32.93 -3.03
N VAL B 295 10.89 -33.04 -4.25
CA VAL B 295 10.59 -32.13 -5.33
C VAL B 295 10.11 -32.94 -6.53
N GLU B 296 8.99 -32.51 -7.12
CA GLU B 296 8.53 -33.11 -8.36
C GLU B 296 9.29 -32.51 -9.54
N LYS B 297 9.33 -33.27 -10.64
CA LYS B 297 10.10 -32.86 -11.80
C LYS B 297 9.52 -31.59 -12.41
N GLY B 298 10.38 -30.79 -13.03
CA GLY B 298 9.99 -29.55 -13.64
C GLY B 298 11.10 -28.53 -13.51
N ILE B 299 10.75 -27.28 -13.78
CA ILE B 299 11.66 -26.15 -13.69
C ILE B 299 11.14 -25.18 -12.63
N TYR B 300 12.04 -24.77 -11.73
CA TYR B 300 11.67 -23.88 -10.62
C TYR B 300 12.62 -22.70 -10.58
N GLN B 301 12.07 -21.52 -10.35
CA GLN B 301 12.86 -20.31 -10.19
C GLN B 301 13.13 -20.08 -8.71
N THR B 302 14.40 -20.15 -8.32
CA THR B 302 14.79 -20.08 -6.92
C THR B 302 15.27 -18.69 -6.50
N SER B 303 16.28 -18.16 -7.16
CA SER B 303 16.86 -16.88 -6.79
C SER B 303 17.23 -16.13 -8.07
N ASN B 304 18.00 -15.05 -7.92
CA ASN B 304 18.43 -14.21 -9.02
C ASN B 304 19.96 -14.20 -9.07
N PHE B 305 20.49 -13.44 -10.03
CA PHE B 305 21.93 -13.26 -10.18
C PHE B 305 22.23 -11.80 -10.45
N ARG B 306 23.37 -11.33 -9.95
CA ARG B 306 23.76 -9.94 -10.16
C ARG B 306 25.28 -9.82 -10.04
N VAL B 307 25.91 -9.25 -11.06
CA VAL B 307 27.36 -9.08 -11.07
C VAL B 307 27.70 -7.88 -10.18
N GLN B 308 28.35 -8.15 -9.05
CA GLN B 308 28.73 -7.08 -8.15
C GLN B 308 29.85 -6.24 -8.77
N PRO B 309 29.83 -4.92 -8.56
CA PRO B 309 30.84 -4.05 -9.16
C PRO B 309 32.03 -3.81 -8.24
N THR B 310 33.11 -3.34 -8.86
CA THR B 310 34.34 -2.99 -8.16
C THR B 310 34.93 -1.73 -8.80
N GLU B 311 35.95 -1.18 -8.14
CA GLU B 311 36.71 -0.05 -8.64
C GLU B 311 35.80 1.16 -8.92
N SER B 312 35.25 1.68 -7.83
CA SER B 312 34.44 2.91 -7.91
C SER B 312 35.26 4.03 -8.53
N ILE B 313 34.66 4.73 -9.48
CA ILE B 313 35.36 5.72 -10.30
C ILE B 313 34.72 7.08 -10.07
N VAL B 314 35.55 8.08 -9.76
CA VAL B 314 35.12 9.46 -9.63
C VAL B 314 35.92 10.30 -10.60
N ARG B 315 35.22 11.07 -11.44
CA ARG B 315 35.86 11.88 -12.46
C ARG B 315 35.38 13.32 -12.32
N PHE B 316 36.32 14.26 -12.30
CA PHE B 316 36.05 15.67 -12.22
C PHE B 316 36.82 16.42 -13.31
N PRO B 317 36.30 17.55 -13.79
CA PRO B 317 36.98 18.27 -14.87
C PRO B 317 38.16 19.08 -14.35
N ASN B 318 38.83 19.78 -15.26
CA ASN B 318 40.00 20.60 -14.93
C ASN B 318 39.53 21.90 -14.27
N ILE B 319 38.98 21.75 -13.06
CA ILE B 319 38.48 22.89 -12.30
C ILE B 319 39.64 23.37 -11.43
N THR B 320 40.49 24.21 -12.03
CA THR B 320 41.60 24.85 -11.33
C THR B 320 41.64 26.32 -11.73
N ASN B 321 40.48 26.98 -11.68
CA ASN B 321 40.29 28.28 -12.31
C ASN B 321 41.19 29.37 -11.75
N LEU B 322 41.02 29.74 -10.49
CA LEU B 322 41.70 30.89 -9.93
C LEU B 322 42.64 30.53 -8.77
N CYS B 323 42.12 29.92 -7.71
CA CYS B 323 42.91 29.58 -6.53
C CYS B 323 43.68 30.79 -5.99
N PRO B 324 42.98 31.87 -5.60
CA PRO B 324 43.66 33.13 -5.23
C PRO B 324 44.15 33.21 -3.80
N PHE B 325 45.33 32.64 -3.55
CA PHE B 325 46.00 32.79 -2.26
C PHE B 325 47.41 33.34 -2.36
N GLY B 326 47.95 33.51 -3.56
CA GLY B 326 49.27 34.09 -3.72
C GLY B 326 49.33 35.59 -3.49
N GLU B 327 48.18 36.26 -3.40
CA GLU B 327 48.14 37.69 -3.15
C GLU B 327 48.22 38.03 -1.67
N VAL B 328 48.08 37.05 -0.79
CA VAL B 328 48.14 37.26 0.65
C VAL B 328 49.21 36.39 1.31
N PHE B 329 49.27 35.11 0.95
CA PHE B 329 50.23 34.20 1.58
C PHE B 329 51.67 34.63 1.33
N ASN B 330 52.02 34.88 0.07
CA ASN B 330 53.41 35.13 -0.32
C ASN B 330 53.49 36.36 -1.22
N ALA B 331 52.87 37.46 -0.78
CA ALA B 331 53.03 38.72 -1.49
C ALA B 331 54.49 39.16 -1.48
N THR B 332 54.91 39.81 -2.56
CA THR B 332 56.30 40.23 -2.68
C THR B 332 56.68 41.20 -1.56
N ARG B 333 55.80 42.17 -1.27
CA ARG B 333 55.99 43.10 -0.16
C ARG B 333 54.79 42.96 0.75
N PHE B 334 55.02 42.41 1.95
CA PHE B 334 53.92 42.14 2.87
C PHE B 334 53.22 43.43 3.29
N ALA B 335 51.91 43.33 3.47
CA ALA B 335 51.12 44.49 3.85
C ALA B 335 51.49 44.97 5.25
N SER B 336 51.24 46.26 5.50
CA SER B 336 51.59 46.85 6.77
C SER B 336 50.70 46.30 7.89
N VAL B 337 51.03 46.70 9.13
CA VAL B 337 50.38 46.11 10.30
C VAL B 337 48.93 46.58 10.41
N TYR B 338 48.66 47.85 10.08
CA TYR B 338 47.35 48.45 10.34
C TYR B 338 46.61 48.82 9.06
N ALA B 339 47.05 48.33 7.90
CA ALA B 339 46.40 48.61 6.62
C ALA B 339 46.27 47.32 5.82
N TRP B 340 45.71 46.30 6.45
CA TRP B 340 45.57 44.98 5.85
C TRP B 340 44.82 45.05 4.52
N ASN B 341 45.01 44.03 3.70
CA ASN B 341 44.39 43.95 2.39
C ASN B 341 43.27 42.91 2.44
N ARG B 342 42.05 43.34 2.12
CA ARG B 342 40.90 42.45 2.07
C ARG B 342 40.64 42.09 0.61
N LYS B 343 40.70 40.80 0.31
CA LYS B 343 40.52 40.29 -1.05
C LYS B 343 39.54 39.13 -1.00
N ARG B 344 38.35 39.34 -1.53
CA ARG B 344 37.33 38.29 -1.55
C ARG B 344 37.74 37.16 -2.48
N ILE B 345 37.43 35.93 -2.08
CA ILE B 345 37.59 34.75 -2.93
C ILE B 345 36.18 34.28 -3.29
N SER B 346 35.88 34.28 -4.59
CA SER B 346 34.56 33.90 -5.07
C SER B 346 34.68 33.35 -6.48
N ASN B 347 33.89 32.32 -6.76
CA ASN B 347 33.93 31.58 -8.03
C ASN B 347 35.28 30.91 -8.23
N CYS B 348 35.94 30.56 -7.14
CA CYS B 348 37.25 29.92 -7.16
C CYS B 348 37.17 28.56 -6.49
N VAL B 349 38.34 27.93 -6.36
CA VAL B 349 38.50 26.71 -5.58
C VAL B 349 39.66 26.94 -4.63
N ALA B 350 39.39 26.95 -3.33
CA ALA B 350 40.41 27.20 -2.32
C ALA B 350 41.04 25.87 -1.95
N ASP B 351 42.23 25.61 -2.51
CA ASP B 351 42.90 24.31 -2.34
C ASP B 351 43.47 24.24 -0.93
N TYR B 352 42.60 23.90 0.03
CA TYR B 352 43.05 23.74 1.41
C TYR B 352 44.04 22.59 1.53
N SER B 353 43.79 21.48 0.84
CA SER B 353 44.72 20.36 0.89
C SER B 353 46.11 20.76 0.41
N VAL B 354 46.18 21.60 -0.63
CA VAL B 354 47.45 22.19 -1.03
C VAL B 354 47.98 23.09 0.08
N LEU B 355 47.09 23.85 0.72
CA LEU B 355 47.51 24.77 1.78
C LEU B 355 48.07 24.05 2.99
N TYR B 356 47.75 22.77 3.18
CA TYR B 356 48.38 22.02 4.26
C TYR B 356 49.81 21.61 3.93
N ASN B 357 50.24 21.76 2.68
CA ASN B 357 51.59 21.41 2.23
C ASN B 357 52.15 22.52 1.35
N SER B 358 52.04 23.77 1.79
CA SER B 358 52.47 24.91 0.99
C SER B 358 53.72 25.58 1.54
N ALA B 359 53.81 25.78 2.85
CA ALA B 359 54.95 26.49 3.44
C ALA B 359 55.26 25.86 4.80
N SER B 360 56.14 26.49 5.55
CA SER B 360 56.52 26.00 6.87
C SER B 360 55.36 26.18 7.85
N PHE B 361 55.04 25.10 8.57
CA PHE B 361 53.90 25.07 9.48
C PHE B 361 54.35 24.59 10.85
N SER B 362 53.92 25.32 11.89
CA SER B 362 54.28 25.01 13.27
C SER B 362 53.08 24.72 14.15
N THR B 363 52.07 25.59 14.15
CA THR B 363 50.98 25.52 15.12
C THR B 363 49.63 25.56 14.41
N PHE B 364 48.85 24.49 14.58
CA PHE B 364 47.46 24.46 14.14
C PHE B 364 46.56 24.74 15.34
N LYS B 365 45.68 25.72 15.20
CA LYS B 365 44.73 26.08 16.26
C LYS B 365 43.39 26.37 15.61
N CYS B 366 42.42 25.48 15.80
CA CYS B 366 41.10 25.62 15.21
C CYS B 366 40.04 25.65 16.30
N TYR B 367 39.02 26.47 16.12
CA TYR B 367 37.95 26.63 17.10
C TYR B 367 36.64 26.85 16.37
N GLY B 368 35.74 25.87 16.43
CA GLY B 368 34.44 25.97 15.81
C GLY B 368 34.36 25.44 14.39
N VAL B 369 35.49 25.21 13.74
CA VAL B 369 35.53 24.68 12.38
C VAL B 369 36.49 23.50 12.35
N SER B 370 36.02 22.37 11.83
CA SER B 370 36.86 21.17 11.79
C SER B 370 38.06 21.39 10.88
N PRO B 371 39.27 21.03 11.31
CA PRO B 371 40.46 21.25 10.47
C PRO B 371 40.66 20.19 9.40
N THR B 372 39.92 19.08 9.43
CA THR B 372 40.13 17.99 8.50
C THR B 372 39.15 17.97 7.33
N LYS B 373 38.05 18.71 7.42
CA LYS B 373 37.01 18.69 6.41
C LYS B 373 36.77 20.08 5.82
N LEU B 374 37.85 20.80 5.52
CA LEU B 374 37.69 22.11 4.90
C LEU B 374 37.29 22.01 3.43
N ASN B 375 37.85 21.03 2.72
CA ASN B 375 37.55 20.88 1.29
C ASN B 375 36.09 20.51 1.06
N ASP B 376 35.52 19.64 1.89
CA ASP B 376 34.18 19.13 1.64
C ASP B 376 33.12 20.21 1.74
N LEU B 377 33.15 21.02 2.79
CA LEU B 377 32.15 22.05 3.02
C LEU B 377 32.49 23.27 2.18
N CYS B 378 31.71 23.49 1.12
CA CYS B 378 31.93 24.64 0.24
C CYS B 378 31.44 25.91 0.93
N PHE B 379 32.30 26.93 0.95
CA PHE B 379 31.99 28.20 1.58
C PHE B 379 31.65 29.23 0.50
N THR B 380 31.49 30.49 0.91
CA THR B 380 31.10 31.55 0.00
C THR B 380 32.22 32.56 -0.23
N ASN B 381 32.74 33.18 0.83
CA ASN B 381 33.79 34.19 0.70
C ASN B 381 34.84 33.96 1.77
N VAL B 382 36.09 34.27 1.41
CA VAL B 382 37.23 34.17 2.32
C VAL B 382 37.94 35.51 2.33
N TYR B 383 38.12 36.07 3.52
CA TYR B 383 38.85 37.33 3.71
C TYR B 383 40.16 36.98 4.40
N ALA B 384 41.22 36.84 3.61
CA ALA B 384 42.49 36.38 4.12
C ALA B 384 43.15 37.42 5.01
N ASP B 385 43.96 36.93 5.95
CA ASP B 385 44.68 37.79 6.88
C ASP B 385 46.16 37.44 6.85
N SER B 386 46.99 38.39 7.27
CA SER B 386 48.43 38.20 7.33
C SER B 386 48.97 39.03 8.49
N PHE B 387 49.17 38.39 9.63
CA PHE B 387 49.66 39.06 10.83
C PHE B 387 51.18 39.24 10.76
N VAL B 388 51.63 40.40 11.24
CA VAL B 388 53.04 40.65 11.50
C VAL B 388 53.12 41.05 12.97
N ILE B 389 53.27 40.06 13.84
CA ILE B 389 53.11 40.24 15.28
C ILE B 389 53.95 39.20 16.00
N ARG B 390 54.62 39.63 17.07
CA ARG B 390 55.41 38.72 17.88
C ARG B 390 54.51 37.71 18.60
N GLY B 391 55.02 36.49 18.77
CA GLY B 391 54.22 35.41 19.31
C GLY B 391 53.76 35.60 20.74
N ASP B 392 54.33 36.57 21.45
CA ASP B 392 53.94 36.81 22.84
C ASP B 392 52.48 37.24 22.95
N GLU B 393 52.03 38.09 22.04
CA GLU B 393 50.69 38.68 22.11
C GLU B 393 49.71 38.03 21.13
N VAL B 394 50.12 37.01 20.38
CA VAL B 394 49.24 36.39 19.41
C VAL B 394 48.08 35.68 20.10
N ARG B 395 48.33 35.07 21.26
CA ARG B 395 47.37 34.20 21.93
C ARG B 395 46.17 34.97 22.49
N GLN B 396 46.09 36.26 22.24
CA GLN B 396 45.02 37.10 22.76
C GLN B 396 43.83 37.22 21.82
N ILE B 397 43.87 36.59 20.65
CA ILE B 397 42.78 36.71 19.69
C ILE B 397 41.74 35.65 19.99
N ALA B 398 40.85 35.93 20.94
CA ALA B 398 39.79 35.03 21.37
C ALA B 398 38.86 35.76 22.33
N PRO B 399 37.59 35.36 22.44
CA PRO B 399 36.71 35.98 23.42
C PRO B 399 37.20 35.77 24.84
N GLY B 400 36.94 36.75 25.71
CA GLY B 400 37.42 36.68 27.07
C GLY B 400 38.88 37.04 27.25
N GLN B 401 39.49 37.69 26.27
CA GLN B 401 40.89 38.09 26.34
C GLN B 401 41.03 39.51 25.80
N THR B 402 41.99 40.24 26.34
CA THR B 402 42.24 41.63 25.96
C THR B 402 43.71 41.81 25.60
N GLY B 403 43.97 42.72 24.67
CA GLY B 403 45.33 43.01 24.27
C GLY B 403 45.36 44.23 23.36
N LYS B 404 46.55 44.82 23.27
CA LYS B 404 46.72 46.03 22.45
C LYS B 404 46.53 45.77 20.97
N ILE B 405 46.54 44.50 20.55
CA ILE B 405 46.49 44.16 19.15
C ILE B 405 45.23 43.39 18.76
N ALA B 406 44.78 42.44 19.59
CA ALA B 406 43.68 41.58 19.22
C ALA B 406 42.36 42.34 19.14
N ASP B 407 42.09 43.20 20.13
CA ASP B 407 40.82 43.89 20.25
C ASP B 407 40.90 45.34 19.77
N TYR B 408 41.99 45.74 19.13
CA TYR B 408 42.15 47.11 18.67
C TYR B 408 42.28 47.23 17.16
N ASN B 409 43.22 46.49 16.55
CA ASN B 409 43.57 46.76 15.16
C ASN B 409 42.59 46.11 14.18
N TYR B 410 42.57 44.77 14.15
CA TYR B 410 41.83 44.03 13.15
C TYR B 410 41.27 42.78 13.81
N LYS B 411 39.95 42.70 13.93
CA LYS B 411 39.29 41.72 14.76
C LYS B 411 38.85 40.51 13.94
N LEU B 412 39.18 39.32 14.42
CA LEU B 412 38.68 38.08 13.86
C LEU B 412 37.25 37.84 14.32
N PRO B 413 36.46 37.07 13.56
CA PRO B 413 35.07 36.82 13.97
C PRO B 413 34.99 36.07 15.30
N ASP B 414 33.98 36.44 16.09
CA ASP B 414 33.73 35.75 17.35
C ASP B 414 33.37 34.30 17.11
N ASP B 415 32.40 34.06 16.22
CA ASP B 415 32.12 32.72 15.72
C ASP B 415 33.19 32.42 14.68
N PHE B 416 34.26 31.77 15.11
CA PHE B 416 35.46 31.62 14.28
C PHE B 416 35.14 30.68 13.13
N THR B 417 34.82 31.25 11.97
CA THR B 417 34.65 30.47 10.74
C THR B 417 36.02 30.27 10.10
N GLY B 418 36.83 29.48 10.78
CA GLY B 418 38.20 29.26 10.35
C GLY B 418 39.03 28.74 11.49
N CYS B 419 40.34 29.00 11.41
CA CYS B 419 41.29 28.55 12.42
C CYS B 419 42.23 29.69 12.78
N VAL B 420 42.69 29.68 14.02
CA VAL B 420 43.75 30.58 14.46
C VAL B 420 45.05 30.01 13.89
N ILE B 421 45.48 30.55 12.75
CA ILE B 421 46.55 29.96 11.95
C ILE B 421 47.78 30.85 12.10
N ALA B 422 48.82 30.32 12.76
CA ALA B 422 50.05 31.05 12.97
C ALA B 422 51.24 30.15 12.70
N TRP B 423 52.19 30.65 11.91
CA TRP B 423 53.43 29.94 11.60
C TRP B 423 54.62 30.81 11.97
N ASN B 424 55.81 30.36 11.57
CA ASN B 424 57.06 31.02 11.89
C ASN B 424 57.75 31.51 10.62
N SER B 425 58.29 32.73 10.67
CA SER B 425 59.00 33.34 9.56
C SER B 425 60.30 33.97 10.04
N ASN B 426 61.07 33.21 10.81
CA ASN B 426 62.29 33.73 11.41
C ASN B 426 63.32 34.18 10.37
N ASN B 427 63.21 33.72 9.13
CA ASN B 427 64.20 34.02 8.09
C ASN B 427 63.69 35.00 7.04
N LEU B 428 62.73 35.85 7.38
CA LEU B 428 62.17 36.79 6.41
C LEU B 428 62.71 38.21 6.58
N ASP B 429 62.56 38.80 7.77
CA ASP B 429 62.82 40.22 7.94
C ASP B 429 63.89 40.49 8.99
N SER B 430 65.02 39.79 8.92
CA SER B 430 66.13 39.97 9.85
C SER B 430 67.22 40.78 9.17
N LYS B 431 67.61 41.89 9.80
CA LYS B 431 68.71 42.72 9.32
C LYS B 431 69.57 43.16 10.50
N VAL B 432 70.84 43.42 10.22
CA VAL B 432 71.80 43.80 11.26
C VAL B 432 71.60 45.25 11.63
N GLY B 433 71.67 45.54 12.93
CA GLY B 433 71.50 46.88 13.45
C GLY B 433 70.13 47.17 14.03
N GLY B 434 69.19 46.24 13.93
CA GLY B 434 67.86 46.44 14.48
C GLY B 434 66.88 46.97 13.46
N ASN B 435 65.88 46.17 13.11
CA ASN B 435 64.86 46.59 12.15
C ASN B 435 63.82 47.42 12.89
N TYR B 436 64.06 48.73 12.92
CA TYR B 436 63.18 49.69 13.59
C TYR B 436 62.18 50.31 12.63
N ASN B 437 61.74 49.55 11.63
CA ASN B 437 60.89 50.07 10.56
C ASN B 437 59.40 49.93 10.86
N TYR B 438 58.97 48.75 11.30
CA TYR B 438 57.54 48.49 11.48
C TYR B 438 56.99 49.30 12.64
N LEU B 439 55.66 49.39 12.70
CA LEU B 439 54.97 50.39 13.52
C LEU B 439 54.24 49.74 14.69
N TYR B 440 54.56 50.18 15.90
CA TYR B 440 53.78 49.87 17.09
C TYR B 440 52.60 50.83 17.23
N ARG B 441 51.75 50.56 18.21
CA ARG B 441 50.68 51.46 18.61
C ARG B 441 50.61 51.49 20.13
N LEU B 442 50.36 52.67 20.69
CA LEU B 442 50.41 52.84 22.14
C LEU B 442 49.05 52.63 22.79
N PHE B 443 48.05 53.43 22.42
CA PHE B 443 46.75 53.36 23.07
C PHE B 443 45.68 53.87 22.11
N ARG B 444 44.42 53.55 22.45
CA ARG B 444 43.26 54.00 21.69
C ARG B 444 42.19 54.44 22.69
N LYS B 445 40.98 54.66 22.20
CA LYS B 445 39.93 55.26 23.02
C LYS B 445 39.44 54.28 24.10
N SER B 446 38.83 53.18 23.69
CA SER B 446 38.19 52.26 24.62
C SER B 446 37.94 50.94 23.91
N ASN B 447 37.13 50.08 24.53
CA ASN B 447 36.76 48.81 23.93
C ASN B 447 35.96 49.03 22.65
N LEU B 448 36.09 48.12 21.71
CA LEU B 448 35.49 48.24 20.39
C LEU B 448 34.63 47.03 20.08
N LYS B 449 33.63 47.23 19.23
CA LYS B 449 32.78 46.16 18.77
C LYS B 449 33.56 45.26 17.81
N PRO B 450 33.12 44.02 17.61
CA PRO B 450 33.78 43.15 16.64
C PRO B 450 33.72 43.71 15.23
N PHE B 451 34.77 43.45 14.47
CA PHE B 451 34.91 43.91 13.09
C PHE B 451 34.83 45.44 13.00
N GLU B 452 35.79 46.09 13.64
CA GLU B 452 35.97 47.55 13.54
C GLU B 452 37.35 47.81 12.95
N ARG B 453 37.39 48.13 11.66
CA ARG B 453 38.64 48.36 10.95
C ARG B 453 38.98 49.85 11.09
N ASP B 454 40.06 50.15 11.80
CA ASP B 454 40.41 51.52 12.14
C ASP B 454 41.37 52.10 11.10
N ILE B 455 41.04 53.30 10.62
CA ILE B 455 41.89 54.03 9.68
C ILE B 455 42.29 55.39 10.25
N SER B 456 41.34 56.12 10.82
CA SER B 456 41.64 57.42 11.40
C SER B 456 42.49 57.26 12.66
N THR B 457 43.18 58.34 13.02
CA THR B 457 44.14 58.36 14.13
C THR B 457 43.90 59.58 15.00
N GLU B 458 42.65 59.78 15.42
CA GLU B 458 42.31 60.94 16.24
C GLU B 458 43.15 60.98 17.51
N ILE B 459 43.51 62.20 17.93
CA ILE B 459 44.40 62.38 19.07
C ILE B 459 43.71 61.94 20.35
N TYR B 460 44.48 61.35 21.26
CA TYR B 460 43.96 60.77 22.49
C TYR B 460 44.45 61.57 23.69
N GLN B 461 43.55 61.73 24.67
CA GLN B 461 43.86 62.41 25.92
C GLN B 461 44.13 61.38 27.00
N ALA B 462 45.21 61.56 27.75
CA ALA B 462 45.60 60.62 28.79
C ALA B 462 45.04 60.99 30.16
N GLY B 463 44.97 62.27 30.48
CA GLY B 463 44.50 62.73 31.78
C GLY B 463 43.71 64.00 31.67
N SER B 464 43.80 64.84 32.70
CA SER B 464 43.07 66.10 32.73
C SER B 464 43.61 67.14 31.76
N THR B 465 44.79 66.91 31.20
CA THR B 465 45.37 67.85 30.24
C THR B 465 44.82 67.56 28.85
N PRO B 466 44.12 68.50 28.21
CA PRO B 466 43.59 68.24 26.88
C PRO B 466 44.64 68.50 25.80
N CYS B 467 44.45 67.82 24.66
CA CYS B 467 45.34 68.00 23.52
C CYS B 467 44.90 69.16 22.64
N ASN B 468 43.70 69.07 22.07
CA ASN B 468 43.15 70.08 21.17
C ASN B 468 44.15 70.42 20.06
N GLY B 469 44.63 69.38 19.38
CA GLY B 469 45.59 69.54 18.31
C GLY B 469 47.04 69.55 18.74
N VAL B 470 47.34 69.25 20.00
CA VAL B 470 48.70 69.24 20.53
C VAL B 470 49.16 67.79 20.66
N GLU B 471 50.37 67.51 20.20
CA GLU B 471 50.97 66.19 20.27
C GLU B 471 52.15 66.22 21.23
N GLY B 472 52.29 65.17 22.04
CA GLY B 472 53.37 65.11 23.00
C GLY B 472 52.98 64.52 24.34
N PHE B 473 53.17 65.29 25.40
CA PHE B 473 52.83 64.82 26.74
C PHE B 473 51.33 64.57 26.85
N ASN B 474 50.98 63.37 27.33
CA ASN B 474 49.59 62.93 27.50
C ASN B 474 48.85 62.84 26.18
N CYS B 475 49.55 63.11 25.07
CA CYS B 475 48.98 63.01 23.72
C CYS B 475 50.04 62.29 22.88
N TYR B 476 49.99 60.97 22.89
CA TYR B 476 51.08 60.16 22.34
C TYR B 476 50.92 59.93 20.84
N PHE B 477 52.05 59.76 20.17
CA PHE B 477 52.04 59.39 18.77
C PHE B 477 51.66 57.92 18.62
N PRO B 478 50.97 57.56 17.53
CA PRO B 478 50.50 56.17 17.39
C PRO B 478 51.51 55.27 16.70
N LEU B 479 52.77 55.68 16.62
CA LEU B 479 53.79 54.91 15.92
C LEU B 479 55.00 54.69 16.82
N GLN B 480 55.54 53.47 16.79
CA GLN B 480 56.80 53.13 17.44
C GLN B 480 57.45 52.00 16.66
N SER B 481 58.76 51.84 16.86
CA SER B 481 59.54 50.95 16.02
C SER B 481 59.55 49.52 16.56
N TYR B 482 59.85 48.57 15.67
CA TYR B 482 60.03 47.17 16.02
C TYR B 482 61.51 46.88 16.26
N GLY B 483 61.82 45.65 16.61
CA GLY B 483 63.20 45.19 16.64
C GLY B 483 63.36 43.81 16.03
N PHE B 484 64.08 43.72 14.91
CA PHE B 484 64.36 42.46 14.24
C PHE B 484 65.83 42.40 13.86
N GLN B 485 66.50 41.31 14.23
CA GLN B 485 67.88 41.06 13.86
C GLN B 485 68.06 39.57 13.62
N PRO B 486 69.05 39.16 12.82
CA PRO B 486 69.38 37.74 12.74
C PRO B 486 69.89 37.18 14.05
N THR B 487 70.36 38.03 14.97
CA THR B 487 70.84 37.60 16.27
C THR B 487 69.81 37.76 17.37
N ASN B 488 68.60 38.23 17.05
CA ASN B 488 67.55 38.40 18.04
C ASN B 488 66.88 37.06 18.35
N GLY B 489 66.08 37.04 19.41
CA GLY B 489 65.39 35.82 19.78
C GLY B 489 64.34 35.42 18.76
N VAL B 490 64.08 34.11 18.70
CA VAL B 490 63.14 33.57 17.72
C VAL B 490 61.75 34.13 17.94
N GLY B 491 61.31 34.17 19.21
CA GLY B 491 59.97 34.67 19.49
C GLY B 491 59.77 36.11 19.07
N TYR B 492 60.80 36.95 19.22
CA TYR B 492 60.70 38.34 18.84
C TYR B 492 61.02 38.58 17.36
N GLN B 493 61.41 37.55 16.63
CA GLN B 493 61.55 37.66 15.18
C GLN B 493 60.19 37.53 14.51
N PRO B 494 60.05 38.04 13.28
CA PRO B 494 58.72 38.06 12.65
C PRO B 494 58.17 36.67 12.41
N TYR B 495 56.85 36.57 12.44
CA TYR B 495 56.12 35.33 12.18
C TYR B 495 55.20 35.51 10.98
N ARG B 496 55.12 34.49 10.14
CA ARG B 496 54.18 34.49 9.01
C ARG B 496 52.87 33.87 9.50
N VAL B 497 51.94 34.73 9.88
CA VAL B 497 50.69 34.32 10.52
C VAL B 497 49.58 34.66 9.54
N VAL B 498 49.19 33.69 8.71
CA VAL B 498 48.15 33.88 7.71
C VAL B 498 46.87 33.21 8.17
N VAL B 499 46.01 33.97 8.84
CA VAL B 499 44.77 33.42 9.39
C VAL B 499 43.72 33.40 8.29
N LEU B 500 43.06 32.25 8.11
CA LEU B 500 42.07 32.07 7.08
C LEU B 500 40.67 32.02 7.71
N SER B 501 39.76 32.83 7.17
CA SER B 501 38.39 32.90 7.66
C SER B 501 37.43 32.53 6.53
N PHE B 502 36.32 31.92 6.91
CA PHE B 502 35.33 31.43 5.97
C PHE B 502 33.99 32.14 6.19
N GLU B 503 33.03 31.84 5.30
CA GLU B 503 31.69 32.42 5.37
C GLU B 503 30.68 31.44 4.78
N LEU B 504 29.54 31.32 5.47
CA LEU B 504 28.43 30.45 5.06
C LEU B 504 27.26 31.24 4.51
N LEU B 505 27.53 32.29 3.72
CA LEU B 505 26.48 33.11 3.16
C LEU B 505 25.54 32.27 2.27
N HIS B 506 24.38 32.86 1.98
CA HIS B 506 23.41 32.24 1.07
C HIS B 506 23.70 32.74 -0.34
N ALA B 507 24.78 32.23 -0.91
CA ALA B 507 25.26 32.62 -2.22
C ALA B 507 25.55 31.37 -3.04
N PRO B 508 25.55 31.48 -4.37
CA PRO B 508 25.91 30.33 -5.20
C PRO B 508 27.32 29.85 -4.93
N ALA B 509 27.62 28.65 -5.42
CA ALA B 509 28.92 28.02 -5.20
C ALA B 509 30.05 28.92 -5.66
N THR B 510 30.88 29.38 -4.72
CA THR B 510 31.96 30.30 -5.03
C THR B 510 33.29 29.81 -4.46
N VAL B 511 33.24 29.13 -3.32
CA VAL B 511 34.43 28.61 -2.66
C VAL B 511 34.16 27.17 -2.24
N CYS B 512 35.08 26.27 -2.59
CA CYS B 512 35.00 24.88 -2.18
C CYS B 512 36.38 24.24 -2.40
N GLY B 513 36.45 22.92 -2.21
CA GLY B 513 37.69 22.20 -2.35
C GLY B 513 37.85 21.59 -3.73
N PRO B 514 39.03 21.04 -4.01
CA PRO B 514 39.28 20.45 -5.34
C PRO B 514 38.61 19.10 -5.51
N LYS B 515 38.64 18.28 -4.46
CA LYS B 515 38.06 16.95 -4.38
C LYS B 515 38.77 15.93 -5.26
N LYS B 516 39.77 16.34 -6.06
CA LYS B 516 40.58 15.44 -6.88
C LYS B 516 39.73 14.62 -7.85
N SER B 517 40.33 13.61 -8.45
CA SER B 517 39.63 12.77 -9.43
C SER B 517 40.39 11.45 -9.56
N THR B 518 39.83 10.55 -10.36
CA THR B 518 40.42 9.24 -10.59
C THR B 518 40.50 8.92 -12.08
N ASN B 519 40.83 7.69 -12.42
CA ASN B 519 40.95 7.25 -13.81
C ASN B 519 39.69 6.52 -14.25
N LEU B 520 39.64 6.21 -15.54
CA LEU B 520 38.48 5.58 -16.16
C LEU B 520 38.83 4.16 -16.62
N VAL B 521 37.92 3.22 -16.35
CA VAL B 521 38.06 1.83 -16.77
C VAL B 521 36.79 1.43 -17.49
N LYS B 522 36.94 0.80 -18.66
CA LYS B 522 35.83 0.49 -19.53
C LYS B 522 35.52 -1.01 -19.51
N ASN B 523 34.29 -1.34 -19.92
CA ASN B 523 33.83 -2.71 -20.09
C ASN B 523 33.86 -3.50 -18.78
N LYS B 524 33.60 -2.81 -17.66
CA LYS B 524 33.54 -3.46 -16.36
C LYS B 524 32.48 -2.78 -15.51
N CYS B 525 31.82 -3.58 -14.67
CA CYS B 525 30.81 -3.05 -13.75
C CYS B 525 31.52 -2.21 -12.69
N VAL B 526 31.38 -0.88 -12.78
CA VAL B 526 32.04 0.03 -11.87
C VAL B 526 31.02 1.01 -11.32
N ASN B 527 31.43 1.74 -10.27
CA ASN B 527 30.61 2.78 -9.67
C ASN B 527 31.15 4.13 -10.12
N PHE B 528 30.30 4.91 -10.79
CA PHE B 528 30.71 6.18 -11.34
C PHE B 528 29.99 7.33 -10.64
N ASN B 529 30.68 8.47 -10.53
CA ASN B 529 30.13 9.69 -9.96
C ASN B 529 30.63 10.85 -10.82
N PHE B 530 29.85 11.19 -11.85
CA PHE B 530 30.21 12.23 -12.80
C PHE B 530 29.39 13.48 -12.47
N ASN B 531 29.91 14.30 -11.56
CA ASN B 531 29.25 15.54 -11.14
C ASN B 531 27.85 15.27 -10.58
N GLY B 532 27.70 14.15 -9.88
CA GLY B 532 26.46 13.80 -9.21
C GLY B 532 25.71 12.64 -9.84
N LEU B 533 26.01 12.29 -11.09
CA LEU B 533 25.34 11.20 -11.78
C LEU B 533 25.87 9.87 -11.26
N THR B 534 25.45 9.54 -10.04
CA THR B 534 25.91 8.32 -9.39
C THR B 534 25.12 7.11 -9.89
N GLY B 535 25.83 6.03 -10.18
CA GLY B 535 25.19 4.81 -10.62
C GLY B 535 26.22 3.74 -10.89
N THR B 536 25.72 2.55 -11.23
CA THR B 536 26.56 1.40 -11.54
C THR B 536 26.18 0.86 -12.91
N GLY B 537 27.18 0.47 -13.68
CA GLY B 537 26.93 -0.08 -15.00
C GLY B 537 28.23 -0.29 -15.76
N VAL B 538 28.06 -0.58 -17.05
CA VAL B 538 29.18 -0.81 -17.95
C VAL B 538 29.43 0.45 -18.76
N LEU B 539 30.68 0.92 -18.76
CA LEU B 539 31.07 2.13 -19.47
C LEU B 539 31.80 1.73 -20.75
N THR B 540 31.27 2.12 -21.90
CA THR B 540 31.90 1.86 -23.18
C THR B 540 31.72 3.06 -24.09
N GLU B 541 32.69 3.26 -24.97
CA GLU B 541 32.67 4.39 -25.89
C GLU B 541 31.54 4.23 -26.91
N SER B 542 30.92 5.35 -27.27
CA SER B 542 29.79 5.36 -28.18
C SER B 542 29.91 6.53 -29.14
N ASN B 543 29.17 6.43 -30.25
CA ASN B 543 29.14 7.44 -31.29
C ASN B 543 27.76 8.11 -31.27
N LYS B 544 27.63 9.15 -30.45
CA LYS B 544 26.41 9.93 -30.33
C LYS B 544 26.69 11.40 -30.60
N LYS B 545 25.85 12.02 -31.42
CA LYS B 545 26.04 13.41 -31.84
C LYS B 545 25.63 14.34 -30.70
N PHE B 546 26.46 14.37 -29.67
CA PHE B 546 26.22 15.24 -28.52
C PHE B 546 26.49 16.69 -28.89
N LEU B 547 25.55 17.56 -28.55
CA LEU B 547 25.76 18.99 -28.74
C LEU B 547 26.79 19.51 -27.74
N PRO B 548 27.54 20.56 -28.10
CA PRO B 548 28.63 21.01 -27.21
C PRO B 548 28.17 21.39 -25.81
N PHE B 549 26.98 21.96 -25.66
CA PHE B 549 26.47 22.35 -24.35
C PHE B 549 25.75 21.21 -23.63
N GLN B 550 25.60 20.06 -24.26
CA GLN B 550 24.87 18.95 -23.67
C GLN B 550 25.85 18.00 -22.98
N GLN B 551 25.56 17.67 -21.72
CA GLN B 551 26.49 16.89 -20.90
C GLN B 551 26.21 15.40 -20.97
N PHE B 552 25.01 14.98 -20.55
CA PHE B 552 24.69 13.56 -20.48
C PHE B 552 23.34 13.29 -21.12
N GLY B 553 23.29 12.24 -21.94
CA GLY B 553 22.07 11.86 -22.62
C GLY B 553 21.10 11.13 -21.72
N ARG B 554 19.92 10.87 -22.28
CA ARG B 554 18.85 10.21 -21.53
C ARG B 554 17.79 9.74 -22.52
N ASP B 555 17.40 8.47 -22.41
CA ASP B 555 16.42 7.89 -23.31
C ASP B 555 15.03 8.01 -22.70
N ILE B 556 14.06 7.29 -23.30
CA ILE B 556 12.69 7.33 -22.82
C ILE B 556 12.63 6.82 -21.38
N ALA B 557 11.68 7.37 -20.61
CA ALA B 557 11.42 6.98 -19.22
C ALA B 557 12.57 7.36 -18.29
N ASP B 558 13.37 8.36 -18.69
CA ASP B 558 14.41 8.94 -17.85
C ASP B 558 15.41 7.88 -17.37
N THR B 559 16.11 7.29 -18.34
CA THR B 559 17.16 6.32 -18.07
C THR B 559 18.44 6.83 -18.75
N THR B 560 19.32 7.42 -17.96
CA THR B 560 20.58 7.94 -18.49
C THR B 560 21.40 6.82 -19.09
N ASP B 561 21.90 7.03 -20.31
CA ASP B 561 22.65 5.99 -20.99
C ASP B 561 23.97 6.52 -21.55
N ALA B 562 24.08 7.82 -21.79
CA ALA B 562 25.29 8.40 -22.33
C ALA B 562 25.71 9.60 -21.48
N VAL B 563 27.00 9.69 -21.20
CA VAL B 563 27.57 10.80 -20.42
C VAL B 563 28.87 11.24 -21.08
N ARG B 564 29.08 12.55 -21.15
CA ARG B 564 30.33 13.09 -21.65
C ARG B 564 31.37 13.15 -20.54
N ASP B 565 32.61 12.78 -20.87
CA ASP B 565 33.68 12.85 -19.90
C ASP B 565 33.99 14.30 -19.55
N PRO B 566 34.22 14.61 -18.27
CA PRO B 566 34.56 15.99 -17.90
C PRO B 566 35.97 16.41 -18.29
N GLN B 567 36.84 15.46 -18.65
CA GLN B 567 38.23 15.77 -19.00
C GLN B 567 38.54 15.49 -20.47
N THR B 568 38.32 14.27 -20.94
CA THR B 568 38.62 13.94 -22.32
C THR B 568 37.50 14.36 -23.28
N LEU B 569 36.31 14.65 -22.75
CA LEU B 569 35.17 15.08 -23.56
C LEU B 569 34.83 14.04 -24.64
N GLU B 570 34.50 12.83 -24.18
CA GLU B 570 34.12 11.73 -25.06
C GLU B 570 32.76 11.20 -24.65
N ILE B 571 32.08 10.57 -25.61
CA ILE B 571 30.73 10.06 -25.39
C ILE B 571 30.83 8.60 -24.96
N LEU B 572 30.41 8.31 -23.72
CA LEU B 572 30.52 6.99 -23.13
C LEU B 572 29.13 6.46 -22.82
N ASP B 573 28.85 5.23 -23.26
CA ASP B 573 27.57 4.60 -22.99
C ASP B 573 27.50 4.15 -21.53
N ILE B 574 26.27 3.95 -21.06
CA ILE B 574 26.01 3.44 -19.72
C ILE B 574 24.92 2.37 -19.83
N THR B 575 25.19 1.19 -19.28
CA THR B 575 24.21 0.12 -19.24
C THR B 575 24.54 -0.78 -18.06
N PRO B 576 23.54 -1.18 -17.27
CA PRO B 576 23.81 -2.11 -16.17
C PRO B 576 24.22 -3.47 -16.73
N CYS B 577 25.19 -4.10 -16.07
CA CYS B 577 25.69 -5.37 -16.57
C CYS B 577 24.73 -6.50 -16.20
N SER B 578 25.10 -7.72 -16.60
CA SER B 578 24.16 -8.82 -16.67
C SER B 578 23.54 -9.14 -15.31
N PHE B 579 22.22 -9.29 -15.30
CA PHE B 579 21.48 -9.80 -14.16
C PHE B 579 20.26 -10.53 -14.68
N GLY B 580 19.69 -11.39 -13.84
CA GLY B 580 18.51 -12.13 -14.24
C GLY B 580 18.21 -13.23 -13.26
N GLY B 581 17.01 -13.79 -13.42
CA GLY B 581 16.59 -14.87 -12.56
C GLY B 581 17.39 -16.14 -12.80
N VAL B 582 17.43 -16.98 -11.77
CA VAL B 582 18.14 -18.26 -11.80
C VAL B 582 17.11 -19.36 -11.65
N SER B 583 17.07 -20.26 -12.63
CA SER B 583 16.11 -21.37 -12.63
C SER B 583 16.86 -22.69 -12.52
N VAL B 584 16.20 -23.68 -11.94
CA VAL B 584 16.77 -25.00 -11.71
C VAL B 584 15.91 -26.03 -12.45
N ILE B 585 16.55 -26.85 -13.26
CA ILE B 585 15.88 -27.91 -14.02
C ILE B 585 16.22 -29.23 -13.36
N THR B 586 15.22 -29.88 -12.79
CA THR B 586 15.43 -31.11 -12.06
C THR B 586 14.45 -32.18 -12.51
N PRO B 587 14.86 -33.45 -12.51
CA PRO B 587 13.92 -34.55 -12.76
C PRO B 587 13.21 -35.08 -11.53
N GLY B 588 13.27 -34.37 -10.42
CA GLY B 588 12.65 -34.80 -9.18
C GLY B 588 13.60 -35.59 -8.30
N THR B 589 13.30 -35.56 -7.00
CA THR B 589 14.08 -36.32 -6.02
C THR B 589 13.52 -37.72 -5.83
N ASN B 590 13.29 -38.41 -6.96
CA ASN B 590 12.84 -39.79 -6.96
C ASN B 590 13.58 -40.66 -7.96
N THR B 591 14.34 -40.07 -8.89
CA THR B 591 15.13 -40.80 -9.85
C THR B 591 16.61 -40.46 -9.80
N SER B 592 16.96 -39.22 -9.47
CA SER B 592 18.36 -38.80 -9.37
C SER B 592 18.40 -37.47 -8.62
N ASN B 593 19.60 -36.89 -8.53
CA ASN B 593 19.78 -35.61 -7.89
C ASN B 593 20.47 -34.58 -8.77
N GLN B 594 20.91 -34.96 -9.96
CA GLN B 594 21.56 -34.01 -10.86
C GLN B 594 20.58 -32.94 -11.31
N VAL B 595 21.04 -31.69 -11.31
CA VAL B 595 20.24 -30.55 -11.73
C VAL B 595 21.05 -29.70 -12.70
N ALA B 596 20.33 -28.93 -13.52
CA ALA B 596 20.94 -28.01 -14.46
C ALA B 596 20.42 -26.60 -14.16
N VAL B 597 21.34 -25.68 -13.91
CA VAL B 597 21.00 -24.31 -13.53
C VAL B 597 21.00 -23.45 -14.79
N LEU B 598 19.90 -22.73 -15.00
CA LEU B 598 19.75 -21.84 -16.14
C LEU B 598 19.73 -20.40 -15.65
N TYR B 599 20.59 -19.57 -16.24
CA TYR B 599 20.64 -18.15 -15.95
C TYR B 599 19.90 -17.42 -17.07
N GLN B 600 18.75 -16.84 -16.73
CA GLN B 600 17.90 -16.24 -17.75
C GLN B 600 18.58 -15.06 -18.40
N ASP B 601 18.62 -15.08 -19.73
CA ASP B 601 19.23 -14.08 -20.61
C ASP B 601 20.54 -13.50 -20.06
N VAL B 602 21.36 -14.36 -19.48
CA VAL B 602 22.72 -14.01 -19.05
C VAL B 602 23.68 -14.78 -19.93
N ASN B 603 24.56 -14.06 -20.63
CA ASN B 603 25.45 -14.69 -21.59
C ASN B 603 26.41 -15.65 -20.90
N CYS B 604 26.69 -16.77 -21.57
CA CYS B 604 27.59 -17.78 -21.02
C CYS B 604 29.03 -17.29 -20.93
N THR B 605 29.37 -16.19 -21.61
CA THR B 605 30.73 -15.69 -21.57
C THR B 605 31.12 -15.19 -20.18
N GLU B 606 30.14 -14.84 -19.36
CA GLU B 606 30.39 -14.36 -18.00
C GLU B 606 29.68 -15.26 -17.01
N VAL B 607 30.21 -15.30 -15.79
CA VAL B 607 29.66 -16.14 -14.74
C VAL B 607 28.38 -15.53 -14.18
N ASN B 628 28.43 -29.47 -18.94
CA ASN B 628 28.85 -28.60 -20.03
C ASN B 628 28.12 -27.26 -20.00
N VAL B 629 28.41 -26.41 -20.96
CA VAL B 629 27.80 -25.08 -21.06
C VAL B 629 27.12 -24.97 -22.41
N PHE B 630 25.85 -24.56 -22.40
CA PHE B 630 25.06 -24.41 -23.61
C PHE B 630 24.39 -23.04 -23.58
N GLN B 631 24.42 -22.36 -24.72
CA GLN B 631 23.83 -21.03 -24.86
C GLN B 631 22.54 -21.12 -25.66
N THR B 632 21.45 -20.61 -25.10
CA THR B 632 20.14 -20.60 -25.74
C THR B 632 19.64 -19.17 -25.87
N ARG B 633 18.44 -19.03 -26.44
CA ARG B 633 17.81 -17.72 -26.49
C ARG B 633 17.28 -17.30 -25.12
N ALA B 634 16.97 -18.28 -24.26
CA ALA B 634 16.48 -18.01 -22.92
C ALA B 634 17.60 -17.80 -21.91
N GLY B 635 18.85 -18.00 -22.30
CA GLY B 635 19.98 -17.85 -21.42
C GLY B 635 20.86 -19.09 -21.41
N CYS B 636 22.01 -18.94 -20.75
CA CYS B 636 22.97 -20.02 -20.67
C CYS B 636 22.44 -21.14 -19.78
N LEU B 637 22.58 -22.37 -20.25
CA LEU B 637 22.14 -23.57 -19.53
C LEU B 637 23.39 -24.34 -19.11
N ILE B 638 23.71 -24.30 -17.83
CA ILE B 638 24.92 -24.92 -17.29
C ILE B 638 24.52 -26.25 -16.67
N GLY B 639 25.16 -27.32 -17.12
CA GLY B 639 24.91 -28.64 -16.59
C GLY B 639 24.00 -29.52 -17.44
N ALA B 640 23.96 -29.30 -18.74
CA ALA B 640 23.11 -30.09 -19.63
C ALA B 640 23.82 -30.32 -20.95
N GLU B 641 23.82 -31.57 -21.40
CA GLU B 641 24.45 -31.94 -22.67
C GLU B 641 23.51 -31.64 -23.83
N HIS B 642 24.05 -31.05 -24.88
CA HIS B 642 23.27 -30.74 -26.07
C HIS B 642 23.32 -31.93 -27.03
N VAL B 643 22.15 -32.41 -27.43
CA VAL B 643 22.04 -33.56 -28.32
C VAL B 643 21.14 -33.19 -29.48
N ASN B 644 21.36 -33.83 -30.62
CA ASN B 644 20.60 -33.55 -31.83
C ASN B 644 19.36 -34.43 -31.98
N ASN B 645 19.06 -35.26 -30.99
CA ASN B 645 17.80 -36.01 -31.00
C ASN B 645 16.63 -35.04 -30.80
N SER B 646 15.42 -35.59 -30.93
CA SER B 646 14.21 -34.79 -30.79
C SER B 646 13.09 -35.70 -30.31
N TYR B 647 12.63 -35.47 -29.08
CA TYR B 647 11.53 -36.23 -28.49
C TYR B 647 10.46 -35.25 -28.00
N GLU B 648 9.48 -35.80 -27.29
CA GLU B 648 8.45 -34.95 -26.70
C GLU B 648 9.05 -34.05 -25.62
N CYS B 649 8.46 -32.87 -25.46
CA CYS B 649 8.98 -31.86 -24.54
C CYS B 649 8.64 -32.27 -23.12
N ASP B 650 9.66 -32.54 -22.31
CA ASP B 650 9.48 -33.01 -20.93
C ASP B 650 9.48 -31.86 -19.94
N ILE B 651 10.56 -31.11 -19.87
CA ILE B 651 10.70 -29.97 -18.95
C ILE B 651 10.85 -28.72 -19.81
N PRO B 652 9.83 -27.87 -19.93
CA PRO B 652 9.90 -26.75 -20.86
C PRO B 652 10.89 -25.69 -20.40
N ILE B 653 11.75 -25.24 -21.32
CA ILE B 653 12.74 -24.21 -21.05
C ILE B 653 12.37 -22.90 -21.76
N GLY B 654 12.29 -22.94 -23.08
CA GLY B 654 11.91 -21.77 -23.84
C GLY B 654 12.56 -21.74 -25.20
N ALA B 655 11.96 -20.99 -26.11
CA ALA B 655 12.48 -20.76 -27.46
C ALA B 655 12.67 -22.07 -28.23
N GLY B 656 11.76 -23.01 -28.03
CA GLY B 656 11.80 -24.28 -28.73
C GLY B 656 12.77 -25.29 -28.17
N ILE B 657 13.50 -24.96 -27.11
CA ILE B 657 14.46 -25.85 -26.48
C ILE B 657 13.91 -26.24 -25.13
N CYS B 658 13.94 -27.55 -24.83
CA CYS B 658 13.51 -28.02 -23.52
C CYS B 658 14.17 -29.36 -23.23
N ALA B 659 14.62 -29.52 -21.99
CA ALA B 659 15.46 -30.63 -21.59
C ALA B 659 14.64 -31.81 -21.08
N SER B 660 15.33 -32.92 -20.83
CA SER B 660 14.72 -34.15 -20.32
C SER B 660 15.82 -34.99 -19.70
N TYR B 661 15.40 -35.95 -18.87
CA TYR B 661 16.30 -36.88 -18.22
C TYR B 661 16.30 -38.21 -18.96
N GLN B 662 17.47 -38.61 -19.44
CA GLN B 662 17.60 -39.87 -20.19
C GLN B 662 17.54 -41.06 -19.23
N GLN B 677 21.75 -40.85 -19.49
CA GLN B 677 21.66 -40.94 -18.04
C GLN B 677 22.09 -39.62 -17.39
N SER B 678 21.63 -38.51 -17.96
CA SER B 678 21.94 -37.18 -17.45
C SER B 678 20.88 -36.22 -17.97
N ILE B 679 21.09 -34.93 -17.71
CA ILE B 679 20.19 -33.90 -18.22
C ILE B 679 20.67 -33.49 -19.60
N ILE B 680 19.81 -33.64 -20.60
CA ILE B 680 20.14 -33.30 -21.98
C ILE B 680 19.05 -32.40 -22.55
N ALA B 681 19.46 -31.37 -23.27
CA ALA B 681 18.53 -30.38 -23.81
C ALA B 681 18.30 -30.64 -25.29
N TYR B 682 17.04 -30.82 -25.66
CA TYR B 682 16.64 -31.11 -27.02
C TYR B 682 16.28 -29.82 -27.76
N THR B 683 15.75 -30.00 -28.97
CA THR B 683 14.90 -29.03 -29.63
C THR B 683 13.60 -29.76 -29.91
N MET B 684 12.53 -29.36 -29.23
CA MET B 684 11.34 -30.21 -29.11
C MET B 684 10.79 -30.57 -30.49
N SER B 685 10.42 -31.84 -30.64
CA SER B 685 9.87 -32.34 -31.89
C SER B 685 8.36 -32.14 -31.90
N LEU B 686 7.86 -31.49 -32.94
CA LEU B 686 6.43 -31.17 -33.01
C LEU B 686 5.60 -32.44 -33.13
N GLY B 687 6.05 -33.41 -33.91
CA GLY B 687 5.31 -34.66 -34.03
C GLY B 687 5.87 -35.52 -35.14
N ALA B 688 5.17 -36.62 -35.38
CA ALA B 688 5.55 -37.55 -36.44
C ALA B 688 5.35 -36.90 -37.80
N GLU B 689 5.95 -37.52 -38.82
CA GLU B 689 5.88 -37.04 -40.19
C GLU B 689 5.04 -37.99 -41.03
N ASN B 690 4.02 -37.44 -41.68
CA ASN B 690 3.17 -38.20 -42.59
C ASN B 690 3.08 -37.48 -43.92
N SER B 691 3.25 -38.23 -45.00
CA SER B 691 3.06 -37.72 -46.36
C SER B 691 1.91 -38.53 -46.96
N VAL B 692 0.68 -38.07 -46.73
CA VAL B 692 -0.49 -38.80 -47.20
C VAL B 692 -0.51 -38.78 -48.72
N ALA B 693 -0.68 -39.97 -49.32
CA ALA B 693 -0.63 -40.10 -50.77
C ALA B 693 -1.90 -39.50 -51.37
N TYR B 694 -1.78 -38.31 -51.94
CA TYR B 694 -2.91 -37.63 -52.56
C TYR B 694 -2.82 -37.73 -54.08
N SER B 695 -3.89 -38.21 -54.69
CA SER B 695 -3.99 -38.24 -56.15
C SER B 695 -5.44 -37.96 -56.53
N ASN B 696 -5.62 -37.52 -57.77
CA ASN B 696 -6.91 -37.01 -58.23
C ASN B 696 -7.99 -38.09 -58.31
N ASN B 697 -7.64 -39.36 -58.24
CA ASN B 697 -8.62 -40.44 -58.37
C ASN B 697 -8.36 -41.54 -57.34
N SER B 698 -8.09 -41.16 -56.10
CA SER B 698 -7.89 -42.12 -55.02
C SER B 698 -8.69 -41.69 -53.79
N ILE B 699 -9.07 -42.68 -52.99
CA ILE B 699 -9.82 -42.45 -51.76
C ILE B 699 -9.39 -43.48 -50.72
N ALA B 700 -9.58 -43.13 -49.45
CA ALA B 700 -9.40 -44.05 -48.34
C ALA B 700 -10.72 -44.12 -47.57
N ILE B 701 -11.27 -45.33 -47.45
CA ILE B 701 -12.56 -45.55 -46.81
C ILE B 701 -12.35 -46.56 -45.69
N PRO B 702 -12.79 -46.28 -44.47
CA PRO B 702 -12.61 -47.24 -43.38
C PRO B 702 -13.44 -48.49 -43.61
N THR B 703 -12.92 -49.62 -43.15
CA THR B 703 -13.58 -50.90 -43.30
C THR B 703 -13.99 -51.53 -41.98
N ASN B 704 -13.58 -50.97 -40.84
CA ASN B 704 -13.80 -51.60 -39.55
C ASN B 704 -13.61 -50.52 -38.51
N PHE B 705 -14.41 -50.53 -37.45
CA PHE B 705 -14.39 -49.42 -36.52
C PHE B 705 -13.92 -49.85 -35.13
N THR B 706 -13.76 -48.86 -34.25
CA THR B 706 -13.55 -49.10 -32.83
C THR B 706 -14.27 -48.00 -32.05
N ILE B 707 -14.70 -48.35 -30.85
CA ILE B 707 -15.43 -47.44 -29.97
C ILE B 707 -14.54 -47.09 -28.80
N SER B 708 -14.34 -45.80 -28.55
CA SER B 708 -13.47 -45.32 -27.49
C SER B 708 -14.25 -44.47 -26.51
N VAL B 709 -13.89 -44.59 -25.23
CA VAL B 709 -14.50 -43.81 -24.15
C VAL B 709 -13.40 -42.97 -23.52
N THR B 710 -13.60 -41.66 -23.52
CA THR B 710 -12.62 -40.72 -22.99
C THR B 710 -13.15 -40.10 -21.70
N THR B 711 -12.36 -39.19 -21.13
CA THR B 711 -12.73 -38.49 -19.91
C THR B 711 -12.44 -37.00 -20.06
N GLU B 712 -13.15 -36.20 -19.28
CA GLU B 712 -12.95 -34.76 -19.30
C GLU B 712 -13.32 -34.20 -17.93
N ILE B 713 -12.36 -33.55 -17.27
CA ILE B 713 -12.51 -33.06 -15.91
C ILE B 713 -12.72 -31.56 -15.96
N LEU B 714 -13.77 -31.09 -15.28
CA LEU B 714 -14.08 -29.67 -15.22
C LEU B 714 -14.41 -29.27 -13.79
N PRO B 715 -13.91 -28.13 -13.32
CA PRO B 715 -14.30 -27.64 -11.99
C PRO B 715 -15.54 -26.76 -12.06
N VAL B 716 -16.42 -26.94 -11.07
CA VAL B 716 -17.72 -26.28 -11.05
C VAL B 716 -17.80 -25.22 -9.96
N SER B 717 -17.30 -25.52 -8.77
CA SER B 717 -17.41 -24.59 -7.65
C SER B 717 -16.20 -24.74 -6.74
N MET B 718 -16.03 -23.77 -5.86
CA MET B 718 -14.97 -23.77 -4.87
C MET B 718 -15.57 -23.61 -3.47
N THR B 719 -14.71 -23.44 -2.47
CA THR B 719 -15.14 -23.38 -1.09
C THR B 719 -15.67 -21.99 -0.73
N LYS B 720 -16.84 -21.96 -0.11
CA LYS B 720 -17.37 -20.71 0.40
C LYS B 720 -16.52 -20.20 1.56
N THR B 721 -16.35 -18.88 1.64
CA THR B 721 -15.60 -18.27 2.73
C THR B 721 -16.23 -16.95 3.09
N SER B 722 -16.27 -16.65 4.39
CA SER B 722 -16.72 -15.37 4.91
C SER B 722 -15.79 -14.96 6.03
N VAL B 723 -15.34 -13.71 6.01
CA VAL B 723 -14.33 -13.22 6.94
C VAL B 723 -14.91 -12.05 7.71
N ASP B 724 -14.76 -12.08 9.03
CA ASP B 724 -15.19 -11.00 9.91
C ASP B 724 -14.00 -10.08 10.18
N CYS B 725 -14.16 -8.80 9.86
CA CYS B 725 -13.06 -7.86 10.02
C CYS B 725 -12.71 -7.64 11.48
N THR B 726 -13.71 -7.35 12.32
CA THR B 726 -13.45 -7.03 13.72
C THR B 726 -12.76 -8.19 14.43
N MET B 727 -13.08 -9.43 14.05
CA MET B 727 -12.39 -10.57 14.63
C MET B 727 -10.98 -10.73 14.06
N TYR B 728 -10.76 -10.27 12.82
CA TYR B 728 -9.48 -10.44 12.14
C TYR B 728 -8.56 -9.24 12.35
N ILE B 729 -8.97 -8.06 11.91
CA ILE B 729 -8.09 -6.90 11.94
C ILE B 729 -7.83 -6.46 13.38
N CYS B 730 -8.87 -6.36 14.20
CA CYS B 730 -8.74 -5.86 15.55
C CYS B 730 -8.46 -6.94 16.57
N GLY B 731 -8.95 -8.16 16.34
CA GLY B 731 -8.72 -9.26 17.28
C GLY B 731 -9.41 -9.09 18.62
N ASP B 732 -10.66 -8.60 18.62
CA ASP B 732 -11.48 -8.52 19.83
C ASP B 732 -10.85 -7.58 20.86
N SER B 733 -10.50 -6.37 20.44
CA SER B 733 -9.98 -5.35 21.32
C SER B 733 -10.73 -4.05 21.08
N THR B 734 -11.05 -3.36 22.18
CA THR B 734 -11.83 -2.12 22.09
C THR B 734 -10.98 -0.97 21.55
N GLU B 735 -9.70 -0.93 21.93
CA GLU B 735 -8.84 0.17 21.50
C GLU B 735 -8.68 0.18 19.98
N CYS B 736 -8.46 -1.00 19.38
CA CYS B 736 -8.31 -1.09 17.94
C CYS B 736 -9.64 -0.95 17.20
N SER B 737 -10.74 -1.41 17.82
CA SER B 737 -12.03 -1.31 17.17
C SER B 737 -12.44 0.14 16.95
N ASN B 738 -12.22 0.99 17.95
CA ASN B 738 -12.56 2.40 17.81
C ASN B 738 -11.70 3.08 16.74
N LEU B 739 -10.48 2.61 16.55
CA LEU B 739 -9.60 3.14 15.52
C LEU B 739 -9.98 2.69 14.12
N LEU B 740 -10.84 1.67 14.00
CA LEU B 740 -11.25 1.17 12.70
C LEU B 740 -12.46 1.91 12.13
N LEU B 741 -13.26 2.55 12.99
CA LEU B 741 -14.40 3.33 12.49
C LEU B 741 -13.96 4.53 11.67
N GLN B 742 -12.72 4.97 11.81
CA GLN B 742 -12.24 6.11 11.02
C GLN B 742 -11.98 5.74 9.57
N TYR B 743 -11.90 4.44 9.25
CA TYR B 743 -11.71 3.99 7.89
C TYR B 743 -13.02 3.83 7.14
N GLY B 744 -14.10 4.41 7.64
CA GLY B 744 -15.36 4.38 6.91
C GLY B 744 -15.92 2.98 6.80
N SER B 745 -16.22 2.56 5.58
CA SER B 745 -16.88 1.28 5.35
C SER B 745 -16.04 0.35 4.48
N PHE B 746 -14.75 0.23 4.78
CA PHE B 746 -13.94 -0.78 4.10
C PHE B 746 -14.25 -2.18 4.54
N CYS B 747 -15.32 -2.46 5.29
CA CYS B 747 -15.61 -3.83 5.69
C CYS B 747 -17.07 -4.22 5.56
N THR B 748 -18.00 -3.27 5.37
CA THR B 748 -19.32 -3.64 4.89
C THR B 748 -19.30 -3.99 3.41
N GLN B 749 -18.20 -3.67 2.72
CA GLN B 749 -17.99 -4.03 1.33
C GLN B 749 -17.20 -5.31 1.18
N LEU B 750 -16.14 -5.50 1.97
CA LEU B 750 -15.36 -6.72 1.91
C LEU B 750 -16.15 -7.94 2.36
N ASN B 751 -17.26 -7.74 3.08
CA ASN B 751 -18.16 -8.84 3.40
C ASN B 751 -19.25 -9.01 2.35
N ARG B 752 -19.67 -7.91 1.73
CA ARG B 752 -20.63 -8.00 0.63
C ARG B 752 -20.00 -8.60 -0.62
N ALA B 753 -18.71 -8.37 -0.82
CA ALA B 753 -18.01 -8.96 -1.96
C ALA B 753 -17.76 -10.44 -1.75
N LEU B 754 -17.39 -10.83 -0.52
CA LEU B 754 -17.13 -12.23 -0.24
C LEU B 754 -18.41 -13.06 -0.23
N THR B 755 -19.53 -12.46 0.19
CA THR B 755 -20.80 -13.16 0.16
C THR B 755 -21.46 -13.11 -1.21
N GLY B 756 -20.98 -12.26 -2.12
CA GLY B 756 -21.51 -12.24 -3.47
C GLY B 756 -21.00 -13.35 -4.35
N ILE B 757 -19.87 -13.95 -3.99
CA ILE B 757 -19.31 -15.07 -4.75
C ILE B 757 -19.60 -16.37 -4.01
N ALA B 758 -19.82 -16.27 -2.70
CA ALA B 758 -20.25 -17.45 -1.94
C ALA B 758 -21.65 -17.89 -2.34
N VAL B 759 -22.52 -16.92 -2.62
CA VAL B 759 -23.85 -17.24 -3.14
C VAL B 759 -23.73 -17.79 -4.56
N GLU B 760 -22.79 -17.26 -5.35
CA GLU B 760 -22.65 -17.66 -6.74
C GLU B 760 -22.29 -19.14 -6.87
N GLN B 761 -21.51 -19.68 -5.93
CA GLN B 761 -21.11 -21.08 -6.00
C GLN B 761 -22.31 -22.02 -5.90
N ASP B 762 -23.39 -21.58 -5.24
CA ASP B 762 -24.59 -22.38 -5.20
C ASP B 762 -25.32 -22.35 -6.54
N LYS B 763 -25.15 -21.26 -7.30
CA LYS B 763 -25.76 -21.19 -8.63
C LYS B 763 -25.02 -22.05 -9.64
N ASN B 764 -23.72 -22.25 -9.45
CA ASN B 764 -22.94 -23.01 -10.42
C ASN B 764 -23.38 -24.48 -10.46
N THR B 765 -23.47 -25.12 -9.29
CA THR B 765 -23.93 -26.50 -9.25
C THR B 765 -25.41 -26.61 -9.57
N GLN B 766 -26.20 -25.61 -9.19
CA GLN B 766 -27.62 -25.60 -9.50
C GLN B 766 -27.85 -25.44 -11.01
N GLU B 767 -26.89 -24.86 -11.72
CA GLU B 767 -27.04 -24.69 -13.16
C GLU B 767 -26.61 -25.94 -13.92
N VAL B 768 -25.64 -26.68 -13.40
CA VAL B 768 -25.08 -27.84 -14.10
C VAL B 768 -25.97 -29.06 -13.90
N PHE B 769 -26.07 -29.52 -12.65
CA PHE B 769 -26.74 -30.79 -12.38
C PHE B 769 -28.26 -30.66 -12.45
N ALA B 770 -28.82 -29.58 -11.91
CA ALA B 770 -30.26 -29.42 -11.81
C ALA B 770 -30.84 -29.01 -13.16
N GLN B 771 -30.84 -29.96 -14.09
CA GLN B 771 -31.44 -29.76 -15.40
C GLN B 771 -32.60 -30.70 -15.68
N VAL B 772 -32.96 -31.57 -14.73
CA VAL B 772 -34.12 -32.45 -14.85
C VAL B 772 -35.02 -32.20 -13.66
N LYS B 773 -36.30 -31.94 -13.94
CA LYS B 773 -37.27 -31.67 -12.88
C LYS B 773 -37.73 -32.93 -12.18
N GLN B 774 -37.53 -34.11 -12.77
CA GLN B 774 -38.00 -35.36 -12.22
C GLN B 774 -36.84 -36.35 -12.13
N ILE B 775 -36.80 -37.08 -11.03
CA ILE B 775 -35.74 -38.06 -10.78
C ILE B 775 -36.22 -39.42 -11.28
N TYR B 776 -35.46 -40.01 -12.19
CA TYR B 776 -35.82 -41.27 -12.80
C TYR B 776 -35.20 -42.44 -12.04
N LYS B 777 -35.51 -43.66 -12.48
CA LYS B 777 -35.02 -44.87 -11.87
C LYS B 777 -34.74 -45.93 -12.93
N THR B 778 -33.63 -46.64 -12.76
CA THR B 778 -33.36 -47.81 -13.59
C THR B 778 -34.31 -48.95 -13.20
N PRO B 779 -34.61 -49.84 -14.14
CA PRO B 779 -35.41 -51.01 -13.80
C PRO B 779 -34.54 -52.09 -13.15
N PRO B 780 -35.10 -52.87 -12.23
CA PRO B 780 -34.29 -53.91 -11.57
C PRO B 780 -33.74 -54.95 -12.53
N ILE B 781 -34.41 -55.20 -13.64
CA ILE B 781 -33.93 -56.16 -14.64
C ILE B 781 -33.06 -55.38 -15.61
N LYS B 782 -31.77 -55.30 -15.28
CA LYS B 782 -30.81 -54.52 -16.07
C LYS B 782 -30.24 -55.42 -17.17
N ASP B 783 -31.00 -55.52 -18.27
CA ASP B 783 -30.60 -56.28 -19.45
C ASP B 783 -30.72 -55.36 -20.65
N PHE B 784 -29.60 -54.77 -21.06
CA PHE B 784 -29.57 -53.80 -22.15
C PHE B 784 -28.97 -54.38 -23.43
N GLY B 785 -29.18 -55.67 -23.67
CA GLY B 785 -28.72 -56.29 -24.90
C GLY B 785 -27.22 -56.32 -25.07
N GLY B 786 -26.49 -56.69 -24.02
CA GLY B 786 -25.05 -56.80 -24.06
C GLY B 786 -24.30 -55.61 -23.52
N PHE B 787 -24.94 -54.46 -23.40
CA PHE B 787 -24.32 -53.27 -22.83
C PHE B 787 -24.41 -53.33 -21.31
N ASN B 788 -23.29 -53.05 -20.65
CA ASN B 788 -23.19 -53.16 -19.20
C ASN B 788 -22.81 -51.80 -18.62
N PHE B 789 -23.61 -51.33 -17.66
CA PHE B 789 -23.40 -50.03 -17.04
C PHE B 789 -23.14 -50.14 -15.53
N SER B 790 -22.58 -51.27 -15.08
CA SER B 790 -22.36 -51.44 -13.64
C SER B 790 -21.33 -50.45 -13.11
N GLN B 791 -20.33 -50.09 -13.92
CA GLN B 791 -19.31 -49.16 -13.47
C GLN B 791 -19.84 -47.74 -13.28
N ILE B 792 -20.92 -47.38 -13.96
CA ILE B 792 -21.46 -46.04 -13.88
C ILE B 792 -22.78 -45.97 -13.12
N LEU B 793 -23.53 -47.07 -13.04
CA LEU B 793 -24.76 -47.09 -12.27
C LEU B 793 -24.43 -47.15 -10.77
N PRO B 794 -25.29 -46.58 -9.92
CA PRO B 794 -25.01 -46.57 -8.49
C PRO B 794 -25.31 -47.92 -7.86
N ASP B 795 -24.28 -48.58 -7.36
CA ASP B 795 -24.46 -49.84 -6.64
C ASP B 795 -25.18 -49.57 -5.33
N PRO B 796 -26.23 -50.32 -4.99
CA PRO B 796 -26.97 -50.03 -3.76
C PRO B 796 -26.34 -50.67 -2.53
N SER B 797 -25.02 -50.57 -2.42
CA SER B 797 -24.31 -50.98 -1.21
C SER B 797 -23.22 -50.03 -0.77
N LYS B 798 -22.67 -49.21 -1.67
CA LYS B 798 -21.59 -48.30 -1.34
C LYS B 798 -22.09 -47.11 -0.54
N PRO B 799 -21.21 -46.44 0.20
CA PRO B 799 -21.64 -45.24 0.94
C PRO B 799 -22.18 -44.17 0.02
N SER B 800 -23.23 -43.49 0.49
CA SER B 800 -23.92 -42.43 -0.23
C SER B 800 -24.51 -42.89 -1.56
N LYS B 801 -24.60 -44.21 -1.77
CA LYS B 801 -25.14 -44.77 -3.02
C LYS B 801 -24.41 -44.22 -4.24
N ARG B 802 -23.09 -44.09 -4.12
CA ARG B 802 -22.27 -43.63 -5.22
C ARG B 802 -21.90 -44.80 -6.13
N SER B 803 -21.69 -44.50 -7.41
CA SER B 803 -21.42 -45.54 -8.38
C SER B 803 -20.00 -46.08 -8.19
N PHE B 804 -19.73 -47.21 -8.85
CA PHE B 804 -18.46 -47.90 -8.66
C PHE B 804 -17.29 -47.11 -9.21
N ILE B 805 -17.53 -46.07 -10.02
CA ILE B 805 -16.47 -45.19 -10.50
C ILE B 805 -16.31 -43.98 -9.59
N GLU B 806 -17.41 -43.38 -9.15
CA GLU B 806 -17.33 -42.17 -8.33
C GLU B 806 -16.61 -42.40 -7.01
N ASP B 807 -16.50 -43.66 -6.56
CA ASP B 807 -15.68 -43.94 -5.40
C ASP B 807 -14.21 -43.64 -5.68
N LEU B 808 -13.75 -43.96 -6.89
CA LEU B 808 -12.38 -43.64 -7.26
C LEU B 808 -12.13 -42.13 -7.28
N LEU B 809 -13.08 -41.37 -7.80
CA LEU B 809 -12.92 -39.92 -7.91
C LEU B 809 -13.00 -39.22 -6.56
N PHE B 810 -13.62 -39.84 -5.56
CA PHE B 810 -13.73 -39.25 -4.24
C PHE B 810 -12.64 -39.71 -3.28
N ASN B 811 -12.05 -40.88 -3.51
CA ASN B 811 -10.99 -41.40 -2.67
C ASN B 811 -9.59 -41.06 -3.21
N LYS B 812 -9.52 -40.32 -4.31
CA LYS B 812 -8.24 -39.95 -4.90
C LYS B 812 -7.95 -38.46 -4.81
N VAL B 813 -8.97 -37.62 -4.63
CA VAL B 813 -8.76 -36.18 -4.51
C VAL B 813 -8.23 -35.80 -3.14
N THR B 814 -8.45 -36.64 -2.14
CA THR B 814 -8.00 -36.34 -0.78
C THR B 814 -6.49 -36.39 -0.67
N GLN B 840 -9.81 -25.45 10.14
CA GLN B 840 -10.98 -25.36 11.00
C GLN B 840 -11.45 -23.92 11.16
N LYS B 841 -11.84 -23.57 12.38
CA LYS B 841 -12.29 -22.22 12.72
C LYS B 841 -11.27 -21.60 13.66
N PHE B 842 -10.56 -20.57 13.18
CA PHE B 842 -9.49 -19.97 13.95
C PHE B 842 -9.79 -18.53 14.36
N ASN B 843 -10.00 -17.63 13.40
CA ASN B 843 -10.30 -16.24 13.73
C ASN B 843 -11.00 -15.59 12.53
N GLY B 844 -12.32 -15.48 12.61
CA GLY B 844 -13.08 -14.81 11.56
C GLY B 844 -13.31 -15.67 10.35
N LEU B 845 -12.34 -16.51 10.01
CA LEU B 845 -12.42 -17.34 8.81
C LEU B 845 -13.49 -18.41 9.02
N THR B 846 -14.63 -18.24 8.36
CA THR B 846 -15.73 -19.19 8.43
C THR B 846 -15.93 -19.82 7.06
N VAL B 847 -15.95 -21.14 7.01
CA VAL B 847 -16.14 -21.88 5.77
C VAL B 847 -17.59 -22.35 5.76
N LEU B 848 -18.41 -21.69 4.93
CA LEU B 848 -19.82 -22.04 4.85
C LEU B 848 -19.99 -23.38 4.12
N PRO B 849 -21.07 -24.10 4.41
CA PRO B 849 -21.32 -25.37 3.71
C PRO B 849 -22.11 -25.14 2.44
N PRO B 850 -22.05 -26.07 1.49
CA PRO B 850 -22.81 -25.89 0.24
C PRO B 850 -24.27 -26.23 0.43
N LEU B 851 -25.11 -25.61 -0.40
CA LEU B 851 -26.55 -25.84 -0.32
C LEU B 851 -26.89 -27.28 -0.70
N LEU B 852 -26.23 -27.81 -1.73
CA LEU B 852 -26.44 -29.18 -2.17
C LEU B 852 -25.28 -30.05 -1.68
N THR B 853 -25.59 -31.01 -0.83
CA THR B 853 -24.58 -31.93 -0.34
C THR B 853 -24.26 -32.99 -1.38
N ASP B 854 -23.16 -33.71 -1.17
CA ASP B 854 -22.74 -34.73 -2.12
C ASP B 854 -23.74 -35.86 -2.22
N GLU B 855 -24.53 -36.10 -1.17
CA GLU B 855 -25.55 -37.12 -1.22
C GLU B 855 -26.74 -36.74 -2.10
N MET B 856 -26.92 -35.44 -2.36
CA MET B 856 -27.98 -34.98 -3.25
C MET B 856 -27.49 -34.80 -4.68
N ILE B 857 -26.24 -34.41 -4.87
CA ILE B 857 -25.69 -34.32 -6.22
C ILE B 857 -25.61 -35.70 -6.86
N ALA B 858 -25.31 -36.72 -6.06
CA ALA B 858 -25.27 -38.09 -6.58
C ALA B 858 -26.64 -38.58 -6.99
N GLN B 859 -27.71 -37.90 -6.58
CA GLN B 859 -29.05 -38.21 -7.06
C GLN B 859 -29.35 -37.50 -8.39
N TYR B 860 -28.88 -36.27 -8.54
CA TYR B 860 -28.99 -35.59 -9.82
C TYR B 860 -28.20 -36.33 -10.89
N THR B 861 -26.99 -36.77 -10.55
CA THR B 861 -26.18 -37.53 -11.49
C THR B 861 -26.82 -38.86 -11.81
N SER B 862 -27.40 -39.52 -10.81
CA SER B 862 -28.09 -40.79 -11.04
C SER B 862 -29.44 -40.61 -11.71
N ALA B 863 -29.93 -39.38 -11.85
CA ALA B 863 -31.14 -39.12 -12.60
C ALA B 863 -30.85 -38.91 -14.07
N LEU B 864 -29.84 -38.11 -14.40
CA LEU B 864 -29.44 -37.93 -15.79
C LEU B 864 -28.89 -39.22 -16.38
N LEU B 865 -28.09 -39.95 -15.61
CA LEU B 865 -27.46 -41.15 -16.14
C LEU B 865 -28.47 -42.28 -16.31
N ALA B 866 -29.38 -42.43 -15.35
CA ALA B 866 -30.44 -43.44 -15.48
C ALA B 866 -31.51 -43.01 -16.48
N GLY B 867 -31.49 -41.77 -16.93
CA GLY B 867 -32.46 -41.30 -17.90
C GLY B 867 -32.02 -41.51 -19.33
N THR B 868 -30.81 -41.07 -19.66
CA THR B 868 -30.30 -41.24 -21.01
C THR B 868 -30.14 -42.70 -21.39
N ILE B 869 -30.06 -43.60 -20.41
CA ILE B 869 -29.98 -45.02 -20.70
C ILE B 869 -31.30 -45.53 -21.28
N THR B 870 -32.42 -45.08 -20.72
CA THR B 870 -33.72 -45.58 -21.16
C THR B 870 -34.24 -44.84 -22.37
N SER B 871 -34.16 -43.51 -22.39
CA SER B 871 -34.78 -42.72 -23.46
C SER B 871 -33.77 -42.03 -24.35
N GLY B 872 -32.90 -41.19 -23.80
CA GLY B 872 -31.93 -40.48 -24.61
C GLY B 872 -32.26 -39.03 -24.88
N TRP B 873 -32.69 -38.74 -26.11
CA TRP B 873 -32.94 -37.36 -26.51
C TRP B 873 -34.15 -36.78 -25.76
N THR B 874 -35.17 -37.61 -25.53
CA THR B 874 -36.50 -37.10 -25.23
C THR B 874 -36.56 -36.32 -23.93
N PHE B 875 -35.62 -36.56 -23.01
CA PHE B 875 -35.70 -35.91 -21.71
C PHE B 875 -35.26 -34.46 -21.73
N GLY B 876 -34.44 -34.07 -22.71
CA GLY B 876 -34.10 -32.68 -22.86
C GLY B 876 -35.13 -31.85 -23.59
N ALA B 877 -36.21 -32.46 -24.07
CA ALA B 877 -37.20 -31.77 -24.88
C ALA B 877 -38.61 -32.19 -24.51
N GLY B 878 -38.89 -32.32 -23.21
CA GLY B 878 -40.25 -32.52 -22.76
C GLY B 878 -40.58 -33.85 -22.12
N ALA B 879 -41.50 -34.59 -22.72
CA ALA B 879 -42.07 -35.78 -22.10
C ALA B 879 -41.02 -36.89 -22.02
N ALA B 880 -41.45 -38.03 -21.47
CA ALA B 880 -40.61 -39.20 -21.28
C ALA B 880 -41.06 -40.29 -22.25
N LEU B 881 -40.19 -40.67 -23.17
CA LEU B 881 -40.49 -41.69 -24.17
C LEU B 881 -39.41 -42.75 -24.13
N GLN B 882 -39.76 -43.93 -23.59
CA GLN B 882 -38.78 -45.00 -23.48
C GLN B 882 -38.48 -45.60 -24.85
N ILE B 883 -37.35 -46.31 -24.91
CA ILE B 883 -36.88 -46.95 -26.14
C ILE B 883 -35.85 -48.01 -25.76
N PRO B 884 -35.83 -49.17 -26.40
CA PRO B 884 -34.79 -50.15 -26.10
C PRO B 884 -33.40 -49.58 -26.39
N PHE B 885 -32.45 -49.87 -25.50
CA PHE B 885 -31.12 -49.31 -25.66
C PHE B 885 -30.41 -49.88 -26.88
N ALA B 886 -30.62 -51.17 -27.17
CA ALA B 886 -30.03 -51.75 -28.38
C ALA B 886 -30.54 -51.07 -29.64
N MET B 887 -31.70 -50.41 -29.57
CA MET B 887 -32.22 -49.63 -30.69
C MET B 887 -31.81 -48.17 -30.63
N GLN B 888 -31.46 -47.66 -29.44
CA GLN B 888 -31.05 -46.26 -29.32
C GLN B 888 -29.77 -46.00 -30.11
N MET B 889 -28.79 -46.90 -30.00
CA MET B 889 -27.52 -46.72 -30.71
C MET B 889 -27.71 -46.76 -32.22
N ALA B 890 -28.75 -47.44 -32.70
CA ALA B 890 -29.05 -47.43 -34.13
C ALA B 890 -29.35 -46.03 -34.62
N TYR B 891 -30.10 -45.26 -33.82
CA TYR B 891 -30.38 -43.88 -34.20
C TYR B 891 -29.18 -42.98 -33.97
N ARG B 892 -28.34 -43.31 -33.00
CA ARG B 892 -27.12 -42.54 -32.78
C ARG B 892 -26.09 -42.82 -33.86
N PHE B 893 -26.12 -44.00 -34.47
CA PHE B 893 -25.25 -44.26 -35.61
C PHE B 893 -25.76 -43.53 -36.86
N ASN B 894 -27.08 -43.48 -37.03
CA ASN B 894 -27.65 -42.81 -38.20
C ASN B 894 -27.46 -41.30 -38.14
N GLY B 895 -27.18 -40.75 -36.96
CA GLY B 895 -26.91 -39.34 -36.82
C GLY B 895 -25.50 -38.92 -37.17
N ILE B 896 -24.65 -39.87 -37.53
CA ILE B 896 -23.28 -39.58 -37.91
C ILE B 896 -23.03 -39.77 -39.40
N GLY B 897 -23.72 -40.71 -40.04
CA GLY B 897 -23.48 -41.02 -41.43
C GLY B 897 -23.24 -42.50 -41.64
N VAL B 898 -23.63 -43.30 -40.66
CA VAL B 898 -23.52 -44.75 -40.71
C VAL B 898 -24.92 -45.33 -40.59
N THR B 899 -25.28 -46.21 -41.52
CA THR B 899 -26.63 -46.75 -41.56
C THR B 899 -26.89 -47.66 -40.37
N GLN B 900 -28.18 -47.98 -40.16
CA GLN B 900 -28.59 -48.74 -38.98
C GLN B 900 -28.08 -50.17 -39.01
N ASN B 901 -27.99 -50.79 -40.19
CA ASN B 901 -27.64 -52.21 -40.28
C ASN B 901 -26.25 -52.50 -39.73
N VAL B 902 -25.38 -51.49 -39.63
CA VAL B 902 -24.04 -51.70 -39.10
C VAL B 902 -24.11 -52.15 -37.64
N LEU B 903 -24.97 -51.51 -36.85
CA LEU B 903 -25.13 -51.90 -35.45
C LEU B 903 -25.71 -53.29 -35.32
N TYR B 904 -26.80 -53.55 -36.04
CA TYR B 904 -27.56 -54.79 -35.83
C TYR B 904 -26.74 -56.01 -36.22
N GLU B 905 -25.86 -55.88 -37.20
CA GLU B 905 -24.99 -56.96 -37.59
C GLU B 905 -23.69 -57.01 -36.79
N ASN B 906 -23.47 -56.05 -35.89
CA ASN B 906 -22.27 -56.01 -35.07
C ASN B 906 -22.59 -55.67 -33.62
N GLN B 907 -23.77 -56.06 -33.15
CA GLN B 907 -24.20 -55.66 -31.79
C GLN B 907 -23.30 -56.26 -30.72
N LYS B 908 -22.97 -57.55 -30.84
CA LYS B 908 -22.14 -58.20 -29.83
C LYS B 908 -20.73 -57.62 -29.83
N LEU B 909 -20.17 -57.36 -31.01
CA LEU B 909 -18.84 -56.78 -31.09
C LEU B 909 -18.82 -55.38 -30.49
N ILE B 910 -19.84 -54.57 -30.78
CA ILE B 910 -19.90 -53.22 -30.25
C ILE B 910 -20.00 -53.23 -28.74
N ALA B 911 -20.86 -54.10 -28.18
CA ALA B 911 -21.04 -54.15 -26.73
C ALA B 911 -19.75 -54.53 -26.03
N ASN B 912 -19.03 -55.52 -26.55
CA ASN B 912 -17.77 -55.93 -25.93
C ASN B 912 -16.74 -54.81 -25.98
N GLN B 913 -16.67 -54.09 -27.10
CA GLN B 913 -15.77 -52.94 -27.18
C GLN B 913 -16.17 -51.86 -26.19
N PHE B 914 -17.47 -51.62 -26.04
CA PHE B 914 -17.94 -50.58 -25.13
C PHE B 914 -17.72 -50.97 -23.67
N ASN B 915 -17.97 -52.25 -23.34
CA ASN B 915 -17.78 -52.69 -21.96
C ASN B 915 -16.32 -52.61 -21.54
N SER B 916 -15.40 -53.06 -22.41
CA SER B 916 -13.99 -53.02 -22.06
C SER B 916 -13.44 -51.60 -22.07
N ALA B 917 -14.05 -50.70 -22.83
CA ALA B 917 -13.60 -49.31 -22.85
C ALA B 917 -13.76 -48.66 -21.48
N ILE B 918 -14.91 -48.91 -20.83
CA ILE B 918 -15.11 -48.37 -19.48
C ILE B 918 -14.18 -49.05 -18.49
N GLY B 919 -13.89 -50.33 -18.70
CA GLY B 919 -13.01 -51.05 -17.79
C GLY B 919 -11.63 -50.44 -17.68
N LYS B 920 -11.09 -49.93 -18.79
CA LYS B 920 -9.78 -49.29 -18.78
C LYS B 920 -9.82 -47.85 -18.31
N ILE B 921 -11.02 -47.28 -18.13
CA ILE B 921 -11.11 -45.91 -17.62
C ILE B 921 -10.62 -45.84 -16.19
N GLN B 922 -11.01 -46.81 -15.36
CA GLN B 922 -10.57 -46.81 -13.96
C GLN B 922 -9.06 -46.99 -13.86
N ASP B 923 -8.50 -47.90 -14.65
CA ASP B 923 -7.06 -48.13 -14.61
C ASP B 923 -6.28 -46.94 -15.12
N SER B 924 -6.92 -46.07 -15.91
CA SER B 924 -6.25 -44.85 -16.38
C SER B 924 -6.09 -43.85 -15.24
N LEU B 925 -7.13 -43.67 -14.43
CA LEU B 925 -7.09 -42.72 -13.32
C LEU B 925 -6.47 -43.30 -12.07
N SER B 926 -6.75 -44.57 -11.75
CA SER B 926 -6.27 -45.14 -10.50
C SER B 926 -4.77 -45.41 -10.55
N SER B 927 -4.29 -46.00 -11.65
CA SER B 927 -2.89 -46.38 -11.72
C SER B 927 -1.98 -45.16 -11.90
N THR B 928 -2.41 -44.20 -12.71
CA THR B 928 -1.62 -43.02 -13.02
C THR B 928 -2.00 -41.87 -12.09
N ALA B 929 -1.00 -41.28 -11.45
CA ALA B 929 -1.22 -40.16 -10.56
C ALA B 929 -1.43 -38.87 -11.36
N SER B 930 -1.90 -37.84 -10.66
CA SER B 930 -2.15 -36.52 -11.24
C SER B 930 -3.19 -36.57 -12.36
N ALA B 931 -4.10 -37.54 -12.29
CA ALA B 931 -5.16 -37.66 -13.28
C ALA B 931 -6.25 -36.61 -13.08
N LEU B 932 -6.40 -36.10 -11.86
CA LEU B 932 -7.41 -35.10 -11.51
C LEU B 932 -6.76 -33.79 -11.10
N GLY B 933 -5.76 -33.36 -11.86
CA GLY B 933 -5.03 -32.15 -11.52
C GLY B 933 -5.88 -30.90 -11.56
N LYS B 934 -6.86 -30.85 -12.47
CA LYS B 934 -7.69 -29.65 -12.60
C LYS B 934 -8.48 -29.39 -11.32
N LEU B 935 -9.06 -30.44 -10.73
CA LEU B 935 -9.75 -30.27 -9.45
C LEU B 935 -8.77 -30.15 -8.30
N GLN B 936 -7.63 -30.83 -8.38
CA GLN B 936 -6.64 -30.75 -7.32
C GLN B 936 -6.07 -29.35 -7.18
N ASP B 937 -6.02 -28.59 -8.27
CA ASP B 937 -5.56 -27.21 -8.19
C ASP B 937 -6.60 -26.31 -7.55
N VAL B 938 -7.89 -26.59 -7.78
CA VAL B 938 -8.95 -25.79 -7.19
C VAL B 938 -8.87 -25.83 -5.66
N VAL B 939 -8.64 -27.02 -5.11
CA VAL B 939 -8.50 -27.14 -3.66
C VAL B 939 -7.18 -26.51 -3.21
N ASN B 940 -6.10 -26.75 -3.96
CA ASN B 940 -4.78 -26.29 -3.55
C ASN B 940 -4.58 -24.79 -3.74
N GLN B 941 -5.32 -24.15 -4.65
CA GLN B 941 -5.23 -22.70 -4.78
C GLN B 941 -6.09 -21.97 -3.76
N ASN B 942 -6.94 -22.68 -3.03
CA ASN B 942 -7.75 -22.08 -1.98
C ASN B 942 -7.10 -22.20 -0.61
N ALA B 943 -6.68 -23.42 -0.22
CA ALA B 943 -6.04 -23.61 1.07
C ALA B 943 -4.71 -22.85 1.15
N GLN B 944 -3.93 -22.87 0.07
CA GLN B 944 -2.68 -22.13 0.05
C GLN B 944 -2.92 -20.63 0.15
N ALA B 945 -3.93 -20.12 -0.57
CA ALA B 945 -4.26 -18.70 -0.49
C ALA B 945 -4.95 -18.35 0.83
N LEU B 946 -5.44 -19.35 1.56
CA LEU B 946 -6.06 -19.11 2.86
C LEU B 946 -5.03 -19.13 3.99
N ASN B 947 -4.03 -20.01 3.89
CA ASN B 947 -2.99 -20.06 4.90
C ASN B 947 -2.18 -18.77 4.93
N THR B 948 -1.86 -18.22 3.76
CA THR B 948 -1.05 -17.00 3.71
C THR B 948 -1.82 -15.81 4.27
N LEU B 949 -3.14 -15.80 4.15
CA LEU B 949 -3.91 -14.72 4.77
C LEU B 949 -3.79 -14.75 6.29
N VAL B 950 -3.89 -15.94 6.89
CA VAL B 950 -3.69 -16.06 8.33
C VAL B 950 -2.24 -15.80 8.70
N LYS B 951 -1.30 -16.24 7.86
CA LYS B 951 0.11 -16.04 8.14
C LYS B 951 0.51 -14.58 8.14
N GLN B 952 -0.26 -13.71 7.47
CA GLN B 952 0.03 -12.29 7.47
C GLN B 952 -0.19 -11.63 8.82
N LEU B 953 -0.82 -12.33 9.77
CA LEU B 953 -1.09 -11.76 11.08
C LEU B 953 0.15 -11.78 11.99
N SER B 954 1.24 -12.42 11.57
CA SER B 954 2.44 -12.51 12.38
C SER B 954 3.52 -11.53 11.92
N SER B 955 3.20 -10.59 11.05
CA SER B 955 4.15 -9.60 10.58
C SER B 955 3.96 -8.28 11.31
N ASN B 956 4.94 -7.39 11.17
CA ASN B 956 4.99 -6.15 11.92
C ASN B 956 4.51 -4.94 11.14
N PHE B 957 4.79 -4.87 9.84
CA PHE B 957 4.47 -3.74 8.98
C PHE B 957 5.14 -2.45 9.44
N GLY B 958 6.10 -2.54 10.36
CA GLY B 958 6.76 -1.37 10.92
C GLY B 958 6.46 -1.12 12.38
N ALA B 959 5.51 -1.83 12.97
CA ALA B 959 5.19 -1.66 14.38
C ALA B 959 6.23 -2.33 15.26
N ILE B 960 6.18 -2.01 16.55
CA ILE B 960 7.15 -2.58 17.50
C ILE B 960 6.93 -4.08 17.66
N SER B 961 5.67 -4.52 17.61
CA SER B 961 5.34 -5.93 17.81
C SER B 961 4.14 -6.30 16.95
N SER B 962 4.14 -7.55 16.48
CA SER B 962 3.02 -8.02 15.65
C SER B 962 1.76 -8.22 16.47
N VAL B 963 1.89 -8.84 17.65
CA VAL B 963 0.73 -9.09 18.50
C VAL B 963 0.24 -7.77 19.09
N LEU B 964 -1.09 -7.57 19.05
CA LEU B 964 -1.66 -6.30 19.47
C LEU B 964 -1.60 -6.12 20.99
N ASN B 965 -1.78 -7.20 21.75
CA ASN B 965 -1.85 -7.06 23.21
C ASN B 965 -0.53 -6.57 23.79
N ASP B 966 0.60 -7.07 23.30
CA ASP B 966 1.89 -6.64 23.82
C ASP B 966 2.21 -5.19 23.46
N ILE B 967 1.53 -4.63 22.45
CA ILE B 967 1.72 -3.21 22.14
C ILE B 967 1.12 -2.35 23.24
N LEU B 968 -0.06 -2.72 23.74
CA LEU B 968 -0.72 -1.93 24.77
C LEU B 968 -0.01 -2.03 26.11
N SER B 969 0.68 -3.15 26.36
CA SER B 969 1.28 -3.38 27.67
C SER B 969 2.36 -2.34 27.99
N ARG B 970 3.23 -2.06 27.04
CA ARG B 970 4.37 -1.18 27.27
C ARG B 970 4.33 0.06 26.38
N LEU B 971 3.14 0.63 26.21
CA LEU B 971 2.99 1.88 25.46
C LEU B 971 1.80 2.66 26.01
N ASP B 972 2.00 3.96 26.18
CA ASP B 972 0.92 4.84 26.57
C ASP B 972 -0.06 5.02 25.42
N PRO B 973 -1.30 5.46 25.71
CA PRO B 973 -2.31 5.59 24.65
C PRO B 973 -1.87 6.46 23.48
N PRO B 974 -1.43 7.71 23.69
CA PRO B 974 -1.28 8.61 22.53
C PRO B 974 -0.14 8.21 21.60
N GLU B 975 0.81 7.40 22.05
CA GLU B 975 1.88 6.91 21.18
C GLU B 975 1.63 5.50 20.67
N ALA B 976 0.78 4.73 21.35
CA ALA B 976 0.45 3.39 20.87
C ALA B 976 -0.49 3.42 19.67
N GLU B 977 -1.33 4.46 19.58
CA GLU B 977 -2.29 4.53 18.48
C GLU B 977 -1.58 4.63 17.13
N VAL B 978 -0.53 5.45 17.05
CA VAL B 978 0.20 5.57 15.79
C VAL B 978 0.89 4.25 15.44
N GLN B 979 1.26 3.46 16.44
CA GLN B 979 1.79 2.12 16.18
C GLN B 979 0.68 1.17 15.76
N ILE B 980 -0.47 1.25 16.41
CA ILE B 980 -1.60 0.40 16.06
C ILE B 980 -2.14 0.79 14.68
N ASP B 981 -2.17 2.09 14.37
CA ASP B 981 -2.70 2.53 13.09
C ASP B 981 -1.87 1.99 11.93
N ARG B 982 -0.60 1.68 12.16
CA ARG B 982 0.21 1.05 11.12
C ARG B 982 -0.14 -0.43 10.97
N LEU B 983 -0.61 -1.08 12.03
CA LEU B 983 -1.07 -2.45 11.91
C LEU B 983 -2.43 -2.52 11.21
N ILE B 984 -3.32 -1.58 11.51
CA ILE B 984 -4.63 -1.55 10.85
C ILE B 984 -4.46 -1.35 9.36
N THR B 985 -3.60 -0.41 8.97
CA THR B 985 -3.33 -0.22 7.55
C THR B 985 -2.65 -1.44 6.94
N GLY B 986 -1.79 -2.11 7.69
CA GLY B 986 -1.14 -3.31 7.19
C GLY B 986 -2.05 -4.52 7.11
N ARG B 987 -2.94 -4.69 8.10
CA ARG B 987 -3.85 -5.81 8.11
C ARG B 987 -5.09 -5.59 7.25
N LEU B 988 -5.34 -4.35 6.83
CA LEU B 988 -6.46 -4.08 5.93
C LEU B 988 -6.03 -4.25 4.48
N GLN B 989 -4.88 -3.68 4.11
CA GLN B 989 -4.31 -3.93 2.80
C GLN B 989 -3.98 -5.40 2.59
N SER B 990 -3.73 -6.14 3.67
CA SER B 990 -3.46 -7.56 3.59
C SER B 990 -4.73 -8.41 3.57
N LEU B 991 -5.88 -7.82 3.82
CA LEU B 991 -7.16 -8.51 3.71
C LEU B 991 -7.92 -8.15 2.45
N GLN B 992 -7.90 -6.88 2.06
CA GLN B 992 -8.51 -6.48 0.80
C GLN B 992 -7.79 -7.09 -0.40
N THR B 993 -6.48 -7.35 -0.28
CA THR B 993 -5.72 -7.89 -1.38
C THR B 993 -6.03 -9.36 -1.65
N TYR B 994 -6.80 -10.02 -0.79
CA TYR B 994 -7.24 -11.38 -1.06
C TYR B 994 -8.68 -11.47 -1.52
N VAL B 995 -9.50 -10.45 -1.25
CA VAL B 995 -10.82 -10.40 -1.84
C VAL B 995 -10.73 -10.25 -3.35
N THR B 996 -9.83 -9.39 -3.82
CA THR B 996 -9.65 -9.21 -5.26
C THR B 996 -9.11 -10.47 -5.92
N GLN B 997 -8.14 -11.13 -5.27
CA GLN B 997 -7.60 -12.36 -5.84
C GLN B 997 -8.58 -13.53 -5.76
N GLN B 998 -9.65 -13.39 -4.99
CA GLN B 998 -10.72 -14.37 -5.03
C GLN B 998 -11.81 -13.99 -6.02
N LEU B 999 -12.07 -12.68 -6.20
CA LEU B 999 -13.01 -12.25 -7.22
C LEU B 999 -12.54 -12.65 -8.60
N ILE B 1000 -11.25 -12.48 -8.89
CA ILE B 1000 -10.72 -12.91 -10.19
C ILE B 1000 -10.71 -14.43 -10.29
N ARG B 1001 -10.38 -15.11 -9.19
CA ARG B 1001 -10.35 -16.56 -9.21
C ARG B 1001 -11.75 -17.15 -9.27
N ALA B 1002 -12.75 -16.42 -8.76
CA ALA B 1002 -14.13 -16.89 -8.87
C ALA B 1002 -14.63 -16.79 -10.31
N ALA B 1003 -14.22 -15.74 -11.02
CA ALA B 1003 -14.61 -15.60 -12.43
C ALA B 1003 -13.96 -16.64 -13.32
N GLU B 1004 -12.81 -17.19 -12.90
CA GLU B 1004 -12.18 -18.26 -13.66
C GLU B 1004 -12.95 -19.57 -13.55
N ILE B 1005 -13.71 -19.74 -12.47
CA ILE B 1005 -14.51 -20.94 -12.27
C ILE B 1005 -15.90 -20.79 -12.87
N ARG B 1006 -16.51 -19.60 -12.73
CA ARG B 1006 -17.81 -19.36 -13.34
C ARG B 1006 -17.72 -19.49 -14.86
N ALA B 1007 -16.59 -19.12 -15.44
CA ALA B 1007 -16.38 -19.35 -16.86
C ALA B 1007 -16.26 -20.84 -17.18
N SER B 1008 -15.81 -21.63 -16.21
CA SER B 1008 -15.72 -23.07 -16.38
C SER B 1008 -16.96 -23.80 -15.91
N ALA B 1009 -17.73 -23.19 -15.00
CA ALA B 1009 -19.00 -23.79 -14.61
C ALA B 1009 -20.07 -23.57 -15.67
N ASN B 1010 -19.94 -22.48 -16.45
CA ASN B 1010 -20.86 -22.28 -17.57
C ASN B 1010 -20.54 -23.24 -18.70
N LEU B 1011 -19.26 -23.56 -18.91
CA LEU B 1011 -18.89 -24.53 -19.92
C LEU B 1011 -19.37 -25.93 -19.56
N ALA B 1012 -19.31 -26.27 -18.26
CA ALA B 1012 -19.78 -27.58 -17.84
C ALA B 1012 -21.28 -27.72 -18.07
N ALA B 1013 -22.04 -26.66 -17.82
CA ALA B 1013 -23.47 -26.69 -18.12
C ALA B 1013 -23.73 -26.85 -19.60
N THR B 1014 -22.91 -26.22 -20.45
CA THR B 1014 -23.06 -26.38 -21.90
C THR B 1014 -22.82 -27.81 -22.33
N LYS B 1015 -21.77 -28.45 -21.81
CA LYS B 1015 -21.49 -29.84 -22.18
C LYS B 1015 -22.60 -30.76 -21.70
N MET B 1016 -23.15 -30.50 -20.51
CA MET B 1016 -24.21 -31.35 -19.98
C MET B 1016 -25.47 -31.28 -20.82
N SER B 1017 -25.83 -30.08 -21.29
CA SER B 1017 -27.05 -29.94 -22.08
C SER B 1017 -26.90 -30.53 -23.47
N GLU B 1018 -25.78 -30.25 -24.15
CA GLU B 1018 -25.63 -30.63 -25.55
C GLU B 1018 -25.14 -32.07 -25.73
N CYS B 1019 -24.18 -32.50 -24.92
CA CYS B 1019 -23.55 -33.80 -25.11
C CYS B 1019 -24.23 -34.92 -24.33
N VAL B 1020 -24.78 -34.63 -23.16
CA VAL B 1020 -25.45 -35.66 -22.37
C VAL B 1020 -26.92 -35.80 -22.75
N LEU B 1021 -27.64 -34.68 -22.83
CA LEU B 1021 -29.05 -34.67 -23.18
C LEU B 1021 -29.28 -34.68 -24.69
N GLY B 1022 -28.27 -35.04 -25.47
CA GLY B 1022 -28.43 -35.08 -26.91
C GLY B 1022 -27.12 -35.47 -27.57
N GLN B 1023 -27.13 -35.41 -28.91
CA GLN B 1023 -25.96 -35.73 -29.71
C GLN B 1023 -25.49 -34.45 -30.41
N SER B 1024 -24.21 -34.12 -30.22
CA SER B 1024 -23.64 -32.89 -30.73
C SER B 1024 -22.90 -33.14 -32.04
N LYS B 1025 -23.23 -32.37 -33.07
CA LYS B 1025 -22.56 -32.46 -34.35
C LYS B 1025 -21.31 -31.59 -34.43
N ARG B 1026 -21.09 -30.72 -33.45
CA ARG B 1026 -19.91 -29.86 -33.45
C ARG B 1026 -18.68 -30.69 -33.09
N VAL B 1027 -17.70 -30.70 -34.00
CA VAL B 1027 -16.60 -31.65 -33.91
C VAL B 1027 -15.63 -31.25 -32.80
N ASP B 1028 -15.09 -32.25 -32.12
CA ASP B 1028 -14.09 -32.11 -31.06
C ASP B 1028 -14.62 -31.39 -29.83
N PHE B 1029 -15.93 -31.10 -29.79
CA PHE B 1029 -16.50 -30.52 -28.58
C PHE B 1029 -16.49 -31.52 -27.44
N CYS B 1030 -16.81 -32.79 -27.73
CA CYS B 1030 -16.87 -33.85 -26.72
C CYS B 1030 -16.05 -35.04 -27.23
N GLY B 1031 -14.75 -35.03 -26.93
CA GLY B 1031 -13.89 -36.13 -27.27
C GLY B 1031 -13.50 -36.14 -28.74
N LYS B 1032 -12.34 -36.75 -29.01
CA LYS B 1032 -11.85 -36.88 -30.38
C LYS B 1032 -12.57 -38.04 -31.06
N GLY B 1033 -13.34 -37.73 -32.09
CA GLY B 1033 -14.11 -38.70 -32.83
C GLY B 1033 -15.49 -38.18 -33.12
N TYR B 1034 -16.37 -39.07 -33.53
CA TYR B 1034 -17.77 -38.74 -33.76
C TYR B 1034 -18.56 -39.05 -32.50
N HIS B 1035 -19.24 -38.05 -31.96
CA HIS B 1035 -19.90 -38.19 -30.67
C HIS B 1035 -21.06 -39.17 -30.76
N LEU B 1036 -21.19 -40.01 -29.74
CA LEU B 1036 -22.31 -40.93 -29.60
C LEU B 1036 -23.18 -40.58 -28.41
N MET B 1037 -22.60 -40.50 -27.22
CA MET B 1037 -23.33 -40.15 -26.00
C MET B 1037 -22.29 -39.89 -24.91
N SER B 1038 -22.78 -39.49 -23.74
CA SER B 1038 -21.90 -39.17 -22.62
C SER B 1038 -22.58 -39.56 -21.32
N PHE B 1039 -21.77 -39.72 -20.28
CA PHE B 1039 -22.25 -40.10 -18.96
C PHE B 1039 -21.61 -39.18 -17.92
N PRO B 1040 -22.39 -38.52 -17.08
CA PRO B 1040 -21.82 -37.67 -16.05
C PRO B 1040 -21.47 -38.44 -14.79
N GLN B 1041 -20.41 -37.99 -14.12
CA GLN B 1041 -20.01 -38.52 -12.84
C GLN B 1041 -19.61 -37.36 -11.93
N SER B 1042 -20.10 -37.38 -10.71
CA SER B 1042 -19.84 -36.27 -9.78
C SER B 1042 -18.39 -36.29 -9.31
N ALA B 1043 -17.91 -35.13 -8.91
CA ALA B 1043 -16.58 -34.92 -8.38
C ALA B 1043 -16.69 -34.03 -7.14
N PRO B 1044 -15.67 -34.01 -6.28
CA PRO B 1044 -15.78 -33.22 -5.05
C PRO B 1044 -16.09 -31.76 -5.29
N HIS B 1045 -15.50 -31.14 -6.32
CA HIS B 1045 -15.84 -29.77 -6.70
C HIS B 1045 -15.91 -29.62 -8.21
N GLY B 1046 -16.53 -30.58 -8.87
CA GLY B 1046 -16.62 -30.54 -10.32
C GLY B 1046 -17.45 -31.68 -10.85
N VAL B 1047 -17.33 -31.90 -12.16
CA VAL B 1047 -18.04 -32.98 -12.83
C VAL B 1047 -17.07 -33.68 -13.78
N VAL B 1048 -17.38 -34.93 -14.09
CA VAL B 1048 -16.57 -35.76 -14.99
C VAL B 1048 -17.48 -36.32 -16.07
N PHE B 1049 -17.05 -36.20 -17.33
CA PHE B 1049 -17.80 -36.69 -18.47
C PHE B 1049 -17.09 -37.88 -19.11
N LEU B 1050 -17.86 -38.87 -19.54
CA LEU B 1050 -17.34 -40.05 -20.24
C LEU B 1050 -17.87 -40.03 -21.66
N HIS B 1051 -17.11 -39.42 -22.57
CA HIS B 1051 -17.53 -39.26 -23.95
C HIS B 1051 -17.29 -40.55 -24.73
N VAL B 1052 -18.33 -41.06 -25.38
CA VAL B 1052 -18.23 -42.22 -26.25
C VAL B 1052 -18.11 -41.72 -27.69
N THR B 1053 -17.02 -42.07 -28.36
CA THR B 1053 -16.71 -41.53 -29.67
C THR B 1053 -16.11 -42.61 -30.55
N TYR B 1054 -15.80 -42.24 -31.79
CA TYR B 1054 -15.20 -43.16 -32.75
C TYR B 1054 -13.72 -42.90 -32.98
N VAL B 1055 -13.05 -43.94 -33.46
CA VAL B 1055 -11.83 -43.82 -34.26
C VAL B 1055 -11.99 -44.82 -35.40
N PRO B 1056 -12.35 -44.38 -36.61
CA PRO B 1056 -12.48 -45.33 -37.72
C PRO B 1056 -11.15 -46.02 -38.01
N ALA B 1057 -11.15 -47.34 -37.84
CA ALA B 1057 -9.93 -48.13 -37.87
C ALA B 1057 -9.46 -48.40 -39.30
N GLN B 1058 -8.57 -49.38 -39.45
CA GLN B 1058 -7.85 -49.64 -40.69
C GLN B 1058 -8.70 -49.42 -41.93
N GLU B 1059 -8.14 -48.66 -42.87
CA GLU B 1059 -8.79 -48.27 -44.11
C GLU B 1059 -8.17 -49.03 -45.28
N LYS B 1060 -8.61 -48.67 -46.49
CA LYS B 1060 -8.15 -49.32 -47.70
C LYS B 1060 -8.10 -48.31 -48.84
N ASN B 1061 -7.33 -48.66 -49.88
CA ASN B 1061 -7.18 -47.81 -51.05
C ASN B 1061 -8.24 -48.15 -52.09
N PHE B 1062 -8.76 -47.12 -52.76
CA PHE B 1062 -9.75 -47.29 -53.81
C PHE B 1062 -9.63 -46.14 -54.79
N THR B 1063 -10.22 -46.33 -55.97
CA THR B 1063 -10.27 -45.30 -57.00
C THR B 1063 -11.72 -44.88 -57.22
N THR B 1064 -11.96 -43.58 -57.17
CA THR B 1064 -13.30 -43.01 -57.23
C THR B 1064 -13.59 -42.45 -58.61
N ALA B 1065 -14.75 -41.78 -58.71
CA ALA B 1065 -15.20 -41.13 -59.93
C ALA B 1065 -16.30 -40.16 -59.56
N PRO B 1066 -16.30 -38.93 -60.08
CA PRO B 1066 -17.35 -37.98 -59.73
C PRO B 1066 -18.75 -38.44 -60.13
N ALA B 1067 -18.88 -39.13 -61.26
CA ALA B 1067 -20.18 -39.59 -61.74
C ALA B 1067 -19.96 -40.75 -62.69
N ILE B 1068 -21.01 -41.12 -63.42
CA ILE B 1068 -20.99 -42.28 -64.31
C ILE B 1068 -21.76 -41.94 -65.58
N CYS B 1069 -21.10 -42.07 -66.73
CA CYS B 1069 -21.75 -41.89 -68.02
C CYS B 1069 -22.48 -43.18 -68.40
N HIS B 1070 -23.81 -43.14 -68.38
CA HIS B 1070 -24.64 -44.24 -68.85
C HIS B 1070 -25.75 -43.69 -69.73
N ASP B 1071 -25.89 -44.25 -70.93
CA ASP B 1071 -26.86 -43.80 -71.91
C ASP B 1071 -26.67 -42.32 -72.25
N GLY B 1072 -25.46 -41.81 -72.08
CA GLY B 1072 -25.17 -40.41 -72.31
C GLY B 1072 -25.58 -39.48 -71.19
N LYS B 1073 -26.13 -40.01 -70.09
CA LYS B 1073 -26.61 -39.21 -68.98
C LYS B 1073 -25.72 -39.42 -67.76
N ALA B 1074 -25.30 -38.33 -67.13
CA ALA B 1074 -24.48 -38.42 -65.93
C ALA B 1074 -25.30 -38.94 -64.77
N HIS B 1075 -24.72 -39.87 -64.00
CA HIS B 1075 -25.36 -40.44 -62.83
C HIS B 1075 -24.55 -40.07 -61.59
N PHE B 1076 -25.20 -39.43 -60.62
CA PHE B 1076 -24.56 -39.05 -59.38
C PHE B 1076 -25.14 -39.84 -58.22
N PRO B 1077 -24.34 -40.16 -57.20
CA PRO B 1077 -24.86 -40.95 -56.08
C PRO B 1077 -25.76 -40.12 -55.18
N ARG B 1078 -26.63 -40.81 -54.45
CA ARG B 1078 -27.58 -40.13 -53.58
C ARG B 1078 -26.97 -39.83 -52.21
N GLU B 1079 -26.33 -40.83 -51.59
CA GLU B 1079 -25.73 -40.65 -50.28
C GLU B 1079 -24.30 -41.17 -50.18
N GLY B 1080 -23.88 -42.09 -51.05
CA GLY B 1080 -22.59 -42.71 -50.97
C GLY B 1080 -21.58 -42.11 -51.91
N VAL B 1081 -20.54 -42.90 -52.21
CA VAL B 1081 -19.45 -42.49 -53.09
C VAL B 1081 -19.13 -43.66 -54.01
N PHE B 1082 -18.98 -43.36 -55.30
CA PHE B 1082 -18.62 -44.39 -56.26
C PHE B 1082 -17.22 -44.92 -55.97
N VAL B 1083 -17.09 -46.24 -55.92
CA VAL B 1083 -15.82 -46.89 -55.59
C VAL B 1083 -15.61 -48.06 -56.54
N SER B 1084 -14.41 -48.15 -57.10
CA SER B 1084 -14.04 -49.26 -57.97
C SER B 1084 -12.99 -50.12 -57.26
N ASN B 1085 -13.23 -51.43 -57.26
CA ASN B 1085 -12.31 -52.38 -56.63
C ASN B 1085 -11.35 -52.98 -57.65
N GLY B 1086 -10.98 -52.22 -58.66
CA GLY B 1086 -10.07 -52.67 -59.69
C GLY B 1086 -10.77 -53.12 -60.96
N THR B 1087 -11.87 -53.87 -60.80
CA THR B 1087 -12.66 -54.34 -61.94
C THR B 1087 -14.06 -53.77 -61.95
N HIS B 1088 -14.82 -53.94 -60.87
CA HIS B 1088 -16.21 -53.51 -60.80
C HIS B 1088 -16.31 -52.18 -60.07
N TRP B 1089 -17.46 -51.52 -60.25
CA TRP B 1089 -17.76 -50.25 -59.62
C TRP B 1089 -18.89 -50.44 -58.61
N PHE B 1090 -18.74 -49.82 -57.44
CA PHE B 1090 -19.69 -49.98 -56.34
C PHE B 1090 -20.05 -48.62 -55.78
N VAL B 1091 -21.08 -48.61 -54.93
CA VAL B 1091 -21.49 -47.43 -54.17
C VAL B 1091 -21.37 -47.77 -52.69
N THR B 1092 -20.58 -46.99 -51.97
CA THR B 1092 -20.33 -47.23 -50.55
C THR B 1092 -20.60 -45.96 -49.76
N GLN B 1093 -21.18 -46.13 -48.57
CA GLN B 1093 -21.32 -45.01 -47.66
C GLN B 1093 -19.94 -44.54 -47.19
N ARG B 1094 -19.83 -43.23 -46.97
CA ARG B 1094 -18.53 -42.59 -46.84
C ARG B 1094 -17.79 -43.02 -45.56
N ASN B 1095 -18.50 -43.50 -44.55
CA ASN B 1095 -17.88 -43.76 -43.26
C ASN B 1095 -17.65 -45.24 -42.95
N PHE B 1096 -18.12 -46.15 -43.80
CA PHE B 1096 -17.95 -47.57 -43.56
C PHE B 1096 -18.06 -48.31 -44.89
N TYR B 1097 -17.08 -49.15 -45.18
CA TYR B 1097 -17.01 -49.81 -46.48
C TYR B 1097 -18.11 -50.86 -46.58
N GLU B 1098 -19.15 -50.56 -47.34
CA GLU B 1098 -20.22 -51.50 -47.64
C GLU B 1098 -20.57 -51.35 -49.11
N PRO B 1099 -20.07 -52.25 -49.97
CA PRO B 1099 -20.25 -52.06 -51.42
C PRO B 1099 -21.61 -52.59 -51.89
N GLN B 1100 -22.26 -51.79 -52.73
CA GLN B 1100 -23.53 -52.16 -53.34
C GLN B 1100 -23.46 -51.86 -54.83
N ILE B 1101 -24.18 -52.66 -55.62
CA ILE B 1101 -24.22 -52.48 -57.06
C ILE B 1101 -24.92 -51.18 -57.39
N ILE B 1102 -24.37 -50.43 -58.36
CA ILE B 1102 -24.97 -49.16 -58.74
C ILE B 1102 -26.33 -49.43 -59.40
N THR B 1103 -27.35 -48.73 -58.91
CA THR B 1103 -28.71 -48.88 -59.41
C THR B 1103 -29.33 -47.50 -59.61
N THR B 1104 -30.58 -47.49 -60.05
CA THR B 1104 -31.33 -46.26 -60.22
C THR B 1104 -32.04 -45.80 -58.95
N ASP B 1105 -31.91 -46.58 -57.86
CA ASP B 1105 -32.49 -46.19 -56.58
C ASP B 1105 -31.51 -45.44 -55.69
N ASN B 1106 -30.21 -45.67 -55.87
CA ASN B 1106 -29.19 -44.96 -55.11
C ASN B 1106 -28.44 -43.93 -55.95
N THR B 1107 -28.97 -43.58 -57.12
CA THR B 1107 -28.34 -42.59 -57.99
C THR B 1107 -29.43 -41.73 -58.61
N PHE B 1108 -29.03 -40.53 -59.04
CA PHE B 1108 -29.91 -39.61 -59.73
C PHE B 1108 -29.19 -39.04 -60.95
N VAL B 1109 -29.98 -38.50 -61.87
CA VAL B 1109 -29.51 -38.08 -63.18
C VAL B 1109 -29.66 -36.58 -63.32
N SER B 1110 -28.68 -35.94 -63.95
CA SER B 1110 -28.73 -34.49 -64.20
C SER B 1110 -27.93 -34.19 -65.47
N GLY B 1111 -28.62 -34.10 -66.60
CA GLY B 1111 -28.02 -33.66 -67.83
C GLY B 1111 -27.06 -34.67 -68.46
N ASN B 1112 -26.44 -34.22 -69.55
CA ASN B 1112 -25.42 -35.01 -70.22
C ASN B 1112 -24.09 -34.90 -69.50
N CYS B 1113 -23.20 -35.86 -69.76
CA CYS B 1113 -21.93 -35.97 -69.06
C CYS B 1113 -20.76 -35.49 -69.91
N ASP B 1114 -20.97 -34.44 -70.70
CA ASP B 1114 -19.91 -33.84 -71.49
C ASP B 1114 -19.25 -32.65 -70.79
N VAL B 1115 -19.82 -32.16 -69.69
CA VAL B 1115 -19.26 -31.02 -68.98
C VAL B 1115 -18.55 -31.49 -67.73
N VAL B 1116 -18.96 -32.65 -67.20
CA VAL B 1116 -18.33 -33.18 -66.00
C VAL B 1116 -16.99 -33.82 -66.37
N ILE B 1117 -15.94 -33.40 -65.70
CA ILE B 1117 -14.59 -33.90 -65.95
C ILE B 1117 -14.27 -34.99 -64.93
N GLY B 1118 -13.49 -35.97 -65.36
CA GLY B 1118 -13.14 -37.10 -64.52
C GLY B 1118 -14.15 -38.21 -64.49
N ILE B 1119 -15.28 -38.07 -65.19
CA ILE B 1119 -16.32 -39.09 -65.18
C ILE B 1119 -15.87 -40.31 -65.95
N VAL B 1120 -16.29 -41.49 -65.48
CA VAL B 1120 -15.88 -42.76 -66.07
C VAL B 1120 -17.12 -43.47 -66.61
N ASN B 1121 -16.87 -44.53 -67.39
CA ASN B 1121 -17.93 -45.30 -68.01
C ASN B 1121 -18.28 -46.52 -67.18
N ASN B 1122 -19.57 -46.83 -67.10
CA ASN B 1122 -20.07 -48.04 -66.48
C ASN B 1122 -21.58 -48.10 -66.71
N THR B 1123 -22.16 -49.25 -66.40
CA THR B 1123 -23.59 -49.47 -66.55
C THR B 1123 -24.29 -49.35 -65.20
N VAL B 1124 -25.51 -48.83 -65.23
CA VAL B 1124 -26.32 -48.64 -64.05
C VAL B 1124 -27.50 -49.59 -64.15
N TYR B 1125 -27.37 -50.76 -63.51
CA TYR B 1125 -28.43 -51.75 -63.52
C TYR B 1125 -29.71 -51.20 -62.90
N ASP B 1126 -30.83 -51.41 -63.58
CA ASP B 1126 -32.11 -50.96 -63.09
C ASP B 1126 -33.02 -52.16 -62.81
N PRO B 1127 -33.71 -52.19 -61.68
CA PRO B 1127 -34.54 -53.34 -61.31
C PRO B 1127 -35.97 -53.24 -61.85
N LEU B 1128 -36.10 -52.93 -63.13
CA LEU B 1128 -37.41 -52.87 -63.77
C LEU B 1128 -37.49 -53.71 -65.04
N GLN B 1129 -36.41 -53.78 -65.82
CA GLN B 1129 -36.43 -54.56 -67.05
C GLN B 1129 -36.68 -56.05 -66.83
N PRO B 1130 -35.97 -56.75 -65.94
CA PRO B 1130 -36.20 -58.20 -65.81
C PRO B 1130 -37.46 -58.55 -65.06
N GLU B 1131 -37.97 -57.67 -64.20
CA GLU B 1131 -39.20 -57.96 -63.47
C GLU B 1131 -40.45 -57.94 -64.34
N LEU B 1132 -40.34 -57.43 -65.57
CA LEU B 1132 -41.46 -57.42 -66.50
C LEU B 1132 -41.50 -58.65 -67.39
N ASP B 1133 -40.54 -59.56 -67.26
CA ASP B 1133 -40.50 -60.77 -68.08
C ASP B 1133 -41.03 -61.98 -67.30
N GLN C 1 -44.58 30.87 54.42
CA GLN C 1 -44.83 30.31 53.11
C GLN C 1 -44.41 28.84 53.03
N CYS C 2 -44.96 28.13 52.05
CA CYS C 2 -44.46 26.83 51.60
C CYS C 2 -44.53 25.78 52.71
N VAL C 3 -45.76 25.43 53.11
CA VAL C 3 -45.99 24.42 54.14
C VAL C 3 -45.69 23.04 53.57
N ASN C 4 -45.04 22.20 54.37
CA ASN C 4 -44.54 20.90 53.93
C ASN C 4 -45.51 19.82 54.37
N LEU C 5 -46.22 19.20 53.42
CA LEU C 5 -47.21 18.17 53.76
C LEU C 5 -47.30 17.15 52.63
N THR C 6 -46.55 16.05 52.76
CA THR C 6 -46.82 14.86 51.96
C THR C 6 -47.20 13.67 52.85
N THR C 7 -46.29 13.22 53.71
CA THR C 7 -46.58 12.43 54.91
C THR C 7 -47.19 11.05 54.66
N ARG C 8 -47.55 10.73 53.41
CA ARG C 8 -48.24 9.47 53.13
C ARG C 8 -47.79 8.85 51.81
N THR C 9 -46.52 9.00 51.44
CA THR C 9 -46.03 8.65 50.11
C THR C 9 -45.53 7.21 50.07
N GLN C 10 -46.44 6.27 49.80
CA GLN C 10 -46.03 4.89 49.55
C GLN C 10 -46.87 4.23 48.46
N LEU C 11 -47.46 5.01 47.55
CA LEU C 11 -48.30 4.43 46.51
C LEU C 11 -47.45 3.72 45.47
N PRO C 12 -47.90 2.58 44.95
CA PRO C 12 -47.10 1.84 43.96
C PRO C 12 -47.40 2.32 42.54
N PRO C 13 -46.42 2.24 41.65
CA PRO C 13 -46.63 2.66 40.26
C PRO C 13 -47.02 1.50 39.34
N ALA C 14 -47.71 1.86 38.27
CA ALA C 14 -48.11 0.92 37.23
C ALA C 14 -47.10 0.96 36.07
N TYR C 15 -47.33 0.11 35.08
CA TYR C 15 -46.46 0.01 33.92
C TYR C 15 -47.29 0.00 32.64
N THR C 16 -46.86 0.78 31.65
CA THR C 16 -47.52 0.84 30.35
C THR C 16 -46.47 0.73 29.25
N ASN C 17 -46.90 0.20 28.11
CA ASN C 17 -46.00 -0.05 26.99
C ASN C 17 -46.06 1.09 25.97
N SER C 18 -45.08 1.98 26.03
CA SER C 18 -44.96 3.07 25.06
C SER C 18 -44.48 2.48 23.74
N PHE C 19 -45.42 2.31 22.80
CA PHE C 19 -45.13 1.67 21.52
C PHE C 19 -44.03 2.40 20.76
N THR C 20 -44.29 3.64 20.34
CA THR C 20 -43.31 4.48 19.65
C THR C 20 -43.43 5.87 20.27
N ARG C 21 -42.63 6.13 21.30
CA ARG C 21 -42.70 7.39 22.02
C ARG C 21 -41.29 7.83 22.39
N GLY C 22 -40.97 9.09 22.10
CA GLY C 22 -39.69 9.65 22.49
C GLY C 22 -38.59 9.59 21.45
N VAL C 23 -38.85 10.11 20.25
CA VAL C 23 -37.88 10.15 19.16
C VAL C 23 -37.58 11.61 18.83
N TYR C 24 -36.30 11.94 18.70
CA TYR C 24 -35.84 13.32 18.67
C TYR C 24 -34.85 13.55 17.55
N TYR C 25 -34.41 14.81 17.43
CA TYR C 25 -33.45 15.27 16.43
C TYR C 25 -32.09 15.36 17.11
N PRO C 26 -31.27 14.31 17.06
CA PRO C 26 -29.98 14.38 17.75
C PRO C 26 -28.92 15.05 16.91
N ASP C 27 -29.28 16.17 16.29
CA ASP C 27 -28.39 16.90 15.39
C ASP C 27 -28.83 18.34 15.34
N LYS C 28 -28.01 19.17 14.68
CA LYS C 28 -28.28 20.59 14.54
C LYS C 28 -28.43 20.98 13.07
N VAL C 29 -28.67 20.02 12.18
CA VAL C 29 -28.71 20.27 10.75
C VAL C 29 -29.96 19.62 10.16
N PHE C 30 -30.41 20.15 9.02
CA PHE C 30 -31.61 19.67 8.34
C PHE C 30 -31.35 18.36 7.62
N ARG C 31 -32.44 17.62 7.39
CA ARG C 31 -32.47 16.49 6.47
C ARG C 31 -33.62 16.65 5.51
N SER C 32 -33.38 16.27 4.25
CA SER C 32 -34.44 16.17 3.26
C SER C 32 -35.15 14.82 3.44
N SER C 33 -35.89 14.39 2.42
CA SER C 33 -36.56 13.10 2.49
C SER C 33 -35.55 11.98 2.31
N VAL C 34 -34.73 11.74 3.33
CA VAL C 34 -33.69 10.72 3.31
C VAL C 34 -33.73 9.95 4.62
N LEU C 35 -33.13 8.76 4.61
CA LEU C 35 -32.97 8.00 5.84
C LEU C 35 -31.67 8.39 6.54
N HIS C 36 -31.59 8.08 7.83
CA HIS C 36 -30.43 8.46 8.63
C HIS C 36 -30.41 7.63 9.90
N SER C 37 -29.22 7.16 10.27
CA SER C 37 -29.03 6.32 11.45
C SER C 37 -28.15 7.05 12.45
N THR C 38 -28.61 7.12 13.70
CA THR C 38 -27.89 7.82 14.75
C THR C 38 -27.67 6.91 15.95
N GLN C 39 -26.66 7.25 16.74
CA GLN C 39 -26.39 6.58 18.01
C GLN C 39 -26.36 7.65 19.09
N ASP C 40 -27.33 7.60 20.00
CA ASP C 40 -27.45 8.61 21.04
C ASP C 40 -28.29 8.03 22.17
N LEU C 41 -28.64 8.87 23.13
CA LEU C 41 -29.41 8.43 24.30
C LEU C 41 -30.90 8.49 23.96
N PHE C 42 -31.52 7.31 23.84
CA PHE C 42 -32.96 7.17 23.61
C PHE C 42 -33.53 6.21 24.65
N LEU C 43 -34.82 5.89 24.49
CA LEU C 43 -35.45 4.84 25.27
C LEU C 43 -35.97 3.75 24.35
N PRO C 44 -35.64 2.48 24.62
CA PRO C 44 -36.08 1.40 23.72
C PRO C 44 -37.58 1.34 23.60
N PHE C 45 -38.06 1.00 22.40
CA PHE C 45 -39.49 0.87 22.18
C PHE C 45 -40.05 -0.28 23.02
N PHE C 46 -41.32 -0.14 23.39
CA PHE C 46 -42.07 -1.13 24.18
C PHE C 46 -41.48 -1.31 25.57
N SER C 47 -40.71 -0.35 26.06
CA SER C 47 -40.18 -0.42 27.41
C SER C 47 -41.28 -0.10 28.41
N ASN C 48 -41.29 -0.84 29.53
CA ASN C 48 -42.33 -0.67 30.53
C ASN C 48 -42.09 0.61 31.31
N VAL C 49 -42.59 1.73 30.80
CA VAL C 49 -42.44 3.02 31.48
C VAL C 49 -43.26 2.99 32.78
N THR C 50 -42.64 3.40 33.87
CA THR C 50 -43.29 3.36 35.16
C THR C 50 -44.28 4.52 35.30
N TRP C 51 -45.48 4.20 35.77
CA TRP C 51 -46.56 5.18 35.94
C TRP C 51 -46.66 5.49 37.42
N PHE C 52 -45.80 6.40 37.90
CA PHE C 52 -45.87 6.84 39.29
C PHE C 52 -47.23 7.45 39.59
N HIS C 53 -47.80 7.06 40.73
CA HIS C 53 -49.10 7.56 41.16
C HIS C 53 -48.88 8.82 41.99
N ALA C 54 -48.80 9.94 41.28
CA ALA C 54 -48.71 11.25 41.91
C ALA C 54 -50.11 11.62 42.42
N ILE C 55 -50.35 12.89 42.71
CA ILE C 55 -51.62 13.31 43.27
C ILE C 55 -52.76 12.73 42.42
N HIS C 56 -53.54 11.86 43.03
CA HIS C 56 -54.59 11.10 42.35
C HIS C 56 -55.81 11.04 43.24
N VAL C 57 -56.91 10.60 42.67
CA VAL C 57 -58.14 10.37 43.44
C VAL C 57 -58.04 8.95 43.99
N SER C 58 -57.31 8.80 45.08
CA SER C 58 -57.18 7.55 45.81
C SER C 58 -58.05 7.68 47.05
N GLY C 59 -59.31 7.27 46.93
CA GLY C 59 -60.29 7.61 47.93
C GLY C 59 -60.40 6.67 49.11
N THR C 60 -59.72 7.00 50.20
CA THR C 60 -60.03 6.47 51.52
C THR C 60 -60.46 7.60 52.45
N ASN C 61 -59.60 8.61 52.64
CA ASN C 61 -59.99 9.91 53.18
C ASN C 61 -58.96 10.90 52.66
N GLY C 62 -59.29 11.57 51.56
CA GLY C 62 -58.31 12.41 50.89
C GLY C 62 -57.18 11.60 50.29
N THR C 63 -56.01 11.68 50.90
CA THR C 63 -54.83 10.88 50.52
C THR C 63 -54.46 11.09 49.04
N LYS C 64 -54.57 12.32 48.57
CA LYS C 64 -54.07 12.69 47.24
C LYS C 64 -52.60 13.01 47.40
N ARG C 65 -51.78 11.97 47.46
CA ARG C 65 -50.39 12.10 47.90
C ARG C 65 -49.43 12.01 46.72
N PHE C 66 -48.14 12.03 47.05
CA PHE C 66 -47.07 12.38 46.12
C PHE C 66 -46.13 11.19 45.97
N ASP C 67 -46.06 10.63 44.77
CA ASP C 67 -45.07 9.60 44.45
C ASP C 67 -43.81 10.18 43.86
N ASN C 68 -43.42 11.39 44.28
CA ASN C 68 -42.22 12.04 43.73
C ASN C 68 -41.13 12.11 44.78
N PRO C 69 -40.47 11.00 45.11
CA PRO C 69 -39.35 11.05 46.05
C PRO C 69 -38.11 11.60 45.36
N VAL C 70 -36.96 11.53 46.04
CA VAL C 70 -35.74 12.03 45.42
C VAL C 70 -35.28 10.97 44.43
N LEU C 71 -35.76 11.08 43.20
CA LEU C 71 -35.58 10.05 42.20
C LEU C 71 -34.18 10.10 41.60
N PRO C 72 -33.67 8.99 41.07
CA PRO C 72 -32.33 9.01 40.48
C PRO C 72 -32.30 9.46 39.03
N PHE C 73 -31.47 10.47 38.74
CA PHE C 73 -31.23 10.95 37.37
C PHE C 73 -30.21 10.03 36.72
N ASN C 74 -30.68 8.87 36.29
CA ASN C 74 -29.79 7.89 35.65
C ASN C 74 -29.20 8.49 34.38
N ASP C 75 -30.03 8.72 33.37
CA ASP C 75 -29.65 9.43 32.16
C ASP C 75 -30.66 10.50 31.77
N GLY C 76 -31.94 10.24 31.97
CA GLY C 76 -32.99 11.17 31.59
C GLY C 76 -34.32 10.45 31.59
N VAL C 77 -35.40 11.22 31.53
CA VAL C 77 -36.74 10.67 31.64
C VAL C 77 -37.64 11.31 30.59
N TYR C 78 -38.72 10.61 30.24
CA TYR C 78 -39.79 11.20 29.44
C TYR C 78 -40.95 11.58 30.35
N PHE C 79 -40.77 12.70 31.04
CA PHE C 79 -41.83 13.20 31.90
C PHE C 79 -43.07 13.49 31.08
N ALA C 80 -44.09 12.64 31.21
CA ALA C 80 -45.32 12.76 30.45
C ALA C 80 -46.50 12.86 31.40
N SER C 81 -47.44 13.73 31.06
CA SER C 81 -48.59 13.99 31.91
C SER C 81 -49.63 14.76 31.09
N THR C 82 -50.90 14.35 31.20
CA THR C 82 -51.96 15.11 30.57
C THR C 82 -52.12 16.47 31.25
N GLU C 83 -52.50 16.45 32.53
CA GLU C 83 -52.46 17.63 33.40
C GLU C 83 -53.28 18.79 32.80
N LYS C 84 -54.59 18.56 32.76
CA LYS C 84 -55.51 19.59 32.27
C LYS C 84 -55.35 20.90 33.04
N SER C 85 -55.05 20.82 34.34
CA SER C 85 -54.82 21.99 35.17
C SER C 85 -53.33 22.13 35.41
N ASN C 86 -52.79 23.32 35.16
CA ASN C 86 -51.35 23.55 35.25
C ASN C 86 -50.88 23.61 36.69
N ILE C 87 -50.91 22.47 37.40
CA ILE C 87 -50.37 22.40 38.75
C ILE C 87 -48.91 21.99 38.76
N ILE C 88 -48.35 21.55 37.63
CA ILE C 88 -46.93 21.29 37.52
C ILE C 88 -46.20 22.59 37.24
N ARG C 89 -45.22 22.91 38.06
CA ARG C 89 -44.44 24.14 37.91
C ARG C 89 -43.05 23.91 37.37
N GLY C 90 -42.41 22.80 37.71
CA GLY C 90 -41.06 22.54 37.20
C GLY C 90 -40.39 21.39 37.92
N TRP C 91 -39.06 21.41 37.90
CA TRP C 91 -38.26 20.35 38.48
C TRP C 91 -37.04 20.94 39.15
N ILE C 92 -36.47 20.17 40.08
CA ILE C 92 -35.40 20.65 40.95
C ILE C 92 -34.18 19.74 40.82
N PHE C 93 -33.88 19.30 39.59
CA PHE C 93 -32.74 18.43 39.32
C PHE C 93 -31.52 18.81 40.13
N GLY C 94 -30.95 17.85 40.84
CA GLY C 94 -29.76 18.07 41.64
C GLY C 94 -29.06 16.77 41.93
N THR C 95 -28.24 16.79 42.98
CA THR C 95 -27.48 15.61 43.37
C THR C 95 -27.68 15.19 44.82
N THR C 96 -27.89 16.14 45.74
CA THR C 96 -28.12 15.83 47.15
C THR C 96 -29.42 16.39 47.69
N LEU C 97 -30.00 17.43 47.07
CA LEU C 97 -31.25 18.04 47.50
C LEU C 97 -31.14 18.60 48.92
N ASP C 98 -30.15 19.47 49.10
CA ASP C 98 -29.96 20.19 50.35
C ASP C 98 -29.14 21.44 50.05
N SER C 99 -28.70 22.13 51.11
CA SER C 99 -27.86 23.30 50.94
C SER C 99 -26.44 22.87 50.58
N LYS C 100 -25.61 23.86 50.23
CA LYS C 100 -24.18 23.73 49.94
C LYS C 100 -23.92 23.07 48.58
N THR C 101 -24.95 22.58 47.90
CA THR C 101 -24.79 21.85 46.64
C THR C 101 -25.50 22.57 45.51
N GLN C 102 -24.81 22.70 44.38
CA GLN C 102 -25.38 23.31 43.19
C GLN C 102 -26.48 22.43 42.61
N SER C 103 -27.60 23.05 42.23
CA SER C 103 -28.71 22.33 41.61
C SER C 103 -29.42 23.26 40.62
N LEU C 104 -30.58 22.83 40.13
CA LEU C 104 -31.30 23.52 39.08
C LEU C 104 -32.73 23.79 39.50
N LEU C 105 -33.33 24.84 38.94
CA LEU C 105 -34.68 25.27 39.26
C LEU C 105 -35.49 25.45 37.98
N ILE C 106 -36.74 25.00 38.01
CA ILE C 106 -37.71 25.32 36.97
C ILE C 106 -39.03 25.66 37.64
N VAL C 107 -39.62 26.79 37.27
CA VAL C 107 -40.92 27.21 37.78
C VAL C 107 -41.73 27.79 36.62
N ASN C 108 -42.97 27.33 36.48
CA ASN C 108 -43.88 27.86 35.47
C ASN C 108 -44.65 29.03 36.05
N ASN C 109 -44.71 30.13 35.30
CA ASN C 109 -45.52 31.29 35.65
C ASN C 109 -46.50 31.57 34.52
N ALA C 110 -47.46 32.46 34.81
CA ALA C 110 -48.46 32.81 33.81
C ALA C 110 -47.87 33.53 32.61
N THR C 111 -46.68 34.12 32.76
CA THR C 111 -46.05 34.88 31.69
C THR C 111 -44.73 34.28 31.24
N ASN C 112 -43.81 34.01 32.16
CA ASN C 112 -42.46 33.60 31.81
C ASN C 112 -41.96 32.52 32.75
N VAL C 113 -41.24 31.55 32.19
CA VAL C 113 -40.58 30.52 32.98
C VAL C 113 -39.24 31.04 33.46
N VAL C 114 -38.81 30.58 34.64
CA VAL C 114 -37.54 31.01 35.23
C VAL C 114 -36.71 29.76 35.54
N ILE C 115 -35.42 29.83 35.22
CA ILE C 115 -34.46 28.77 35.52
C ILE C 115 -33.30 29.38 36.28
N LYS C 116 -33.06 28.88 37.49
CA LYS C 116 -32.02 29.40 38.37
C LYS C 116 -31.09 28.27 38.78
N VAL C 117 -29.78 28.56 38.80
CA VAL C 117 -28.78 27.62 39.29
C VAL C 117 -27.98 28.37 40.36
N CYS C 118 -28.41 28.25 41.61
CA CYS C 118 -27.74 28.90 42.73
C CYS C 118 -27.66 27.92 43.90
N GLU C 119 -26.97 28.33 44.95
CA GLU C 119 -26.96 27.58 46.19
C GLU C 119 -28.36 27.57 46.79
N PHE C 120 -28.98 26.40 46.83
CA PHE C 120 -30.37 26.25 47.21
C PHE C 120 -30.49 25.51 48.54
N GLN C 121 -31.39 26.00 49.40
CA GLN C 121 -31.77 25.32 50.63
C GLN C 121 -33.23 24.93 50.54
N PHE C 122 -33.58 23.79 51.10
CA PHE C 122 -34.92 23.23 50.97
C PHE C 122 -35.52 22.88 52.32
N CYS C 123 -36.83 23.07 52.45
CA CYS C 123 -37.59 22.60 53.60
C CYS C 123 -37.91 21.12 53.43
N ASN C 124 -38.81 20.60 54.26
CA ASN C 124 -39.17 19.19 54.16
C ASN C 124 -39.76 18.86 52.79
N ASP C 125 -40.65 19.71 52.30
CA ASP C 125 -41.34 19.50 51.02
C ASP C 125 -41.69 20.84 50.39
N PRO C 126 -41.15 21.14 49.21
CA PRO C 126 -41.48 22.43 48.58
C PRO C 126 -42.83 22.39 47.86
N PHE C 127 -43.70 23.33 48.26
CA PHE C 127 -45.03 23.54 47.70
C PHE C 127 -45.24 25.04 47.50
N LEU C 128 -46.32 25.36 46.79
CA LEU C 128 -46.73 26.75 46.58
C LEU C 128 -47.94 27.07 47.44
N GLY C 129 -47.92 28.25 48.06
CA GLY C 129 -49.00 28.70 48.89
C GLY C 129 -50.13 29.35 48.11
N VAL C 130 -50.99 28.53 47.49
CA VAL C 130 -52.11 29.06 46.73
C VAL C 130 -53.21 29.42 47.71
N TYR C 131 -53.20 30.66 48.19
CA TYR C 131 -54.03 31.11 49.30
C TYR C 131 -54.85 32.33 48.90
N TYR C 132 -55.49 32.94 49.89
CA TYR C 132 -56.25 34.18 49.73
C TYR C 132 -55.72 35.18 50.74
N HIS C 133 -54.99 36.20 50.26
CA HIS C 133 -54.30 37.14 51.12
C HIS C 133 -54.90 38.55 51.12
N LYS C 134 -55.85 38.83 50.22
CA LYS C 134 -56.51 40.12 50.07
C LYS C 134 -55.59 41.21 49.55
N ASN C 135 -54.38 40.85 49.11
CA ASN C 135 -53.44 41.77 48.49
C ASN C 135 -53.18 41.30 47.06
N ASN C 136 -53.42 42.19 46.09
CA ASN C 136 -53.59 41.85 44.68
C ASN C 136 -54.79 40.95 44.41
N LYS C 137 -55.53 40.53 45.45
CA LYS C 137 -56.68 39.65 45.29
C LYS C 137 -56.33 38.39 44.49
N SER C 138 -55.11 37.91 44.66
CA SER C 138 -54.60 36.84 43.81
C SER C 138 -53.98 35.74 44.66
N TRP C 139 -54.18 34.50 44.22
CA TRP C 139 -53.60 33.33 44.87
C TRP C 139 -52.17 33.19 44.39
N MET C 140 -51.21 33.39 45.30
CA MET C 140 -49.82 33.49 44.91
C MET C 140 -49.24 32.11 44.59
N GLU C 141 -47.94 32.10 44.31
CA GLU C 141 -47.17 30.92 43.96
C GLU C 141 -45.96 30.79 44.88
N SER C 142 -46.21 30.84 46.19
CA SER C 142 -45.19 30.97 47.22
C SER C 142 -43.96 30.12 46.93
N GLU C 143 -42.80 30.77 46.95
CA GLU C 143 -41.54 30.15 46.58
C GLU C 143 -40.42 30.50 47.55
N PHE C 144 -40.65 31.42 48.48
CA PHE C 144 -39.58 31.89 49.36
C PHE C 144 -39.04 30.79 50.26
N ARG C 145 -39.90 29.89 50.75
CA ARG C 145 -39.45 28.76 51.56
C ARG C 145 -39.29 27.48 50.75
N VAL C 146 -39.70 27.49 49.47
CA VAL C 146 -39.17 26.48 48.55
C VAL C 146 -37.67 26.60 48.46
N TYR C 147 -37.19 27.83 48.28
CA TYR C 147 -35.76 28.14 48.15
C TYR C 147 -35.45 29.07 49.32
N SER C 148 -35.24 28.48 50.50
CA SER C 148 -35.12 29.26 51.72
C SER C 148 -33.94 30.24 51.65
N SER C 149 -32.85 29.83 51.01
CA SER C 149 -31.69 30.70 50.84
C SER C 149 -31.38 30.84 49.35
N ALA C 150 -31.09 32.07 48.94
CA ALA C 150 -30.75 32.36 47.55
C ALA C 150 -29.47 33.18 47.52
N ASN C 151 -28.42 32.60 46.98
CA ASN C 151 -27.12 33.26 46.91
C ASN C 151 -26.26 32.56 45.88
N ASN C 152 -25.21 33.26 45.45
CA ASN C 152 -24.25 32.76 44.46
C ASN C 152 -24.97 32.36 43.16
N CYS C 153 -25.50 33.38 42.48
CA CYS C 153 -26.27 33.17 41.26
C CYS C 153 -25.35 32.86 40.08
N THR C 154 -25.03 31.58 39.89
CA THR C 154 -24.17 31.19 38.78
C THR C 154 -24.90 31.32 37.44
N PHE C 155 -26.19 30.99 37.40
CA PHE C 155 -26.95 31.01 36.17
C PHE C 155 -28.32 31.65 36.41
N GLU C 156 -28.87 32.21 35.35
CA GLU C 156 -30.20 32.83 35.38
C GLU C 156 -30.76 32.84 33.97
N TYR C 157 -32.03 32.45 33.84
CA TYR C 157 -32.65 32.34 32.53
C TYR C 157 -34.16 32.55 32.67
N VAL C 158 -34.70 33.42 31.82
CA VAL C 158 -36.13 33.70 31.77
C VAL C 158 -36.55 33.78 30.30
N SER C 159 -37.63 33.11 29.95
CA SER C 159 -38.12 33.08 28.57
C SER C 159 -39.60 32.73 28.59
N GLN C 160 -40.13 32.38 27.41
CA GLN C 160 -41.54 32.08 27.28
C GLN C 160 -41.88 30.80 28.05
N PRO C 161 -43.15 30.65 28.47
CA PRO C 161 -43.50 29.50 29.30
C PRO C 161 -43.34 28.18 28.56
N PHE C 162 -43.06 27.13 29.35
CA PHE C 162 -42.85 25.80 28.80
C PHE C 162 -44.14 24.99 28.70
N LEU C 163 -45.01 25.10 29.70
CA LEU C 163 -46.23 24.30 29.79
C LEU C 163 -47.42 25.21 29.52
N MET C 164 -47.99 25.10 28.32
CA MET C 164 -49.13 25.90 27.91
C MET C 164 -50.41 25.07 27.96
N ASP C 165 -51.55 25.76 27.85
CA ASP C 165 -52.86 25.13 27.79
C ASP C 165 -53.50 25.49 26.46
N LEU C 166 -53.75 24.48 25.63
CA LEU C 166 -54.31 24.68 24.30
C LEU C 166 -55.49 23.74 24.04
N GLU C 167 -56.24 23.41 25.09
CA GLU C 167 -57.37 22.50 24.95
C GLU C 167 -58.42 23.07 24.01
N GLY C 168 -59.06 24.17 24.42
CA GLY C 168 -60.05 24.85 23.61
C GLY C 168 -61.26 24.01 23.24
N LYS C 169 -61.37 22.81 23.82
CA LYS C 169 -62.48 21.92 23.50
C LYS C 169 -63.04 21.21 24.73
N GLN C 170 -62.70 21.65 25.93
CA GLN C 170 -63.21 21.10 27.19
C GLN C 170 -62.93 19.60 27.29
N GLY C 171 -61.64 19.30 27.34
CA GLY C 171 -61.19 17.94 27.53
C GLY C 171 -61.08 17.16 26.24
N ASN C 172 -60.94 15.84 26.40
CA ASN C 172 -60.80 14.84 25.34
C ASN C 172 -59.52 15.00 24.54
N PHE C 173 -58.66 15.95 24.88
CA PHE C 173 -57.34 16.05 24.26
C PHE C 173 -56.23 16.19 25.29
N LYS C 174 -56.46 16.93 26.38
CA LYS C 174 -55.66 16.89 27.59
C LYS C 174 -54.25 17.46 27.43
N ASN C 175 -53.87 17.84 26.21
CA ASN C 175 -52.57 18.49 25.95
C ASN C 175 -51.41 17.65 26.50
N LEU C 176 -51.22 16.49 25.89
CA LEU C 176 -50.14 15.58 26.28
C LEU C 176 -48.78 16.26 26.20
N ARG C 177 -48.13 16.42 27.36
CA ARG C 177 -46.83 17.09 27.44
C ARG C 177 -45.76 16.04 27.69
N GLU C 178 -44.67 16.14 26.94
CA GLU C 178 -43.55 15.20 27.06
C GLU C 178 -42.25 16.01 27.12
N PHE C 179 -41.32 15.57 27.96
CA PHE C 179 -40.08 16.32 28.19
C PHE C 179 -38.90 15.36 28.30
N VAL C 180 -37.71 15.91 28.04
CA VAL C 180 -36.45 15.16 28.10
C VAL C 180 -35.43 16.01 28.83
N PHE C 181 -34.58 15.36 29.62
CA PHE C 181 -33.55 16.05 30.39
C PHE C 181 -32.27 15.23 30.35
N LYS C 182 -31.22 15.76 29.73
CA LYS C 182 -29.99 15.01 29.56
C LYS C 182 -28.79 15.92 29.72
N ASN C 183 -27.74 15.38 30.35
CA ASN C 183 -26.45 16.05 30.46
C ASN C 183 -25.40 15.20 29.74
N ILE C 184 -24.67 15.83 28.81
CA ILE C 184 -23.71 15.10 28.00
C ILE C 184 -22.32 15.69 28.17
N ASP C 185 -22.17 16.97 27.82
CA ASP C 185 -20.88 17.66 27.85
C ASP C 185 -20.97 18.93 28.68
N GLY C 186 -21.70 18.88 29.79
CA GLY C 186 -21.93 20.06 30.58
C GLY C 186 -23.03 20.96 30.08
N TYR C 187 -23.77 20.53 29.06
CA TYR C 187 -24.86 21.31 28.49
C TYR C 187 -26.18 20.62 28.81
N PHE C 188 -27.10 21.37 29.39
CA PHE C 188 -28.43 20.84 29.70
C PHE C 188 -29.34 21.04 28.50
N LYS C 189 -30.00 19.96 28.08
CA LYS C 189 -30.83 19.97 26.89
C LYS C 189 -32.23 19.49 27.24
N ILE C 190 -33.24 20.23 26.76
CA ILE C 190 -34.64 19.93 27.02
C ILE C 190 -35.37 19.89 25.69
N TYR C 191 -36.11 18.80 25.46
CA TYR C 191 -36.87 18.61 24.23
C TYR C 191 -38.33 18.39 24.58
N SER C 192 -39.23 19.06 23.86
CA SER C 192 -40.65 18.92 24.18
C SER C 192 -41.49 19.37 22.99
N LYS C 193 -42.75 18.93 23.00
CA LYS C 193 -43.78 19.39 22.08
C LYS C 193 -45.12 18.91 22.60
N HIS C 194 -46.11 19.80 22.57
CA HIS C 194 -47.43 19.52 23.11
C HIS C 194 -48.35 19.01 22.02
N THR C 195 -49.05 17.92 22.28
CA THR C 195 -49.88 17.26 21.29
C THR C 195 -51.24 16.92 21.91
N PRO C 196 -52.35 17.26 21.24
CA PRO C 196 -53.68 16.89 21.76
C PRO C 196 -54.11 15.52 21.29
N ILE C 197 -54.44 14.63 22.23
CA ILE C 197 -54.73 13.23 21.90
C ILE C 197 -55.92 12.75 22.73
N ASN C 198 -56.82 12.01 22.09
CA ASN C 198 -58.09 11.61 22.69
C ASN C 198 -57.93 10.50 23.74
N LEU C 199 -56.83 9.76 23.76
CA LEU C 199 -56.71 8.65 24.67
C LEU C 199 -56.63 9.12 26.12
N VAL C 200 -57.03 8.26 27.04
CA VAL C 200 -57.27 8.66 28.42
C VAL C 200 -56.08 8.36 29.32
N ARG C 201 -55.63 7.11 29.37
CA ARG C 201 -54.61 6.69 30.35
C ARG C 201 -53.33 6.21 29.71
N ASP C 202 -53.41 5.32 28.72
CA ASP C 202 -52.22 4.75 28.11
C ASP C 202 -51.59 5.75 27.14
N LEU C 203 -50.46 5.35 26.54
CA LEU C 203 -49.85 6.21 25.55
C LEU C 203 -50.26 5.78 24.14
N PRO C 204 -50.37 6.73 23.22
CA PRO C 204 -50.93 6.43 21.90
C PRO C 204 -50.00 5.57 21.05
N GLN C 205 -50.60 4.92 20.06
CA GLN C 205 -49.88 4.16 19.06
C GLN C 205 -49.19 5.03 18.02
N GLY C 206 -49.57 6.30 17.93
CA GLY C 206 -49.03 7.18 16.91
C GLY C 206 -47.58 7.55 17.16
N PHE C 207 -46.99 8.17 16.14
CA PHE C 207 -45.60 8.59 16.17
C PHE C 207 -45.53 10.12 16.15
N SER C 208 -44.69 10.68 17.02
CA SER C 208 -44.57 12.13 17.13
C SER C 208 -43.22 12.47 17.74
N ALA C 209 -42.41 13.23 17.00
CA ALA C 209 -41.14 13.71 17.51
C ALA C 209 -41.36 14.93 18.40
N LEU C 210 -40.31 15.31 19.12
CA LEU C 210 -40.36 16.43 20.04
C LEU C 210 -39.19 17.36 19.73
N GLU C 211 -39.50 18.58 19.30
CA GLU C 211 -38.47 19.54 18.94
C GLU C 211 -37.78 20.09 20.20
N PRO C 212 -36.50 20.47 20.09
CA PRO C 212 -35.80 21.02 21.26
C PRO C 212 -36.30 22.40 21.64
N LEU C 213 -36.00 22.80 22.88
CA LEU C 213 -36.33 24.13 23.37
C LEU C 213 -35.11 24.97 23.67
N VAL C 214 -34.21 24.49 24.53
CA VAL C 214 -33.12 25.31 25.05
C VAL C 214 -31.89 24.44 25.20
N ASP C 215 -30.72 25.06 25.04
CA ASP C 215 -29.43 24.41 25.21
C ASP C 215 -28.70 25.16 26.33
N LEU C 216 -28.89 24.71 27.58
CA LEU C 216 -28.38 25.43 28.73
C LEU C 216 -26.94 25.03 28.98
N PRO C 217 -25.99 25.97 28.88
CA PRO C 217 -24.59 25.63 29.19
C PRO C 217 -24.28 25.82 30.67
N ILE C 218 -24.64 24.83 31.50
CA ILE C 218 -24.49 24.97 32.94
C ILE C 218 -23.33 24.12 33.44
N GLY C 219 -23.41 22.81 33.25
CA GLY C 219 -22.35 21.92 33.67
C GLY C 219 -22.22 21.78 35.18
N ILE C 220 -23.22 21.17 35.81
CA ILE C 220 -23.25 20.99 37.25
C ILE C 220 -23.54 19.52 37.56
N ASN C 221 -23.48 19.18 38.84
CA ASN C 221 -23.85 17.85 39.30
C ASN C 221 -25.37 17.73 39.27
N ILE C 222 -25.88 16.72 38.58
CA ILE C 222 -27.31 16.44 38.53
C ILE C 222 -27.48 14.92 38.56
N THR C 223 -27.97 14.39 39.67
CA THR C 223 -28.25 12.97 39.80
C THR C 223 -29.56 12.66 40.50
N ARG C 224 -30.40 13.66 40.77
CA ARG C 224 -31.63 13.42 41.53
C ARG C 224 -32.75 14.29 40.97
N PHE C 225 -33.99 13.83 41.18
CA PHE C 225 -35.19 14.51 40.73
C PHE C 225 -36.00 15.05 41.90
N GLN C 226 -36.94 15.94 41.56
CA GLN C 226 -38.10 16.29 42.35
C GLN C 226 -38.99 17.17 41.47
N THR C 227 -40.30 17.03 41.61
CA THR C 227 -41.25 17.77 40.77
C THR C 227 -42.16 18.63 41.63
N LEU C 228 -42.50 19.80 41.11
CA LEU C 228 -43.29 20.79 41.85
C LEU C 228 -44.78 20.57 41.63
N LEU C 229 -45.55 20.76 42.70
CA LEU C 229 -47.01 20.64 42.67
C LEU C 229 -47.62 21.89 43.29
N ALA C 230 -48.70 22.38 42.68
CA ALA C 230 -49.40 23.57 43.15
C ALA C 230 -50.81 23.16 43.59
N LEU C 231 -51.14 23.42 44.85
CA LEU C 231 -52.41 23.02 45.43
C LEU C 231 -53.02 24.19 46.22
N HIS C 232 -54.35 24.26 46.20
CA HIS C 232 -55.06 25.30 46.94
C HIS C 232 -55.20 24.88 48.40
N ARG C 233 -55.82 25.75 49.21
CA ARG C 233 -55.93 25.50 50.65
C ARG C 233 -57.37 25.51 51.12
N SER C 234 -57.57 25.48 52.43
CA SER C 234 -58.89 25.48 53.06
C SER C 234 -59.04 26.72 53.92
N TYR C 235 -60.29 27.18 54.05
CA TYR C 235 -60.58 28.40 54.80
C TYR C 235 -61.81 28.22 55.70
N LEU C 236 -62.33 29.33 56.22
CA LEU C 236 -63.48 29.31 57.13
C LEU C 236 -64.74 28.97 56.32
N THR C 237 -64.82 27.71 55.91
CA THR C 237 -65.94 27.22 55.11
C THR C 237 -66.57 26.04 55.86
N PRO C 238 -67.58 26.31 56.69
CA PRO C 238 -68.26 25.28 57.48
C PRO C 238 -69.32 24.54 56.68
N SER C 243 -54.45 18.26 55.42
CA SER C 243 -55.78 18.78 55.72
C SER C 243 -56.52 19.14 54.43
N GLY C 244 -56.92 20.41 54.32
CA GLY C 244 -57.58 20.88 53.11
C GLY C 244 -56.57 21.31 52.08
N TRP C 245 -56.27 20.43 51.13
CA TRP C 245 -55.19 20.63 50.18
C TRP C 245 -55.56 19.90 48.89
N THR C 246 -54.59 19.72 48.00
CA THR C 246 -54.68 18.82 46.85
C THR C 246 -55.85 19.21 45.94
N ALA C 247 -55.74 20.39 45.35
CA ALA C 247 -56.65 20.81 44.31
C ALA C 247 -56.17 20.32 42.96
N GLY C 248 -56.94 19.40 42.36
CA GLY C 248 -56.53 18.77 41.12
C GLY C 248 -55.71 17.52 41.35
N ALA C 249 -55.47 16.79 40.26
CA ALA C 249 -54.76 15.53 40.30
C ALA C 249 -53.65 15.52 39.25
N ALA C 250 -52.60 14.76 39.52
CA ALA C 250 -51.44 14.68 38.64
C ALA C 250 -51.05 13.22 38.43
N ALA C 251 -50.84 12.85 37.16
CA ALA C 251 -50.37 11.52 36.79
C ALA C 251 -49.06 11.67 36.04
N TYR C 252 -48.03 10.94 36.48
CA TYR C 252 -46.68 11.12 35.97
C TYR C 252 -46.16 9.84 35.33
N TYR C 253 -45.51 10.00 34.18
CA TYR C 253 -44.84 8.91 33.48
C TYR C 253 -43.34 9.20 33.45
N VAL C 254 -42.54 8.21 33.86
CA VAL C 254 -41.09 8.37 33.97
C VAL C 254 -40.42 7.19 33.28
N GLY C 255 -39.62 7.47 32.26
CA GLY C 255 -38.90 6.43 31.56
C GLY C 255 -37.42 6.75 31.41
N TYR C 256 -36.56 5.93 32.01
CA TYR C 256 -35.14 6.26 32.10
C TYR C 256 -34.43 5.97 30.78
N LEU C 257 -33.65 6.94 30.31
CA LEU C 257 -33.02 6.87 29.00
C LEU C 257 -31.97 5.76 28.96
N GLN C 258 -31.50 5.46 27.75
CA GLN C 258 -30.54 4.39 27.53
C GLN C 258 -29.85 4.56 26.18
N PRO C 259 -28.52 4.44 26.12
CA PRO C 259 -27.82 4.66 24.85
C PRO C 259 -28.09 3.51 23.87
N ARG C 260 -28.66 3.86 22.71
CA ARG C 260 -29.02 2.88 21.69
C ARG C 260 -28.74 3.48 20.32
N THR C 261 -28.96 2.67 19.28
CA THR C 261 -28.79 3.08 17.90
C THR C 261 -30.14 3.08 17.21
N PHE C 262 -30.48 4.19 16.56
CA PHE C 262 -31.77 4.36 15.91
C PHE C 262 -31.60 4.52 14.41
N LEU C 263 -32.69 4.31 13.69
CA LEU C 263 -32.79 4.60 12.26
C LEU C 263 -33.99 5.50 12.07
N LEU C 264 -33.75 6.72 11.60
CA LEU C 264 -34.75 7.78 11.63
C LEU C 264 -35.22 8.09 10.22
N LYS C 265 -36.53 7.91 9.97
CA LYS C 265 -37.14 8.40 8.75
C LYS C 265 -37.27 9.91 8.79
N TYR C 266 -37.11 10.54 7.63
CA TYR C 266 -37.30 11.97 7.48
C TYR C 266 -38.30 12.23 6.37
N ASN C 267 -39.29 13.07 6.63
CA ASN C 267 -40.29 13.40 5.63
C ASN C 267 -39.66 14.27 4.55
N GLU C 268 -40.47 14.63 3.54
CA GLU C 268 -39.99 15.51 2.49
C GLU C 268 -39.75 16.93 2.99
N ASN C 269 -40.18 17.25 4.20
CA ASN C 269 -39.95 18.56 4.80
C ASN C 269 -38.73 18.57 5.72
N GLY C 270 -38.61 17.57 6.59
CA GLY C 270 -37.56 17.53 7.58
C GLY C 270 -38.06 16.95 8.89
N THR C 271 -39.37 16.86 9.03
CA THR C 271 -39.96 16.28 10.23
C THR C 271 -39.84 14.77 10.23
N ILE C 272 -39.45 14.21 11.36
CA ILE C 272 -39.32 12.76 11.50
C ILE C 272 -40.71 12.15 11.59
N THR C 273 -40.99 11.18 10.72
CA THR C 273 -42.30 10.54 10.68
C THR C 273 -42.29 9.12 11.25
N ASP C 274 -41.14 8.45 11.29
CA ASP C 274 -41.06 7.11 11.82
C ASP C 274 -39.62 6.82 12.22
N ALA C 275 -39.45 5.77 13.01
CA ALA C 275 -38.12 5.36 13.45
C ALA C 275 -38.13 3.87 13.73
N VAL C 276 -36.93 3.28 13.72
CA VAL C 276 -36.73 1.86 14.01
C VAL C 276 -35.65 1.73 15.07
N ASP C 277 -35.97 1.05 16.16
CA ASP C 277 -35.04 0.85 17.27
C ASP C 277 -34.22 -0.41 16.98
N CYS C 278 -32.96 -0.23 16.62
CA CYS C 278 -32.08 -1.37 16.42
C CYS C 278 -31.80 -2.07 17.74
N ALA C 279 -31.45 -3.36 17.64
CA ALA C 279 -31.15 -4.19 18.81
C ALA C 279 -32.35 -4.33 19.74
N LEU C 280 -33.56 -4.26 19.18
CA LEU C 280 -34.78 -4.55 19.93
C LEU C 280 -35.21 -5.99 19.73
N ASP C 281 -35.47 -6.38 18.49
CA ASP C 281 -35.74 -7.74 18.08
C ASP C 281 -35.00 -8.00 16.78
N PRO C 282 -34.76 -9.27 16.44
CA PRO C 282 -33.92 -9.54 15.26
C PRO C 282 -34.46 -8.94 13.97
N LEU C 283 -35.78 -8.79 13.84
CA LEU C 283 -36.32 -8.17 12.64
C LEU C 283 -35.91 -6.71 12.52
N SER C 284 -35.90 -5.99 13.64
CA SER C 284 -35.51 -4.58 13.60
C SER C 284 -34.02 -4.42 13.31
N GLU C 285 -33.20 -5.36 13.79
CA GLU C 285 -31.77 -5.30 13.50
C GLU C 285 -31.50 -5.45 12.00
N THR C 286 -32.27 -6.32 11.34
CA THR C 286 -32.11 -6.51 9.90
C THR C 286 -32.43 -5.23 9.14
N LYS C 287 -33.48 -4.51 9.56
CA LYS C 287 -33.83 -3.26 8.89
C LYS C 287 -32.70 -2.25 8.98
N CYS C 288 -32.05 -2.17 10.14
CA CYS C 288 -30.96 -1.22 10.32
C CYS C 288 -29.78 -1.57 9.42
N THR C 289 -29.50 -2.86 9.25
CA THR C 289 -28.39 -3.27 8.39
C THR C 289 -28.68 -2.98 6.92
N LEU C 290 -29.94 -3.16 6.50
CA LEU C 290 -30.31 -2.91 5.12
C LEU C 290 -30.68 -1.46 4.85
N LYS C 291 -30.81 -0.63 5.89
CA LYS C 291 -31.23 0.76 5.74
C LYS C 291 -32.55 0.86 4.98
N SER C 292 -33.50 -0.02 5.32
CA SER C 292 -34.80 -0.05 4.66
C SER C 292 -35.86 -0.40 5.69
N PHE C 293 -36.98 0.35 5.66
CA PHE C 293 -38.08 0.08 6.57
C PHE C 293 -38.88 -1.15 6.15
N THR C 294 -38.76 -1.58 4.89
CA THR C 294 -39.43 -2.77 4.40
C THR C 294 -38.37 -3.78 3.98
N VAL C 295 -38.50 -5.00 4.45
CA VAL C 295 -37.53 -6.07 4.20
C VAL C 295 -38.20 -7.15 3.35
N GLU C 296 -37.55 -7.50 2.25
CA GLU C 296 -38.06 -8.53 1.35
C GLU C 296 -37.61 -9.91 1.80
N LYS C 297 -38.23 -10.94 1.20
CA LYS C 297 -37.96 -12.32 1.58
C LYS C 297 -36.50 -12.69 1.29
N GLY C 298 -35.91 -13.45 2.18
CA GLY C 298 -34.54 -13.91 2.02
C GLY C 298 -33.88 -14.10 3.36
N ILE C 299 -32.62 -14.52 3.31
CA ILE C 299 -31.80 -14.74 4.49
C ILE C 299 -30.69 -13.68 4.50
N TYR C 300 -30.51 -13.03 5.65
CA TYR C 300 -29.54 -11.95 5.78
C TYR C 300 -28.64 -12.22 6.98
N GLN C 301 -27.45 -11.61 6.94
CA GLN C 301 -26.51 -11.66 8.05
C GLN C 301 -26.42 -10.28 8.69
N THR C 302 -26.62 -10.23 10.00
CA THR C 302 -26.70 -8.97 10.73
C THR C 302 -25.46 -8.65 11.54
N SER C 303 -25.06 -9.54 12.44
CA SER C 303 -23.94 -9.28 13.33
C SER C 303 -23.25 -10.60 13.65
N ASN C 304 -22.42 -10.59 14.69
CA ASN C 304 -21.65 -11.76 15.09
C ASN C 304 -22.01 -12.17 16.51
N PHE C 305 -21.99 -13.47 16.76
CA PHE C 305 -22.25 -14.04 18.07
C PHE C 305 -20.92 -14.50 18.65
N ARG C 306 -20.42 -13.78 19.66
CA ARG C 306 -19.15 -14.10 20.29
C ARG C 306 -19.35 -14.26 21.79
N VAL C 307 -18.71 -15.27 22.36
CA VAL C 307 -18.84 -15.56 23.78
C VAL C 307 -17.89 -14.67 24.57
N GLN C 308 -18.43 -14.00 25.59
CA GLN C 308 -17.60 -13.16 26.44
C GLN C 308 -16.72 -14.04 27.33
N PRO C 309 -15.55 -13.54 27.73
CA PRO C 309 -14.65 -14.35 28.55
C PRO C 309 -14.96 -14.24 30.03
N THR C 310 -14.74 -15.34 30.74
CA THR C 310 -14.93 -15.41 32.18
C THR C 310 -13.72 -14.81 32.89
N GLU C 311 -13.61 -15.07 34.19
CA GLU C 311 -12.52 -14.51 34.98
C GLU C 311 -11.16 -14.96 34.46
N SER C 312 -10.19 -14.05 34.53
CA SER C 312 -8.89 -14.29 33.92
C SER C 312 -8.05 -15.26 34.75
N ILE C 313 -7.01 -15.79 34.12
CA ILE C 313 -6.10 -16.74 34.75
C ILE C 313 -4.67 -16.30 34.44
N VAL C 314 -3.82 -16.28 35.46
CA VAL C 314 -2.41 -15.97 35.32
C VAL C 314 -1.61 -17.07 36.01
N ARG C 315 -0.67 -17.67 35.28
CA ARG C 315 0.19 -18.72 35.82
C ARG C 315 1.64 -18.38 35.53
N PHE C 316 2.48 -18.45 36.55
CA PHE C 316 3.89 -18.13 36.47
C PHE C 316 4.67 -19.18 37.24
N PRO C 317 5.97 -19.33 36.96
CA PRO C 317 6.73 -20.40 37.61
C PRO C 317 6.75 -20.26 39.13
N ASN C 318 6.76 -21.42 39.80
CA ASN C 318 6.80 -21.46 41.25
C ASN C 318 8.15 -21.08 41.82
N ILE C 319 9.17 -20.90 40.99
CA ILE C 319 10.52 -20.61 41.48
C ILE C 319 10.51 -19.22 42.10
N THR C 320 10.55 -19.17 43.44
CA THR C 320 10.49 -17.90 44.17
C THR C 320 11.54 -17.85 45.27
N ASN C 321 12.78 -18.20 44.94
CA ASN C 321 13.90 -17.97 45.85
C ASN C 321 14.50 -16.61 45.53
N LEU C 322 14.36 -15.65 46.45
CA LEU C 322 14.60 -14.25 46.12
C LEU C 322 16.05 -13.85 46.32
N CYS C 323 16.51 -13.82 47.57
CA CYS C 323 17.85 -13.37 47.95
C CYS C 323 18.07 -13.81 49.40
N PRO C 324 19.24 -13.55 49.99
CA PRO C 324 19.30 -13.38 51.45
C PRO C 324 18.91 -11.95 51.81
N PHE C 325 17.71 -11.79 52.37
CA PHE C 325 17.17 -10.46 52.66
C PHE C 325 17.48 -9.98 54.06
N GLY C 326 17.56 -10.87 55.04
CA GLY C 326 17.82 -10.45 56.40
C GLY C 326 19.24 -10.00 56.66
N GLU C 327 20.11 -10.07 55.66
CA GLU C 327 21.51 -9.67 55.84
C GLU C 327 21.68 -8.17 55.95
N VAL C 328 20.69 -7.38 55.51
CA VAL C 328 20.82 -5.93 55.52
C VAL C 328 19.68 -5.30 56.32
N PHE C 329 18.45 -5.51 55.86
CA PHE C 329 17.31 -4.89 56.52
C PHE C 329 17.12 -5.39 57.94
N ASN C 330 17.33 -6.69 58.16
CA ASN C 330 17.17 -7.30 59.48
C ASN C 330 18.49 -7.81 60.05
N ALA C 331 19.59 -7.12 59.75
CA ALA C 331 20.88 -7.50 60.29
C ALA C 331 20.96 -7.15 61.77
N THR C 332 21.62 -8.03 62.54
CA THR C 332 21.69 -7.84 63.99
C THR C 332 22.66 -6.73 64.36
N ARG C 333 23.82 -6.67 63.70
CA ARG C 333 24.89 -5.76 64.08
C ARG C 333 25.34 -4.92 62.89
N PHE C 334 25.66 -3.66 63.16
CA PHE C 334 26.18 -2.74 62.14
C PHE C 334 27.40 -2.02 62.69
N ALA C 335 28.34 -1.71 61.79
CA ALA C 335 29.56 -1.00 62.12
C ALA C 335 29.38 0.50 61.90
N SER C 336 30.50 1.23 61.89
CA SER C 336 30.46 2.66 61.66
C SER C 336 30.08 2.97 60.21
N VAL C 337 29.66 4.22 59.98
CA VAL C 337 29.08 4.61 58.70
C VAL C 337 30.09 4.50 57.57
N TYR C 338 31.32 4.93 57.80
CA TYR C 338 32.28 5.24 56.75
C TYR C 338 32.86 4.01 56.07
N ALA C 339 32.29 2.83 56.24
CA ALA C 339 32.75 1.60 55.60
C ALA C 339 31.56 0.83 55.02
N TRP C 340 30.71 1.53 54.26
CA TRP C 340 29.47 0.99 53.71
C TRP C 340 29.64 -0.44 53.21
N ASN C 341 28.83 -1.35 53.74
CA ASN C 341 28.91 -2.76 53.38
C ASN C 341 28.11 -2.98 52.10
N ARG C 342 28.73 -2.61 50.98
CA ARG C 342 28.11 -2.75 49.66
C ARG C 342 27.92 -4.23 49.36
N LYS C 343 26.68 -4.69 49.45
CA LYS C 343 26.32 -6.08 49.14
C LYS C 343 25.57 -6.05 47.81
N ARG C 344 26.33 -6.23 46.73
CA ARG C 344 25.77 -6.08 45.39
C ARG C 344 24.81 -7.22 45.09
N ILE C 345 23.53 -6.89 44.95
CA ILE C 345 22.46 -7.87 44.82
C ILE C 345 22.04 -7.92 43.36
N SER C 346 22.05 -9.12 42.79
CA SER C 346 21.65 -9.32 41.39
C SER C 346 21.08 -10.72 41.25
N ASN C 347 20.31 -10.91 40.17
CA ASN C 347 19.63 -12.18 39.91
C ASN C 347 18.70 -12.56 41.05
N CYS C 348 17.78 -11.66 41.39
CA CYS C 348 16.86 -11.80 42.50
C CYS C 348 15.41 -11.50 42.09
N VAL C 349 14.53 -11.70 43.06
CA VAL C 349 13.19 -11.14 43.09
C VAL C 349 13.12 -10.26 44.34
N ALA C 350 12.45 -9.12 44.23
CA ALA C 350 12.46 -8.10 45.27
C ALA C 350 11.05 -7.87 45.80
N ASP C 351 10.74 -8.44 46.96
CA ASP C 351 9.43 -8.24 47.59
C ASP C 351 9.52 -7.02 48.52
N TYR C 352 9.77 -5.87 47.92
CA TYR C 352 9.86 -4.64 48.69
C TYR C 352 8.54 -4.30 49.39
N SER C 353 7.42 -4.82 48.89
CA SER C 353 6.15 -4.66 49.60
C SER C 353 6.19 -5.39 50.93
N VAL C 354 6.79 -6.58 50.97
CA VAL C 354 6.91 -7.33 52.22
C VAL C 354 7.75 -6.55 53.23
N LEU C 355 8.89 -6.02 52.77
CA LEU C 355 9.70 -5.18 53.64
C LEU C 355 9.00 -3.87 54.01
N TYR C 356 7.97 -3.50 53.24
CA TYR C 356 7.17 -2.32 53.56
C TYR C 356 6.10 -2.60 54.61
N ASN C 357 5.81 -3.88 54.88
CA ASN C 357 4.72 -4.24 55.78
C ASN C 357 5.14 -5.17 56.91
N SER C 358 6.39 -5.64 56.94
CA SER C 358 6.78 -6.64 57.93
C SER C 358 7.39 -6.04 59.18
N ALA C 359 7.88 -4.80 59.12
CA ALA C 359 8.51 -4.17 60.27
C ALA C 359 8.03 -2.72 60.35
N SER C 360 8.54 -2.01 61.36
CA SER C 360 8.21 -0.61 61.60
C SER C 360 9.48 0.22 61.42
N PHE C 361 9.63 0.80 60.23
CA PHE C 361 10.79 1.62 59.90
C PHE C 361 10.40 3.09 59.97
N SER C 362 11.36 3.92 60.36
CA SER C 362 11.06 5.33 60.63
C SER C 362 10.65 6.07 59.37
N THR C 363 11.41 5.91 58.29
CA THR C 363 11.20 6.70 57.08
C THR C 363 11.23 5.78 55.86
N PHE C 364 10.12 5.73 55.13
CA PHE C 364 10.07 5.08 53.82
C PHE C 364 10.19 6.14 52.73
N LYS C 365 11.34 6.81 52.73
CA LYS C 365 11.59 7.93 51.83
C LYS C 365 12.44 7.45 50.66
N CYS C 366 11.78 7.23 49.51
CA CYS C 366 12.45 6.87 48.27
C CYS C 366 12.50 8.10 47.38
N TYR C 367 13.69 8.47 46.93
CA TYR C 367 13.88 9.70 46.18
C TYR C 367 13.76 9.40 44.68
N GLY C 368 12.72 9.93 44.06
CA GLY C 368 12.49 9.76 42.64
C GLY C 368 11.82 8.47 42.24
N VAL C 369 11.54 7.57 43.18
CA VAL C 369 10.89 6.29 42.91
C VAL C 369 9.72 6.14 43.86
N SER C 370 8.55 5.79 43.30
CA SER C 370 7.38 5.61 44.15
C SER C 370 7.37 4.19 44.72
N PRO C 371 7.01 4.04 46.00
CA PRO C 371 6.87 2.71 46.57
C PRO C 371 5.96 1.78 45.78
N THR C 372 5.01 2.33 45.01
CA THR C 372 4.11 1.50 44.23
C THR C 372 4.85 0.73 43.13
N LYS C 373 5.83 1.36 42.50
CA LYS C 373 6.52 0.78 41.35
C LYS C 373 7.68 -0.14 41.76
N LEU C 374 7.74 -0.56 43.02
CA LEU C 374 8.82 -1.46 43.45
C LEU C 374 8.62 -2.86 42.89
N ASN C 375 7.36 -3.29 42.72
CA ASN C 375 7.05 -4.62 42.21
C ASN C 375 6.87 -4.66 40.70
N ASP C 376 7.03 -3.53 40.01
CA ASP C 376 6.78 -3.45 38.58
C ASP C 376 8.07 -3.36 37.77
N LEU C 377 8.91 -2.36 38.04
CA LEU C 377 10.10 -2.15 37.22
C LEU C 377 11.19 -3.15 37.58
N CYS C 378 11.95 -3.57 36.57
CA CYS C 378 13.04 -4.52 36.73
C CYS C 378 14.38 -3.82 36.54
N PHE C 379 15.28 -4.02 37.49
CA PHE C 379 16.60 -3.40 37.47
C PHE C 379 17.66 -4.49 37.29
N THR C 380 18.93 -4.08 37.32
CA THR C 380 20.05 -4.98 37.11
C THR C 380 20.89 -5.22 38.36
N ASN C 381 21.11 -4.18 39.18
CA ASN C 381 21.92 -4.32 40.38
C ASN C 381 21.25 -3.59 41.53
N VAL C 382 21.44 -4.12 42.74
CA VAL C 382 20.91 -3.51 43.96
C VAL C 382 22.07 -3.34 44.93
N TYR C 383 22.26 -2.10 45.39
CA TYR C 383 23.27 -1.78 46.39
C TYR C 383 22.58 -1.59 47.74
N ALA C 384 22.94 -2.42 48.71
CA ALA C 384 22.35 -2.37 50.05
C ALA C 384 23.43 -1.96 51.04
N ASP C 385 23.32 -0.73 51.53
CA ASP C 385 24.23 -0.18 52.53
C ASP C 385 23.44 0.16 53.78
N SER C 386 23.98 -0.22 54.94
CA SER C 386 23.23 -0.07 56.19
C SER C 386 24.19 0.01 57.36
N PHE C 387 24.08 1.07 58.15
CA PHE C 387 24.87 1.28 59.36
C PHE C 387 24.07 2.13 60.34
N VAL C 388 24.74 2.64 61.37
CA VAL C 388 24.11 3.41 62.44
C VAL C 388 24.44 4.88 62.23
N ILE C 389 23.41 5.72 62.16
CA ILE C 389 23.56 7.14 61.87
C ILE C 389 22.83 7.93 62.95
N ARG C 390 23.41 9.07 63.34
CA ARG C 390 22.80 9.93 64.34
C ARG C 390 21.46 10.47 63.85
N GLY C 391 20.53 10.64 64.79
CA GLY C 391 19.22 11.17 64.44
C GLY C 391 19.30 12.56 63.82
N ASP C 392 20.21 13.39 64.30
CA ASP C 392 20.39 14.72 63.73
C ASP C 392 21.03 14.68 62.36
N GLU C 393 21.66 13.56 61.98
CA GLU C 393 22.26 13.40 60.66
C GLU C 393 21.30 12.80 59.65
N VAL C 394 20.07 12.51 60.05
CA VAL C 394 19.10 11.92 59.13
C VAL C 394 18.69 12.94 58.06
N ARG C 395 18.57 14.21 58.44
CA ARG C 395 18.09 15.23 57.53
C ARG C 395 18.98 15.41 56.31
N GLN C 396 20.28 15.24 56.44
CA GLN C 396 21.22 15.59 55.38
C GLN C 396 21.38 14.51 54.32
N ILE C 397 20.72 13.36 54.46
CA ILE C 397 20.78 12.29 53.47
C ILE C 397 19.69 12.58 52.45
N ALA C 398 20.01 13.41 51.46
CA ALA C 398 19.09 13.83 50.41
C ALA C 398 19.88 14.54 49.31
N PRO C 399 19.35 14.64 48.10
CA PRO C 399 20.15 15.21 47.00
C PRO C 399 20.44 16.69 47.19
N GLY C 400 21.66 17.08 46.85
CA GLY C 400 22.03 18.48 46.78
C GLY C 400 22.17 19.20 48.10
N GLN C 401 22.18 18.48 49.22
CA GLN C 401 22.26 19.11 50.53
C GLN C 401 23.70 19.14 51.04
N THR C 402 23.95 20.04 51.99
CA THR C 402 25.27 20.25 52.56
C THR C 402 25.20 20.05 54.07
N GLY C 403 26.19 19.35 54.60
CA GLY C 403 26.21 19.07 56.03
C GLY C 403 27.47 18.36 56.43
N LYS C 404 27.48 17.86 57.68
CA LYS C 404 28.65 17.16 58.19
C LYS C 404 28.90 15.86 57.42
N ILE C 405 27.83 15.17 57.04
CA ILE C 405 27.95 13.95 56.24
C ILE C 405 27.61 14.28 54.80
N ALA C 406 26.69 15.23 54.61
CA ALA C 406 26.25 15.61 53.27
C ALA C 406 27.35 16.32 52.48
N ASP C 407 28.46 16.70 53.11
CA ASP C 407 29.60 17.28 52.41
C ASP C 407 30.88 16.46 52.57
N TYR C 408 31.22 16.07 53.80
CA TYR C 408 32.55 15.55 54.09
C TYR C 408 32.61 14.06 54.33
N ASN C 409 31.51 13.41 54.70
CA ASN C 409 31.52 11.98 54.96
C ASN C 409 30.96 11.16 53.79
N TYR C 410 29.79 11.53 53.28
CA TYR C 410 29.22 10.84 52.13
C TYR C 410 28.34 11.83 51.37
N LYS C 411 28.87 12.39 50.29
CA LYS C 411 28.08 13.19 49.36
C LYS C 411 27.35 12.23 48.42
N LEU C 412 26.29 11.63 48.94
CA LEU C 412 25.50 10.72 48.13
C LEU C 412 24.96 11.46 46.92
N PRO C 413 24.97 10.84 45.74
CA PRO C 413 24.75 11.61 44.50
C PRO C 413 23.38 12.26 44.46
N ASP C 414 23.33 13.43 43.82
CA ASP C 414 22.10 14.20 43.70
C ASP C 414 21.15 13.63 42.66
N ASP C 415 21.39 12.41 42.20
CA ASP C 415 20.56 11.75 41.21
C ASP C 415 20.08 10.40 41.74
N PHE C 416 19.53 10.39 42.95
CA PHE C 416 19.12 9.15 43.60
C PHE C 416 18.15 8.35 42.76
N THR C 417 18.39 7.03 42.71
CA THR C 417 17.43 6.06 42.19
C THR C 417 17.39 4.95 43.22
N GLY C 418 16.54 5.09 44.22
CA GLY C 418 16.51 4.14 45.33
C GLY C 418 15.65 4.65 46.47
N CYS C 419 15.97 4.17 47.67
CA CYS C 419 15.18 4.49 48.85
C CYS C 419 16.07 4.52 50.08
N VAL C 420 15.58 5.18 51.12
CA VAL C 420 16.26 5.29 52.41
C VAL C 420 15.33 4.72 53.48
N ILE C 421 15.85 3.82 54.31
CA ILE C 421 15.07 3.14 55.34
C ILE C 421 15.87 3.13 56.63
N ALA C 422 15.20 3.41 57.76
CA ALA C 422 15.87 3.49 59.04
C ALA C 422 14.92 3.07 60.15
N TRP C 423 15.50 2.66 61.29
CA TRP C 423 14.73 2.32 62.47
C TRP C 423 15.48 2.80 63.70
N ASN C 424 15.05 2.32 64.87
CA ASN C 424 15.62 2.73 66.15
C ASN C 424 16.24 1.53 66.86
N SER C 425 17.29 1.78 67.63
CA SER C 425 18.00 0.75 68.36
C SER C 425 18.29 1.17 69.79
N ASN C 426 17.29 1.73 70.47
CA ASN C 426 17.45 2.11 71.87
C ASN C 426 17.44 0.90 72.78
N ASN C 427 16.79 -0.20 72.37
CA ASN C 427 16.66 -1.36 73.23
C ASN C 427 18.00 -2.03 73.49
N LEU C 428 18.87 -2.10 72.48
CA LEU C 428 20.12 -2.84 72.58
C LEU C 428 21.36 -1.98 72.64
N ASP C 429 21.37 -0.82 71.99
CA ASP C 429 22.56 0.02 71.88
C ASP C 429 22.66 1.06 72.98
N SER C 430 21.75 1.05 73.95
CA SER C 430 21.76 1.99 75.07
C SER C 430 22.19 1.24 76.32
N LYS C 431 23.43 1.47 76.76
CA LYS C 431 24.00 0.79 77.90
C LYS C 431 24.56 1.80 78.89
N VAL C 432 24.62 1.38 80.15
CA VAL C 432 25.13 2.24 81.22
C VAL C 432 26.63 2.46 81.02
N GLY C 433 27.09 3.66 81.35
CA GLY C 433 28.50 4.00 81.22
C GLY C 433 28.84 4.69 79.91
N GLY C 434 28.38 4.12 78.79
CA GLY C 434 28.63 4.74 77.50
C GLY C 434 28.97 3.74 76.41
N ASN C 435 28.46 4.00 75.21
CA ASN C 435 28.72 3.14 74.04
C ASN C 435 29.49 3.97 73.02
N TYR C 436 30.81 3.77 72.96
CA TYR C 436 31.68 4.50 72.05
C TYR C 436 32.42 3.55 71.12
N ASN C 437 31.77 2.44 70.73
CA ASN C 437 32.42 1.48 69.85
C ASN C 437 32.68 2.08 68.47
N TYR C 438 31.66 2.67 67.87
CA TYR C 438 31.82 3.30 66.56
C TYR C 438 32.44 4.68 66.71
N LEU C 439 32.87 5.25 65.58
CA LEU C 439 33.55 6.54 65.55
C LEU C 439 32.84 7.49 64.60
N TYR C 440 32.56 8.70 65.07
CA TYR C 440 31.94 9.73 64.25
C TYR C 440 33.01 10.59 63.57
N ARG C 441 32.55 11.43 62.65
CA ARG C 441 33.42 12.38 61.96
C ARG C 441 32.64 13.68 61.76
N LEU C 442 33.02 14.72 62.49
CA LEU C 442 32.36 16.02 62.31
C LEU C 442 32.63 16.59 60.93
N PHE C 443 33.89 16.52 60.48
CA PHE C 443 34.29 17.04 59.18
C PHE C 443 35.36 16.12 58.60
N ARG C 444 35.78 16.42 57.37
CA ARG C 444 36.82 15.65 56.70
C ARG C 444 37.67 16.62 55.88
N LYS C 445 38.48 16.07 54.97
CA LYS C 445 39.42 16.89 54.21
C LYS C 445 38.69 17.84 53.27
N SER C 446 37.76 17.33 52.48
CA SER C 446 37.07 18.15 51.48
C SER C 446 35.75 17.47 51.12
N ASN C 447 35.06 18.01 50.13
CA ASN C 447 33.80 17.45 49.66
C ASN C 447 34.08 16.19 48.85
N LEU C 448 33.64 15.05 49.37
CA LEU C 448 33.89 13.78 48.70
C LEU C 448 32.98 13.62 47.48
N LYS C 449 33.51 12.97 46.45
CA LYS C 449 32.69 12.62 45.30
C LYS C 449 31.72 11.51 45.68
N PRO C 450 30.58 11.42 44.99
CA PRO C 450 29.62 10.35 45.30
C PRO C 450 30.23 8.97 45.07
N PHE C 451 29.85 8.03 45.94
CA PHE C 451 30.27 6.64 45.87
C PHE C 451 31.80 6.51 45.99
N GLU C 452 32.32 7.06 47.09
CA GLU C 452 33.74 6.91 47.41
C GLU C 452 33.90 7.01 48.92
N ARG C 453 35.06 6.55 49.40
CA ARG C 453 35.33 6.52 50.83
C ARG C 453 36.77 6.96 51.07
N ASP C 454 36.97 7.96 51.93
CA ASP C 454 38.29 8.28 52.47
C ASP C 454 38.43 7.68 53.88
N ILE C 455 38.39 6.34 53.92
CA ILE C 455 38.46 5.62 55.19
C ILE C 455 39.78 5.83 55.91
N SER C 456 40.84 6.21 55.18
CA SER C 456 42.17 6.30 55.75
C SER C 456 42.17 7.16 57.02
N THR C 457 42.72 6.60 58.09
CA THR C 457 42.77 7.24 59.40
C THR C 457 44.12 7.89 59.67
N GLU C 458 44.74 8.45 58.63
CA GLU C 458 46.01 9.13 58.79
C GLU C 458 45.85 10.36 59.68
N ILE C 459 46.97 10.84 60.22
CA ILE C 459 46.94 12.01 61.08
C ILE C 459 46.67 13.23 60.21
N TYR C 460 45.44 13.72 60.23
CA TYR C 460 45.07 14.87 59.40
C TYR C 460 45.54 16.15 60.06
N GLN C 461 46.38 16.89 59.35
CA GLN C 461 46.95 18.13 59.88
C GLN C 461 45.88 19.20 59.99
N ALA C 462 46.06 20.10 60.96
CA ALA C 462 45.14 21.19 61.20
C ALA C 462 45.74 22.57 60.95
N GLY C 463 47.06 22.71 61.04
CA GLY C 463 47.70 23.99 60.78
C GLY C 463 48.89 23.86 59.85
N SER C 464 49.64 24.95 59.70
CA SER C 464 50.83 24.93 58.84
C SER C 464 52.03 24.26 59.49
N THR C 465 51.95 23.94 60.78
CA THR C 465 53.05 23.25 61.45
C THR C 465 53.20 21.85 60.87
N PRO C 466 54.43 21.40 60.60
CA PRO C 466 54.62 20.04 60.08
C PRO C 466 54.53 19.02 61.20
N CYS C 467 53.43 18.26 61.23
CA CYS C 467 53.22 17.29 62.30
C CYS C 467 54.30 16.21 62.24
N ASN C 468 54.52 15.61 61.06
CA ASN C 468 55.60 14.66 60.82
C ASN C 468 55.57 13.50 61.81
N GLY C 469 54.37 13.04 62.14
CA GLY C 469 54.20 11.97 63.09
C GLY C 469 54.37 12.36 64.54
N VAL C 470 54.70 13.61 64.83
CA VAL C 470 54.84 14.11 66.19
C VAL C 470 53.90 15.30 66.30
N GLU C 471 52.72 15.08 66.87
CA GLU C 471 51.71 16.12 66.91
C GLU C 471 52.11 17.24 67.86
N GLY C 472 51.40 18.35 67.75
CA GLY C 472 51.72 19.56 68.49
C GLY C 472 50.74 20.67 68.22
N PHE C 473 51.24 21.87 67.93
CA PHE C 473 50.36 22.98 67.62
C PHE C 473 49.59 22.71 66.32
N ASN C 474 48.28 22.55 66.46
CA ASN C 474 47.37 22.38 65.33
C ASN C 474 47.66 21.11 64.55
N CYS C 475 47.64 19.97 65.25
CA CYS C 475 47.58 18.64 64.64
C CYS C 475 46.34 17.97 65.23
N TYR C 476 45.18 18.22 64.63
CA TYR C 476 43.91 17.77 65.17
C TYR C 476 43.55 16.40 64.61
N PHE C 477 42.36 15.94 64.98
CA PHE C 477 41.76 14.72 64.46
C PHE C 477 40.30 14.99 64.10
N PRO C 478 39.87 14.72 62.88
CA PRO C 478 38.47 14.94 62.52
C PRO C 478 37.61 13.72 62.84
N LEU C 479 38.15 12.82 63.66
CA LEU C 479 37.46 11.59 64.05
C LEU C 479 36.87 11.76 65.44
N GLN C 480 35.55 11.63 65.53
CA GLN C 480 34.83 11.65 66.80
C GLN C 480 34.48 10.22 67.20
N SER C 481 33.69 10.10 68.26
CA SER C 481 33.22 8.81 68.74
C SER C 481 31.72 8.84 68.96
N TYR C 482 31.07 7.70 68.71
CA TYR C 482 29.63 7.59 68.92
C TYR C 482 29.30 7.67 70.40
N GLY C 483 28.21 8.34 70.74
CA GLY C 483 27.72 8.35 72.10
C GLY C 483 26.30 7.85 72.21
N PHE C 484 26.11 6.67 72.80
CA PHE C 484 24.80 6.05 72.95
C PHE C 484 24.61 5.64 74.40
N GLN C 485 23.61 6.21 75.04
CA GLN C 485 23.26 5.89 76.42
C GLN C 485 21.75 5.93 76.58
N PRO C 486 21.20 5.17 77.52
CA PRO C 486 19.74 5.23 77.75
C PRO C 486 19.25 6.61 78.14
N THR C 487 20.04 7.38 78.88
CA THR C 487 19.65 8.72 79.28
C THR C 487 19.75 9.73 78.14
N ASN C 488 20.45 9.41 77.07
CA ASN C 488 20.58 10.34 75.95
C ASN C 488 19.26 10.47 75.20
N GLY C 489 19.02 11.67 74.66
CA GLY C 489 17.80 11.97 73.96
C GLY C 489 17.86 11.62 72.49
N VAL C 490 16.93 12.22 71.73
CA VAL C 490 16.83 11.95 70.30
C VAL C 490 18.09 12.38 69.56
N GLY C 491 18.71 13.48 69.99
CA GLY C 491 19.89 14.01 69.31
C GLY C 491 21.07 13.05 69.27
N TYR C 492 21.10 12.06 70.17
CA TYR C 492 22.18 11.08 70.21
C TYR C 492 21.63 9.67 70.28
N GLN C 493 20.41 9.45 69.79
CA GLN C 493 19.85 8.11 69.73
C GLN C 493 20.44 7.34 68.55
N PRO C 494 20.61 6.02 68.69
CA PRO C 494 21.18 5.22 67.60
C PRO C 494 20.13 4.83 66.59
N TYR C 495 20.25 5.36 65.37
CA TYR C 495 19.35 5.05 64.26
C TYR C 495 20.11 4.20 63.26
N ARG C 496 19.62 3.00 62.99
CA ARG C 496 20.22 2.11 61.99
C ARG C 496 19.50 2.35 60.67
N VAL C 497 20.22 2.88 59.69
CA VAL C 497 19.64 3.35 58.43
C VAL C 497 20.10 2.42 57.32
N VAL C 498 19.26 2.28 56.28
CA VAL C 498 19.55 1.44 55.12
C VAL C 498 19.42 2.30 53.87
N VAL C 499 20.34 2.10 52.93
CA VAL C 499 20.38 2.86 51.67
C VAL C 499 20.33 1.87 50.51
N LEU C 500 19.48 2.16 49.53
CA LEU C 500 19.32 1.31 48.35
C LEU C 500 19.65 2.11 47.09
N SER C 501 20.46 1.51 46.21
CA SER C 501 20.83 2.11 44.94
C SER C 501 20.79 1.06 43.85
N PHE C 502 20.44 1.49 42.63
CA PHE C 502 20.30 0.61 41.49
C PHE C 502 21.05 1.16 40.29
N GLU C 503 21.58 0.27 39.46
CA GLU C 503 22.15 0.64 38.18
C GLU C 503 21.09 0.62 37.09
N LEU C 504 21.33 1.40 36.04
CA LEU C 504 20.43 1.50 34.89
C LEU C 504 21.24 1.46 33.59
N LEU C 505 22.16 0.50 33.51
CA LEU C 505 23.08 0.40 32.38
C LEU C 505 22.59 -0.64 31.38
N HIS C 506 23.42 -0.91 30.37
CA HIS C 506 23.10 -1.86 29.31
C HIS C 506 23.34 -3.28 29.82
N ALA C 507 22.44 -3.74 30.68
CA ALA C 507 22.49 -5.09 31.21
C ALA C 507 21.09 -5.68 31.18
N PRO C 508 20.98 -7.00 31.01
CA PRO C 508 19.67 -7.65 31.09
C PRO C 508 19.06 -7.50 32.48
N ALA C 509 17.73 -7.45 32.51
CA ALA C 509 17.02 -7.33 33.78
C ALA C 509 17.28 -8.55 34.66
N THR C 510 17.60 -8.30 35.93
CA THR C 510 17.90 -9.37 36.87
C THR C 510 17.00 -9.35 38.10
N VAL C 511 16.65 -8.17 38.61
CA VAL C 511 15.95 -8.04 39.88
C VAL C 511 14.66 -7.25 39.68
N CYS C 512 13.55 -7.79 40.19
CA CYS C 512 12.27 -7.10 40.29
C CYS C 512 11.28 -8.04 41.00
N GLY C 513 10.20 -7.45 41.49
CA GLY C 513 9.27 -8.13 42.36
C GLY C 513 8.43 -9.18 41.66
N PRO C 514 7.72 -9.98 42.45
CA PRO C 514 6.89 -11.06 41.90
C PRO C 514 5.48 -10.61 41.56
N LYS C 515 4.90 -11.28 40.56
CA LYS C 515 3.51 -11.08 40.17
C LYS C 515 2.85 -12.45 40.08
N LYS C 516 2.45 -12.98 41.25
CA LYS C 516 1.84 -14.29 41.35
C LYS C 516 0.75 -14.24 42.43
N SER C 517 -0.34 -15.00 42.25
CA SER C 517 -0.66 -15.80 41.06
C SER C 517 -2.18 -15.95 41.01
N THR C 518 -2.67 -16.83 40.14
CA THR C 518 -4.08 -17.20 40.12
C THR C 518 -4.20 -18.69 39.82
N ASN C 519 -5.30 -19.29 40.27
CA ASN C 519 -5.59 -20.67 39.94
C ASN C 519 -6.19 -20.78 38.54
N LEU C 520 -5.97 -21.93 37.91
CA LEU C 520 -6.47 -22.17 36.56
C LEU C 520 -7.73 -23.01 36.59
N VAL C 521 -8.59 -22.79 35.59
CA VAL C 521 -9.82 -23.55 35.42
C VAL C 521 -9.86 -24.03 33.97
N LYS C 522 -10.61 -25.11 33.75
CA LYS C 522 -10.64 -25.78 32.46
C LYS C 522 -12.05 -25.75 31.88
N ASN C 523 -12.11 -25.94 30.56
CA ASN C 523 -13.36 -26.07 29.82
C ASN C 523 -14.24 -24.82 29.92
N LYS C 524 -13.62 -23.65 30.02
CA LYS C 524 -14.35 -22.39 30.06
C LYS C 524 -13.59 -21.34 29.25
N CYS C 525 -14.35 -20.38 28.72
CA CYS C 525 -13.77 -19.27 27.95
C CYS C 525 -13.14 -18.30 28.94
N VAL C 526 -11.82 -18.36 29.07
CA VAL C 526 -11.09 -17.57 30.05
C VAL C 526 -10.08 -16.69 29.33
N ASN C 527 -9.53 -15.73 30.07
CA ASN C 527 -8.49 -14.83 29.58
C ASN C 527 -7.19 -15.22 30.27
N PHE C 528 -6.47 -16.18 29.70
CA PHE C 528 -5.30 -16.74 30.34
C PHE C 528 -4.06 -15.88 30.08
N ASN C 529 -3.04 -16.11 30.90
CA ASN C 529 -1.74 -15.46 30.72
C ASN C 529 -0.70 -16.45 31.26
N PHE C 530 -0.10 -17.21 30.36
CA PHE C 530 0.80 -18.30 30.73
C PHE C 530 2.25 -17.86 30.50
N ASN C 531 2.90 -17.45 31.60
CA ASN C 531 4.33 -17.09 31.58
C ASN C 531 4.62 -16.01 30.54
N GLY C 532 3.78 -14.96 30.52
CA GLY C 532 3.97 -13.85 29.62
C GLY C 532 3.24 -13.96 28.30
N LEU C 533 2.64 -15.11 27.99
CA LEU C 533 1.88 -15.28 26.76
C LEU C 533 0.41 -15.01 27.03
N THR C 534 -0.16 -14.11 26.23
CA THR C 534 -1.53 -13.66 26.43
C THR C 534 -2.46 -14.26 25.37
N GLY C 535 -3.73 -14.35 25.71
CA GLY C 535 -4.72 -14.88 24.80
C GLY C 535 -5.93 -15.39 25.53
N THR C 536 -6.97 -15.70 24.75
CA THR C 536 -8.22 -16.21 25.29
C THR C 536 -8.58 -17.51 24.57
N GLY C 537 -9.30 -18.38 25.28
CA GLY C 537 -9.71 -19.64 24.69
C GLY C 537 -10.20 -20.60 25.77
N VAL C 538 -10.24 -21.88 25.39
CA VAL C 538 -10.70 -22.96 26.25
C VAL C 538 -9.53 -23.88 26.53
N LEU C 539 -9.24 -24.09 27.81
CA LEU C 539 -8.15 -24.96 28.24
C LEU C 539 -8.70 -26.32 28.61
N THR C 540 -8.20 -27.37 27.96
CA THR C 540 -8.66 -28.73 28.20
C THR C 540 -7.46 -29.63 28.50
N GLU C 541 -7.76 -30.83 28.97
CA GLU C 541 -6.71 -31.83 29.16
C GLU C 541 -6.09 -32.21 27.81
N SER C 542 -4.78 -32.36 27.81
CA SER C 542 -4.02 -32.47 26.58
C SER C 542 -3.69 -33.92 26.23
N ASN C 543 -3.11 -34.08 25.04
CA ASN C 543 -2.59 -35.37 24.60
C ASN C 543 -1.24 -35.23 23.91
N LYS C 544 -0.61 -34.06 23.95
CA LYS C 544 0.68 -33.84 23.34
C LYS C 544 1.78 -34.48 24.18
N LYS C 545 3.03 -34.31 23.74
CA LYS C 545 4.19 -34.77 24.49
C LYS C 545 5.33 -33.79 24.22
N PHE C 546 5.47 -32.79 25.08
CA PHE C 546 6.49 -31.78 24.92
C PHE C 546 7.84 -32.28 25.39
N LEU C 547 8.89 -31.91 24.66
CA LEU C 547 10.23 -32.12 25.16
C LEU C 547 10.46 -31.22 26.37
N PRO C 548 11.27 -31.67 27.34
CA PRO C 548 11.37 -30.93 28.60
C PRO C 548 12.25 -29.69 28.49
N PHE C 549 12.13 -28.97 27.38
CA PHE C 549 12.66 -27.62 27.27
C PHE C 549 11.75 -26.70 26.47
N GLN C 550 10.59 -27.18 26.02
CA GLN C 550 9.69 -26.43 25.16
C GLN C 550 8.51 -25.92 25.96
N GLN C 551 8.13 -24.66 25.73
CA GLN C 551 7.10 -24.03 26.54
C GLN C 551 5.72 -24.24 25.95
N PHE C 552 5.49 -23.77 24.73
CA PHE C 552 4.17 -23.82 24.12
C PHE C 552 4.26 -24.32 22.68
N GLY C 553 3.22 -25.02 22.25
CA GLY C 553 3.16 -25.59 20.92
C GLY C 553 2.47 -24.69 19.93
N ARG C 554 2.85 -24.81 18.65
CA ARG C 554 2.29 -24.01 17.58
C ARG C 554 2.01 -24.89 16.38
N ASP C 555 0.87 -24.66 15.73
CA ASP C 555 0.47 -25.42 14.57
C ASP C 555 0.91 -24.71 13.29
N ILE C 556 0.39 -25.14 12.14
CA ILE C 556 0.61 -24.42 10.90
C ILE C 556 -0.05 -23.05 11.03
N ALA C 557 0.49 -22.07 10.30
CA ALA C 557 0.14 -20.65 10.38
C ALA C 557 0.54 -20.01 11.70
N ASP C 558 1.25 -20.74 12.55
CA ASP C 558 1.86 -20.20 13.77
C ASP C 558 0.82 -19.59 14.71
N THR C 559 -0.08 -20.45 15.19
CA THR C 559 -1.03 -20.10 16.23
C THR C 559 -0.84 -21.04 17.41
N THR C 560 -0.80 -20.47 18.61
CA THR C 560 -0.56 -21.29 19.80
C THR C 560 -1.70 -22.27 20.01
N ASP C 561 -1.34 -23.55 20.21
CA ASP C 561 -2.32 -24.61 20.43
C ASP C 561 -2.18 -25.25 21.80
N ALA C 562 -0.98 -25.71 22.17
CA ALA C 562 -0.75 -26.37 23.43
C ALA C 562 0.29 -25.59 24.24
N VAL C 563 -0.04 -25.30 25.49
CA VAL C 563 0.83 -24.54 26.38
C VAL C 563 0.99 -25.31 27.67
N ARG C 564 2.22 -25.32 28.20
CA ARG C 564 2.54 -25.99 29.45
C ARG C 564 2.60 -24.95 30.57
N ASP C 565 1.76 -25.10 31.57
CA ASP C 565 1.79 -24.17 32.71
C ASP C 565 3.04 -24.41 33.53
N PRO C 566 3.77 -23.36 33.92
CA PRO C 566 5.06 -23.59 34.58
C PRO C 566 4.93 -23.80 36.09
N GLN C 567 3.95 -24.57 36.51
CA GLN C 567 3.91 -25.03 37.90
C GLN C 567 3.68 -26.53 38.01
N THR C 568 2.86 -27.10 37.14
CA THR C 568 2.61 -28.54 37.12
C THR C 568 3.26 -29.23 35.93
N LEU C 569 3.83 -28.48 35.01
CA LEU C 569 4.47 -29.03 33.81
C LEU C 569 3.50 -29.92 33.02
N GLU C 570 2.24 -29.49 32.95
CA GLU C 570 1.20 -30.21 32.25
C GLU C 570 0.82 -29.46 30.97
N ILE C 571 0.78 -30.18 29.86
CA ILE C 571 0.39 -29.58 28.59
C ILE C 571 -1.09 -29.24 28.63
N LEU C 572 -1.45 -28.10 28.04
CA LEU C 572 -2.85 -27.65 28.01
C LEU C 572 -3.20 -27.24 26.60
N ASP C 573 -4.20 -27.90 26.02
CA ASP C 573 -4.70 -27.51 24.70
C ASP C 573 -5.46 -26.19 24.80
N ILE C 574 -5.49 -25.47 23.68
CA ILE C 574 -6.17 -24.18 23.59
C ILE C 574 -7.04 -24.19 22.35
N THR C 575 -8.32 -23.90 22.52
CA THR C 575 -9.25 -23.72 21.42
C THR C 575 -9.94 -22.37 21.56
N PRO C 576 -10.09 -21.61 20.47
CA PRO C 576 -10.68 -20.28 20.59
C PRO C 576 -12.14 -20.35 21.00
N CYS C 577 -12.57 -19.34 21.74
CA CYS C 577 -13.95 -19.30 22.21
C CYS C 577 -14.90 -19.24 21.01
N SER C 578 -15.98 -20.02 21.09
CA SER C 578 -16.86 -20.21 19.95
C SER C 578 -17.44 -18.88 19.48
N PHE C 579 -17.38 -18.66 18.17
CA PHE C 579 -17.92 -17.45 17.56
C PHE C 579 -18.63 -17.85 16.27
N GLY C 580 -19.03 -16.85 15.50
CA GLY C 580 -19.75 -17.07 14.26
C GLY C 580 -20.83 -16.01 14.12
N GLY C 581 -21.20 -15.72 12.88
CA GLY C 581 -22.22 -14.73 12.62
C GLY C 581 -23.60 -15.22 12.99
N VAL C 582 -24.56 -14.28 12.97
CA VAL C 582 -25.96 -14.57 13.22
C VAL C 582 -26.74 -14.22 11.95
N SER C 583 -27.58 -15.14 11.50
CA SER C 583 -28.33 -14.98 10.27
C SER C 583 -29.81 -14.83 10.59
N VAL C 584 -30.50 -13.98 9.82
CA VAL C 584 -31.91 -13.70 10.01
C VAL C 584 -32.67 -14.20 8.79
N ILE C 585 -33.69 -15.02 9.03
CA ILE C 585 -34.54 -15.55 7.98
C ILE C 585 -35.90 -14.89 8.10
N THR C 586 -36.35 -14.27 7.02
CA THR C 586 -37.62 -13.55 7.00
C THR C 586 -38.41 -13.92 5.77
N PRO C 587 -39.75 -13.94 5.87
CA PRO C 587 -40.60 -14.16 4.70
C PRO C 587 -41.03 -12.88 3.98
N GLY C 588 -40.42 -11.74 4.30
CA GLY C 588 -40.83 -10.48 3.73
C GLY C 588 -41.81 -9.74 4.62
N THR C 589 -41.50 -8.48 4.92
CA THR C 589 -42.37 -7.70 5.79
C THR C 589 -43.75 -7.46 5.19
N ASN C 590 -43.88 -7.62 3.87
CA ASN C 590 -45.17 -7.52 3.21
C ASN C 590 -46.08 -8.71 3.51
N THR C 591 -45.56 -9.76 4.13
CA THR C 591 -46.33 -10.97 4.41
C THR C 591 -46.54 -11.20 5.89
N SER C 592 -45.47 -11.19 6.70
CA SER C 592 -45.60 -11.44 8.12
C SER C 592 -44.42 -10.81 8.84
N ASN C 593 -44.58 -10.67 10.16
CA ASN C 593 -43.56 -10.09 11.02
C ASN C 593 -42.76 -11.14 11.79
N GLN C 594 -42.97 -12.41 11.49
CA GLN C 594 -42.26 -13.47 12.18
C GLN C 594 -40.89 -13.70 11.55
N VAL C 595 -39.90 -13.98 12.39
CA VAL C 595 -38.51 -14.11 11.96
C VAL C 595 -37.88 -15.31 12.65
N ALA C 596 -37.18 -16.14 11.89
CA ALA C 596 -36.36 -17.21 12.43
C ALA C 596 -34.90 -16.78 12.40
N VAL C 597 -34.14 -17.21 13.40
CA VAL C 597 -32.76 -16.79 13.59
C VAL C 597 -31.86 -18.01 13.59
N LEU C 598 -30.80 -17.97 12.80
CA LEU C 598 -29.82 -19.05 12.72
C LEU C 598 -28.47 -18.54 13.17
N TYR C 599 -27.85 -19.28 14.09
CA TYR C 599 -26.49 -19.00 14.54
C TYR C 599 -25.53 -19.91 13.79
N GLN C 600 -24.45 -19.33 13.28
CA GLN C 600 -23.51 -20.10 12.47
C GLN C 600 -22.81 -21.16 13.32
N ASP C 601 -22.95 -22.42 12.90
CA ASP C 601 -22.28 -23.61 13.40
C ASP C 601 -21.99 -23.60 14.90
N VAL C 602 -23.03 -23.40 15.72
CA VAL C 602 -22.98 -23.68 17.15
C VAL C 602 -24.03 -24.75 17.44
N ASN C 603 -23.91 -25.39 18.59
CA ASN C 603 -24.61 -26.64 18.85
C ASN C 603 -25.68 -26.52 19.93
N CYS C 604 -26.37 -25.38 19.99
CA CYS C 604 -27.59 -25.21 20.77
C CYS C 604 -27.37 -25.19 22.28
N THR C 605 -26.15 -25.45 22.73
CA THR C 605 -25.86 -25.47 24.16
C THR C 605 -24.83 -24.42 24.55
N GLU C 606 -24.32 -23.63 23.60
CA GLU C 606 -23.38 -22.57 23.88
C GLU C 606 -23.96 -21.19 23.60
N VAL C 607 -25.29 -21.09 23.52
CA VAL C 607 -25.96 -19.83 23.25
C VAL C 607 -26.46 -19.21 24.56
N ASN C 628 -39.23 -23.41 17.43
CA ASN C 628 -38.50 -24.32 18.31
C ASN C 628 -36.99 -24.19 18.11
N VAL C 629 -36.23 -25.15 18.63
CA VAL C 629 -34.79 -25.16 18.53
C VAL C 629 -34.36 -26.49 17.93
N PHE C 630 -33.61 -26.44 16.84
CA PHE C 630 -33.15 -27.64 16.15
C PHE C 630 -31.73 -27.45 15.67
N GLN C 631 -31.00 -28.56 15.56
CA GLN C 631 -29.59 -28.54 15.20
C GLN C 631 -29.41 -29.03 13.76
N THR C 632 -28.67 -28.25 12.98
CA THR C 632 -28.38 -28.59 11.59
C THR C 632 -26.88 -28.45 11.35
N ARG C 633 -26.44 -28.94 10.19
CA ARG C 633 -25.02 -28.85 9.84
C ARG C 633 -24.60 -27.40 9.66
N ALA C 634 -25.44 -26.58 9.05
CA ALA C 634 -25.12 -25.17 8.87
C ALA C 634 -25.13 -24.39 10.16
N GLY C 635 -25.64 -24.97 11.25
CA GLY C 635 -25.73 -24.27 12.52
C GLY C 635 -27.02 -24.59 13.25
N CYS C 636 -27.33 -23.84 14.30
CA CYS C 636 -28.56 -24.02 15.05
C CYS C 636 -29.60 -23.05 14.52
N LEU C 637 -30.80 -23.56 14.25
CA LEU C 637 -31.89 -22.75 13.74
C LEU C 637 -32.96 -22.61 14.81
N ILE C 638 -33.32 -21.37 15.13
CA ILE C 638 -34.22 -21.07 16.22
C ILE C 638 -35.43 -20.34 15.66
N GLY C 639 -36.63 -20.80 16.03
CA GLY C 639 -37.86 -20.20 15.57
C GLY C 639 -38.53 -20.91 14.42
N ALA C 640 -37.95 -21.98 13.90
CA ALA C 640 -38.53 -22.73 12.79
C ALA C 640 -38.80 -24.16 13.25
N GLU C 641 -40.03 -24.62 13.01
CA GLU C 641 -40.42 -25.98 13.37
C GLU C 641 -40.08 -26.94 12.24
N HIS C 642 -39.36 -28.00 12.58
CA HIS C 642 -38.98 -29.00 11.58
C HIS C 642 -40.21 -29.74 11.08
N VAL C 643 -40.21 -30.04 9.78
CA VAL C 643 -41.31 -30.73 9.12
C VAL C 643 -40.76 -31.96 8.42
N ASN C 644 -41.39 -33.11 8.65
CA ASN C 644 -40.93 -34.35 8.06
C ASN C 644 -41.13 -34.39 6.54
N ASN C 645 -42.04 -33.58 6.01
CA ASN C 645 -42.28 -33.55 4.58
C ASN C 645 -41.13 -32.84 3.86
N SER C 646 -41.11 -32.99 2.54
CA SER C 646 -40.09 -32.38 1.70
C SER C 646 -40.76 -31.56 0.61
N TYR C 647 -40.30 -30.32 0.44
CA TYR C 647 -40.84 -29.41 -0.57
C TYR C 647 -39.68 -28.80 -1.35
N GLU C 648 -40.02 -28.08 -2.41
CA GLU C 648 -39.01 -27.36 -3.18
C GLU C 648 -38.46 -26.19 -2.38
N CYS C 649 -37.19 -25.87 -2.63
CA CYS C 649 -36.51 -24.87 -1.82
C CYS C 649 -37.10 -23.49 -2.04
N ASP C 650 -37.26 -22.76 -0.94
CA ASP C 650 -37.71 -21.36 -0.97
C ASP C 650 -36.64 -20.42 -0.44
N ILE C 651 -36.15 -20.64 0.77
CA ILE C 651 -35.06 -19.85 1.34
C ILE C 651 -33.91 -20.79 1.65
N PRO C 652 -32.80 -20.72 0.91
CA PRO C 652 -31.72 -21.70 1.10
C PRO C 652 -30.90 -21.38 2.34
N ILE C 653 -30.73 -22.40 3.19
CA ILE C 653 -29.93 -22.27 4.41
C ILE C 653 -28.56 -22.92 4.22
N GLY C 654 -28.52 -24.20 3.90
CA GLY C 654 -27.28 -24.91 3.71
C GLY C 654 -27.42 -26.38 4.07
N ALA C 655 -26.55 -27.19 3.48
CA ALA C 655 -26.51 -28.64 3.74
C ALA C 655 -27.86 -29.30 3.43
N GLY C 656 -28.49 -28.86 2.35
CA GLY C 656 -29.75 -29.46 1.94
C GLY C 656 -30.92 -29.17 2.84
N ILE C 657 -30.92 -28.03 3.52
CA ILE C 657 -32.00 -27.65 4.43
C ILE C 657 -32.46 -26.25 4.05
N CYS C 658 -33.78 -26.07 3.94
CA CYS C 658 -34.36 -24.79 3.55
C CYS C 658 -35.57 -24.50 4.41
N ALA C 659 -35.92 -23.22 4.49
CA ALA C 659 -37.02 -22.74 5.31
C ALA C 659 -38.07 -22.07 4.45
N SER C 660 -39.29 -22.00 4.99
CA SER C 660 -40.41 -21.39 4.28
C SER C 660 -41.47 -20.99 5.27
N TYR C 661 -42.39 -20.13 4.82
CA TYR C 661 -43.48 -19.61 5.65
C TYR C 661 -44.80 -20.11 5.04
N GLN C 662 -45.23 -21.29 5.47
CA GLN C 662 -46.47 -21.87 4.96
C GLN C 662 -46.99 -22.95 5.90
N GLN C 677 -49.17 -21.03 8.13
CA GLN C 677 -49.13 -19.70 8.73
C GLN C 677 -48.02 -19.60 9.77
N SER C 678 -46.93 -20.31 9.53
CA SER C 678 -45.78 -20.29 10.42
C SER C 678 -44.53 -20.65 9.64
N ILE C 679 -43.38 -20.34 10.22
CA ILE C 679 -42.10 -20.61 9.58
C ILE C 679 -41.72 -22.06 9.84
N ILE C 680 -41.42 -22.80 8.76
CA ILE C 680 -41.06 -24.21 8.84
C ILE C 680 -39.65 -24.39 8.31
N ALA C 681 -39.08 -25.56 8.59
CA ALA C 681 -37.76 -25.92 8.11
C ALA C 681 -37.77 -27.39 7.73
N TYR C 682 -37.28 -27.69 6.53
CA TYR C 682 -37.34 -29.05 6.00
C TYR C 682 -36.06 -29.32 5.22
N THR C 683 -36.07 -30.40 4.45
CA THR C 683 -35.00 -30.74 3.53
C THR C 683 -35.49 -30.61 2.10
N MET C 684 -34.58 -30.29 1.19
CA MET C 684 -34.96 -30.07 -0.21
C MET C 684 -35.49 -31.35 -0.84
N SER C 685 -36.51 -31.18 -1.68
CA SER C 685 -37.03 -32.26 -2.51
C SER C 685 -36.57 -31.99 -3.94
N LEU C 686 -35.71 -32.87 -4.46
CA LEU C 686 -35.06 -32.62 -5.74
C LEU C 686 -36.04 -32.64 -6.91
N GLY C 687 -37.24 -33.18 -6.72
CA GLY C 687 -38.24 -33.17 -7.76
C GLY C 687 -39.17 -34.35 -7.63
N ALA C 688 -40.15 -34.40 -8.52
CA ALA C 688 -41.10 -35.49 -8.54
C ALA C 688 -40.41 -36.79 -8.92
N GLU C 689 -40.95 -37.90 -8.43
CA GLU C 689 -40.37 -39.21 -8.66
C GLU C 689 -40.97 -39.85 -9.90
N ASN C 690 -40.10 -40.35 -10.78
CA ASN C 690 -40.53 -41.03 -11.99
C ASN C 690 -39.84 -42.39 -12.08
N SER C 691 -40.43 -43.27 -12.89
CA SER C 691 -39.85 -44.58 -13.16
C SER C 691 -40.32 -44.99 -14.55
N VAL C 692 -39.45 -44.80 -15.55
CA VAL C 692 -39.81 -45.08 -16.92
C VAL C 692 -40.01 -46.57 -17.10
N ALA C 693 -41.13 -46.95 -17.73
CA ALA C 693 -41.47 -48.35 -17.94
C ALA C 693 -40.61 -48.91 -19.07
N TYR C 694 -39.33 -49.11 -18.75
CA TYR C 694 -38.38 -49.60 -19.74
C TYR C 694 -38.51 -51.11 -19.90
N SER C 695 -38.57 -51.56 -21.15
CA SER C 695 -38.54 -52.98 -21.47
C SER C 695 -38.16 -53.10 -22.94
N ASN C 696 -37.26 -54.04 -23.24
CA ASN C 696 -36.85 -54.25 -24.62
C ASN C 696 -38.04 -54.63 -25.48
N ASN C 697 -38.05 -54.11 -26.71
CA ASN C 697 -39.08 -54.21 -27.74
C ASN C 697 -40.29 -53.34 -27.47
N SER C 698 -40.22 -52.43 -26.50
CA SER C 698 -41.31 -51.51 -26.19
C SER C 698 -40.81 -50.08 -26.34
N ILE C 699 -41.59 -49.25 -27.04
CA ILE C 699 -41.22 -47.86 -27.33
C ILE C 699 -42.41 -46.99 -26.98
N ALA C 700 -42.14 -45.70 -26.78
CA ALA C 700 -43.19 -44.70 -26.61
C ALA C 700 -43.04 -43.64 -27.69
N ILE C 701 -44.13 -43.38 -28.41
CA ILE C 701 -44.15 -42.44 -29.54
C ILE C 701 -45.23 -41.41 -29.27
N PRO C 702 -44.93 -40.13 -29.35
CA PRO C 702 -45.96 -39.11 -29.10
C PRO C 702 -46.98 -39.05 -30.23
N THR C 703 -48.16 -38.55 -29.90
CA THR C 703 -49.23 -38.36 -30.86
C THR C 703 -49.71 -36.93 -30.98
N ASN C 704 -49.11 -35.99 -30.24
CA ASN C 704 -49.52 -34.59 -30.28
C ASN C 704 -48.35 -33.71 -29.87
N PHE C 705 -48.54 -32.41 -29.97
CA PHE C 705 -47.50 -31.44 -29.64
C PHE C 705 -48.14 -30.19 -29.08
N THR C 706 -47.36 -29.44 -28.30
CA THR C 706 -47.81 -28.20 -27.68
C THR C 706 -46.76 -27.13 -27.92
N ILE C 707 -47.12 -26.09 -28.67
CA ILE C 707 -46.22 -24.96 -28.89
C ILE C 707 -45.99 -24.23 -27.58
N SER C 708 -44.73 -23.86 -27.33
CA SER C 708 -44.37 -23.14 -26.12
C SER C 708 -43.50 -21.94 -26.47
N VAL C 709 -43.68 -20.86 -25.72
CA VAL C 709 -42.85 -19.66 -25.85
C VAL C 709 -42.31 -19.32 -24.47
N THR C 710 -40.99 -19.42 -24.31
CA THR C 710 -40.33 -19.17 -23.04
C THR C 710 -39.34 -18.03 -23.20
N THR C 711 -39.47 -17.02 -22.35
CA THR C 711 -38.61 -15.86 -22.43
C THR C 711 -37.25 -16.14 -21.80
N GLU C 712 -36.22 -15.50 -22.33
CA GLU C 712 -34.88 -15.53 -21.76
C GLU C 712 -34.35 -14.11 -21.72
N ILE C 713 -33.76 -13.74 -20.58
CA ILE C 713 -33.37 -12.36 -20.31
C ILE C 713 -31.87 -12.32 -20.09
N LEU C 714 -31.19 -11.44 -20.82
CA LEU C 714 -29.74 -11.32 -20.75
C LEU C 714 -29.34 -9.86 -20.66
N PRO C 715 -28.43 -9.50 -19.74
CA PRO C 715 -27.94 -8.12 -19.68
C PRO C 715 -26.82 -7.91 -20.69
N VAL C 716 -26.90 -6.79 -21.42
CA VAL C 716 -25.95 -6.50 -22.49
C VAL C 716 -24.94 -5.44 -22.06
N SER C 717 -25.41 -4.36 -21.43
CA SER C 717 -24.52 -3.28 -21.01
C SER C 717 -25.01 -2.71 -19.70
N MET C 718 -24.12 -1.98 -19.03
CA MET C 718 -24.43 -1.29 -17.78
C MET C 718 -24.22 0.20 -17.97
N THR C 719 -24.35 0.95 -16.87
CA THR C 719 -24.24 2.41 -16.94
C THR C 719 -22.81 2.83 -17.20
N LYS C 720 -22.65 3.87 -18.03
CA LYS C 720 -21.34 4.41 -18.37
C LYS C 720 -21.05 5.59 -17.45
N THR C 721 -20.34 5.35 -16.37
CA THR C 721 -19.96 6.39 -15.43
C THR C 721 -18.47 6.71 -15.57
N SER C 722 -18.15 7.99 -15.66
CA SER C 722 -16.78 8.46 -15.76
C SER C 722 -16.48 9.35 -14.56
N VAL C 723 -15.41 9.03 -13.84
CA VAL C 723 -15.03 9.72 -12.62
C VAL C 723 -13.66 10.33 -12.81
N ASP C 724 -13.56 11.65 -12.62
CA ASP C 724 -12.26 12.32 -12.62
C ASP C 724 -11.61 12.19 -11.25
N CYS C 725 -10.45 11.52 -11.21
CA CYS C 725 -9.80 11.21 -9.95
C CYS C 725 -9.38 12.45 -9.18
N THR C 726 -9.20 13.59 -9.86
CA THR C 726 -8.69 14.78 -9.18
C THR C 726 -9.74 15.43 -8.28
N MET C 727 -11.02 15.23 -8.57
CA MET C 727 -12.06 15.97 -7.85
C MET C 727 -12.51 15.29 -6.55
N TYR C 728 -12.22 14.01 -6.37
CA TYR C 728 -12.40 13.40 -5.05
C TYR C 728 -11.29 13.81 -4.10
N ILE C 729 -10.05 13.51 -4.47
CA ILE C 729 -8.93 13.64 -3.55
C ILE C 729 -8.71 15.10 -3.16
N CYS C 730 -8.77 16.00 -4.13
CA CYS C 730 -8.54 17.42 -3.87
C CYS C 730 -9.86 18.16 -3.65
N GLY C 731 -10.74 18.14 -4.63
CA GLY C 731 -12.01 18.82 -4.52
C GLY C 731 -11.88 20.32 -4.70
N ASP C 732 -11.33 20.74 -5.84
CA ASP C 732 -11.17 22.16 -6.20
C ASP C 732 -10.34 22.89 -5.13
N SER C 733 -9.10 22.42 -4.97
CA SER C 733 -8.17 23.02 -4.02
C SER C 733 -6.79 23.06 -4.67
N THR C 734 -6.29 24.26 -4.95
CA THR C 734 -4.98 24.39 -5.57
C THR C 734 -3.87 23.94 -4.62
N GLU C 735 -4.02 24.22 -3.32
CA GLU C 735 -3.02 23.82 -2.34
C GLU C 735 -3.04 22.33 -2.06
N CYS C 736 -4.09 21.62 -2.49
CA CYS C 736 -4.13 20.17 -2.37
C CYS C 736 -3.73 19.45 -3.64
N SER C 737 -3.84 20.11 -4.80
CA SER C 737 -3.44 19.48 -6.05
C SER C 737 -1.95 19.16 -6.06
N ASN C 738 -1.12 20.08 -5.57
CA ASN C 738 0.32 19.87 -5.58
C ASN C 738 0.70 18.64 -4.76
N LEU C 739 0.01 18.40 -3.65
CA LEU C 739 0.25 17.20 -2.87
C LEU C 739 -0.16 15.94 -3.64
N LEU C 740 -1.13 16.06 -4.54
CA LEU C 740 -1.60 14.88 -5.27
C LEU C 740 -0.63 14.46 -6.36
N LEU C 741 0.02 15.42 -7.02
CA LEU C 741 0.99 15.08 -8.06
C LEU C 741 2.24 14.41 -7.51
N GLN C 742 2.44 14.44 -6.19
CA GLN C 742 3.55 13.69 -5.59
C GLN C 742 3.33 12.19 -5.66
N TYR C 743 2.13 11.73 -6.02
CA TYR C 743 1.79 10.31 -6.07
C TYR C 743 1.89 9.74 -7.48
N GLY C 744 2.85 10.20 -8.27
CA GLY C 744 3.03 9.66 -9.60
C GLY C 744 1.85 9.98 -10.50
N SER C 745 1.42 8.96 -11.25
CA SER C 745 0.33 9.10 -12.23
C SER C 745 -0.83 8.18 -11.89
N PHE C 746 -1.20 8.13 -10.61
CA PHE C 746 -2.36 7.32 -10.22
C PHE C 746 -3.65 7.88 -10.79
N CYS C 747 -3.79 9.21 -10.79
CA CYS C 747 -5.02 9.83 -11.27
C CYS C 747 -5.18 9.74 -12.78
N THR C 748 -4.12 9.39 -13.51
CA THR C 748 -4.23 9.23 -14.95
C THR C 748 -4.73 7.84 -15.31
N GLN C 749 -4.33 6.82 -14.56
CA GLN C 749 -4.81 5.47 -14.81
C GLN C 749 -6.28 5.32 -14.44
N LEU C 750 -6.69 5.92 -13.32
CA LEU C 750 -8.08 5.81 -12.88
C LEU C 750 -9.03 6.57 -13.81
N ASN C 751 -8.51 7.42 -14.67
CA ASN C 751 -9.32 8.05 -15.71
C ASN C 751 -9.27 7.28 -17.02
N ARG C 752 -8.13 6.65 -17.31
CA ARG C 752 -8.01 5.81 -18.50
C ARG C 752 -8.72 4.48 -18.34
N ALA C 753 -8.73 3.92 -17.13
CA ALA C 753 -9.40 2.64 -16.89
C ALA C 753 -10.90 2.77 -17.04
N LEU C 754 -11.50 3.78 -16.41
CA LEU C 754 -12.94 3.97 -16.50
C LEU C 754 -13.38 4.32 -17.91
N THR C 755 -12.56 5.09 -18.64
CA THR C 755 -12.89 5.41 -20.03
C THR C 755 -12.84 4.16 -20.89
N GLY C 756 -11.94 3.22 -20.58
CA GLY C 756 -11.87 1.99 -21.34
C GLY C 756 -13.10 1.12 -21.19
N ILE C 757 -13.72 1.12 -20.01
CA ILE C 757 -14.91 0.30 -19.76
C ILE C 757 -16.15 1.15 -19.97
N ALA C 758 -16.00 2.28 -20.66
CA ALA C 758 -17.12 3.10 -21.10
C ALA C 758 -17.28 3.12 -22.61
N VAL C 759 -16.17 3.11 -23.34
CA VAL C 759 -16.24 2.89 -24.79
C VAL C 759 -16.65 1.45 -25.08
N GLU C 760 -16.26 0.50 -24.22
CA GLU C 760 -16.59 -0.90 -24.43
C GLU C 760 -18.11 -1.11 -24.41
N GLN C 761 -18.81 -0.40 -23.53
CA GLN C 761 -20.26 -0.55 -23.44
C GLN C 761 -20.99 -0.13 -24.71
N ASP C 762 -20.36 0.68 -25.56
CA ASP C 762 -20.94 1.01 -26.85
C ASP C 762 -20.61 -0.05 -27.91
N LYS C 763 -19.73 -0.98 -27.60
CA LYS C 763 -19.48 -2.13 -28.47
C LYS C 763 -20.35 -3.32 -28.10
N ASN C 764 -20.71 -3.45 -26.82
CA ASN C 764 -21.61 -4.52 -26.41
C ASN C 764 -22.96 -4.40 -27.10
N THR C 765 -23.49 -3.19 -27.18
CA THR C 765 -24.77 -2.98 -27.87
C THR C 765 -24.62 -3.16 -29.36
N GLN C 766 -23.47 -2.75 -29.93
CA GLN C 766 -23.26 -2.87 -31.36
C GLN C 766 -23.23 -4.32 -31.81
N GLU C 767 -22.56 -5.18 -31.04
CA GLU C 767 -22.43 -6.58 -31.44
C GLU C 767 -23.78 -7.28 -31.48
N VAL C 768 -24.65 -7.00 -30.51
CA VAL C 768 -25.91 -7.73 -30.39
C VAL C 768 -26.91 -7.27 -31.45
N PHE C 769 -27.25 -5.98 -31.46
CA PHE C 769 -28.34 -5.50 -32.29
C PHE C 769 -27.90 -5.20 -33.71
N ALA C 770 -26.77 -4.51 -33.87
CA ALA C 770 -26.33 -4.06 -35.19
C ALA C 770 -25.76 -5.25 -35.95
N GLN C 771 -26.66 -6.10 -36.43
CA GLN C 771 -26.29 -7.29 -37.20
C GLN C 771 -27.01 -7.38 -38.54
N VAL C 772 -27.71 -6.32 -38.95
CA VAL C 772 -28.41 -6.29 -40.23
C VAL C 772 -27.91 -5.09 -41.02
N LYS C 773 -27.52 -5.33 -42.27
CA LYS C 773 -27.07 -4.23 -43.13
C LYS C 773 -28.20 -3.25 -43.40
N GLN C 774 -29.40 -3.75 -43.66
CA GLN C 774 -30.54 -2.94 -44.04
C GLN C 774 -31.59 -2.94 -42.95
N ILE C 775 -32.63 -2.14 -43.15
CA ILE C 775 -33.72 -1.99 -42.19
C ILE C 775 -34.99 -2.44 -42.90
N TYR C 776 -35.38 -3.69 -42.68
CA TYR C 776 -36.57 -4.23 -43.32
C TYR C 776 -37.83 -3.70 -42.64
N LYS C 777 -38.96 -3.84 -43.34
CA LYS C 777 -40.25 -3.41 -42.83
C LYS C 777 -41.30 -4.46 -43.14
N THR C 778 -42.27 -4.58 -42.25
CA THR C 778 -43.39 -5.48 -42.47
C THR C 778 -44.32 -4.93 -43.53
N PRO C 779 -45.01 -5.80 -44.28
CA PRO C 779 -45.96 -5.29 -45.27
C PRO C 779 -47.16 -4.64 -44.58
N PRO C 780 -47.79 -3.66 -45.23
CA PRO C 780 -48.90 -2.95 -44.57
C PRO C 780 -50.14 -3.81 -44.38
N ILE C 781 -50.26 -4.91 -45.09
CA ILE C 781 -51.39 -5.84 -44.94
C ILE C 781 -50.84 -7.12 -44.33
N LYS C 782 -51.25 -7.39 -43.09
CA LYS C 782 -50.72 -8.53 -42.32
C LYS C 782 -51.64 -9.72 -42.52
N ASP C 783 -51.23 -10.67 -43.37
CA ASP C 783 -51.93 -11.93 -43.56
C ASP C 783 -50.87 -13.03 -43.56
N PHE C 784 -50.57 -13.56 -42.38
CA PHE C 784 -49.52 -14.56 -42.21
C PHE C 784 -50.09 -15.97 -42.06
N GLY C 785 -51.33 -16.19 -42.46
CA GLY C 785 -51.92 -17.51 -42.38
C GLY C 785 -52.50 -17.89 -41.04
N GLY C 786 -52.65 -16.94 -40.12
CA GLY C 786 -53.21 -17.23 -38.81
C GLY C 786 -52.38 -16.69 -37.67
N PHE C 787 -51.06 -16.70 -37.84
CA PHE C 787 -50.17 -16.17 -36.81
C PHE C 787 -50.36 -14.67 -36.68
N ASN C 788 -50.31 -14.19 -35.43
CA ASN C 788 -50.80 -12.85 -35.11
C ASN C 788 -49.71 -11.79 -35.18
N PHE C 789 -48.66 -11.93 -34.36
CA PHE C 789 -47.50 -11.03 -34.33
C PHE C 789 -47.83 -9.60 -33.96
N SER C 790 -49.06 -9.31 -33.50
CA SER C 790 -49.39 -7.93 -33.17
C SER C 790 -48.83 -7.50 -31.83
N GLN C 791 -48.38 -8.44 -31.00
CA GLN C 791 -47.79 -8.13 -29.71
C GLN C 791 -46.29 -7.95 -29.77
N ILE C 792 -45.66 -8.13 -30.93
CA ILE C 792 -44.22 -8.06 -31.06
C ILE C 792 -43.84 -6.97 -32.05
N LEU C 793 -44.74 -6.68 -32.98
CA LEU C 793 -44.47 -5.68 -34.00
C LEU C 793 -44.60 -4.27 -33.42
N PRO C 794 -43.96 -3.28 -34.05
CA PRO C 794 -44.02 -1.91 -33.53
C PRO C 794 -45.45 -1.38 -33.53
N ASP C 795 -45.70 -0.45 -32.60
CA ASP C 795 -47.04 0.04 -32.35
C ASP C 795 -47.34 1.27 -33.21
N PRO C 796 -48.39 1.24 -34.03
CA PRO C 796 -48.86 2.49 -34.68
C PRO C 796 -49.64 3.35 -33.69
N SER C 797 -48.90 3.98 -32.79
CA SER C 797 -49.47 4.62 -31.61
C SER C 797 -48.50 5.70 -31.14
N LYS C 798 -48.63 6.11 -29.87
CA LYS C 798 -47.77 7.09 -29.20
C LYS C 798 -46.30 6.85 -29.54
N PRO C 799 -45.47 7.91 -29.59
CA PRO C 799 -44.12 7.76 -30.13
C PRO C 799 -43.23 6.86 -29.27
N SER C 800 -41.96 6.72 -29.68
CA SER C 800 -41.09 5.64 -29.19
C SER C 800 -41.73 4.29 -29.52
N LYS C 801 -41.80 4.02 -30.82
CA LYS C 801 -42.66 2.99 -31.39
C LYS C 801 -42.12 1.62 -31.00
N ARG C 802 -42.38 1.23 -29.75
CA ARG C 802 -42.05 -0.09 -29.25
C ARG C 802 -43.22 -1.03 -29.45
N SER C 803 -42.97 -2.32 -29.25
CA SER C 803 -44.04 -3.30 -29.28
C SER C 803 -44.90 -3.20 -28.02
N PHE C 804 -46.02 -3.91 -28.03
CA PHE C 804 -46.88 -3.95 -26.87
C PHE C 804 -46.21 -4.66 -25.69
N ILE C 805 -45.24 -5.53 -25.96
CA ILE C 805 -44.48 -6.19 -24.91
C ILE C 805 -43.32 -5.31 -24.44
N GLU C 806 -42.66 -4.62 -25.37
CA GLU C 806 -41.54 -3.77 -25.01
C GLU C 806 -41.96 -2.62 -24.10
N ASP C 807 -43.22 -2.20 -24.18
CA ASP C 807 -43.71 -1.17 -23.27
C ASP C 807 -43.68 -1.66 -21.83
N LEU C 808 -44.07 -2.91 -21.60
CA LEU C 808 -44.02 -3.46 -20.25
C LEU C 808 -42.58 -3.62 -19.76
N LEU C 809 -41.68 -4.02 -20.65
CA LEU C 809 -40.29 -4.22 -20.25
C LEU C 809 -39.61 -2.91 -19.87
N PHE C 810 -40.01 -1.80 -20.49
CA PHE C 810 -39.44 -0.50 -20.15
C PHE C 810 -40.13 0.16 -18.98
N ASN C 811 -41.16 -0.46 -18.41
CA ASN C 811 -41.85 0.06 -17.25
C ASN C 811 -41.80 -0.87 -16.04
N LYS C 812 -41.36 -2.11 -16.21
CA LYS C 812 -41.23 -3.04 -15.09
C LYS C 812 -39.88 -2.93 -14.39
N VAL C 813 -38.97 -2.11 -14.89
CA VAL C 813 -37.68 -1.90 -14.27
C VAL C 813 -37.61 -0.58 -13.51
N THR C 814 -38.41 0.40 -13.92
CA THR C 814 -38.44 1.69 -13.27
C THR C 814 -39.33 1.65 -12.03
N GLN C 840 -26.58 12.20 -13.35
CA GLN C 840 -26.35 12.86 -12.06
C GLN C 840 -24.90 13.28 -11.93
N LYS C 841 -24.67 14.60 -11.84
CA LYS C 841 -23.33 15.18 -11.75
C LYS C 841 -23.31 16.10 -10.54
N PHE C 842 -22.79 15.60 -9.42
CA PHE C 842 -22.78 16.35 -8.17
C PHE C 842 -21.37 16.70 -7.71
N ASN C 843 -20.49 15.72 -7.54
CA ASN C 843 -19.10 15.96 -7.14
C ASN C 843 -18.21 14.98 -7.89
N GLY C 844 -17.73 15.40 -9.06
CA GLY C 844 -16.92 14.56 -9.91
C GLY C 844 -17.68 13.47 -10.65
N LEU C 845 -18.90 13.14 -10.21
CA LEU C 845 -19.66 12.08 -10.86
C LEU C 845 -20.16 12.52 -12.22
N THR C 846 -20.17 11.59 -13.16
CA THR C 846 -20.76 11.80 -14.48
C THR C 846 -21.47 10.54 -14.91
N VAL C 847 -22.42 10.69 -15.82
CA VAL C 847 -23.13 9.57 -16.45
C VAL C 847 -23.21 9.91 -17.92
N LEU C 848 -22.32 9.33 -18.72
CA LEU C 848 -22.31 9.62 -20.15
C LEU C 848 -23.54 8.99 -20.80
N PRO C 849 -24.12 9.64 -21.81
CA PRO C 849 -25.27 9.07 -22.48
C PRO C 849 -24.85 8.00 -23.46
N PRO C 850 -25.63 6.93 -23.62
CA PRO C 850 -25.26 5.88 -24.58
C PRO C 850 -25.34 6.39 -26.00
N LEU C 851 -24.46 5.85 -26.84
CA LEU C 851 -24.44 6.24 -28.25
C LEU C 851 -25.73 5.83 -28.94
N LEU C 852 -26.22 4.64 -28.66
CA LEU C 852 -27.46 4.13 -29.26
C LEU C 852 -28.63 4.43 -28.33
N THR C 853 -29.48 5.37 -28.72
CA THR C 853 -30.67 5.66 -27.93
C THR C 853 -31.68 4.53 -28.07
N ASP C 854 -32.60 4.46 -27.10
CA ASP C 854 -33.62 3.42 -27.13
C ASP C 854 -34.57 3.56 -28.31
N GLU C 855 -34.63 4.74 -28.92
CA GLU C 855 -35.48 4.92 -30.10
C GLU C 855 -34.87 4.25 -31.32
N MET C 856 -33.55 4.11 -31.37
CA MET C 856 -32.90 3.41 -32.47
C MET C 856 -32.60 1.95 -32.17
N ILE C 857 -32.40 1.60 -30.90
CA ILE C 857 -32.29 0.19 -30.53
C ILE C 857 -33.59 -0.54 -30.85
N ALA C 858 -34.72 0.14 -30.63
CA ALA C 858 -36.02 -0.44 -30.94
C ALA C 858 -36.24 -0.59 -32.43
N GLN C 859 -35.38 0.01 -33.26
CA GLN C 859 -35.50 -0.13 -34.70
C GLN C 859 -34.61 -1.23 -35.27
N TYR C 860 -33.48 -1.53 -34.63
CA TYR C 860 -32.76 -2.76 -34.95
C TYR C 860 -33.61 -3.98 -34.64
N THR C 861 -34.25 -4.01 -33.48
CA THR C 861 -35.10 -5.14 -33.12
C THR C 861 -36.30 -5.23 -34.06
N SER C 862 -36.87 -4.08 -34.44
CA SER C 862 -37.96 -4.09 -35.41
C SER C 862 -37.47 -4.59 -36.76
N ALA C 863 -36.29 -4.16 -37.19
CA ALA C 863 -35.75 -4.60 -38.46
C ALA C 863 -35.48 -6.09 -38.46
N LEU C 864 -34.93 -6.62 -37.37
CA LEU C 864 -34.74 -8.07 -37.26
C LEU C 864 -36.08 -8.78 -37.25
N LEU C 865 -37.07 -8.25 -36.51
CA LEU C 865 -38.39 -8.86 -36.48
C LEU C 865 -39.10 -8.73 -37.82
N ALA C 866 -38.97 -7.57 -38.47
CA ALA C 866 -39.67 -7.35 -39.73
C ALA C 866 -39.13 -8.20 -40.86
N GLY C 867 -38.01 -8.89 -40.65
CA GLY C 867 -37.47 -9.77 -41.67
C GLY C 867 -37.55 -11.24 -41.32
N THR C 868 -37.45 -11.56 -40.02
CA THR C 868 -37.51 -12.95 -39.61
C THR C 868 -38.90 -13.54 -39.73
N ILE C 869 -39.94 -12.70 -39.60
CA ILE C 869 -41.31 -13.18 -39.69
C ILE C 869 -41.86 -13.14 -41.11
N THR C 870 -41.04 -12.75 -42.08
CA THR C 870 -41.53 -12.59 -43.45
C THR C 870 -40.64 -13.20 -44.51
N SER C 871 -39.38 -13.52 -44.22
CA SER C 871 -38.48 -14.03 -45.25
C SER C 871 -37.55 -15.13 -44.74
N GLY C 872 -38.00 -15.94 -43.79
CA GLY C 872 -37.13 -16.97 -43.23
C GLY C 872 -35.94 -16.34 -42.55
N TRP C 873 -34.80 -17.01 -42.64
CA TRP C 873 -33.54 -16.44 -42.13
C TRP C 873 -32.44 -16.58 -43.17
N THR C 874 -32.74 -16.19 -44.41
CA THR C 874 -31.71 -16.09 -45.42
C THR C 874 -30.82 -14.86 -45.23
N PHE C 875 -30.94 -14.18 -44.09
CA PHE C 875 -30.08 -13.03 -43.80
C PHE C 875 -28.66 -13.48 -43.52
N GLY C 876 -28.50 -14.62 -42.85
CA GLY C 876 -27.19 -15.17 -42.54
C GLY C 876 -26.39 -15.62 -43.75
N ALA C 877 -26.88 -15.38 -44.96
CA ALA C 877 -26.16 -15.73 -46.18
C ALA C 877 -26.04 -14.57 -47.15
N GLY C 878 -26.69 -13.44 -46.88
CA GLY C 878 -26.62 -12.30 -47.79
C GLY C 878 -27.96 -11.71 -48.14
N ALA C 879 -28.33 -11.78 -49.42
CA ALA C 879 -29.55 -11.14 -49.91
C ALA C 879 -30.79 -11.74 -49.24
N ALA C 880 -31.80 -10.89 -49.04
CA ALA C 880 -33.05 -11.31 -48.44
C ALA C 880 -33.93 -11.98 -49.49
N LEU C 881 -34.51 -13.12 -49.13
CA LEU C 881 -35.32 -13.92 -50.05
C LEU C 881 -36.71 -14.06 -49.47
N GLN C 882 -37.71 -13.54 -50.17
CA GLN C 882 -39.08 -13.59 -49.68
C GLN C 882 -39.61 -15.03 -49.69
N ILE C 883 -40.46 -15.33 -48.72
CA ILE C 883 -41.10 -16.63 -48.59
C ILE C 883 -42.30 -16.49 -47.67
N PRO C 884 -43.47 -17.00 -48.04
CA PRO C 884 -44.65 -16.88 -47.16
C PRO C 884 -44.41 -17.59 -45.83
N PHE C 885 -44.91 -16.97 -44.75
CA PHE C 885 -44.71 -17.53 -43.42
C PHE C 885 -45.42 -18.87 -43.26
N ALA C 886 -46.49 -19.12 -44.00
CA ALA C 886 -47.17 -20.40 -43.91
C ALA C 886 -46.27 -21.53 -44.36
N MET C 887 -45.30 -21.25 -45.24
CA MET C 887 -44.34 -22.26 -45.67
C MET C 887 -42.97 -22.10 -45.04
N GLN C 888 -42.79 -21.14 -44.13
CA GLN C 888 -41.58 -21.16 -43.31
C GLN C 888 -41.61 -22.30 -42.32
N MET C 889 -42.69 -22.39 -41.53
CA MET C 889 -42.75 -23.41 -40.48
C MET C 889 -42.67 -24.81 -41.06
N ALA C 890 -43.12 -24.99 -42.30
CA ALA C 890 -42.99 -26.29 -42.96
C ALA C 890 -41.52 -26.67 -43.13
N TYR C 891 -40.67 -25.69 -43.43
CA TYR C 891 -39.23 -25.95 -43.51
C TYR C 891 -38.67 -26.40 -42.17
N ARG C 892 -39.09 -25.77 -41.07
CA ARG C 892 -38.41 -25.95 -39.80
C ARG C 892 -38.94 -27.18 -39.07
N PHE C 893 -40.05 -27.75 -39.55
CA PHE C 893 -40.40 -29.12 -39.18
C PHE C 893 -39.35 -30.10 -39.68
N ASN C 894 -38.88 -29.92 -40.92
CA ASN C 894 -37.89 -30.83 -41.47
C ASN C 894 -36.57 -30.73 -40.72
N GLY C 895 -36.30 -29.60 -40.07
CA GLY C 895 -35.11 -29.49 -39.26
C GLY C 895 -35.12 -30.40 -38.05
N ILE C 896 -36.26 -30.52 -37.39
CA ILE C 896 -36.37 -31.28 -36.16
C ILE C 896 -36.92 -32.69 -36.42
N GLY C 897 -36.86 -33.16 -37.67
CA GLY C 897 -37.24 -34.52 -37.97
C GLY C 897 -38.73 -34.78 -38.05
N VAL C 898 -39.52 -33.77 -38.38
CA VAL C 898 -40.96 -33.92 -38.54
C VAL C 898 -41.33 -33.56 -39.98
N THR C 899 -42.12 -34.41 -40.61
CA THR C 899 -42.53 -34.16 -41.99
C THR C 899 -43.35 -32.89 -42.08
N GLN C 900 -43.22 -32.17 -43.19
CA GLN C 900 -43.89 -30.89 -43.34
C GLN C 900 -45.41 -31.04 -43.50
N ASN C 901 -45.89 -32.24 -43.84
CA ASN C 901 -47.33 -32.46 -43.95
C ASN C 901 -48.06 -32.31 -42.63
N VAL C 902 -47.35 -32.35 -41.50
CA VAL C 902 -47.99 -32.15 -40.21
C VAL C 902 -48.46 -30.71 -40.05
N LEU C 903 -47.67 -29.76 -40.53
CA LEU C 903 -48.05 -28.35 -40.43
C LEU C 903 -49.31 -28.06 -41.23
N TYR C 904 -49.32 -28.44 -42.51
CA TYR C 904 -50.41 -28.04 -43.40
C TYR C 904 -51.73 -28.64 -42.95
N GLU C 905 -51.72 -29.90 -42.53
CA GLU C 905 -52.93 -30.54 -42.03
C GLU C 905 -53.31 -30.10 -40.63
N ASN C 906 -52.48 -29.29 -39.97
CA ASN C 906 -52.78 -28.79 -38.63
C ASN C 906 -52.47 -27.29 -38.52
N GLN C 907 -52.55 -26.56 -39.63
CA GLN C 907 -52.15 -25.15 -39.63
C GLN C 907 -53.06 -24.32 -38.73
N LYS C 908 -54.37 -24.55 -38.79
CA LYS C 908 -55.30 -23.75 -37.99
C LYS C 908 -55.09 -23.98 -36.50
N LEU C 909 -54.89 -25.23 -36.10
CA LEU C 909 -54.64 -25.54 -34.70
C LEU C 909 -53.30 -24.94 -34.24
N ILE C 910 -52.28 -25.02 -35.10
CA ILE C 910 -50.96 -24.54 -34.72
C ILE C 910 -50.95 -23.03 -34.54
N ALA C 911 -51.65 -22.31 -35.42
CA ALA C 911 -51.70 -20.85 -35.31
C ALA C 911 -52.35 -20.41 -34.01
N ASN C 912 -53.44 -21.08 -33.61
CA ASN C 912 -54.10 -20.74 -32.35
C ASN C 912 -53.21 -21.07 -31.16
N GLN C 913 -52.51 -22.21 -31.21
CA GLN C 913 -51.60 -22.56 -30.13
C GLN C 913 -50.47 -21.56 -29.99
N PHE C 914 -49.92 -21.10 -31.12
CA PHE C 914 -48.85 -20.12 -31.08
C PHE C 914 -49.34 -18.78 -30.56
N ASN C 915 -50.54 -18.37 -30.98
CA ASN C 915 -51.09 -17.09 -30.53
C ASN C 915 -51.33 -17.08 -29.03
N SER C 916 -51.85 -18.18 -28.48
CA SER C 916 -52.14 -18.23 -27.04
C SER C 916 -50.86 -18.20 -26.23
N ALA C 917 -49.78 -18.80 -26.74
CA ALA C 917 -48.51 -18.79 -26.02
C ALA C 917 -47.99 -17.37 -25.85
N ILE C 918 -48.08 -16.56 -26.90
CA ILE C 918 -47.64 -15.17 -26.81
C ILE C 918 -48.52 -14.38 -25.84
N GLY C 919 -49.83 -14.65 -25.85
CA GLY C 919 -50.73 -13.93 -24.99
C GLY C 919 -50.43 -14.09 -23.52
N LYS C 920 -49.87 -15.25 -23.13
CA LYS C 920 -49.53 -15.50 -21.74
C LYS C 920 -48.15 -14.95 -21.36
N ILE C 921 -47.43 -14.34 -22.30
CA ILE C 921 -46.09 -13.83 -22.00
C ILE C 921 -46.18 -12.57 -21.16
N GLN C 922 -46.92 -11.57 -21.65
CA GLN C 922 -47.07 -10.34 -20.88
C GLN C 922 -47.80 -10.58 -19.57
N ASP C 923 -48.72 -11.54 -19.54
CA ASP C 923 -49.36 -11.92 -18.28
C ASP C 923 -48.34 -12.51 -17.31
N SER C 924 -47.42 -13.33 -17.82
CA SER C 924 -46.41 -13.94 -16.97
C SER C 924 -45.32 -12.96 -16.57
N LEU C 925 -45.22 -11.80 -17.22
CA LEU C 925 -44.22 -10.79 -16.88
C LEU C 925 -44.78 -9.72 -15.95
N SER C 926 -45.92 -9.12 -16.30
CA SER C 926 -46.47 -8.04 -15.49
C SER C 926 -47.03 -8.56 -14.17
N SER C 927 -47.80 -9.64 -14.21
CA SER C 927 -48.46 -10.13 -13.00
C SER C 927 -47.43 -10.66 -11.98
N THR C 928 -46.39 -11.34 -12.45
CA THR C 928 -45.41 -11.89 -11.55
C THR C 928 -44.62 -10.78 -10.85
N ALA C 929 -44.09 -11.11 -9.68
CA ALA C 929 -43.42 -10.11 -8.86
C ALA C 929 -42.20 -9.53 -9.56
N SER C 930 -41.30 -10.40 -10.04
CA SER C 930 -40.10 -9.93 -10.72
C SER C 930 -39.57 -11.03 -11.62
N ALA C 931 -39.77 -10.87 -12.94
CA ALA C 931 -39.12 -11.71 -13.92
C ALA C 931 -37.86 -11.08 -14.49
N LEU C 932 -37.75 -9.75 -14.42
CA LEU C 932 -36.59 -9.01 -14.90
C LEU C 932 -35.52 -8.84 -13.83
N GLY C 933 -35.42 -9.78 -12.89
CA GLY C 933 -34.46 -9.65 -11.81
C GLY C 933 -33.02 -9.68 -12.27
N LYS C 934 -32.76 -10.34 -13.41
CA LYS C 934 -31.41 -10.35 -13.96
C LYS C 934 -30.95 -8.94 -14.32
N LEU C 935 -31.84 -8.16 -14.94
CA LEU C 935 -31.51 -6.79 -15.30
C LEU C 935 -31.51 -5.84 -14.10
N GLN C 936 -32.28 -6.16 -13.06
CA GLN C 936 -32.34 -5.29 -11.89
C GLN C 936 -31.08 -5.41 -11.03
N ASP C 937 -30.45 -6.58 -11.00
CA ASP C 937 -29.25 -6.77 -10.20
C ASP C 937 -28.12 -5.86 -10.67
N VAL C 938 -27.98 -5.70 -11.99
CA VAL C 938 -26.92 -4.85 -12.53
C VAL C 938 -27.11 -3.40 -12.07
N VAL C 939 -28.35 -2.90 -12.13
CA VAL C 939 -28.62 -1.57 -11.64
C VAL C 939 -28.40 -1.48 -10.14
N ASN C 940 -28.85 -2.49 -9.40
CA ASN C 940 -28.72 -2.49 -7.95
C ASN C 940 -27.28 -2.66 -7.47
N GLN C 941 -26.35 -3.02 -8.35
CA GLN C 941 -24.94 -3.09 -7.99
C GLN C 941 -24.16 -1.85 -8.41
N ASN C 942 -24.49 -1.26 -9.55
CA ASN C 942 -23.82 -0.03 -9.96
C ASN C 942 -24.22 1.13 -9.05
N ALA C 943 -25.52 1.28 -8.80
CA ALA C 943 -25.99 2.37 -7.95
C ALA C 943 -25.60 2.18 -6.49
N GLN C 944 -25.31 0.96 -6.07
CA GLN C 944 -24.88 0.69 -4.71
C GLN C 944 -23.37 0.82 -4.53
N ALA C 945 -22.61 0.46 -5.56
CA ALA C 945 -21.17 0.67 -5.51
C ALA C 945 -20.78 2.13 -5.65
N LEU C 946 -21.72 2.97 -6.08
CA LEU C 946 -21.48 4.41 -6.16
C LEU C 946 -21.86 5.13 -4.87
N ASN C 947 -22.92 4.69 -4.20
CA ASN C 947 -23.27 5.24 -2.90
C ASN C 947 -22.17 4.98 -1.88
N THR C 948 -21.62 3.77 -1.88
CA THR C 948 -20.52 3.46 -0.97
C THR C 948 -19.29 4.29 -1.28
N LEU C 949 -19.07 4.63 -2.56
CA LEU C 949 -17.96 5.50 -2.92
C LEU C 949 -18.23 6.94 -2.47
N VAL C 950 -19.45 7.43 -2.68
CA VAL C 950 -19.77 8.81 -2.30
C VAL C 950 -19.77 8.98 -0.79
N LYS C 951 -20.32 8.00 -0.07
CA LYS C 951 -20.38 8.07 1.38
C LYS C 951 -19.00 7.97 2.02
N GLN C 952 -17.96 7.60 1.27
CA GLN C 952 -16.61 7.56 1.80
C GLN C 952 -15.94 8.93 1.80
N LEU C 953 -16.61 9.96 1.30
CA LEU C 953 -16.09 11.33 1.37
C LEU C 953 -16.34 11.97 2.73
N SER C 954 -17.00 11.28 3.64
CA SER C 954 -17.31 11.78 4.97
C SER C 954 -16.69 10.89 6.04
N SER C 955 -15.44 10.48 5.84
CA SER C 955 -14.70 9.68 6.81
C SER C 955 -13.38 10.37 7.10
N ASN C 956 -13.00 10.37 8.38
CA ASN C 956 -11.83 11.15 8.81
C ASN C 956 -10.53 10.53 8.32
N PHE C 957 -10.47 9.21 8.24
CA PHE C 957 -9.25 8.48 7.85
C PHE C 957 -8.07 8.77 8.76
N GLY C 958 -8.32 9.32 9.94
CA GLY C 958 -7.26 9.68 10.86
C GLY C 958 -6.91 11.15 10.90
N ALA C 959 -7.64 11.99 10.16
CA ALA C 959 -7.38 13.42 10.14
C ALA C 959 -8.28 14.12 11.15
N ILE C 960 -8.10 15.43 11.30
CA ILE C 960 -8.91 16.20 12.24
C ILE C 960 -10.35 16.28 11.77
N SER C 961 -10.58 16.40 10.47
CA SER C 961 -11.92 16.51 9.93
C SER C 961 -11.95 15.85 8.55
N SER C 962 -13.15 15.48 8.12
CA SER C 962 -13.36 14.79 6.86
C SER C 962 -13.68 15.72 5.70
N VAL C 963 -13.77 17.03 5.94
CA VAL C 963 -14.04 18.02 4.90
C VAL C 963 -12.78 18.86 4.72
N LEU C 964 -12.33 18.99 3.48
CA LEU C 964 -11.03 19.59 3.21
C LEU C 964 -11.04 21.10 3.40
N ASN C 965 -12.18 21.75 3.12
CA ASN C 965 -12.23 23.21 3.24
C ASN C 965 -12.11 23.66 4.69
N ASP C 966 -12.51 22.83 5.64
CA ASP C 966 -12.42 23.18 7.05
C ASP C 966 -11.07 22.88 7.67
N ILE C 967 -10.14 22.29 6.91
CA ILE C 967 -8.78 22.09 7.40
C ILE C 967 -7.88 23.25 7.00
N LEU C 968 -8.04 23.76 5.78
CA LEU C 968 -7.22 24.87 5.32
C LEU C 968 -7.58 26.18 6.00
N SER C 969 -8.75 26.26 6.63
CA SER C 969 -9.20 27.49 7.26
C SER C 969 -8.72 27.62 8.71
N ARG C 970 -8.13 26.58 9.28
CA ARG C 970 -7.67 26.64 10.67
C ARG C 970 -6.32 25.95 10.86
N LEU C 971 -5.51 25.88 9.81
CA LEU C 971 -4.19 25.27 9.90
C LEU C 971 -3.25 25.94 8.91
N ASP C 972 -2.03 26.21 9.37
CA ASP C 972 -1.01 26.79 8.53
C ASP C 972 -0.45 25.74 7.57
N PRO C 973 0.16 26.18 6.46
CA PRO C 973 0.70 25.23 5.47
C PRO C 973 1.60 24.17 6.07
N PRO C 974 2.64 24.53 6.86
CA PRO C 974 3.63 23.50 7.25
C PRO C 974 3.06 22.38 8.10
N GLU C 975 1.92 22.57 8.77
CA GLU C 975 1.30 21.50 9.55
C GLU C 975 -0.04 21.05 8.98
N ALA C 976 -0.53 21.67 7.92
CA ALA C 976 -1.73 21.19 7.24
C ALA C 976 -1.42 20.17 6.15
N GLU C 977 -0.17 20.12 5.68
CA GLU C 977 0.21 19.15 4.67
C GLU C 977 0.19 17.72 5.20
N VAL C 978 0.26 17.54 6.51
CA VAL C 978 0.21 16.19 7.09
C VAL C 978 -1.22 15.75 7.35
N GLN C 979 -2.13 16.69 7.61
CA GLN C 979 -3.53 16.33 7.77
C GLN C 979 -4.18 16.04 6.43
N ILE C 980 -3.81 16.79 5.40
CA ILE C 980 -4.33 16.53 4.05
C ILE C 980 -3.85 15.19 3.54
N ASP C 981 -2.58 14.87 3.76
CA ASP C 981 -2.01 13.64 3.21
C ASP C 981 -2.67 12.39 3.77
N ARG C 982 -3.34 12.48 4.92
CA ARG C 982 -4.10 11.35 5.42
C ARG C 982 -5.39 11.17 4.63
N LEU C 983 -6.04 12.27 4.26
CA LEU C 983 -7.20 12.17 3.39
C LEU C 983 -6.81 11.73 1.99
N ILE C 984 -5.69 12.26 1.47
CA ILE C 984 -5.27 11.92 0.11
C ILE C 984 -4.95 10.44 0.01
N THR C 985 -4.22 9.90 0.98
CA THR C 985 -3.90 8.48 0.98
C THR C 985 -5.15 7.64 1.15
N GLY C 986 -6.05 8.03 2.05
CA GLY C 986 -7.27 7.27 2.26
C GLY C 986 -8.22 7.34 1.08
N ARG C 987 -8.42 8.53 0.52
CA ARG C 987 -9.37 8.68 -0.58
C ARG C 987 -8.86 8.01 -1.85
N LEU C 988 -7.55 8.07 -2.10
CA LEU C 988 -6.99 7.40 -3.26
C LEU C 988 -7.20 5.89 -3.17
N GLN C 989 -6.94 5.31 -2.00
CA GLN C 989 -7.24 3.90 -1.78
C GLN C 989 -8.73 3.63 -1.78
N SER C 990 -9.55 4.63 -1.47
CA SER C 990 -11.01 4.49 -1.54
C SER C 990 -11.55 4.74 -2.93
N LEU C 991 -10.69 4.93 -3.93
CA LEU C 991 -11.10 5.03 -5.32
C LEU C 991 -10.51 3.95 -6.20
N GLN C 992 -9.28 3.50 -5.89
CA GLN C 992 -8.70 2.37 -6.62
C GLN C 992 -9.50 1.10 -6.40
N THR C 993 -10.07 0.93 -5.22
CA THR C 993 -10.82 -0.29 -4.91
C THR C 993 -12.06 -0.43 -5.79
N TYR C 994 -12.79 0.66 -5.99
CA TYR C 994 -14.03 0.58 -6.76
C TYR C 994 -13.76 0.49 -8.25
N VAL C 995 -12.68 1.14 -8.72
CA VAL C 995 -12.30 1.01 -10.13
C VAL C 995 -11.93 -0.43 -10.44
N THR C 996 -11.22 -1.09 -9.52
CA THR C 996 -10.86 -2.49 -9.72
C THR C 996 -12.10 -3.37 -9.81
N GLN C 997 -13.09 -3.13 -8.93
CA GLN C 997 -14.30 -3.93 -8.96
C GLN C 997 -15.13 -3.68 -10.22
N GLN C 998 -15.11 -2.46 -10.75
CA GLN C 998 -15.81 -2.19 -12.00
C GLN C 998 -15.16 -2.94 -13.16
N LEU C 999 -13.84 -3.05 -13.15
CA LEU C 999 -13.15 -3.80 -14.19
C LEU C 999 -13.57 -5.26 -14.19
N ILE C 1000 -13.70 -5.85 -12.99
CA ILE C 1000 -14.17 -7.23 -12.90
C ILE C 1000 -15.63 -7.33 -13.33
N ARG C 1001 -16.46 -6.40 -12.86
CA ARG C 1001 -17.88 -6.44 -13.19
C ARG C 1001 -18.12 -6.19 -14.67
N ALA C 1002 -17.33 -5.31 -15.29
CA ALA C 1002 -17.48 -5.06 -16.72
C ALA C 1002 -17.17 -6.31 -17.53
N ALA C 1003 -16.19 -7.09 -17.09
CA ALA C 1003 -15.87 -8.34 -17.77
C ALA C 1003 -17.00 -9.36 -17.66
N GLU C 1004 -17.72 -9.36 -16.54
CA GLU C 1004 -18.84 -10.27 -16.36
C GLU C 1004 -19.95 -9.97 -17.37
N ILE C 1005 -20.23 -8.69 -17.60
CA ILE C 1005 -21.25 -8.31 -18.58
C ILE C 1005 -20.69 -8.45 -20.00
N ARG C 1006 -19.38 -8.26 -20.15
CA ARG C 1006 -18.76 -8.46 -21.46
C ARG C 1006 -18.92 -9.90 -21.93
N ALA C 1007 -18.75 -10.86 -21.01
CA ALA C 1007 -18.99 -12.25 -21.33
C ALA C 1007 -20.48 -12.55 -21.51
N SER C 1008 -21.35 -11.73 -20.94
CA SER C 1008 -22.78 -11.89 -21.12
C SER C 1008 -23.31 -11.20 -22.36
N ALA C 1009 -22.63 -10.15 -22.82
CA ALA C 1009 -23.00 -9.52 -24.09
C ALA C 1009 -22.43 -10.26 -25.28
N ASN C 1010 -21.47 -11.17 -25.06
CA ASN C 1010 -20.99 -12.02 -26.14
C ASN C 1010 -21.87 -13.26 -26.30
N LEU C 1011 -22.51 -13.71 -25.23
CA LEU C 1011 -23.47 -14.81 -25.34
C LEU C 1011 -24.77 -14.34 -25.94
N ALA C 1012 -25.19 -13.10 -25.63
CA ALA C 1012 -26.40 -12.56 -26.23
C ALA C 1012 -26.21 -12.25 -27.70
N ALA C 1013 -24.96 -12.01 -28.14
CA ALA C 1013 -24.70 -11.85 -29.56
C ALA C 1013 -24.73 -13.19 -30.27
N THR C 1014 -24.25 -14.24 -29.62
CA THR C 1014 -24.32 -15.58 -30.20
C THR C 1014 -25.77 -16.03 -30.36
N LYS C 1015 -26.59 -15.82 -29.33
CA LYS C 1015 -27.99 -16.21 -29.43
C LYS C 1015 -28.73 -15.44 -30.51
N MET C 1016 -28.31 -14.20 -30.78
CA MET C 1016 -28.95 -13.43 -31.85
C MET C 1016 -28.59 -13.98 -33.22
N SER C 1017 -27.36 -14.48 -33.39
CA SER C 1017 -26.90 -14.96 -34.68
C SER C 1017 -27.22 -16.43 -34.93
N GLU C 1018 -27.71 -17.16 -33.92
CA GLU C 1018 -28.03 -18.58 -34.08
C GLU C 1018 -29.50 -18.87 -33.88
N CYS C 1019 -30.09 -18.44 -32.77
CA CYS C 1019 -31.50 -18.72 -32.52
C CYS C 1019 -32.39 -17.82 -33.36
N VAL C 1020 -32.00 -16.56 -33.54
CA VAL C 1020 -32.84 -15.60 -34.26
C VAL C 1020 -32.59 -15.64 -35.75
N LEU C 1021 -31.32 -15.68 -36.18
CA LEU C 1021 -30.96 -15.68 -37.59
C LEU C 1021 -30.84 -17.08 -38.17
N GLY C 1022 -31.56 -18.04 -37.60
CA GLY C 1022 -31.50 -19.40 -38.10
C GLY C 1022 -32.17 -20.35 -37.13
N GLN C 1023 -31.91 -21.63 -37.33
CA GLN C 1023 -32.40 -22.68 -36.44
C GLN C 1023 -31.21 -23.44 -35.90
N SER C 1024 -31.16 -23.59 -34.58
CA SER C 1024 -30.01 -24.17 -33.89
C SER C 1024 -30.35 -25.57 -33.40
N LYS C 1025 -29.47 -26.52 -33.68
CA LYS C 1025 -29.61 -27.87 -33.17
C LYS C 1025 -29.05 -28.04 -31.77
N ARG C 1026 -28.39 -27.01 -31.23
CA ARG C 1026 -27.86 -27.08 -29.87
C ARG C 1026 -29.00 -27.26 -28.87
N VAL C 1027 -28.80 -28.16 -27.92
CA VAL C 1027 -29.86 -28.57 -27.00
C VAL C 1027 -29.92 -27.61 -25.83
N ASP C 1028 -31.14 -27.16 -25.51
CA ASP C 1028 -31.42 -26.35 -24.32
C ASP C 1028 -30.63 -25.04 -24.30
N PHE C 1029 -30.45 -24.44 -25.47
CA PHE C 1029 -29.93 -23.08 -25.55
C PHE C 1029 -30.94 -22.10 -26.12
N CYS C 1030 -31.55 -22.41 -27.25
CA CYS C 1030 -32.64 -21.60 -27.79
C CYS C 1030 -33.99 -22.17 -27.35
N GLY C 1031 -34.15 -22.25 -26.03
CA GLY C 1031 -35.37 -22.74 -25.44
C GLY C 1031 -35.28 -24.21 -25.05
N LYS C 1032 -36.20 -24.63 -24.18
CA LYS C 1032 -36.25 -26.00 -23.67
C LYS C 1032 -37.19 -26.81 -24.55
N GLY C 1033 -36.63 -27.50 -25.53
CA GLY C 1033 -37.40 -28.30 -26.47
C GLY C 1033 -36.71 -28.31 -27.81
N TYR C 1034 -37.48 -28.60 -28.85
CA TYR C 1034 -36.98 -28.57 -30.22
C TYR C 1034 -37.17 -27.16 -30.77
N HIS C 1035 -36.07 -26.44 -30.99
CA HIS C 1035 -36.14 -25.04 -31.37
C HIS C 1035 -36.78 -24.88 -32.75
N LEU C 1036 -37.61 -23.84 -32.87
CA LEU C 1036 -38.19 -23.44 -34.15
C LEU C 1036 -37.72 -22.06 -34.58
N MET C 1037 -37.91 -21.05 -33.73
CA MET C 1037 -37.57 -19.67 -34.07
C MET C 1037 -37.57 -18.85 -32.79
N SER C 1038 -37.00 -17.65 -32.88
CA SER C 1038 -36.93 -16.74 -31.75
C SER C 1038 -37.23 -15.33 -32.23
N PHE C 1039 -37.74 -14.51 -31.31
CA PHE C 1039 -38.06 -13.12 -31.59
C PHE C 1039 -37.36 -12.23 -30.57
N PRO C 1040 -36.51 -11.30 -30.99
CA PRO C 1040 -35.80 -10.46 -30.02
C PRO C 1040 -36.60 -9.24 -29.62
N GLN C 1041 -36.57 -8.94 -28.32
CA GLN C 1041 -37.23 -7.77 -27.76
C GLN C 1041 -36.23 -6.96 -26.97
N SER C 1042 -36.29 -5.64 -27.12
CA SER C 1042 -35.38 -4.76 -26.42
C SER C 1042 -35.68 -4.76 -24.93
N ALA C 1043 -34.81 -4.09 -24.18
CA ALA C 1043 -34.92 -3.99 -22.73
C ALA C 1043 -34.17 -2.76 -22.28
N PRO C 1044 -34.44 -2.26 -21.06
CA PRO C 1044 -33.72 -1.06 -20.60
C PRO C 1044 -32.20 -1.16 -20.70
N HIS C 1045 -31.61 -2.27 -20.25
CA HIS C 1045 -30.17 -2.47 -20.38
C HIS C 1045 -29.88 -3.92 -20.75
N GLY C 1046 -30.64 -4.47 -21.69
CA GLY C 1046 -30.45 -5.85 -22.10
C GLY C 1046 -31.26 -6.23 -23.32
N VAL C 1047 -31.61 -7.51 -23.43
CA VAL C 1047 -32.37 -8.03 -24.56
C VAL C 1047 -33.13 -9.27 -24.09
N VAL C 1048 -34.33 -9.44 -24.61
CA VAL C 1048 -35.21 -10.55 -24.23
C VAL C 1048 -35.54 -11.35 -25.49
N PHE C 1049 -35.32 -12.66 -25.43
CA PHE C 1049 -35.63 -13.56 -26.52
C PHE C 1049 -36.88 -14.37 -26.18
N LEU C 1050 -37.65 -14.71 -27.21
CA LEU C 1050 -38.86 -15.50 -27.07
C LEU C 1050 -38.70 -16.76 -27.92
N HIS C 1051 -38.20 -17.83 -27.28
CA HIS C 1051 -37.93 -19.07 -27.98
C HIS C 1051 -39.21 -19.85 -28.22
N VAL C 1052 -39.42 -20.30 -29.45
CA VAL C 1052 -40.58 -21.10 -29.83
C VAL C 1052 -40.12 -22.52 -30.06
N THR C 1053 -40.72 -23.47 -29.33
CA THR C 1053 -40.29 -24.86 -29.35
C THR C 1053 -41.49 -25.79 -29.35
N TYR C 1054 -41.25 -27.03 -29.74
CA TYR C 1054 -42.24 -28.11 -29.65
C TYR C 1054 -41.93 -29.03 -28.48
N VAL C 1055 -42.96 -29.33 -27.70
CA VAL C 1055 -42.89 -30.30 -26.61
C VAL C 1055 -43.85 -31.44 -26.94
N PRO C 1056 -43.36 -32.63 -27.26
CA PRO C 1056 -44.27 -33.74 -27.55
C PRO C 1056 -45.15 -34.08 -26.36
N ALA C 1057 -46.38 -34.53 -26.65
CA ALA C 1057 -47.33 -34.82 -25.60
C ALA C 1057 -48.31 -35.87 -26.11
N GLN C 1058 -49.06 -36.46 -25.17
CA GLN C 1058 -50.06 -37.48 -25.45
C GLN C 1058 -49.41 -38.68 -26.16
N GLU C 1059 -48.51 -39.33 -25.44
CA GLU C 1059 -47.78 -40.46 -26.00
C GLU C 1059 -48.47 -41.78 -25.68
N LYS C 1060 -48.33 -42.73 -26.59
CA LYS C 1060 -48.85 -44.08 -26.40
C LYS C 1060 -47.75 -45.07 -26.76
N ASN C 1061 -47.72 -46.20 -26.06
CA ASN C 1061 -46.63 -47.16 -26.24
C ASN C 1061 -47.03 -48.28 -27.18
N PHE C 1062 -46.03 -48.90 -27.81
CA PHE C 1062 -46.24 -49.99 -28.74
C PHE C 1062 -45.07 -50.96 -28.64
N THR C 1063 -45.17 -52.05 -29.40
CA THR C 1063 -44.13 -53.06 -29.48
C THR C 1063 -43.39 -52.91 -30.79
N THR C 1064 -42.05 -52.92 -30.72
CA THR C 1064 -41.19 -52.68 -31.88
C THR C 1064 -40.42 -53.95 -32.25
N ALA C 1065 -39.58 -53.80 -33.26
CA ALA C 1065 -38.69 -54.84 -33.74
C ALA C 1065 -37.63 -54.19 -34.61
N PRO C 1066 -36.35 -54.55 -34.47
CA PRO C 1066 -35.31 -53.87 -35.25
C PRO C 1066 -35.38 -54.14 -36.74
N ALA C 1067 -36.00 -55.23 -37.17
CA ALA C 1067 -36.03 -55.58 -38.58
C ALA C 1067 -37.28 -56.39 -38.89
N ILE C 1068 -37.55 -56.55 -40.18
CA ILE C 1068 -38.70 -57.31 -40.67
C ILE C 1068 -38.19 -58.40 -41.60
N CYS C 1069 -38.44 -59.65 -41.24
CA CYS C 1069 -38.02 -60.79 -42.03
C CYS C 1069 -39.06 -61.07 -43.12
N HIS C 1070 -38.74 -60.71 -44.36
CA HIS C 1070 -39.58 -61.03 -45.50
C HIS C 1070 -38.71 -61.59 -46.61
N ASP C 1071 -39.17 -62.68 -47.23
CA ASP C 1071 -38.45 -63.33 -48.32
C ASP C 1071 -37.05 -63.77 -47.89
N GLY C 1072 -36.86 -64.01 -46.59
CA GLY C 1072 -35.57 -64.42 -46.09
C GLY C 1072 -34.52 -63.34 -46.07
N LYS C 1073 -34.92 -62.06 -46.15
CA LYS C 1073 -34.00 -60.94 -46.16
C LYS C 1073 -34.44 -59.91 -45.14
N ALA C 1074 -33.47 -59.36 -44.41
CA ALA C 1074 -33.78 -58.37 -43.39
C ALA C 1074 -34.18 -57.04 -44.03
N HIS C 1075 -35.07 -56.31 -43.36
CA HIS C 1075 -35.54 -55.02 -43.81
C HIS C 1075 -35.40 -54.00 -42.69
N PHE C 1076 -34.94 -52.81 -43.05
CA PHE C 1076 -34.75 -51.73 -42.10
C PHE C 1076 -35.43 -50.47 -42.62
N PRO C 1077 -35.97 -49.64 -41.74
CA PRO C 1077 -36.64 -48.42 -42.20
C PRO C 1077 -35.65 -47.36 -42.66
N ARG C 1078 -36.12 -46.49 -43.55
CA ARG C 1078 -35.28 -45.41 -44.04
C ARG C 1078 -35.24 -44.26 -43.05
N GLU C 1079 -36.40 -43.65 -42.78
CA GLU C 1079 -36.54 -42.64 -41.73
C GLU C 1079 -37.84 -42.97 -40.99
N GLY C 1080 -37.74 -43.78 -39.94
CA GLY C 1080 -38.92 -44.16 -39.21
C GLY C 1080 -38.63 -45.29 -38.24
N VAL C 1081 -39.70 -45.75 -37.61
CA VAL C 1081 -39.64 -46.80 -36.60
C VAL C 1081 -40.61 -47.90 -37.01
N PHE C 1082 -40.15 -49.16 -36.94
CA PHE C 1082 -41.06 -50.29 -37.11
C PHE C 1082 -41.90 -50.40 -35.84
N VAL C 1083 -43.20 -50.18 -35.97
CA VAL C 1083 -44.10 -50.06 -34.81
C VAL C 1083 -45.30 -50.96 -35.03
N SER C 1084 -45.75 -51.60 -33.95
CA SER C 1084 -46.91 -52.49 -33.99
C SER C 1084 -47.84 -52.16 -32.84
N ASN C 1085 -49.13 -52.05 -33.14
CA ASN C 1085 -50.14 -51.81 -32.12
C ASN C 1085 -50.61 -53.09 -31.45
N GLY C 1086 -50.09 -54.24 -31.87
CA GLY C 1086 -50.46 -55.52 -31.27
C GLY C 1086 -50.68 -56.62 -32.28
N THR C 1087 -51.16 -56.28 -33.47
CA THR C 1087 -51.39 -57.26 -34.51
C THR C 1087 -50.72 -56.90 -35.83
N HIS C 1088 -50.67 -55.62 -36.18
CA HIS C 1088 -50.12 -55.19 -37.45
C HIS C 1088 -48.95 -54.24 -37.23
N TRP C 1089 -47.97 -54.33 -38.12
CA TRP C 1089 -46.76 -53.53 -38.05
C TRP C 1089 -46.86 -52.34 -39.00
N PHE C 1090 -46.28 -51.21 -38.57
CA PHE C 1090 -46.33 -49.98 -39.35
C PHE C 1090 -44.99 -49.26 -39.21
N VAL C 1091 -44.86 -48.16 -39.95
CA VAL C 1091 -43.66 -47.33 -39.92
C VAL C 1091 -44.10 -45.90 -39.60
N THR C 1092 -43.52 -45.31 -38.56
CA THR C 1092 -43.85 -43.96 -38.14
C THR C 1092 -42.58 -43.17 -37.92
N GLN C 1093 -42.64 -41.87 -38.18
CA GLN C 1093 -41.54 -40.99 -37.84
C GLN C 1093 -41.41 -40.89 -36.33
N ARG C 1094 -40.16 -40.74 -35.86
CA ARG C 1094 -39.85 -40.89 -34.45
C ARG C 1094 -40.42 -39.78 -33.57
N ASN C 1095 -40.93 -38.70 -34.15
CA ASN C 1095 -41.41 -37.56 -33.37
C ASN C 1095 -42.91 -37.34 -33.47
N PHE C 1096 -43.62 -38.15 -34.25
CA PHE C 1096 -45.05 -37.99 -34.41
C PHE C 1096 -45.64 -39.29 -34.95
N TYR C 1097 -46.79 -39.68 -34.41
CA TYR C 1097 -47.41 -40.95 -34.77
C TYR C 1097 -48.19 -40.80 -36.07
N GLU C 1098 -47.72 -41.49 -37.11
CA GLU C 1098 -48.42 -41.52 -38.40
C GLU C 1098 -48.13 -42.86 -39.05
N PRO C 1099 -49.01 -43.84 -38.86
CA PRO C 1099 -48.69 -45.20 -39.31
C PRO C 1099 -48.88 -45.38 -40.81
N GLN C 1100 -47.93 -46.07 -41.42
CA GLN C 1100 -47.98 -46.39 -42.84
C GLN C 1100 -47.68 -47.87 -43.03
N ILE C 1101 -48.28 -48.45 -44.07
CA ILE C 1101 -48.05 -49.86 -44.37
C ILE C 1101 -46.63 -50.06 -44.85
N ILE C 1102 -45.98 -51.12 -44.34
CA ILE C 1102 -44.59 -51.39 -44.71
C ILE C 1102 -44.50 -51.68 -46.19
N THR C 1103 -43.57 -51.02 -46.87
CA THR C 1103 -43.45 -51.11 -48.32
C THR C 1103 -41.96 -51.11 -48.67
N THR C 1104 -41.65 -51.62 -49.86
CA THR C 1104 -40.27 -51.57 -50.35
C THR C 1104 -39.81 -50.15 -50.63
N ASP C 1105 -40.72 -49.19 -50.70
CA ASP C 1105 -40.37 -47.80 -50.98
C ASP C 1105 -39.86 -47.05 -49.76
N ASN C 1106 -40.27 -47.43 -48.55
CA ASN C 1106 -39.81 -46.78 -47.33
C ASN C 1106 -38.94 -47.69 -46.48
N THR C 1107 -38.46 -48.81 -47.04
CA THR C 1107 -37.53 -49.69 -46.35
C THR C 1107 -36.44 -50.10 -47.33
N PHE C 1108 -35.31 -50.52 -46.79
CA PHE C 1108 -34.18 -50.97 -47.59
C PHE C 1108 -33.68 -52.31 -47.06
N VAL C 1109 -33.20 -53.14 -47.98
CA VAL C 1109 -32.80 -54.51 -47.69
C VAL C 1109 -31.28 -54.56 -47.62
N SER C 1110 -30.74 -55.04 -46.48
CA SER C 1110 -29.30 -55.21 -46.34
C SER C 1110 -29.04 -56.24 -45.25
N GLY C 1111 -28.73 -57.48 -45.64
CA GLY C 1111 -28.29 -58.48 -44.70
C GLY C 1111 -29.10 -59.76 -44.84
N ASN C 1112 -29.04 -60.57 -43.80
CA ASN C 1112 -29.74 -61.85 -43.75
C ASN C 1112 -30.39 -62.00 -42.38
N CYS C 1113 -31.43 -62.83 -42.32
CA CYS C 1113 -32.21 -62.99 -41.08
C CYS C 1113 -31.64 -64.08 -40.18
N ASP C 1114 -30.33 -64.01 -39.91
CA ASP C 1114 -29.72 -64.93 -38.97
C ASP C 1114 -28.64 -64.28 -38.10
N VAL C 1115 -28.44 -62.97 -38.19
CA VAL C 1115 -27.42 -62.26 -37.43
C VAL C 1115 -28.03 -61.38 -36.36
N VAL C 1116 -28.86 -60.41 -36.76
CA VAL C 1116 -29.51 -59.54 -35.79
C VAL C 1116 -30.53 -60.33 -34.98
N ILE C 1117 -30.61 -60.01 -33.69
CA ILE C 1117 -31.53 -60.66 -32.76
C ILE C 1117 -32.73 -59.74 -32.53
N GLY C 1118 -33.93 -60.30 -32.65
CA GLY C 1118 -35.15 -59.55 -32.43
C GLY C 1118 -36.04 -59.40 -33.65
N ILE C 1119 -35.78 -60.11 -34.73
CA ILE C 1119 -36.59 -59.96 -35.94
C ILE C 1119 -37.98 -60.52 -35.69
N VAL C 1120 -38.96 -59.97 -36.41
CA VAL C 1120 -40.32 -60.50 -36.44
C VAL C 1120 -40.67 -60.78 -37.89
N ASN C 1121 -41.30 -61.93 -38.13
CA ASN C 1121 -41.68 -62.33 -39.47
C ASN C 1121 -42.91 -61.56 -39.91
N ASN C 1122 -42.78 -60.80 -41.00
CA ASN C 1122 -43.90 -60.02 -41.53
C ASN C 1122 -43.65 -59.79 -43.00
N THR C 1123 -44.73 -59.47 -43.72
CA THR C 1123 -44.67 -59.28 -45.16
C THR C 1123 -44.46 -57.81 -45.50
N VAL C 1124 -43.61 -57.56 -46.48
CA VAL C 1124 -43.33 -56.21 -46.97
C VAL C 1124 -44.10 -56.02 -48.28
N TYR C 1125 -45.06 -55.11 -48.28
CA TYR C 1125 -45.91 -54.90 -49.44
C TYR C 1125 -45.08 -54.34 -50.60
N ASP C 1126 -45.25 -54.93 -51.78
CA ASP C 1126 -44.56 -54.47 -52.99
C ASP C 1126 -45.56 -53.79 -53.90
N PRO C 1127 -45.39 -52.51 -54.25
CA PRO C 1127 -46.42 -51.82 -55.02
C PRO C 1127 -46.42 -52.15 -56.50
N LEU C 1128 -45.31 -52.62 -57.06
CA LEU C 1128 -45.27 -52.92 -58.48
C LEU C 1128 -46.04 -54.18 -58.84
N GLN C 1129 -46.03 -55.19 -57.96
CA GLN C 1129 -46.66 -56.47 -58.27
C GLN C 1129 -48.15 -56.36 -58.55
N PRO C 1130 -48.98 -55.69 -57.73
CA PRO C 1130 -50.41 -55.64 -58.06
C PRO C 1130 -50.71 -54.72 -59.25
N GLU C 1131 -49.93 -53.65 -59.42
CA GLU C 1131 -50.08 -52.84 -60.62
C GLU C 1131 -49.73 -53.64 -61.87
N LEU C 1132 -48.70 -54.48 -61.78
CA LEU C 1132 -48.36 -55.35 -62.90
C LEU C 1132 -49.49 -56.32 -63.23
N ASP C 1133 -50.13 -56.87 -62.20
CA ASP C 1133 -51.25 -57.79 -62.40
C ASP C 1133 -52.53 -57.02 -62.68
N VAL D 2 45.89 -21.58 60.66
CA VAL D 2 45.05 -20.38 60.70
C VAL D 2 45.85 -19.19 60.19
N GLN D 3 45.20 -18.35 59.38
CA GLN D 3 45.85 -17.18 58.82
C GLN D 3 46.18 -16.13 59.87
N LEU D 4 45.53 -16.19 61.04
CA LEU D 4 45.76 -15.24 62.12
C LEU D 4 45.67 -15.98 63.43
N VAL D 5 46.81 -16.22 64.08
CA VAL D 5 46.86 -16.97 65.32
C VAL D 5 47.27 -16.03 66.45
N GLU D 6 47.21 -16.54 67.68
CA GLU D 6 47.56 -15.79 68.87
C GLU D 6 48.54 -16.59 69.72
N SER D 7 49.30 -15.87 70.55
CA SER D 7 50.24 -16.48 71.46
C SER D 7 50.12 -15.83 72.83
N GLY D 8 50.48 -16.58 73.86
CA GLY D 8 50.41 -16.09 75.22
C GLY D 8 49.02 -16.23 75.82
N GLY D 9 48.89 -15.72 77.03
CA GLY D 9 47.66 -15.79 77.79
C GLY D 9 47.82 -16.56 79.09
N GLY D 10 46.70 -17.11 79.55
CA GLY D 10 46.71 -17.91 80.76
C GLY D 10 46.05 -17.23 81.95
N LEU D 11 46.86 -16.82 82.93
CA LEU D 11 46.37 -16.19 84.14
C LEU D 11 47.09 -14.86 84.38
N VAL D 12 46.49 -14.02 85.21
CA VAL D 12 47.03 -12.71 85.54
C VAL D 12 47.18 -12.61 87.05
N GLN D 13 48.37 -12.26 87.50
CA GLN D 13 48.58 -11.99 88.91
C GLN D 13 47.83 -10.71 89.31
N PRO D 14 47.21 -10.68 90.50
CA PRO D 14 46.52 -9.46 90.94
C PRO D 14 47.47 -8.27 90.95
N GLY D 15 47.13 -7.26 90.15
CA GLY D 15 48.00 -6.11 89.98
C GLY D 15 49.11 -6.31 88.97
N GLY D 16 49.16 -7.44 88.28
CA GLY D 16 50.20 -7.74 87.31
C GLY D 16 49.79 -7.38 85.91
N SER D 17 50.39 -8.08 84.94
CA SER D 17 50.14 -7.84 83.53
C SER D 17 50.13 -9.17 82.79
N LEU D 18 49.98 -9.09 81.47
CA LEU D 18 49.98 -10.27 80.61
C LEU D 18 50.32 -9.82 79.20
N ARG D 19 51.35 -10.43 78.61
CA ARG D 19 51.79 -10.10 77.26
C ARG D 19 51.09 -11.03 76.27
N LEU D 20 50.35 -10.45 75.34
CA LEU D 20 49.61 -11.19 74.32
C LEU D 20 50.24 -10.93 72.96
N SER D 21 50.59 -12.01 72.26
CA SER D 21 51.21 -11.93 70.96
C SER D 21 50.28 -12.53 69.91
N CYS D 22 50.13 -11.82 68.79
CA CYS D 22 49.22 -12.22 67.72
C CYS D 22 50.00 -12.26 66.41
N ALA D 23 50.62 -13.40 66.13
CA ALA D 23 51.47 -13.56 64.95
C ALA D 23 50.72 -14.35 63.87
N ALA D 24 51.43 -14.65 62.78
CA ALA D 24 50.86 -15.41 61.67
C ALA D 24 52.02 -15.92 60.81
N SER D 25 51.67 -16.68 59.77
CA SER D 25 52.65 -17.25 58.86
C SER D 25 52.87 -16.41 57.61
N ASP D 26 52.21 -15.26 57.49
CA ASP D 26 52.36 -14.42 56.31
C ASP D 26 52.02 -12.98 56.67
N PHE D 27 52.77 -12.04 56.10
CA PHE D 27 52.52 -10.62 56.35
C PHE D 27 51.32 -10.11 55.55
N SER D 28 51.11 -10.63 54.34
CA SER D 28 50.07 -10.13 53.45
C SER D 28 48.66 -10.38 53.95
N PHE D 29 48.49 -11.22 54.97
CA PHE D 29 47.18 -11.51 55.52
C PHE D 29 46.76 -10.54 56.62
N TYR D 30 47.58 -9.52 56.90
CA TYR D 30 47.28 -8.52 57.91
C TYR D 30 46.72 -7.24 57.31
N ASP D 31 45.97 -7.34 56.22
CA ASP D 31 45.44 -6.19 55.51
C ASP D 31 43.96 -6.02 55.84
N TYR D 32 43.64 -4.95 56.57
CA TYR D 32 44.63 -4.02 57.09
C TYR D 32 44.39 -3.77 58.57
N GLU D 33 43.13 -3.82 58.97
CA GLU D 33 42.74 -3.66 60.36
C GLU D 33 42.97 -4.97 61.09
N MET D 34 43.69 -4.92 62.22
CA MET D 34 43.99 -6.11 63.00
C MET D 34 43.79 -5.71 64.46
N SER D 35 42.56 -5.81 64.95
CA SER D 35 42.17 -5.22 66.22
C SER D 35 42.21 -6.23 67.37
N TRP D 36 42.04 -5.69 68.58
CA TRP D 36 41.95 -6.48 69.81
C TRP D 36 40.71 -6.05 70.56
N VAL D 37 39.73 -6.95 70.66
CA VAL D 37 38.50 -6.69 71.40
C VAL D 37 38.43 -7.61 72.61
N ARG D 38 37.41 -7.44 73.45
CA ARG D 38 37.25 -8.25 74.64
C ARG D 38 35.82 -8.77 74.73
N GLN D 39 35.66 -9.87 75.47
CA GLN D 39 34.35 -10.46 75.75
C GLN D 39 34.34 -10.88 77.22
N ALA D 40 33.87 -9.98 78.07
CA ALA D 40 33.81 -10.25 79.51
C ALA D 40 32.67 -11.21 79.82
N PRO D 41 32.90 -12.22 80.67
CA PRO D 41 31.82 -13.12 81.07
C PRO D 41 30.70 -12.36 81.77
N GLY D 42 29.47 -12.75 81.48
CA GLY D 42 28.31 -12.12 82.07
C GLY D 42 28.02 -10.75 81.50
N LYS D 43 29.00 -9.85 81.56
CA LYS D 43 28.83 -8.50 81.06
C LYS D 43 28.66 -8.49 79.54
N ALA D 44 27.94 -7.51 79.04
CA ALA D 44 27.71 -7.37 77.61
C ALA D 44 29.02 -7.11 76.87
N LEU D 45 29.03 -7.44 75.58
CA LEU D 45 30.20 -7.29 74.74
C LEU D 45 30.66 -5.84 74.69
N GLU D 46 31.87 -5.58 75.18
CA GLU D 46 32.45 -4.24 75.19
C GLU D 46 33.72 -4.24 74.35
N TRP D 47 33.93 -3.17 73.59
CA TRP D 47 35.09 -3.06 72.71
C TRP D 47 36.14 -2.16 73.36
N ILE D 48 37.38 -2.64 73.38
CA ILE D 48 38.47 -1.90 74.03
C ILE D 48 39.11 -0.94 73.04
N GLY D 49 39.70 -1.48 71.97
CA GLY D 49 40.44 -0.64 71.04
C GLY D 49 40.49 -1.26 69.66
N SER D 50 40.79 -0.42 68.68
CA SER D 50 40.87 -0.82 67.29
C SER D 50 42.21 -0.40 66.70
N MET D 51 42.66 -1.17 65.71
CA MET D 51 43.96 -0.95 65.07
C MET D 51 43.74 -0.67 63.59
N TYR D 52 44.56 0.22 63.03
CA TYR D 52 44.29 0.75 61.70
C TYR D 52 45.44 0.43 60.74
N HIS D 53 45.23 0.81 59.47
CA HIS D 53 46.16 0.44 58.41
C HIS D 53 47.45 1.26 58.46
N SER D 54 47.34 2.56 58.69
CA SER D 54 48.48 3.47 58.57
C SER D 54 49.45 3.37 59.74
N GLY D 55 49.32 2.36 60.59
CA GLY D 55 50.14 2.27 61.77
C GLY D 55 49.69 3.13 62.93
N ARG D 56 48.62 3.88 62.76
CA ARG D 56 48.05 4.69 63.84
C ARG D 56 46.98 3.88 64.57
N THR D 57 46.95 4.00 65.89
CA THR D 57 46.05 3.24 66.73
C THR D 57 45.27 4.23 67.59
N TYR D 58 44.15 4.73 67.05
CA TYR D 58 43.30 5.67 67.77
C TYR D 58 42.34 4.86 68.63
N ILE D 59 42.49 4.97 69.94
CA ILE D 59 41.77 4.15 70.90
C ILE D 59 40.72 5.01 71.60
N ASN D 60 39.70 4.36 72.14
CA ASN D 60 38.74 5.03 72.99
C ASN D 60 39.49 5.72 74.13
N PRO D 61 39.28 7.02 74.35
CA PRO D 61 40.10 7.75 75.35
C PRO D 61 40.05 7.16 76.75
N SER D 62 38.96 6.48 77.11
CA SER D 62 38.87 5.88 78.44
C SER D 62 39.71 4.62 78.57
N LEU D 63 40.22 4.06 77.47
CA LEU D 63 40.98 2.82 77.52
C LEU D 63 42.25 2.90 76.66
N LYS D 64 42.81 4.10 76.50
CA LYS D 64 44.01 4.26 75.68
C LYS D 64 45.29 4.28 76.51
N SER D 65 45.25 4.78 77.75
CA SER D 65 46.46 4.92 78.55
C SER D 65 46.85 3.63 79.27
N LEU D 66 46.06 2.57 79.15
CA LEU D 66 46.35 1.31 79.81
C LEU D 66 46.89 0.25 78.86
N VAL D 67 46.67 0.39 77.56
CA VAL D 67 47.09 -0.59 76.56
C VAL D 67 48.13 0.06 75.65
N THR D 68 49.26 -0.62 75.46
CA THR D 68 50.33 -0.16 74.57
C THR D 68 50.56 -1.23 73.52
N ILE D 69 50.75 -0.80 72.27
CA ILE D 69 50.80 -1.70 71.12
C ILE D 69 52.02 -1.39 70.28
N SER D 70 52.73 -2.42 69.84
CA SER D 70 53.80 -2.30 68.86
C SER D 70 53.54 -3.29 67.74
N ARG D 71 53.48 -2.79 66.51
CA ARG D 71 53.20 -3.61 65.32
C ARG D 71 54.52 -3.90 64.61
N ASP D 72 55.11 -5.04 64.95
CA ASP D 72 56.36 -5.47 64.32
C ASP D 72 56.02 -6.20 63.02
N ASN D 73 56.22 -5.53 61.89
CA ASN D 73 55.90 -6.10 60.59
C ASN D 73 56.92 -7.12 60.11
N SER D 74 57.95 -7.41 60.90
CA SER D 74 58.91 -8.45 60.55
C SER D 74 58.32 -9.83 60.86
N LYS D 75 57.99 -10.06 62.13
CA LYS D 75 57.32 -11.29 62.54
C LYS D 75 55.81 -11.23 62.36
N ASN D 76 55.27 -10.04 62.06
CA ASN D 76 53.84 -9.83 61.91
C ASN D 76 53.08 -10.23 63.17
N THR D 77 53.62 -9.86 64.33
CA THR D 77 53.02 -10.16 65.62
C THR D 77 52.46 -8.88 66.24
N LEU D 78 51.31 -9.01 66.88
CA LEU D 78 50.65 -7.89 67.56
C LEU D 78 50.86 -8.04 69.06
N TYR D 79 51.61 -7.12 69.65
CA TYR D 79 51.93 -7.18 71.07
C TYR D 79 50.90 -6.37 71.85
N LEU D 80 50.24 -7.02 72.81
CA LEU D 80 49.30 -6.38 73.71
C LEU D 80 49.72 -6.69 75.15
N GLN D 81 50.22 -5.68 75.84
CA GLN D 81 50.62 -5.79 77.24
C GLN D 81 49.71 -4.91 78.09
N MET D 82 49.16 -5.49 79.15
CA MET D 82 48.20 -4.80 80.00
C MET D 82 48.91 -4.17 81.19
N ASN D 83 48.15 -3.42 81.98
CA ASN D 83 48.71 -2.69 83.13
C ASN D 83 47.66 -2.60 84.23
N SER D 84 47.78 -3.47 85.24
CA SER D 84 47.06 -3.35 86.50
C SER D 84 45.54 -3.32 86.29
N LEU D 85 45.02 -4.46 85.82
CA LEU D 85 43.58 -4.60 85.67
C LEU D 85 42.93 -4.81 87.04
N ARG D 86 41.60 -4.93 87.03
CA ARG D 86 40.85 -5.14 88.26
C ARG D 86 39.94 -6.35 88.15
N ALA D 87 39.07 -6.56 89.15
CA ALA D 87 38.19 -7.72 89.14
C ALA D 87 37.23 -7.69 87.96
N GLU D 88 36.66 -6.51 87.66
CA GLU D 88 35.70 -6.40 86.58
C GLU D 88 36.34 -6.38 85.19
N ASP D 89 37.66 -6.33 85.11
CA ASP D 89 38.36 -6.34 83.83
C ASP D 89 38.66 -7.74 83.33
N THR D 90 38.23 -8.77 84.04
CA THR D 90 38.43 -10.15 83.60
C THR D 90 37.59 -10.38 82.34
N ALA D 91 38.26 -10.57 81.21
CA ALA D 91 37.58 -10.75 79.94
C ALA D 91 38.41 -11.63 79.03
N MET D 92 37.75 -12.23 78.04
CA MET D 92 38.42 -12.99 77.01
C MET D 92 38.65 -12.08 75.81
N TYR D 93 39.90 -11.93 75.41
CA TYR D 93 40.26 -11.05 74.30
C TYR D 93 40.33 -11.85 73.00
N TYR D 94 39.71 -11.31 71.95
CA TYR D 94 39.66 -11.94 70.64
C TYR D 94 40.47 -11.10 69.66
N CYS D 95 41.57 -11.67 69.17
CA CYS D 95 42.41 -11.01 68.18
C CYS D 95 41.70 -11.11 66.84
N VAL D 96 40.87 -10.11 66.54
CA VAL D 96 39.95 -10.17 65.40
C VAL D 96 40.25 -9.01 64.46
N SER D 97 39.98 -9.21 63.18
CA SER D 97 40.27 -8.26 62.13
C SER D 97 38.99 -7.74 61.50
N ASN D 98 39.03 -6.47 61.07
CA ASN D 98 37.92 -5.80 60.39
C ASN D 98 36.66 -5.80 61.25
N TRP D 99 36.82 -5.52 62.55
CA TRP D 99 35.68 -5.33 63.43
C TRP D 99 34.89 -4.06 63.09
N ALA D 100 35.47 -3.15 62.32
CA ALA D 100 34.79 -1.93 61.91
C ALA D 100 34.05 -2.10 60.58
N SER D 101 33.72 -3.35 60.20
CA SER D 101 33.04 -3.63 58.95
C SER D 101 31.68 -4.31 59.15
N GLY D 102 31.29 -4.59 60.39
CA GLY D 102 30.00 -5.20 60.66
C GLY D 102 30.11 -6.68 60.93
N SER D 103 28.94 -7.30 61.08
CA SER D 103 28.83 -8.72 61.37
C SER D 103 28.90 -9.59 60.12
N THR D 104 29.41 -9.06 59.00
CA THR D 104 29.49 -9.81 57.76
C THR D 104 30.87 -9.78 57.10
N GLY D 105 31.75 -8.84 57.47
CA GLY D 105 33.05 -8.74 56.83
C GLY D 105 34.21 -8.83 57.79
N ASP D 106 34.10 -9.70 58.80
CA ASP D 106 35.17 -9.90 59.77
C ASP D 106 35.38 -11.39 60.00
N TYR D 107 36.61 -11.74 60.38
CA TYR D 107 36.98 -13.11 60.68
C TYR D 107 37.44 -13.19 62.14
N TRP D 108 36.74 -14.00 62.93
CA TRP D 108 37.10 -14.16 64.33
C TRP D 108 38.39 -14.98 64.46
N GLY D 109 39.13 -14.70 65.52
CA GLY D 109 40.34 -15.45 65.81
C GLY D 109 40.03 -16.73 66.56
N GLN D 110 40.78 -16.99 67.64
CA GLN D 110 40.54 -18.15 68.48
C GLN D 110 40.13 -17.78 69.89
N GLY D 111 40.91 -16.93 70.55
CA GLY D 111 40.59 -16.46 71.88
C GLY D 111 41.68 -16.78 72.89
N THR D 112 41.54 -16.17 74.06
CA THR D 112 42.47 -16.38 75.16
C THR D 112 41.75 -16.09 76.47
N LEU D 113 42.32 -16.59 77.56
CA LEU D 113 41.77 -16.42 78.89
C LEU D 113 42.62 -15.44 79.68
N VAL D 114 41.98 -14.43 80.24
CA VAL D 114 42.65 -13.39 81.04
C VAL D 114 41.78 -13.18 82.27
N THR D 115 42.20 -13.77 83.40
CA THR D 115 41.45 -13.69 84.65
C THR D 115 42.33 -13.11 85.74
N VAL D 116 41.74 -12.26 86.57
CA VAL D 116 42.43 -11.64 87.70
C VAL D 116 41.76 -12.13 88.98
N SER D 117 42.55 -12.67 89.90
CA SER D 117 42.03 -13.18 91.16
C SER D 117 42.07 -12.11 92.24
N VAL E 2 54.66 58.94 -15.97
CA VAL E 2 54.35 58.55 -14.60
C VAL E 2 53.56 59.67 -13.92
N GLN E 3 52.61 59.28 -13.07
CA GLN E 3 51.77 60.23 -12.36
C GLN E 3 52.45 60.82 -11.12
N LEU E 4 53.76 60.64 -10.99
CA LEU E 4 54.50 61.14 -9.83
C LEU E 4 55.94 61.37 -10.27
N VAL E 5 56.36 62.63 -10.33
CA VAL E 5 57.69 63.00 -10.78
C VAL E 5 58.40 63.74 -9.65
N GLU E 6 59.73 63.68 -9.66
CA GLU E 6 60.57 64.31 -8.65
C GLU E 6 61.59 65.22 -9.32
N SER E 7 61.83 66.38 -8.71
CA SER E 7 62.77 67.36 -9.23
C SER E 7 63.84 67.63 -8.18
N GLY E 8 65.09 67.55 -8.59
CA GLY E 8 66.20 67.82 -7.69
C GLY E 8 67.32 66.83 -7.90
N GLY E 9 68.51 67.24 -7.49
CA GLY E 9 69.70 66.42 -7.58
C GLY E 9 70.76 67.08 -8.46
N GLY E 10 71.78 66.29 -8.80
CA GLY E 10 72.88 66.75 -9.61
C GLY E 10 74.20 66.66 -8.86
N LEU E 11 75.27 67.02 -9.58
CA LEU E 11 76.61 66.98 -9.02
C LEU E 11 76.76 68.11 -7.99
N VAL E 12 76.95 67.73 -6.73
CA VAL E 12 77.06 68.69 -5.64
C VAL E 12 78.30 68.35 -4.82
N GLN E 13 79.05 69.38 -4.42
CA GLN E 13 80.21 69.17 -3.58
C GLN E 13 79.78 68.58 -2.24
N PRO E 14 80.57 67.66 -1.66
CA PRO E 14 80.20 67.07 -0.36
C PRO E 14 79.88 68.12 0.70
N GLY E 15 78.63 68.10 1.18
CA GLY E 15 78.17 69.04 2.18
C GLY E 15 77.00 69.90 1.75
N GLY E 16 76.54 69.81 0.51
CA GLY E 16 75.47 70.65 0.03
C GLY E 16 74.11 70.14 0.45
N SER E 17 73.07 70.82 -0.06
CA SER E 17 71.69 70.49 0.22
C SER E 17 71.02 69.90 -1.01
N LEU E 18 69.91 69.20 -0.78
CA LEU E 18 69.17 68.57 -1.87
C LEU E 18 67.70 68.54 -1.50
N ARG E 19 66.84 68.53 -2.52
CA ARG E 19 65.40 68.54 -2.33
C ARG E 19 64.73 67.73 -3.43
N LEU E 20 63.50 67.29 -3.16
CA LEU E 20 62.69 66.56 -4.13
C LEU E 20 61.26 67.03 -4.02
N SER E 21 60.61 67.23 -5.17
CA SER E 21 59.25 67.75 -5.22
C SER E 21 58.37 66.80 -6.01
N CYS E 22 57.33 66.28 -5.35
CA CYS E 22 56.29 65.50 -6.01
C CYS E 22 54.94 65.88 -5.41
N ALA E 23 53.96 66.10 -6.29
CA ALA E 23 52.70 66.73 -5.90
C ALA E 23 51.53 65.95 -6.46
N ALA E 24 50.37 66.15 -5.82
CA ALA E 24 49.10 65.58 -6.28
C ALA E 24 48.08 66.68 -6.45
N SER E 25 46.82 66.33 -6.72
CA SER E 25 45.82 67.34 -7.03
C SER E 25 44.62 67.34 -6.12
N ASP E 26 44.10 66.17 -5.74
CA ASP E 26 42.86 66.07 -4.98
C ASP E 26 43.14 65.97 -3.49
N PHE E 27 42.23 66.52 -2.69
CA PHE E 27 42.42 66.54 -1.23
C PHE E 27 42.39 65.13 -0.65
N SER E 28 41.56 64.25 -1.21
CA SER E 28 41.35 62.93 -0.63
C SER E 28 42.32 61.87 -1.17
N PHE E 29 43.27 62.24 -2.03
CA PHE E 29 44.16 61.24 -2.60
C PHE E 29 45.26 60.83 -1.63
N TYR E 30 45.51 61.63 -0.59
CA TYR E 30 46.60 61.30 0.34
C TYR E 30 46.12 60.54 1.56
N ASP E 31 45.04 59.75 1.45
CA ASP E 31 44.56 58.94 2.56
C ASP E 31 45.24 57.58 2.53
N TYR E 32 46.02 57.28 3.57
CA TYR E 32 46.22 58.19 4.69
C TYR E 32 47.70 58.28 5.08
N GLU E 33 48.52 57.40 4.52
CA GLU E 33 49.91 57.25 4.93
C GLU E 33 50.84 57.62 3.79
N MET E 34 51.94 58.29 4.13
CA MET E 34 52.98 58.64 3.17
C MET E 34 54.35 58.44 3.82
N SER E 35 55.34 58.13 2.98
CA SER E 35 56.69 57.91 3.45
C SER E 35 57.65 58.15 2.28
N TRP E 36 58.92 57.87 2.51
CA TRP E 36 59.96 58.03 1.51
C TRP E 36 60.91 56.84 1.60
N VAL E 37 61.62 56.58 0.50
CA VAL E 37 62.53 55.44 0.43
C VAL E 37 63.55 55.72 -0.66
N ARG E 38 64.72 55.08 -0.54
CA ARG E 38 65.78 55.18 -1.54
C ARG E 38 66.54 53.87 -1.58
N GLN E 39 67.08 53.55 -2.76
CA GLN E 39 67.83 52.32 -2.98
C GLN E 39 69.20 52.68 -3.55
N ALA E 40 70.19 52.82 -2.68
CA ALA E 40 71.56 53.01 -3.13
C ALA E 40 72.10 51.69 -3.69
N PRO E 41 72.90 51.75 -4.75
CA PRO E 41 73.48 50.52 -5.30
C PRO E 41 74.37 49.83 -4.26
N GLY E 42 74.10 48.55 -4.04
CA GLY E 42 74.79 47.81 -3.01
C GLY E 42 74.24 47.99 -1.62
N LYS E 43 73.10 48.64 -1.46
CA LYS E 43 72.48 48.87 -0.16
C LYS E 43 71.06 48.32 -0.17
N ALA E 44 70.66 47.77 0.97
CA ALA E 44 69.31 47.26 1.13
C ALA E 44 68.34 48.40 1.40
N LEU E 45 67.07 48.06 1.66
CA LEU E 45 66.07 49.07 1.94
C LEU E 45 66.37 49.78 3.25
N GLU E 46 66.18 51.09 3.25
CA GLU E 46 66.42 51.93 4.44
C GLU E 46 65.28 52.93 4.55
N TRP E 47 64.24 52.55 5.29
CA TRP E 47 63.13 53.46 5.56
C TRP E 47 63.58 54.53 6.54
N ILE E 48 63.12 55.76 6.32
CA ILE E 48 63.54 56.90 7.13
C ILE E 48 62.41 57.37 8.06
N GLY E 49 61.29 57.82 7.49
CA GLY E 49 60.21 58.36 8.30
C GLY E 49 58.87 58.16 7.64
N SER E 50 57.83 58.45 8.42
CA SER E 50 56.45 58.34 7.95
C SER E 50 55.59 59.28 8.76
N MET E 51 54.41 59.60 8.22
CA MET E 51 53.48 60.50 8.90
C MET E 51 52.07 60.22 8.40
N TYR E 52 51.10 60.53 9.25
CA TYR E 52 49.69 60.37 8.94
C TYR E 52 49.14 61.68 8.39
N HIS E 53 47.81 61.76 8.27
CA HIS E 53 47.18 62.96 7.77
C HIS E 53 47.39 64.15 8.71
N SER E 54 47.34 63.91 10.03
CA SER E 54 47.51 64.99 10.99
C SER E 54 48.95 65.49 11.04
N GLY E 55 49.92 64.71 10.57
CA GLY E 55 51.30 65.13 10.53
C GLY E 55 52.19 64.60 11.63
N ARG E 56 51.71 63.68 12.46
CA ARG E 56 52.56 63.06 13.48
C ARG E 56 53.58 62.16 12.81
N THR E 57 54.85 62.33 13.17
CA THR E 57 55.95 61.66 12.48
C THR E 57 56.73 60.76 13.43
N TYR E 58 57.18 59.62 12.90
CA TYR E 58 58.16 58.77 13.55
C TYR E 58 59.28 58.48 12.56
N ILE E 59 60.51 58.48 13.06
CA ILE E 59 61.69 58.38 12.21
C ILE E 59 62.55 57.21 12.70
N ASN E 60 63.14 56.48 11.76
CA ASN E 60 64.04 55.39 12.09
C ASN E 60 65.22 55.90 12.90
N PRO E 61 65.43 55.40 14.12
CA PRO E 61 66.49 55.99 14.98
C PRO E 61 67.90 55.82 14.43
N SER E 62 68.12 54.92 13.47
CA SER E 62 69.47 54.69 12.97
C SER E 62 70.03 55.94 12.29
N LEU E 63 69.24 56.60 11.47
CA LEU E 63 69.66 57.77 10.70
C LEU E 63 68.66 58.91 10.86
N LYS E 64 68.31 59.21 12.11
CA LYS E 64 67.26 60.18 12.41
C LYS E 64 67.79 61.57 12.74
N SER E 65 69.08 61.82 12.47
CA SER E 65 69.69 63.08 12.89
C SER E 65 69.50 64.22 11.89
N LEU E 66 69.17 63.93 10.63
CA LEU E 66 69.07 64.95 9.58
C LEU E 66 67.75 64.84 8.84
N VAL E 67 66.65 64.76 9.59
CA VAL E 67 65.32 64.62 9.02
C VAL E 67 64.54 65.91 9.24
N THR E 68 64.05 66.50 8.15
CA THR E 68 63.22 67.71 8.22
C THR E 68 62.25 67.67 7.04
N ILE E 69 60.95 67.74 7.34
CA ILE E 69 59.91 67.58 6.34
C ILE E 69 58.88 68.70 6.50
N SER E 70 58.50 69.30 5.37
CA SER E 70 57.41 70.28 5.32
C SER E 70 56.28 69.69 4.47
N ARG E 71 55.05 70.00 4.86
CA ARG E 71 53.87 69.39 4.24
C ARG E 71 52.85 70.45 3.87
N ASP E 72 52.09 70.18 2.81
CA ASP E 72 51.03 71.06 2.35
C ASP E 72 49.79 70.22 2.03
N ASN E 73 48.63 70.86 2.10
CA ASN E 73 47.36 70.19 1.83
C ASN E 73 46.65 70.76 0.60
N SER E 74 46.50 72.08 0.52
CA SER E 74 45.86 72.67 -0.65
C SER E 74 46.67 72.40 -1.92
N LYS E 75 48.00 72.58 -1.84
CA LYS E 75 48.86 72.18 -2.94
C LYS E 75 48.98 70.66 -3.06
N ASN E 76 48.62 69.94 -2.00
CA ASN E 76 48.59 68.48 -2.00
C ASN E 76 50.00 67.90 -2.21
N THR E 77 50.95 68.41 -1.44
CA THR E 77 52.36 68.08 -1.59
C THR E 77 52.95 67.63 -0.27
N LEU E 78 54.20 67.18 -0.33
CA LEU E 78 55.00 66.86 0.85
C LEU E 78 56.44 66.73 0.40
N TYR E 79 57.37 67.28 1.19
CA TYR E 79 58.77 67.36 0.81
C TYR E 79 59.64 66.69 1.87
N LEU E 80 60.52 65.80 1.43
CA LEU E 80 61.56 65.23 2.29
C LEU E 80 62.86 65.96 1.99
N GLN E 81 63.34 66.73 2.95
CA GLN E 81 64.54 67.55 2.79
C GLN E 81 65.70 66.86 3.50
N MET E 82 66.73 66.50 2.74
CA MET E 82 67.95 65.92 3.29
C MET E 82 69.11 66.85 2.97
N ASN E 83 69.85 67.24 4.01
CA ASN E 83 70.95 68.18 3.88
C ASN E 83 72.28 67.47 4.16
N SER E 84 73.37 68.21 4.01
CA SER E 84 74.72 67.69 4.19
C SER E 84 74.98 66.50 3.27
N LEU E 85 74.93 66.77 1.98
CA LEU E 85 75.12 65.72 0.97
C LEU E 85 76.51 65.12 1.08
N ARG E 86 76.58 63.86 1.47
CA ARG E 86 77.84 63.15 1.58
C ARG E 86 78.17 62.49 0.24
N ALA E 87 79.17 61.60 0.24
CA ALA E 87 79.62 60.93 -0.97
C ALA E 87 78.92 59.59 -1.21
N GLU E 88 77.91 59.26 -0.41
CA GLU E 88 77.19 58.01 -0.52
C GLU E 88 75.73 58.21 -0.90
N ASP E 89 75.45 59.13 -1.83
CA ASP E 89 74.10 59.43 -2.28
C ASP E 89 74.04 59.52 -3.80
N THR E 90 74.81 58.69 -4.49
CA THR E 90 74.77 58.63 -5.94
C THR E 90 73.79 57.56 -6.41
N ALA E 91 72.52 57.79 -6.09
CA ALA E 91 71.47 56.81 -6.34
C ALA E 91 70.20 57.54 -6.78
N MET E 92 69.09 56.81 -6.77
CA MET E 92 67.79 57.32 -7.16
C MET E 92 66.83 57.24 -5.98
N TYR E 93 65.98 58.26 -5.86
CA TYR E 93 65.06 58.40 -4.74
C TYR E 93 63.63 58.18 -5.21
N TYR E 94 62.73 57.93 -4.25
CA TYR E 94 61.32 57.74 -4.56
C TYR E 94 60.46 58.30 -3.44
N CYS E 95 59.37 58.98 -3.82
CA CYS E 95 58.29 59.33 -2.92
C CYS E 95 57.06 58.52 -3.30
N VAL E 96 56.29 58.12 -2.30
CA VAL E 96 55.20 57.17 -2.49
C VAL E 96 53.93 57.70 -1.85
N SER E 97 52.81 57.51 -2.54
CA SER E 97 51.49 57.86 -2.03
C SER E 97 50.76 56.58 -1.63
N ASN E 98 50.03 56.65 -0.51
CA ASN E 98 49.35 55.49 0.06
C ASN E 98 50.34 54.37 0.33
N TRP E 99 51.38 54.72 1.10
CA TRP E 99 52.51 53.80 1.30
C TRP E 99 52.10 52.56 2.06
N ALA E 100 51.30 52.72 3.12
CA ALA E 100 50.99 51.60 4.00
C ALA E 100 49.86 50.72 3.49
N SER E 101 49.18 51.11 2.41
CA SER E 101 47.95 50.44 1.99
C SER E 101 48.16 48.98 1.65
N GLY E 102 49.41 48.58 1.41
CA GLY E 102 49.74 47.19 1.19
C GLY E 102 50.57 46.99 -0.06
N SER E 103 50.62 45.73 -0.50
CA SER E 103 51.41 45.38 -1.68
C SER E 103 50.86 46.03 -2.94
N THR E 104 49.54 46.04 -3.09
CA THR E 104 48.89 46.57 -4.28
C THR E 104 48.20 47.90 -4.04
N GLY E 105 48.52 48.59 -2.94
CA GLY E 105 47.87 49.84 -2.63
C GLY E 105 48.79 51.05 -2.64
N ASP E 106 49.96 50.90 -3.25
CA ASP E 106 50.94 51.99 -3.32
C ASP E 106 51.37 52.20 -4.77
N TYR E 107 51.73 53.45 -5.09
CA TYR E 107 52.18 53.82 -6.42
C TYR E 107 53.59 54.39 -6.29
N TRP E 108 54.48 53.97 -7.19
CA TRP E 108 55.89 54.28 -7.10
C TRP E 108 56.28 55.36 -8.10
N GLY E 109 57.56 55.74 -8.08
CA GLY E 109 58.04 56.81 -8.93
C GLY E 109 59.29 56.47 -9.72
N GLN E 110 60.04 57.50 -10.14
CA GLN E 110 61.22 57.30 -10.96
C GLN E 110 62.48 57.94 -10.40
N GLY E 111 62.39 59.09 -9.74
CA GLY E 111 63.56 59.73 -9.16
C GLY E 111 64.45 60.41 -10.19
N THR E 112 65.51 61.03 -9.67
CA THR E 112 66.50 61.71 -10.50
C THR E 112 67.90 61.29 -10.09
N LEU E 113 68.83 61.33 -11.04
CA LEU E 113 70.21 60.94 -10.77
C LEU E 113 70.93 62.02 -9.98
N VAL E 114 71.79 61.58 -9.06
CA VAL E 114 72.61 62.47 -8.24
C VAL E 114 74.05 62.01 -8.31
N THR E 115 74.97 62.96 -8.47
CA THR E 115 76.40 62.68 -8.51
C THR E 115 77.05 63.28 -7.27
N VAL E 116 77.80 62.46 -6.54
CA VAL E 116 78.48 62.88 -5.32
C VAL E 116 79.92 62.38 -5.37
N SER E 117 80.85 63.21 -4.89
CA SER E 117 82.26 62.85 -4.87
C SER E 117 82.75 62.67 -3.44
#